data_1L8C
#
_entry.id   1L8C
#
loop_
_entity.id
_entity.type
_entity.pdbx_description
1 polymer 'CREB-binding protein'
2 polymer 'Hypoxia-inducible factor 1 alpha'
3 non-polymer 'ZINC ION'
#
loop_
_entity_poly.entity_id
_entity_poly.type
_entity_poly.pdbx_seq_one_letter_code
_entity_poly.pdbx_strand_id
1 'polypeptide(L)'
;ADPEKRKLIQQQLVLLLHAHKCQRREQANGEVRACSLPHCRTMKNVLNHMTHCQAGKACQVAHCASSRQIISHWKNCTRH
DCPVCLPLKNASDKR
;
A
2 'polypeptide(L)' SDLACRLLGQSMDESGLPQLTSYDCEVNAPIQGSRNLLQGEELLRALDQVN B
#
# COMPACT_ATOMS: atom_id res chain seq x y z
N ALA A 1 1.68 8.81 -17.68
CA ALA A 1 2.10 8.85 -16.26
C ALA A 1 2.42 10.29 -15.82
N ASP A 2 2.37 10.57 -14.52
CA ASP A 2 2.61 11.89 -13.92
C ASP A 2 3.35 11.75 -12.56
N PRO A 3 4.37 12.59 -12.27
CA PRO A 3 5.13 12.51 -11.02
C PRO A 3 4.27 12.70 -9.77
N GLU A 4 3.29 13.60 -9.77
CA GLU A 4 2.40 13.81 -8.61
C GLU A 4 1.47 12.60 -8.39
N LYS A 5 1.02 11.93 -9.46
CA LYS A 5 0.28 10.65 -9.32
C LYS A 5 1.18 9.61 -8.66
N ARG A 6 2.46 9.53 -9.03
CA ARG A 6 3.46 8.66 -8.35
C ARG A 6 3.57 9.02 -6.86
N LYS A 7 3.65 10.30 -6.48
CA LYS A 7 3.61 10.77 -5.06
C LYS A 7 2.39 10.20 -4.33
N LEU A 8 1.20 10.35 -4.93
CA LEU A 8 -0.06 9.82 -4.40
C LEU A 8 -0.01 8.30 -4.22
N ILE A 9 0.47 7.55 -5.22
CA ILE A 9 0.64 6.10 -5.19
C ILE A 9 1.61 5.69 -4.05
N GLN A 10 2.75 6.36 -3.91
CA GLN A 10 3.73 6.13 -2.83
C GLN A 10 3.05 6.15 -1.46
N GLN A 11 2.32 7.24 -1.13
CA GLN A 11 1.61 7.31 0.16
C GLN A 11 0.52 6.22 0.28
N GLN A 12 -0.28 5.93 -0.75
CA GLN A 12 -1.27 4.84 -0.71
C GLN A 12 -0.62 3.50 -0.31
N LEU A 13 0.52 3.16 -0.92
CA LEU A 13 1.31 1.97 -0.67
C LEU A 13 1.68 1.90 0.82
N VAL A 14 2.37 2.94 1.33
CA VAL A 14 2.75 3.09 2.75
C VAL A 14 1.54 3.00 3.70
N LEU A 15 0.45 3.73 3.44
CA LEU A 15 -0.78 3.69 4.25
C LEU A 15 -1.40 2.29 4.32
N LEU A 16 -1.52 1.61 3.17
CA LEU A 16 -2.07 0.25 3.09
C LEU A 16 -1.24 -0.73 3.94
N LEU A 17 0.09 -0.65 3.84
CA LEU A 17 1.01 -1.42 4.68
C LEU A 17 0.79 -1.09 6.17
N HIS A 18 0.71 0.20 6.54
CA HIS A 18 0.43 0.63 7.92
C HIS A 18 -0.83 -0.07 8.45
N ALA A 19 -1.97 -0.02 7.73
CA ALA A 19 -3.24 -0.63 8.14
C ALA A 19 -3.06 -2.05 8.72
N HIS A 20 -2.39 -2.94 7.99
CA HIS A 20 -2.10 -4.31 8.43
C HIS A 20 -1.00 -4.35 9.51
N LYS A 21 0.09 -3.57 9.39
CA LYS A 21 1.17 -3.45 10.39
C LYS A 21 0.61 -3.13 11.79
N CYS A 22 -0.20 -2.08 11.87
CA CYS A 22 -0.95 -1.59 13.03
C CYS A 22 -1.79 -2.72 13.64
N GLN A 23 -2.68 -3.33 12.84
CA GLN A 23 -3.52 -4.48 13.20
C GLN A 23 -2.67 -5.63 13.81
N ARG A 24 -1.66 -6.11 13.06
CA ARG A 24 -0.72 -7.18 13.44
C ARG A 24 -0.05 -6.89 14.79
N ARG A 25 0.62 -5.74 14.91
CA ARG A 25 1.31 -5.27 16.12
C ARG A 25 0.37 -5.24 17.33
N GLU A 26 -0.77 -4.56 17.20
CA GLU A 26 -1.81 -4.44 18.24
C GLU A 26 -2.25 -5.81 18.78
N GLN A 27 -2.61 -6.74 17.88
CA GLN A 27 -3.01 -8.12 18.23
C GLN A 27 -1.86 -8.90 18.92
N ALA A 28 -0.64 -8.82 18.38
CA ALA A 28 0.55 -9.49 18.91
C ALA A 28 0.90 -9.03 20.34
N ASN A 29 1.23 -7.74 20.52
CA ASN A 29 1.55 -7.11 21.81
C ASN A 29 1.35 -5.58 21.77
N GLY A 30 0.53 -5.06 22.69
CA GLY A 30 0.25 -3.63 22.81
C GLY A 30 -0.39 -3.23 24.15
N GLU A 31 -0.33 -1.95 24.45
CA GLU A 31 -0.88 -1.27 25.63
C GLU A 31 -1.35 0.11 25.16
N VAL A 32 -0.41 0.97 24.78
CA VAL A 32 -0.65 2.25 24.10
C VAL A 32 -0.91 1.89 22.62
N ARG A 33 -1.87 2.54 21.95
CA ARG A 33 -2.23 2.25 20.55
C ARG A 33 -1.00 2.18 19.62
N ALA A 34 -0.91 1.09 18.85
CA ALA A 34 0.12 0.88 17.84
C ALA A 34 0.06 1.95 16.73
N CYS A 35 -1.15 2.41 16.40
CA CYS A 35 -1.49 3.39 15.39
C CYS A 35 -0.88 4.78 15.62
N SER A 36 -0.61 5.47 14.51
CA SER A 36 -0.06 6.83 14.44
C SER A 36 -0.80 7.69 13.40
N LEU A 37 -0.91 7.19 12.17
CA LEU A 37 -1.52 7.86 11.01
C LEU A 37 -3.05 7.95 11.14
N PRO A 38 -3.69 9.09 10.86
CA PRO A 38 -5.15 9.24 10.97
C PRO A 38 -5.93 8.32 10.02
N HIS A 39 -5.55 8.32 8.73
CA HIS A 39 -6.13 7.56 7.60
C HIS A 39 -6.07 6.02 7.72
N CYS A 40 -5.35 5.47 8.69
CA CYS A 40 -5.21 4.03 8.94
C CYS A 40 -6.56 3.30 8.92
N ARG A 41 -7.57 3.74 9.69
CA ARG A 41 -8.94 3.19 9.71
C ARG A 41 -9.57 3.11 8.32
N THR A 42 -9.41 4.13 7.49
CA THR A 42 -9.88 4.13 6.09
C THR A 42 -9.23 2.97 5.33
N MET A 43 -7.90 2.85 5.39
CA MET A 43 -7.17 1.74 4.77
C MET A 43 -7.56 0.36 5.37
N LYS A 44 -7.83 0.24 6.67
CA LYS A 44 -8.33 -1.01 7.31
C LYS A 44 -9.67 -1.44 6.71
N ASN A 45 -10.60 -0.51 6.49
CA ASN A 45 -11.89 -0.78 5.82
C ASN A 45 -11.64 -1.29 4.39
N VAL A 46 -10.76 -0.61 3.63
CA VAL A 46 -10.33 -1.00 2.27
C VAL A 46 -9.71 -2.42 2.30
N LEU A 47 -8.80 -2.70 3.23
CA LEU A 47 -8.14 -3.99 3.47
C LEU A 47 -9.16 -5.14 3.62
N ASN A 48 -10.13 -4.95 4.51
CA ASN A 48 -11.24 -5.88 4.73
C ASN A 48 -12.02 -6.15 3.43
N HIS A 49 -12.37 -5.10 2.70
CA HIS A 49 -13.07 -5.19 1.42
C HIS A 49 -12.27 -6.01 0.39
N MET A 50 -10.99 -5.68 0.16
CA MET A 50 -10.08 -6.36 -0.79
C MET A 50 -10.10 -7.89 -0.70
N THR A 51 -10.01 -8.46 0.51
CA THR A 51 -10.03 -9.91 0.75
C THR A 51 -11.35 -10.57 0.33
N HIS A 52 -12.48 -9.92 0.62
CA HIS A 52 -13.84 -10.40 0.28
C HIS A 52 -14.16 -10.24 -1.21
N CYS A 53 -13.96 -9.05 -1.76
CA CYS A 53 -14.18 -8.69 -3.16
C CYS A 53 -13.24 -9.49 -4.09
N GLN A 54 -13.74 -9.89 -5.26
CA GLN A 54 -13.05 -10.66 -6.30
C GLN A 54 -13.21 -10.04 -7.70
N ALA A 55 -13.91 -8.90 -7.81
CA ALA A 55 -14.17 -8.20 -9.06
C ALA A 55 -12.91 -7.55 -9.67
N GLY A 56 -12.02 -6.99 -8.83
CA GLY A 56 -10.75 -6.37 -9.21
C GLY A 56 -10.88 -5.26 -10.25
N LYS A 57 -10.63 -5.58 -11.53
CA LYS A 57 -10.76 -4.67 -12.69
C LYS A 57 -12.17 -4.06 -12.76
N ALA A 58 -13.19 -4.89 -12.52
CA ALA A 58 -14.61 -4.54 -12.56
C ALA A 58 -15.13 -3.77 -11.33
N CYS A 59 -14.44 -3.79 -10.18
CA CYS A 59 -14.87 -3.09 -8.97
C CYS A 59 -14.78 -1.56 -9.19
N GLN A 60 -15.93 -0.88 -9.05
CA GLN A 60 -16.07 0.57 -9.26
C GLN A 60 -15.36 1.41 -8.18
N VAL A 61 -15.16 0.85 -6.99
CA VAL A 61 -14.52 1.52 -5.84
C VAL A 61 -13.05 1.83 -6.15
N ALA A 62 -12.70 3.13 -6.10
CA ALA A 62 -11.36 3.67 -6.32
C ALA A 62 -10.29 2.91 -5.53
N HIS A 63 -10.52 2.79 -4.22
CA HIS A 63 -9.65 2.12 -3.25
C HIS A 63 -9.34 0.66 -3.62
N CYS A 64 -10.36 -0.18 -3.87
CA CYS A 64 -10.21 -1.59 -4.26
C CYS A 64 -9.34 -1.72 -5.52
N ALA A 65 -9.71 -1.03 -6.60
CA ALA A 65 -8.98 -0.99 -7.86
C ALA A 65 -7.49 -0.63 -7.68
N SER A 66 -7.21 0.41 -6.88
CA SER A 66 -5.85 0.90 -6.56
C SER A 66 -5.04 -0.06 -5.68
N SER A 67 -5.56 -0.42 -4.50
CA SER A 67 -4.94 -1.29 -3.48
C SER A 67 -4.45 -2.64 -4.03
N ARG A 68 -5.23 -3.32 -4.86
CA ARG A 68 -4.80 -4.57 -5.51
C ARG A 68 -3.54 -4.32 -6.34
N GLN A 69 -3.53 -3.25 -7.14
CA GLN A 69 -2.41 -2.81 -7.97
C GLN A 69 -1.12 -2.56 -7.16
N ILE A 70 -1.16 -1.71 -6.13
CA ILE A 70 0.04 -1.44 -5.28
C ILE A 70 0.66 -2.71 -4.69
N ILE A 71 -0.15 -3.60 -4.11
CA ILE A 71 0.35 -4.88 -3.56
C ILE A 71 0.89 -5.78 -4.67
N SER A 72 0.22 -5.84 -5.83
CA SER A 72 0.71 -6.58 -7.02
C SER A 72 2.10 -6.11 -7.41
N HIS A 73 2.31 -4.78 -7.49
CA HIS A 73 3.60 -4.18 -7.81
C HIS A 73 4.64 -4.63 -6.77
N TRP A 74 4.46 -4.29 -5.49
CA TRP A 74 5.41 -4.62 -4.42
C TRP A 74 5.81 -6.11 -4.38
N LYS A 75 4.84 -7.02 -4.52
CA LYS A 75 5.03 -8.48 -4.57
C LYS A 75 5.94 -8.91 -5.73
N ASN A 76 5.63 -8.47 -6.95
CA ASN A 76 6.39 -8.81 -8.15
C ASN A 76 7.77 -8.10 -8.26
N CYS A 77 7.84 -6.82 -7.91
CA CYS A 77 9.02 -5.96 -8.00
C CYS A 77 10.25 -6.55 -7.26
N THR A 78 11.32 -6.75 -8.04
CA THR A 78 12.63 -7.29 -7.62
C THR A 78 13.77 -6.44 -8.22
N ARG A 79 13.44 -5.19 -8.56
CA ARG A 79 14.30 -4.13 -9.12
C ARG A 79 15.42 -3.72 -8.16
N HIS A 80 16.58 -3.31 -8.72
CA HIS A 80 17.76 -2.83 -7.99
C HIS A 80 17.37 -1.77 -6.94
N ASP A 81 16.70 -0.71 -7.39
CA ASP A 81 16.14 0.36 -6.56
C ASP A 81 14.86 0.93 -7.18
N CYS A 82 13.77 0.90 -6.40
CA CYS A 82 12.43 1.40 -6.70
C CYS A 82 12.07 2.36 -5.54
N PRO A 83 11.37 3.49 -5.77
CA PRO A 83 11.07 4.50 -4.74
C PRO A 83 10.23 4.04 -3.54
N VAL A 84 9.72 2.81 -3.51
CA VAL A 84 8.92 2.27 -2.40
C VAL A 84 9.39 0.86 -2.03
N CYS A 85 9.46 -0.03 -3.02
CA CYS A 85 9.86 -1.43 -2.90
C CYS A 85 11.20 -1.60 -2.18
N LEU A 86 12.25 -0.90 -2.62
CA LEU A 86 13.59 -0.92 -2.01
C LEU A 86 13.57 -0.59 -0.51
N PRO A 87 13.14 0.61 -0.03
CA PRO A 87 13.11 0.91 1.40
C PRO A 87 12.24 -0.06 2.21
N LEU A 88 11.12 -0.56 1.66
CA LEU A 88 10.28 -1.58 2.32
C LEU A 88 11.02 -2.92 2.48
N LYS A 89 11.65 -3.42 1.41
CA LYS A 89 12.44 -4.66 1.40
C LYS A 89 13.63 -4.59 2.37
N ASN A 90 14.45 -3.55 2.23
CA ASN A 90 15.63 -3.27 3.05
C ASN A 90 15.45 -1.93 3.78
N ALA A 91 14.91 -1.98 5.00
CA ALA A 91 14.69 -0.82 5.85
C ALA A 91 16.03 -0.16 6.21
N SER A 92 16.22 1.11 5.82
CA SER A 92 17.44 1.89 6.08
C SER A 92 17.76 1.96 7.59
N ASP A 93 16.75 2.25 8.41
CA ASP A 93 16.83 2.27 9.87
C ASP A 93 16.75 0.84 10.42
N LYS A 94 17.77 0.43 11.19
CA LYS A 94 17.90 -0.90 11.82
C LYS A 94 18.39 -0.80 13.27
N ARG A 95 18.00 -1.76 14.11
CA ARG A 95 18.35 -1.88 15.54
C ARG A 95 18.73 -3.32 15.91
N SER B 1 10.02 7.39 14.18
CA SER B 1 8.66 6.81 14.16
C SER B 1 8.65 5.47 13.45
N ASP B 2 8.58 5.45 12.11
CA ASP B 2 8.58 4.25 11.25
C ASP B 2 9.31 4.57 9.92
N LEU B 3 10.08 3.60 9.41
CA LEU B 3 10.88 3.73 8.17
C LEU B 3 10.00 3.99 6.94
N ALA B 4 9.01 3.13 6.65
CA ALA B 4 8.11 3.29 5.51
C ALA B 4 7.43 4.67 5.50
N CYS B 5 6.94 5.10 6.66
CA CYS B 5 6.25 6.36 6.91
C CYS B 5 7.12 7.64 6.78
N ARG B 6 8.41 7.56 6.40
CA ARG B 6 9.31 8.72 6.25
C ARG B 6 8.68 9.84 5.41
N LEU B 7 8.51 11.01 6.03
CA LEU B 7 7.85 12.22 5.51
C LEU B 7 6.62 11.93 4.64
N LEU B 8 5.61 11.25 5.18
CA LEU B 8 4.32 11.02 4.51
C LEU B 8 3.67 12.37 4.12
N GLY B 9 3.85 13.40 4.95
CA GLY B 9 3.42 14.79 4.77
C GLY B 9 3.61 15.33 3.34
N GLN B 10 4.74 14.97 2.69
CA GLN B 10 5.09 15.29 1.31
C GLN B 10 3.90 15.14 0.35
N SER B 11 3.32 13.94 0.33
CA SER B 11 2.21 13.52 -0.52
C SER B 11 0.83 13.74 0.15
N MET B 12 0.74 13.55 1.48
CA MET B 12 -0.49 13.75 2.27
C MET B 12 -1.10 15.14 2.10
N ASP B 13 -0.26 16.17 1.89
CA ASP B 13 -0.64 17.56 1.65
C ASP B 13 -1.64 17.73 0.48
N GLU B 14 -1.53 16.90 -0.56
CA GLU B 14 -2.42 16.90 -1.73
C GLU B 14 -3.79 16.29 -1.38
N SER B 15 -4.73 17.13 -0.92
CA SER B 15 -6.12 16.83 -0.51
C SER B 15 -6.24 15.98 0.76
N GLY B 16 -5.65 14.77 0.76
CA GLY B 16 -5.66 13.79 1.84
C GLY B 16 -5.54 12.38 1.26
N LEU B 17 -6.66 11.86 0.73
CA LEU B 17 -6.76 10.57 0.04
C LEU B 17 -7.32 10.82 -1.38
N PRO B 18 -6.63 10.39 -2.45
CA PRO B 18 -7.04 10.60 -3.84
C PRO B 18 -8.11 9.60 -4.30
N GLN B 19 -8.53 9.76 -5.56
CA GLN B 19 -9.43 8.84 -6.26
C GLN B 19 -8.70 8.22 -7.46
N LEU B 20 -7.63 7.49 -7.14
CA LEU B 20 -6.84 6.70 -8.08
C LEU B 20 -7.68 5.50 -8.56
N THR B 21 -7.23 4.84 -9.62
CA THR B 21 -7.90 3.67 -10.22
C THR B 21 -6.88 2.62 -10.64
N SER B 22 -7.35 1.42 -10.97
CA SER B 22 -6.54 0.31 -11.50
C SER B 22 -5.72 0.82 -12.70
N TYR B 23 -6.39 1.43 -13.69
CA TYR B 23 -5.78 2.06 -14.86
C TYR B 23 -4.67 3.05 -14.49
N ASP B 24 -4.96 4.07 -13.68
CA ASP B 24 -3.99 5.08 -13.24
C ASP B 24 -2.75 4.44 -12.61
N CYS B 25 -2.93 3.56 -11.63
CA CYS B 25 -1.86 2.85 -10.94
C CYS B 25 -1.03 1.97 -11.91
N GLU B 26 -1.68 1.16 -12.75
CA GLU B 26 -1.05 0.32 -13.78
C GLU B 26 -0.16 1.15 -14.72
N VAL B 27 -0.67 2.28 -15.20
CA VAL B 27 0.01 3.25 -16.08
C VAL B 27 1.22 3.88 -15.41
N ASN B 28 1.06 4.42 -14.20
CA ASN B 28 2.10 5.14 -13.45
C ASN B 28 3.20 4.24 -12.87
N ALA B 29 2.86 3.09 -12.29
CA ALA B 29 3.80 2.14 -11.69
C ALA B 29 3.50 0.69 -12.13
N PRO B 30 3.85 0.30 -13.38
CA PRO B 30 3.62 -1.04 -13.91
C PRO B 30 4.23 -2.17 -13.05
N ILE B 31 3.46 -3.23 -12.84
CA ILE B 31 3.85 -4.44 -12.12
C ILE B 31 5.00 -5.13 -12.88
N GLN B 32 6.09 -5.45 -12.19
CA GLN B 32 7.27 -6.11 -12.78
C GLN B 32 6.93 -7.46 -13.44
N GLY B 33 7.50 -7.73 -14.61
CA GLY B 33 7.26 -8.94 -15.40
C GLY B 33 6.03 -8.79 -16.30
N SER B 34 4.85 -9.12 -15.77
CA SER B 34 3.54 -9.02 -16.43
C SER B 34 2.47 -8.52 -15.43
N ARG B 35 1.58 -7.62 -15.86
CA ARG B 35 0.51 -7.07 -15.01
C ARG B 35 -0.52 -8.13 -14.63
N ASN B 36 -0.94 -8.08 -13.36
CA ASN B 36 -1.90 -8.97 -12.71
C ASN B 36 -2.69 -8.19 -11.63
N LEU B 37 -3.42 -8.88 -10.76
CA LEU B 37 -4.14 -8.36 -9.60
C LEU B 37 -4.08 -9.37 -8.45
N LEU B 38 -3.10 -9.18 -7.57
CA LEU B 38 -2.87 -9.92 -6.33
C LEU B 38 -4.14 -9.75 -5.46
N GLN B 39 -4.78 -10.86 -5.05
CA GLN B 39 -6.07 -10.85 -4.36
C GLN B 39 -6.25 -11.96 -3.30
N GLY B 40 -7.24 -11.81 -2.44
CA GLY B 40 -7.60 -12.74 -1.35
C GLY B 40 -6.51 -12.96 -0.31
N GLU B 41 -6.33 -14.20 0.15
CA GLU B 41 -5.35 -14.58 1.19
C GLU B 41 -3.93 -14.03 0.92
N GLU B 42 -3.49 -14.12 -0.34
CA GLU B 42 -2.19 -13.63 -0.80
C GLU B 42 -1.94 -12.15 -0.45
N LEU B 43 -2.98 -11.30 -0.41
CA LEU B 43 -2.87 -9.89 0.00
C LEU B 43 -2.28 -9.82 1.40
N LEU B 44 -2.96 -10.43 2.37
CA LEU B 44 -2.56 -10.43 3.78
C LEU B 44 -1.16 -11.02 3.96
N ARG B 45 -0.85 -12.12 3.25
CA ARG B 45 0.49 -12.75 3.23
C ARG B 45 1.56 -11.76 2.76
N ALA B 46 1.30 -11.03 1.66
CA ALA B 46 2.17 -9.97 1.16
C ALA B 46 2.33 -8.85 2.20
N LEU B 47 1.25 -8.35 2.80
CA LEU B 47 1.29 -7.31 3.86
C LEU B 47 2.04 -7.78 5.13
N ASP B 48 2.01 -9.07 5.45
CA ASP B 48 2.67 -9.65 6.62
C ASP B 48 4.20 -9.54 6.56
N GLN B 49 4.79 -9.73 5.36
CA GLN B 49 6.24 -9.72 5.09
C GLN B 49 6.98 -8.43 5.54
N VAL B 50 6.26 -7.35 5.82
CA VAL B 50 6.79 -6.06 6.31
C VAL B 50 7.51 -6.22 7.66
N ASN B 51 6.98 -7.09 8.55
CA ASN B 51 7.49 -7.33 9.91
C ASN B 51 8.99 -7.69 9.99
N ALA A 1 2.51 9.97 -17.80
CA ALA A 1 2.30 8.78 -16.94
C ALA A 1 2.16 9.19 -15.47
N ASP A 2 3.26 9.28 -14.72
CA ASP A 2 3.30 9.56 -13.27
C ASP A 2 4.07 10.83 -12.84
N PRO A 3 3.45 12.02 -12.88
CA PRO A 3 4.03 13.26 -12.37
C PRO A 3 3.75 13.34 -10.86
N GLU A 4 2.85 14.19 -10.39
CA GLU A 4 2.43 14.27 -8.98
C GLU A 4 1.82 12.95 -8.47
N LYS A 5 1.37 12.06 -9.38
CA LYS A 5 0.83 10.73 -9.05
C LYS A 5 1.86 9.84 -8.33
N ARG A 6 3.16 10.12 -8.49
CA ARG A 6 4.27 9.49 -7.74
C ARG A 6 4.00 9.60 -6.24
N LYS A 7 3.76 10.83 -5.76
CA LYS A 7 3.42 11.19 -4.37
C LYS A 7 2.19 10.41 -3.89
N LEU A 8 1.12 10.41 -4.69
CA LEU A 8 -0.13 9.71 -4.44
C LEU A 8 0.10 8.20 -4.24
N ILE A 9 0.73 7.53 -5.20
CA ILE A 9 1.06 6.10 -5.15
C ILE A 9 1.93 5.79 -3.92
N GLN A 10 3.02 6.53 -3.70
CA GLN A 10 3.90 6.40 -2.53
C GLN A 10 3.08 6.44 -1.22
N GLN A 11 2.23 7.45 -1.05
CA GLN A 11 1.33 7.59 0.10
C GLN A 11 0.46 6.33 0.28
N GLN A 12 -0.39 6.00 -0.70
CA GLN A 12 -1.30 4.85 -0.64
C GLN A 12 -0.58 3.53 -0.34
N LEU A 13 0.59 3.28 -0.93
CA LEU A 13 1.41 2.09 -0.70
C LEU A 13 1.75 1.99 0.80
N VAL A 14 2.36 3.04 1.37
CA VAL A 14 2.67 3.13 2.81
C VAL A 14 1.42 3.02 3.69
N LEU A 15 0.35 3.77 3.42
CA LEU A 15 -0.90 3.70 4.20
C LEU A 15 -1.48 2.28 4.23
N LEU A 16 -1.53 1.60 3.09
CA LEU A 16 -2.03 0.23 2.99
C LEU A 16 -1.17 -0.76 3.80
N LEU A 17 0.15 -0.63 3.70
CA LEU A 17 1.10 -1.44 4.49
C LEU A 17 0.85 -1.20 5.99
N HIS A 18 0.76 0.07 6.41
CA HIS A 18 0.41 0.46 7.79
C HIS A 18 -0.89 -0.24 8.20
N ALA A 19 -1.98 -0.12 7.44
CA ALA A 19 -3.29 -0.72 7.73
C ALA A 19 -3.22 -2.14 8.30
N HIS A 20 -2.51 -3.07 7.64
CA HIS A 20 -2.34 -4.43 8.17
C HIS A 20 -1.26 -4.53 9.26
N LYS A 21 -0.13 -3.82 9.14
CA LYS A 21 0.95 -3.77 10.16
C LYS A 21 0.40 -3.33 11.54
N CYS A 22 -0.52 -2.36 11.54
CA CYS A 22 -1.30 -1.81 12.64
C CYS A 22 -2.07 -2.94 13.34
N GLN A 23 -2.94 -3.66 12.60
CA GLN A 23 -3.67 -4.84 13.07
C GLN A 23 -2.71 -5.90 13.64
N ARG A 24 -1.67 -6.26 12.88
CA ARG A 24 -0.64 -7.25 13.23
C ARG A 24 0.05 -6.94 14.56
N ARG A 25 0.49 -5.69 14.76
CA ARG A 25 1.08 -5.22 16.01
C ARG A 25 0.09 -5.38 17.16
N GLU A 26 -1.18 -5.00 16.97
CA GLU A 26 -2.24 -5.15 17.99
C GLU A 26 -2.45 -6.63 18.41
N GLN A 27 -2.36 -7.59 17.49
CA GLN A 27 -2.46 -9.03 17.82
C GLN A 27 -1.41 -9.43 18.88
N ALA A 28 -0.16 -9.02 18.69
CA ALA A 28 0.94 -9.22 19.65
C ALA A 28 0.73 -8.39 20.93
N ASN A 29 0.35 -7.13 20.74
CA ASN A 29 0.10 -6.05 21.71
C ASN A 29 1.40 -5.50 22.34
N GLY A 30 1.42 -4.19 22.62
CA GLY A 30 2.54 -3.48 23.22
C GLY A 30 2.10 -2.16 23.87
N GLU A 31 2.95 -1.61 24.74
CA GLU A 31 2.70 -0.35 25.45
C GLU A 31 2.63 0.86 24.49
N VAL A 32 3.65 1.03 23.65
CA VAL A 32 3.73 2.10 22.64
C VAL A 32 2.66 1.89 21.58
N ARG A 33 1.91 2.96 21.25
CA ARG A 33 0.81 2.95 20.26
C ARG A 33 1.18 2.29 18.91
N ALA A 34 0.23 1.56 18.35
CA ALA A 34 0.36 0.93 17.03
C ALA A 34 -0.01 1.95 15.95
N CYS A 35 -1.28 2.34 15.91
CA CYS A 35 -1.84 3.30 14.97
C CYS A 35 -1.35 4.74 15.25
N SER A 36 -1.05 5.47 14.18
CA SER A 36 -0.57 6.87 14.19
C SER A 36 -1.28 7.72 13.13
N LEU A 37 -1.12 7.36 11.86
CA LEU A 37 -1.68 8.05 10.69
C LEU A 37 -3.23 8.08 10.72
N PRO A 38 -3.88 9.21 10.41
CA PRO A 38 -5.35 9.33 10.46
C PRO A 38 -6.07 8.47 9.40
N HIS A 39 -5.58 8.46 8.16
CA HIS A 39 -6.15 7.74 7.01
C HIS A 39 -6.09 6.21 7.12
N CYS A 40 -5.37 5.66 8.12
CA CYS A 40 -5.28 4.24 8.43
C CYS A 40 -6.68 3.61 8.55
N ARG A 41 -7.60 4.23 9.31
CA ARG A 41 -9.00 3.81 9.49
C ARG A 41 -9.67 3.46 8.14
N THR A 42 -9.55 4.37 7.16
CA THR A 42 -10.06 4.17 5.79
C THR A 42 -9.37 2.99 5.11
N MET A 43 -8.04 2.95 5.10
CA MET A 43 -7.28 1.81 4.53
C MET A 43 -7.62 0.46 5.18
N LYS A 44 -7.86 0.38 6.50
CA LYS A 44 -8.27 -0.85 7.22
C LYS A 44 -9.63 -1.35 6.72
N ASN A 45 -10.59 -0.44 6.49
CA ASN A 45 -11.89 -0.75 5.88
C ASN A 45 -11.67 -1.31 4.46
N VAL A 46 -10.88 -0.60 3.63
CA VAL A 46 -10.50 -1.02 2.27
C VAL A 46 -9.89 -2.42 2.29
N LEU A 47 -8.88 -2.68 3.13
CA LEU A 47 -8.20 -3.96 3.35
C LEU A 47 -9.19 -5.09 3.64
N ASN A 48 -10.07 -4.91 4.63
CA ASN A 48 -11.12 -5.88 4.98
C ASN A 48 -12.00 -6.21 3.76
N HIS A 49 -12.44 -5.19 3.02
CA HIS A 49 -13.23 -5.37 1.79
C HIS A 49 -12.42 -6.14 0.72
N MET A 50 -11.16 -5.73 0.47
CA MET A 50 -10.22 -6.27 -0.51
C MET A 50 -10.10 -7.80 -0.53
N THR A 51 -10.02 -8.44 0.65
CA THR A 51 -9.91 -9.90 0.77
C THR A 51 -11.16 -10.63 0.27
N HIS A 52 -12.36 -10.15 0.63
CA HIS A 52 -13.65 -10.71 0.20
C HIS A 52 -13.92 -10.45 -1.29
N CYS A 53 -13.84 -9.19 -1.72
CA CYS A 53 -14.04 -8.77 -3.11
C CYS A 53 -12.96 -9.38 -4.04
N GLN A 54 -13.33 -9.66 -5.29
CA GLN A 54 -12.47 -10.22 -6.34
C GLN A 54 -12.55 -9.43 -7.65
N ALA A 55 -13.25 -8.31 -7.67
CA ALA A 55 -13.44 -7.47 -8.85
C ALA A 55 -12.23 -6.54 -9.11
N GLY A 56 -12.06 -5.50 -8.31
CA GLY A 56 -10.98 -4.51 -8.45
C GLY A 56 -11.20 -3.57 -9.63
N LYS A 57 -11.02 -4.11 -10.85
CA LYS A 57 -11.16 -3.45 -12.16
C LYS A 57 -12.39 -2.55 -12.29
N ALA A 58 -13.57 -3.09 -11.95
CA ALA A 58 -14.88 -2.44 -12.06
C ALA A 58 -15.62 -2.31 -10.71
N CYS A 59 -14.92 -2.48 -9.58
CA CYS A 59 -15.49 -2.32 -8.24
C CYS A 59 -15.90 -0.86 -8.00
N GLN A 60 -17.01 -0.67 -7.29
CA GLN A 60 -17.58 0.65 -6.96
C GLN A 60 -16.61 1.48 -6.10
N VAL A 61 -15.94 0.84 -5.14
CA VAL A 61 -14.94 1.43 -4.25
C VAL A 61 -13.68 1.74 -5.07
N ALA A 62 -13.33 3.03 -5.23
CA ALA A 62 -12.14 3.46 -5.96
C ALA A 62 -10.85 2.79 -5.45
N HIS A 63 -10.67 2.81 -4.13
CA HIS A 63 -9.53 2.24 -3.40
C HIS A 63 -9.32 0.74 -3.64
N CYS A 64 -10.37 -0.04 -3.93
CA CYS A 64 -10.29 -1.48 -4.23
C CYS A 64 -9.36 -1.71 -5.45
N ALA A 65 -9.58 -0.96 -6.52
CA ALA A 65 -8.72 -0.97 -7.72
C ALA A 65 -7.26 -0.64 -7.36
N SER A 66 -7.03 0.49 -6.67
CA SER A 66 -5.71 0.98 -6.25
C SER A 66 -4.94 -0.05 -5.40
N SER A 67 -5.48 -0.37 -4.21
CA SER A 67 -4.89 -1.25 -3.19
C SER A 67 -4.41 -2.61 -3.73
N ARG A 68 -5.20 -3.26 -4.59
CA ARG A 68 -4.79 -4.52 -5.25
C ARG A 68 -3.51 -4.30 -6.07
N GLN A 69 -3.51 -3.27 -6.93
CA GLN A 69 -2.40 -2.89 -7.81
C GLN A 69 -1.10 -2.57 -7.06
N ILE A 70 -1.11 -1.66 -6.08
CA ILE A 70 0.09 -1.31 -5.29
C ILE A 70 0.78 -2.56 -4.68
N ILE A 71 0.02 -3.48 -4.10
CA ILE A 71 0.56 -4.74 -3.54
C ILE A 71 1.03 -5.68 -4.66
N SER A 72 0.30 -5.75 -5.79
CA SER A 72 0.72 -6.52 -6.97
C SER A 72 2.14 -6.11 -7.39
N HIS A 73 2.39 -4.80 -7.46
CA HIS A 73 3.70 -4.24 -7.77
C HIS A 73 4.73 -4.69 -6.72
N TRP A 74 4.61 -4.27 -5.45
CA TRP A 74 5.58 -4.61 -4.39
C TRP A 74 5.90 -6.11 -4.28
N LYS A 75 4.88 -6.98 -4.34
CA LYS A 75 5.01 -8.44 -4.30
C LYS A 75 5.95 -8.97 -5.38
N ASN A 76 5.72 -8.57 -6.63
CA ASN A 76 6.49 -9.01 -7.80
C ASN A 76 7.82 -8.27 -7.99
N CYS A 77 7.91 -6.98 -7.64
CA CYS A 77 9.08 -6.13 -7.83
C CYS A 77 10.36 -6.71 -7.19
N THR A 78 11.35 -6.95 -8.05
CA THR A 78 12.71 -7.46 -7.77
C THR A 78 13.77 -6.60 -8.48
N ARG A 79 13.40 -5.35 -8.78
CA ARG A 79 14.19 -4.30 -9.43
C ARG A 79 15.40 -3.91 -8.58
N HIS A 80 16.51 -3.51 -9.22
CA HIS A 80 17.75 -3.06 -8.56
C HIS A 80 17.46 -1.96 -7.52
N ASP A 81 16.73 -0.93 -7.95
CA ASP A 81 16.22 0.15 -7.11
C ASP A 81 14.88 0.69 -7.66
N CYS A 82 13.89 0.82 -6.78
CA CYS A 82 12.55 1.34 -7.02
C CYS A 82 12.29 2.36 -5.87
N PRO A 83 11.61 3.50 -6.10
CA PRO A 83 11.43 4.55 -5.08
C PRO A 83 10.66 4.16 -3.81
N VAL A 84 10.07 2.97 -3.74
CA VAL A 84 9.33 2.46 -2.57
C VAL A 84 9.75 1.04 -2.24
N CYS A 85 9.73 0.14 -3.22
CA CYS A 85 10.07 -1.27 -3.12
C CYS A 85 11.45 -1.50 -2.48
N LEU A 86 12.49 -0.80 -2.95
CA LEU A 86 13.87 -0.88 -2.42
C LEU A 86 13.95 -0.59 -0.91
N PRO A 87 13.59 0.62 -0.41
CA PRO A 87 13.66 0.91 1.03
C PRO A 87 12.79 -0.04 1.87
N LEU A 88 11.58 -0.40 1.40
CA LEU A 88 10.71 -1.39 2.05
C LEU A 88 11.39 -2.77 2.17
N LYS A 89 11.96 -3.28 1.08
CA LYS A 89 12.71 -4.56 1.04
C LYS A 89 13.83 -4.51 2.07
N ASN A 90 14.68 -3.48 2.03
CA ASN A 90 15.77 -3.27 2.99
C ASN A 90 15.26 -3.34 4.44
N ALA A 91 14.24 -2.54 4.80
CA ALA A 91 13.63 -2.53 6.14
C ALA A 91 13.16 -3.92 6.57
N SER A 92 12.47 -4.64 5.68
CA SER A 92 11.92 -5.99 5.89
C SER A 92 13.01 -7.06 6.07
N ASP A 93 14.00 -7.06 5.17
CA ASP A 93 15.13 -7.99 5.09
C ASP A 93 16.44 -7.25 4.73
N LYS A 94 17.24 -6.93 5.75
CA LYS A 94 18.54 -6.26 5.62
C LYS A 94 19.64 -7.21 5.13
N ARG A 95 20.74 -6.65 4.60
CA ARG A 95 21.92 -7.37 4.09
C ARG A 95 22.58 -8.24 5.19
N SER B 1 8.75 6.16 15.71
CA SER B 1 9.59 6.12 14.49
C SER B 1 9.35 4.84 13.71
N ASP B 2 9.14 4.96 12.40
CA ASP B 2 8.90 3.86 11.44
C ASP B 2 9.50 4.24 10.07
N LEU B 3 10.14 3.29 9.37
CA LEU B 3 10.80 3.53 8.07
C LEU B 3 9.79 3.87 6.97
N ALA B 4 8.75 3.05 6.80
CA ALA B 4 7.69 3.28 5.82
C ALA B 4 6.93 4.56 6.15
N CYS B 5 6.34 4.65 7.34
CA CYS B 5 5.58 5.80 7.82
C CYS B 5 6.46 6.95 8.37
N ARG B 6 7.65 7.18 7.78
CA ARG B 6 8.67 8.18 8.16
C ARG B 6 8.10 9.56 8.49
N LEU B 7 7.69 10.34 7.49
CA LEU B 7 7.07 11.67 7.62
C LEU B 7 5.78 11.70 6.77
N LEU B 8 4.88 10.74 7.03
CA LEU B 8 3.57 10.65 6.40
C LEU B 8 2.70 11.76 7.03
N GLY B 9 2.60 12.84 6.26
CA GLY B 9 1.99 14.12 6.62
C GLY B 9 2.31 15.16 5.54
N GLN B 10 3.58 15.20 5.10
CA GLN B 10 4.09 16.09 4.03
C GLN B 10 3.14 16.11 2.81
N SER B 11 2.89 14.94 2.24
CA SER B 11 1.99 14.68 1.12
C SER B 11 0.51 14.77 1.54
N MET B 12 0.13 14.01 2.57
CA MET B 12 -1.24 13.90 3.12
C MET B 12 -1.98 15.25 3.24
N ASP B 13 -1.27 16.30 3.65
CA ASP B 13 -1.74 17.68 3.76
C ASP B 13 -2.41 18.20 2.46
N GLU B 14 -1.81 17.89 1.31
CA GLU B 14 -2.25 18.25 -0.04
C GLU B 14 -3.08 17.14 -0.70
N SER B 15 -2.49 15.94 -0.78
CA SER B 15 -3.02 14.73 -1.40
C SER B 15 -4.34 14.22 -0.83
N GLY B 16 -4.53 14.31 0.50
CA GLY B 16 -5.71 13.80 1.20
C GLY B 16 -5.78 12.28 1.03
N LEU B 17 -6.80 11.80 0.32
CA LEU B 17 -6.96 10.41 -0.09
C LEU B 17 -7.38 10.41 -1.59
N PRO B 18 -6.51 10.00 -2.52
CA PRO B 18 -6.79 10.02 -3.95
C PRO B 18 -7.69 8.85 -4.38
N GLN B 19 -8.17 8.94 -5.63
CA GLN B 19 -8.98 7.92 -6.30
C GLN B 19 -8.21 7.40 -7.52
N LEU B 20 -7.07 6.77 -7.26
CA LEU B 20 -6.19 6.19 -8.27
C LEU B 20 -6.90 4.97 -8.88
N THR B 21 -7.32 5.05 -10.14
CA THR B 21 -8.00 3.95 -10.80
C THR B 21 -7.05 2.79 -11.12
N SER B 22 -7.60 1.66 -11.56
CA SER B 22 -6.85 0.49 -12.02
C SER B 22 -5.91 0.91 -13.16
N TYR B 23 -6.46 1.61 -14.15
CA TYR B 23 -5.74 2.21 -15.28
C TYR B 23 -4.59 3.10 -14.79
N ASP B 24 -4.86 4.11 -13.95
CA ASP B 24 -3.84 5.00 -13.39
C ASP B 24 -2.66 4.23 -12.82
N CYS B 25 -2.91 3.37 -11.82
CA CYS B 25 -1.91 2.56 -11.13
C CYS B 25 -1.08 1.69 -12.09
N GLU B 26 -1.73 0.89 -12.95
CA GLU B 26 -1.09 0.00 -13.93
C GLU B 26 -0.16 0.77 -14.90
N VAL B 27 -0.64 1.89 -15.45
CA VAL B 27 0.12 2.77 -16.36
C VAL B 27 1.31 3.44 -15.65
N ASN B 28 1.07 3.98 -14.45
CA ASN B 28 2.05 4.69 -13.63
C ASN B 28 3.20 3.81 -13.13
N ALA B 29 2.89 2.67 -12.50
CA ALA B 29 3.86 1.76 -11.90
C ALA B 29 3.62 0.29 -12.35
N PRO B 30 3.98 -0.07 -13.59
CA PRO B 30 3.80 -1.42 -14.13
C PRO B 30 4.45 -2.51 -13.25
N ILE B 31 3.71 -3.59 -13.00
CA ILE B 31 4.12 -4.74 -12.20
C ILE B 31 5.26 -5.49 -12.93
N GLN B 32 6.23 -6.03 -12.17
CA GLN B 32 7.35 -6.81 -12.71
C GLN B 32 6.83 -8.10 -13.37
N GLY B 33 6.90 -8.17 -14.70
CA GLY B 33 6.41 -9.29 -15.51
C GLY B 33 4.88 -9.36 -15.63
N SER B 34 4.38 -10.37 -16.34
CA SER B 34 2.95 -10.58 -16.61
C SER B 34 2.17 -11.12 -15.39
N ARG B 35 1.84 -10.22 -14.46
CA ARG B 35 1.05 -10.43 -13.23
C ARG B 35 0.11 -9.24 -13.04
N ASN B 36 -1.05 -9.46 -12.42
CA ASN B 36 -2.07 -8.42 -12.18
C ASN B 36 -2.87 -8.67 -10.88
N LEU B 37 -3.65 -7.67 -10.46
CA LEU B 37 -4.46 -7.53 -9.24
C LEU B 37 -4.42 -8.71 -8.24
N LEU B 38 -3.42 -8.66 -7.36
CA LEU B 38 -3.16 -9.52 -6.20
C LEU B 38 -4.42 -9.47 -5.31
N GLN B 39 -4.93 -10.63 -4.88
CA GLN B 39 -6.18 -10.72 -4.11
C GLN B 39 -6.23 -11.89 -3.10
N GLY B 40 -7.14 -11.78 -2.13
CA GLY B 40 -7.38 -12.75 -1.05
C GLY B 40 -6.26 -12.84 -0.01
N GLU B 41 -6.03 -14.00 0.59
CA GLU B 41 -5.04 -14.18 1.67
C GLU B 41 -3.62 -13.76 1.26
N GLU B 42 -3.26 -13.90 -0.03
CA GLU B 42 -2.00 -13.43 -0.60
C GLU B 42 -1.75 -11.94 -0.29
N LEU B 43 -2.80 -11.11 -0.21
CA LEU B 43 -2.72 -9.70 0.18
C LEU B 43 -2.08 -9.60 1.56
N LEU B 44 -2.75 -10.18 2.56
CA LEU B 44 -2.34 -10.15 3.96
C LEU B 44 -0.91 -10.70 4.15
N ARG B 45 -0.58 -11.82 3.47
CA ARG B 45 0.76 -12.42 3.45
C ARG B 45 1.80 -11.40 2.93
N ALA B 46 1.52 -10.75 1.80
CA ALA B 46 2.35 -9.71 1.20
C ALA B 46 2.51 -8.49 2.15
N LEU B 47 1.43 -7.98 2.74
CA LEU B 47 1.44 -6.85 3.69
C LEU B 47 2.26 -7.17 4.97
N ASP B 48 2.08 -8.37 5.54
CA ASP B 48 2.73 -8.84 6.77
C ASP B 48 4.26 -8.79 6.73
N GLN B 49 4.90 -9.18 5.63
CA GLN B 49 6.36 -9.28 5.48
C GLN B 49 7.20 -8.07 5.99
N VAL B 50 6.60 -6.87 6.10
CA VAL B 50 7.26 -5.66 6.61
C VAL B 50 7.75 -5.83 8.06
N ASN B 51 6.87 -6.31 8.96
CA ASN B 51 7.15 -6.49 10.41
C ASN B 51 8.06 -7.71 10.72
N ALA A 1 1.32 8.97 -17.55
CA ALA A 1 1.82 9.06 -16.16
C ALA A 1 2.04 10.52 -15.75
N ASP A 2 2.01 10.82 -14.44
CA ASP A 2 2.18 12.16 -13.87
C ASP A 2 2.96 12.11 -12.53
N PRO A 3 3.95 12.99 -12.30
CA PRO A 3 4.72 13.04 -11.06
C PRO A 3 3.88 13.01 -9.77
N GLU A 4 2.87 13.87 -9.65
CA GLU A 4 2.00 13.92 -8.46
C GLU A 4 1.21 12.63 -8.26
N LYS A 5 0.70 11.99 -9.34
CA LYS A 5 0.05 10.67 -9.22
C LYS A 5 1.02 9.64 -8.65
N ARG A 6 2.31 9.66 -9.04
CA ARG A 6 3.34 8.79 -8.46
C ARG A 6 3.52 9.06 -6.95
N LYS A 7 3.55 10.32 -6.51
CA LYS A 7 3.59 10.72 -5.08
C LYS A 7 2.39 10.13 -4.32
N LEU A 8 1.18 10.25 -4.88
CA LEU A 8 -0.06 9.71 -4.34
C LEU A 8 0.02 8.18 -4.22
N ILE A 9 0.44 7.48 -5.28
CA ILE A 9 0.64 6.03 -5.30
C ILE A 9 1.62 5.64 -4.19
N GLN A 10 2.79 6.27 -4.10
CA GLN A 10 3.79 6.14 -3.03
C GLN A 10 3.15 6.22 -1.63
N GLN A 11 2.40 7.30 -1.36
CA GLN A 11 1.67 7.51 -0.11
C GLN A 11 0.78 6.30 0.20
N GLN A 12 -0.13 5.94 -0.70
CA GLN A 12 -1.04 4.80 -0.56
C GLN A 12 -0.31 3.47 -0.35
N LEU A 13 0.80 3.21 -1.04
CA LEU A 13 1.63 2.02 -0.91
C LEU A 13 2.09 1.86 0.55
N VAL A 14 2.78 2.87 1.09
CA VAL A 14 3.23 2.95 2.48
C VAL A 14 2.06 2.84 3.47
N LEU A 15 0.99 3.60 3.28
CA LEU A 15 -0.21 3.55 4.13
C LEU A 15 -0.82 2.15 4.21
N LEU A 16 -1.08 1.50 3.06
CA LEU A 16 -1.68 0.17 2.96
C LEU A 16 -0.85 -0.89 3.70
N LEU A 17 0.47 -0.88 3.50
CA LEU A 17 1.43 -1.76 4.17
C LEU A 17 1.36 -1.57 5.68
N HIS A 18 1.51 -0.33 6.14
CA HIS A 18 1.39 0.04 7.56
C HIS A 18 0.05 -0.41 8.14
N ALA A 19 -1.08 -0.10 7.51
CA ALA A 19 -2.43 -0.41 7.97
C ALA A 19 -2.59 -1.84 8.53
N HIS A 20 -2.22 -2.86 7.74
CA HIS A 20 -2.26 -4.26 8.20
C HIS A 20 -1.21 -4.55 9.28
N LYS A 21 0.02 -4.06 9.14
CA LYS A 21 1.11 -4.23 10.12
C LYS A 21 0.68 -3.72 11.52
N CYS A 22 0.15 -2.49 11.56
CA CYS A 22 -0.45 -1.77 12.69
C CYS A 22 -1.60 -2.61 13.30
N GLN A 23 -2.58 -3.02 12.47
CA GLN A 23 -3.71 -3.87 12.86
C GLN A 23 -3.23 -5.16 13.54
N ARG A 24 -2.35 -5.94 12.89
CA ARG A 24 -1.76 -7.18 13.40
C ARG A 24 -1.06 -6.96 14.75
N ARG A 25 -0.19 -5.94 14.84
CA ARG A 25 0.53 -5.55 16.06
C ARG A 25 -0.45 -5.30 17.22
N GLU A 26 -1.43 -4.43 17.01
CA GLU A 26 -2.49 -4.08 17.98
C GLU A 26 -3.21 -5.34 18.49
N GLN A 27 -3.72 -6.18 17.58
CA GLN A 27 -4.40 -7.44 17.88
C GLN A 27 -3.53 -8.40 18.71
N ALA A 28 -2.25 -8.56 18.33
CA ALA A 28 -1.27 -9.39 19.04
C ALA A 28 -1.01 -8.87 20.47
N ASN A 29 -0.51 -7.62 20.60
CA ASN A 29 -0.25 -6.92 21.85
C ASN A 29 -0.27 -5.39 21.65
N GLY A 30 -1.27 -4.71 22.21
CA GLY A 30 -1.44 -3.26 22.12
C GLY A 30 -2.78 -2.78 22.68
N GLU A 31 -3.24 -1.63 22.19
CA GLU A 31 -4.51 -0.97 22.55
C GLU A 31 -5.09 -0.29 21.30
N VAL A 32 -6.42 -0.23 21.17
CA VAL A 32 -7.12 0.42 20.02
C VAL A 32 -6.62 1.86 19.85
N ARG A 33 -6.47 2.59 20.96
CA ARG A 33 -5.89 3.94 21.06
C ARG A 33 -4.35 3.81 21.05
N ALA A 34 -3.77 3.72 19.85
CA ALA A 34 -2.33 3.61 19.62
C ALA A 34 -1.89 4.53 18.46
N CYS A 35 -2.29 4.18 17.24
CA CYS A 35 -1.96 4.90 16.00
C CYS A 35 -2.58 6.31 15.95
N SER A 36 -1.84 7.26 15.38
CA SER A 36 -2.20 8.69 15.25
C SER A 36 -2.81 9.07 13.90
N LEU A 37 -2.46 8.39 12.80
CA LEU A 37 -2.97 8.69 11.46
C LEU A 37 -4.49 8.39 11.37
N PRO A 38 -5.35 9.36 11.00
CA PRO A 38 -6.79 9.11 10.84
C PRO A 38 -7.05 8.17 9.65
N HIS A 39 -6.25 8.31 8.59
CA HIS A 39 -6.26 7.51 7.35
C HIS A 39 -6.03 6.01 7.59
N CYS A 40 -5.31 5.63 8.66
CA CYS A 40 -5.04 4.26 9.05
C CYS A 40 -6.35 3.45 9.19
N ARG A 41 -7.37 4.03 9.84
CA ARG A 41 -8.73 3.47 9.97
C ARG A 41 -9.36 3.19 8.60
N THR A 42 -9.30 4.15 7.69
CA THR A 42 -9.79 4.03 6.30
C THR A 42 -9.08 2.88 5.59
N MET A 43 -7.74 2.85 5.63
CA MET A 43 -6.90 1.78 5.06
C MET A 43 -7.25 0.40 5.64
N LYS A 44 -7.48 0.28 6.96
CA LYS A 44 -7.91 -0.97 7.64
C LYS A 44 -9.29 -1.44 7.12
N ASN A 45 -10.24 -0.53 6.91
CA ASN A 45 -11.55 -0.84 6.33
C ASN A 45 -11.38 -1.36 4.88
N VAL A 46 -10.56 -0.67 4.09
CA VAL A 46 -10.18 -1.04 2.71
C VAL A 46 -9.54 -2.45 2.69
N LEU A 47 -8.60 -2.73 3.59
CA LEU A 47 -7.92 -4.02 3.79
C LEU A 47 -8.94 -5.17 3.96
N ASN A 48 -9.90 -4.99 4.86
CA ASN A 48 -10.98 -5.95 5.11
C ASN A 48 -11.79 -6.22 3.81
N HIS A 49 -12.18 -5.16 3.10
CA HIS A 49 -12.89 -5.27 1.83
C HIS A 49 -12.08 -6.08 0.79
N MET A 50 -10.81 -5.75 0.57
CA MET A 50 -9.90 -6.40 -0.38
C MET A 50 -9.87 -7.94 -0.31
N THR A 51 -9.80 -8.53 0.90
CA THR A 51 -9.78 -10.00 1.06
C THR A 51 -11.13 -10.65 0.70
N HIS A 52 -12.24 -9.99 1.05
CA HIS A 52 -13.62 -10.44 0.75
C HIS A 52 -13.91 -10.35 -0.77
N CYS A 53 -13.72 -9.16 -1.35
CA CYS A 53 -13.91 -8.86 -2.77
C CYS A 53 -12.90 -9.64 -3.65
N GLN A 54 -13.32 -10.00 -4.86
CA GLN A 54 -12.53 -10.73 -5.87
C GLN A 54 -12.64 -10.08 -7.27
N ALA A 55 -13.22 -8.88 -7.36
CA ALA A 55 -13.43 -8.17 -8.61
C ALA A 55 -12.20 -7.33 -9.02
N GLY A 56 -11.87 -6.27 -8.27
CA GLY A 56 -10.73 -5.38 -8.53
C GLY A 56 -10.96 -4.45 -9.73
N LYS A 57 -10.93 -5.02 -10.94
CA LYS A 57 -11.15 -4.35 -12.23
C LYS A 57 -12.56 -3.77 -12.31
N ALA A 58 -13.56 -4.63 -12.10
CA ALA A 58 -14.99 -4.31 -12.14
C ALA A 58 -15.51 -3.59 -10.86
N CYS A 59 -14.78 -3.70 -9.74
CA CYS A 59 -15.16 -3.08 -8.46
C CYS A 59 -15.20 -1.54 -8.58
N GLN A 60 -16.35 -0.96 -8.26
CA GLN A 60 -16.61 0.49 -8.34
C GLN A 60 -15.78 1.30 -7.33
N VAL A 61 -15.40 0.71 -6.21
CA VAL A 61 -14.62 1.34 -5.13
C VAL A 61 -13.20 1.70 -5.60
N ALA A 62 -12.88 3.00 -5.58
CA ALA A 62 -11.58 3.56 -5.95
C ALA A 62 -10.42 2.84 -5.24
N HIS A 63 -10.56 2.71 -3.92
CA HIS A 63 -9.61 2.05 -3.03
C HIS A 63 -9.25 0.63 -3.47
N CYS A 64 -10.22 -0.27 -3.61
CA CYS A 64 -10.06 -1.67 -4.05
C CYS A 64 -9.24 -1.77 -5.34
N ALA A 65 -9.68 -1.07 -6.39
CA ALA A 65 -8.99 -1.03 -7.69
C ALA A 65 -7.50 -0.64 -7.55
N SER A 66 -7.20 0.36 -6.72
CA SER A 66 -5.86 0.88 -6.44
C SER A 66 -5.00 -0.06 -5.57
N SER A 67 -5.46 -0.41 -4.37
CA SER A 67 -4.78 -1.23 -3.36
C SER A 67 -4.27 -2.56 -3.90
N ARG A 68 -5.09 -3.29 -4.66
CA ARG A 68 -4.68 -4.55 -5.31
C ARG A 68 -3.46 -4.32 -6.20
N GLN A 69 -3.45 -3.23 -6.97
CA GLN A 69 -2.37 -2.82 -7.87
C GLN A 69 -1.06 -2.53 -7.12
N ILE A 70 -1.07 -1.64 -6.12
CA ILE A 70 0.14 -1.31 -5.34
C ILE A 70 0.81 -2.55 -4.73
N ILE A 71 0.04 -3.48 -4.19
CA ILE A 71 0.59 -4.75 -3.65
C ILE A 71 1.06 -5.66 -4.79
N SER A 72 0.35 -5.73 -5.91
CA SER A 72 0.78 -6.48 -7.11
C SER A 72 2.18 -6.04 -7.54
N HIS A 73 2.42 -4.72 -7.60
CA HIS A 73 3.72 -4.15 -7.92
C HIS A 73 4.78 -4.66 -6.93
N TRP A 74 4.66 -4.34 -5.63
CA TRP A 74 5.66 -4.75 -4.62
C TRP A 74 5.94 -6.27 -4.59
N LYS A 75 4.90 -7.11 -4.73
CA LYS A 75 5.01 -8.58 -4.80
C LYS A 75 5.91 -9.02 -5.98
N ASN A 76 5.65 -8.48 -7.18
CA ASN A 76 6.37 -8.81 -8.41
C ASN A 76 7.78 -8.17 -8.54
N CYS A 77 7.91 -6.88 -8.20
CA CYS A 77 9.11 -6.07 -8.36
C CYS A 77 10.35 -6.64 -7.63
N THR A 78 11.46 -6.68 -8.36
CA THR A 78 12.80 -7.15 -7.94
C THR A 78 13.90 -6.14 -8.26
N ARG A 79 13.54 -4.96 -8.80
CA ARG A 79 14.45 -3.85 -9.14
C ARG A 79 15.21 -3.39 -7.88
N HIS A 80 16.54 -3.52 -7.91
CA HIS A 80 17.45 -3.18 -6.80
C HIS A 80 17.55 -1.67 -6.46
N ASP A 81 16.79 -0.80 -7.14
CA ASP A 81 16.77 0.65 -6.93
C ASP A 81 15.37 1.31 -7.15
N CYS A 82 14.26 0.55 -7.11
CA CYS A 82 12.91 1.10 -7.24
C CYS A 82 12.66 2.11 -6.08
N PRO A 83 12.06 3.29 -6.32
CA PRO A 83 11.86 4.33 -5.31
C PRO A 83 11.06 3.93 -4.05
N VAL A 84 10.35 2.79 -4.06
CA VAL A 84 9.54 2.32 -2.91
C VAL A 84 9.96 0.91 -2.48
N CYS A 85 10.00 -0.03 -3.42
CA CYS A 85 10.33 -1.43 -3.22
C CYS A 85 11.69 -1.61 -2.52
N LEU A 86 12.75 -0.92 -2.97
CA LEU A 86 14.09 -0.96 -2.38
C LEU A 86 14.08 -0.60 -0.88
N PRO A 87 13.70 0.63 -0.43
CA PRO A 87 13.69 0.98 0.99
C PRO A 87 12.82 0.04 1.83
N LEU A 88 11.66 -0.41 1.32
CA LEU A 88 10.81 -1.38 2.01
C LEU A 88 11.53 -2.71 2.24
N LYS A 89 12.24 -3.24 1.22
CA LYS A 89 13.05 -4.47 1.31
C LYS A 89 14.16 -4.31 2.35
N ASN A 90 14.98 -3.27 2.21
CA ASN A 90 16.06 -2.91 3.14
C ASN A 90 16.34 -1.39 3.16
N ALA A 91 16.51 -0.82 4.35
CA ALA A 91 16.79 0.60 4.59
C ALA A 91 17.96 0.77 5.57
N SER A 92 17.74 0.46 6.85
CA SER A 92 18.73 0.51 7.94
C SER A 92 18.54 -0.68 8.90
N ASP A 93 19.62 -1.12 9.56
CA ASP A 93 19.58 -2.22 10.53
C ASP A 93 18.78 -1.84 11.80
N LYS A 94 17.88 -2.71 12.23
CA LYS A 94 17.00 -2.58 13.42
C LYS A 94 16.92 -3.89 14.20
N ARG A 95 16.76 -3.80 15.53
CA ARG A 95 16.64 -4.94 16.47
C ARG A 95 15.38 -5.77 16.21
N SER B 1 6.76 8.80 12.07
CA SER B 1 7.99 8.81 11.24
C SER B 1 8.01 7.62 10.30
N ASP B 2 8.51 7.82 9.07
CA ASP B 2 8.66 6.80 8.02
C ASP B 2 9.91 7.08 7.15
N LEU B 3 10.44 6.05 6.49
CA LEU B 3 11.60 6.10 5.59
C LEU B 3 11.18 5.87 4.13
N ALA B 4 10.46 4.78 3.86
CA ALA B 4 9.95 4.36 2.54
C ALA B 4 9.46 5.55 1.68
N CYS B 5 8.51 6.31 2.19
CA CYS B 5 8.00 7.56 1.62
C CYS B 5 7.98 8.62 2.73
N ARG B 6 9.18 8.95 3.22
CA ARG B 6 9.47 9.95 4.28
C ARG B 6 8.64 11.22 4.09
N LEU B 7 8.08 11.72 5.20
CA LEU B 7 7.13 12.83 5.27
C LEU B 7 5.86 12.49 4.45
N LEU B 8 5.09 11.50 4.92
CA LEU B 8 3.80 11.08 4.36
C LEU B 8 2.84 12.29 4.20
N GLY B 9 2.85 13.19 5.19
CA GLY B 9 2.06 14.42 5.26
C GLY B 9 2.19 15.40 4.08
N GLN B 10 3.27 15.30 3.27
CA GLN B 10 3.53 16.15 2.09
C GLN B 10 2.30 16.30 1.18
N SER B 11 1.87 15.19 0.58
CA SER B 11 0.72 15.13 -0.34
C SER B 11 -0.63 15.22 0.40
N MET B 12 -0.68 14.82 1.68
CA MET B 12 -1.88 14.88 2.51
C MET B 12 -2.41 16.31 2.70
N ASP B 13 -1.50 17.29 2.73
CA ASP B 13 -1.80 18.72 2.84
C ASP B 13 -2.76 19.20 1.72
N GLU B 14 -2.58 18.69 0.50
CA GLU B 14 -3.38 18.99 -0.69
C GLU B 14 -4.56 18.01 -0.86
N SER B 15 -4.25 16.72 -1.04
CA SER B 15 -5.21 15.65 -1.34
C SER B 15 -5.81 14.95 -0.11
N GLY B 16 -4.97 14.49 0.83
CA GLY B 16 -5.40 13.72 2.01
C GLY B 16 -5.38 12.24 1.64
N LEU B 17 -6.50 11.76 1.11
CA LEU B 17 -6.68 10.41 0.54
C LEU B 17 -7.23 10.60 -0.89
N PRO B 18 -6.48 10.19 -1.94
CA PRO B 18 -6.88 10.39 -3.34
C PRO B 18 -7.90 9.38 -3.84
N GLN B 19 -8.42 9.64 -5.04
CA GLN B 19 -9.33 8.75 -5.79
C GLN B 19 -8.59 8.20 -7.00
N LEU B 20 -7.53 7.44 -6.72
CA LEU B 20 -6.75 6.69 -7.72
C LEU B 20 -7.61 5.52 -8.25
N THR B 21 -7.14 4.86 -9.29
CA THR B 21 -7.81 3.70 -9.91
C THR B 21 -6.78 2.65 -10.33
N SER B 22 -7.25 1.45 -10.70
CA SER B 22 -6.42 0.37 -11.24
C SER B 22 -5.63 0.88 -12.44
N TYR B 23 -6.32 1.52 -13.39
CA TYR B 23 -5.74 2.17 -14.57
C TYR B 23 -4.63 3.16 -14.19
N ASP B 24 -4.91 4.17 -13.35
CA ASP B 24 -3.93 5.17 -12.90
C ASP B 24 -2.67 4.51 -12.33
N CYS B 25 -2.84 3.60 -11.39
CA CYS B 25 -1.76 2.87 -10.73
C CYS B 25 -0.93 2.03 -11.73
N GLU B 26 -1.57 1.23 -12.59
CA GLU B 26 -0.92 0.42 -13.64
C GLU B 26 -0.08 1.30 -14.59
N VAL B 27 -0.65 2.41 -15.05
CA VAL B 27 -0.02 3.40 -15.95
C VAL B 27 1.22 4.04 -15.32
N ASN B 28 1.10 4.54 -14.08
CA ASN B 28 2.17 5.25 -13.38
C ASN B 28 3.28 4.35 -12.81
N ALA B 29 2.97 3.13 -12.36
CA ALA B 29 3.93 2.18 -11.80
C ALA B 29 3.66 0.72 -12.28
N PRO B 30 3.98 0.39 -13.54
CA PRO B 30 3.77 -0.95 -14.12
C PRO B 30 4.38 -2.10 -13.30
N ILE B 31 3.62 -3.19 -13.18
CA ILE B 31 3.98 -4.43 -12.48
C ILE B 31 5.09 -5.15 -13.27
N GLN B 32 6.20 -5.50 -12.60
CA GLN B 32 7.39 -6.13 -13.19
C GLN B 32 7.10 -7.44 -13.95
N GLY B 33 6.34 -8.35 -13.33
CA GLY B 33 5.97 -9.65 -13.90
C GLY B 33 4.61 -9.61 -14.60
N SER B 34 4.31 -10.63 -15.41
CA SER B 34 3.06 -10.77 -16.17
C SER B 34 1.88 -11.22 -15.28
N ARG B 35 1.55 -10.40 -14.27
CA ARG B 35 0.49 -10.56 -13.27
C ARG B 35 -0.22 -9.22 -13.00
N ASN B 36 -1.35 -9.25 -12.32
CA ASN B 36 -2.18 -8.10 -11.97
C ASN B 36 -3.02 -8.34 -10.70
N LEU B 37 -3.77 -7.31 -10.29
CA LEU B 37 -4.62 -7.15 -9.11
C LEU B 37 -4.69 -8.37 -8.15
N LEU B 38 -3.76 -8.37 -7.19
CA LEU B 38 -3.56 -9.31 -6.08
C LEU B 38 -4.88 -9.50 -5.28
N GLN B 39 -5.21 -10.74 -4.90
CA GLN B 39 -6.47 -11.11 -4.21
C GLN B 39 -6.27 -12.10 -3.04
N GLY B 40 -7.24 -12.10 -2.12
CA GLY B 40 -7.36 -12.97 -0.94
C GLY B 40 -6.15 -13.03 -0.01
N GLU B 41 -5.86 -14.20 0.57
CA GLU B 41 -4.80 -14.36 1.58
C GLU B 41 -3.40 -13.90 1.11
N GLU B 42 -3.09 -13.99 -0.19
CA GLU B 42 -1.84 -13.47 -0.74
C GLU B 42 -1.65 -11.98 -0.41
N LEU B 43 -2.73 -11.19 -0.28
CA LEU B 43 -2.68 -9.78 0.13
C LEU B 43 -1.98 -9.71 1.49
N LEU B 44 -2.60 -10.30 2.51
CA LEU B 44 -2.13 -10.32 3.90
C LEU B 44 -0.71 -10.87 4.02
N ARG B 45 -0.40 -11.96 3.31
CA ARG B 45 0.96 -12.56 3.24
C ARG B 45 1.98 -11.53 2.74
N ALA B 46 1.68 -10.88 1.62
CA ALA B 46 2.51 -9.82 1.02
C ALA B 46 2.69 -8.64 1.99
N LEU B 47 1.61 -8.13 2.62
CA LEU B 47 1.66 -7.03 3.58
C LEU B 47 2.50 -7.37 4.82
N ASP B 48 2.32 -8.55 5.41
CA ASP B 48 2.99 -8.98 6.64
C ASP B 48 4.53 -9.13 6.53
N GLN B 49 5.10 -9.28 5.33
CA GLN B 49 6.56 -9.41 5.17
C GLN B 49 7.36 -8.18 5.65
N VAL B 50 6.74 -7.00 5.72
CA VAL B 50 7.37 -5.76 6.22
C VAL B 50 7.76 -5.95 7.69
N ASN B 51 9.06 -5.86 8.00
CA ASN B 51 9.59 -6.00 9.37
C ASN B 51 10.86 -5.16 9.60
N ALA A 1 1.50 8.98 -17.57
CA ALA A 1 2.00 9.00 -16.18
C ALA A 1 2.34 10.43 -15.74
N ASP A 2 2.33 10.70 -14.43
CA ASP A 2 2.59 12.02 -13.83
C ASP A 2 3.36 11.87 -12.49
N PRO A 3 4.36 12.73 -12.19
CA PRO A 3 5.14 12.65 -10.96
C PRO A 3 4.28 12.82 -9.69
N GLU A 4 3.29 13.72 -9.68
CA GLU A 4 2.41 13.90 -8.52
C GLU A 4 1.50 12.68 -8.31
N LYS A 5 1.05 12.01 -9.39
CA LYS A 5 0.33 10.72 -9.26
C LYS A 5 1.22 9.69 -8.57
N ARG A 6 2.52 9.62 -8.93
CA ARG A 6 3.51 8.77 -8.23
C ARG A 6 3.61 9.12 -6.75
N LYS A 7 3.67 10.41 -6.37
CA LYS A 7 3.61 10.89 -4.96
C LYS A 7 2.38 10.31 -4.23
N LEU A 8 1.20 10.43 -4.85
CA LEU A 8 -0.07 9.90 -4.34
C LEU A 8 -0.02 8.36 -4.18
N ILE A 9 0.55 7.65 -5.16
CA ILE A 9 0.76 6.19 -5.11
C ILE A 9 1.66 5.83 -3.91
N GLN A 10 2.79 6.52 -3.69
CA GLN A 10 3.72 6.31 -2.57
C GLN A 10 3.02 6.27 -1.21
N GLN A 11 2.27 7.32 -0.83
CA GLN A 11 1.55 7.33 0.45
C GLN A 11 0.52 6.18 0.53
N GLN A 12 -0.26 5.94 -0.51
CA GLN A 12 -1.22 4.83 -0.57
C GLN A 12 -0.54 3.46 -0.29
N LEU A 13 0.61 3.21 -0.92
CA LEU A 13 1.42 2.00 -0.79
C LEU A 13 1.79 1.79 0.69
N VAL A 14 2.42 2.79 1.31
CA VAL A 14 2.83 2.80 2.73
C VAL A 14 1.63 2.65 3.68
N LEU A 15 0.57 3.46 3.53
CA LEU A 15 -0.62 3.39 4.36
C LEU A 15 -1.26 1.99 4.34
N LEU A 16 -1.42 1.40 3.14
CA LEU A 16 -1.99 0.06 2.96
C LEU A 16 -1.17 -1.01 3.70
N LEU A 17 0.15 -1.01 3.53
CA LEU A 17 1.07 -1.91 4.22
C LEU A 17 0.92 -1.77 5.73
N HIS A 18 1.01 -0.54 6.23
CA HIS A 18 0.83 -0.22 7.63
C HIS A 18 -0.52 -0.73 8.17
N ALA A 19 -1.66 -0.47 7.50
CA ALA A 19 -3.00 -0.89 7.92
C ALA A 19 -3.08 -2.36 8.40
N HIS A 20 -2.50 -3.30 7.65
CA HIS A 20 -2.43 -4.71 8.05
C HIS A 20 -1.44 -4.92 9.22
N LYS A 21 -0.24 -4.34 9.12
CA LYS A 21 0.83 -4.36 10.16
C LYS A 21 0.31 -3.89 11.53
N CYS A 22 -0.51 -2.85 11.54
CA CYS A 22 -1.20 -2.21 12.66
C CYS A 22 -1.99 -3.24 13.48
N GLN A 23 -2.76 -4.11 12.82
CA GLN A 23 -3.51 -5.20 13.48
C GLN A 23 -2.56 -6.09 14.31
N ARG A 24 -1.45 -6.56 13.72
CA ARG A 24 -0.41 -7.35 14.41
C ARG A 24 0.15 -6.57 15.61
N ARG A 25 0.60 -5.32 15.38
CA ARG A 25 1.15 -4.42 16.41
C ARG A 25 0.18 -4.22 17.59
N GLU A 26 -1.08 -3.91 17.30
CA GLU A 26 -2.18 -3.74 18.26
C GLU A 26 -2.37 -5.00 19.12
N GLN A 27 -2.49 -6.18 18.50
CA GLN A 27 -2.63 -7.46 19.19
C GLN A 27 -1.42 -7.75 20.11
N ALA A 28 -0.19 -7.50 19.61
CA ALA A 28 1.06 -7.66 20.37
C ALA A 28 1.12 -6.70 21.59
N ASN A 29 0.92 -5.40 21.38
CA ASN A 29 0.90 -4.35 22.41
C ASN A 29 -0.10 -3.22 22.05
N GLY A 30 -1.16 -3.10 22.84
CA GLY A 30 -2.23 -2.10 22.69
C GLY A 30 -3.29 -2.24 23.78
N GLU A 31 -3.78 -1.11 24.31
CA GLU A 31 -4.80 -1.06 25.37
C GLU A 31 -5.75 0.14 25.15
N VAL A 32 -5.37 1.32 25.66
CA VAL A 32 -6.13 2.57 25.51
C VAL A 32 -6.06 3.06 24.06
N ARG A 33 -4.84 3.09 23.50
CA ARG A 33 -4.47 3.46 22.13
C ARG A 33 -3.27 2.63 21.65
N ALA A 34 -3.13 2.49 20.34
CA ALA A 34 -2.02 1.78 19.67
C ALA A 34 -1.45 2.63 18.52
N CYS A 35 -2.28 2.90 17.51
CA CYS A 35 -1.91 3.67 16.32
C CYS A 35 -1.98 5.21 16.52
N SER A 36 -1.49 5.92 15.52
CA SER A 36 -1.38 7.40 15.40
C SER A 36 -1.86 7.95 14.06
N LEU A 37 -1.71 7.19 12.95
CA LEU A 37 -2.14 7.59 11.61
C LEU A 37 -3.68 7.73 11.54
N PRO A 38 -4.25 8.85 11.02
CA PRO A 38 -5.69 9.06 10.95
C PRO A 38 -6.39 8.11 9.96
N HIS A 39 -5.90 8.05 8.72
CA HIS A 39 -6.42 7.22 7.62
C HIS A 39 -6.09 5.72 7.71
N CYS A 40 -5.40 5.28 8.75
CA CYS A 40 -5.13 3.87 9.02
C CYS A 40 -6.46 3.07 9.01
N ARG A 41 -7.47 3.54 9.76
CA ARG A 41 -8.84 3.00 9.80
C ARG A 41 -9.45 2.95 8.40
N THR A 42 -9.32 4.02 7.61
CA THR A 42 -9.78 4.07 6.21
C THR A 42 -9.17 2.92 5.40
N MET A 43 -7.84 2.76 5.44
CA MET A 43 -7.14 1.65 4.77
C MET A 43 -7.58 0.28 5.31
N LYS A 44 -7.84 0.11 6.61
CA LYS A 44 -8.36 -1.15 7.19
C LYS A 44 -9.72 -1.52 6.59
N ASN A 45 -10.62 -0.56 6.37
CA ASN A 45 -11.92 -0.78 5.69
C ASN A 45 -11.67 -1.35 4.28
N VAL A 46 -10.78 -0.68 3.53
CA VAL A 46 -10.33 -1.05 2.17
C VAL A 46 -9.75 -2.47 2.17
N LEU A 47 -8.84 -2.79 3.10
CA LEU A 47 -8.20 -4.11 3.31
C LEU A 47 -9.24 -5.23 3.42
N ASN A 48 -10.22 -5.05 4.30
CA ASN A 48 -11.34 -5.96 4.50
C ASN A 48 -12.13 -6.20 3.20
N HIS A 49 -12.42 -5.14 2.44
CA HIS A 49 -13.13 -5.24 1.17
C HIS A 49 -12.29 -6.03 0.12
N MET A 50 -11.03 -5.63 -0.11
CA MET A 50 -10.08 -6.25 -1.06
C MET A 50 -10.09 -7.79 -1.09
N THR A 51 -9.98 -8.43 0.08
CA THR A 51 -9.96 -9.90 0.20
C THR A 51 -11.25 -10.56 -0.29
N HIS A 52 -12.40 -10.02 0.12
CA HIS A 52 -13.74 -10.49 -0.24
C HIS A 52 -14.14 -10.18 -1.71
N CYS A 53 -13.66 -9.06 -2.26
CA CYS A 53 -13.93 -8.60 -3.62
C CYS A 53 -13.46 -9.62 -4.69
N GLN A 54 -14.27 -9.75 -5.75
CA GLN A 54 -14.08 -10.64 -6.90
C GLN A 54 -14.28 -9.92 -8.25
N ALA A 55 -14.78 -8.69 -8.24
CA ALA A 55 -15.03 -7.86 -9.43
C ALA A 55 -13.71 -7.45 -10.14
N GLY A 56 -12.66 -7.18 -9.38
CA GLY A 56 -11.33 -6.80 -9.88
C GLY A 56 -11.36 -5.49 -10.69
N LYS A 57 -11.18 -5.60 -12.01
CA LYS A 57 -11.23 -4.47 -12.95
C LYS A 57 -12.58 -3.73 -12.91
N ALA A 58 -13.67 -4.50 -12.77
CA ALA A 58 -15.05 -4.01 -12.72
C ALA A 58 -15.44 -3.28 -11.42
N CYS A 59 -14.67 -3.42 -10.33
CA CYS A 59 -14.97 -2.76 -9.05
C CYS A 59 -14.88 -1.22 -9.20
N GLN A 60 -16.00 -0.55 -8.95
CA GLN A 60 -16.14 0.91 -9.09
C GLN A 60 -15.40 1.70 -7.99
N VAL A 61 -15.13 1.07 -6.84
CA VAL A 61 -14.44 1.67 -5.69
C VAL A 61 -12.98 2.00 -6.04
N ALA A 62 -12.63 3.29 -5.99
CA ALA A 62 -11.29 3.84 -6.24
C ALA A 62 -10.19 3.08 -5.47
N HIS A 63 -10.37 3.02 -4.15
CA HIS A 63 -9.47 2.37 -3.19
C HIS A 63 -9.19 0.90 -3.54
N CYS A 64 -10.23 0.08 -3.75
CA CYS A 64 -10.13 -1.35 -4.10
C CYS A 64 -9.25 -1.55 -5.35
N ALA A 65 -9.63 -0.92 -6.46
CA ALA A 65 -8.90 -0.97 -7.73
C ALA A 65 -7.41 -0.58 -7.57
N SER A 66 -7.14 0.51 -6.84
CA SER A 66 -5.79 1.02 -6.55
C SER A 66 -4.98 0.07 -5.66
N SER A 67 -5.47 -0.27 -4.47
CA SER A 67 -4.85 -1.16 -3.47
C SER A 67 -4.42 -2.51 -4.04
N ARG A 68 -5.26 -3.17 -4.82
CA ARG A 68 -4.89 -4.44 -5.50
C ARG A 68 -3.67 -4.22 -6.40
N GLN A 69 -3.64 -3.12 -7.16
CA GLN A 69 -2.52 -2.73 -8.04
C GLN A 69 -1.21 -2.50 -7.28
N ILE A 70 -1.19 -1.61 -6.27
CA ILE A 70 0.04 -1.32 -5.48
C ILE A 70 0.68 -2.60 -4.92
N ILE A 71 -0.12 -3.50 -4.35
CA ILE A 71 0.38 -4.79 -3.83
C ILE A 71 0.83 -5.70 -4.98
N SER A 72 0.14 -5.71 -6.12
CA SER A 72 0.56 -6.45 -7.31
C SER A 72 1.99 -6.05 -7.70
N HIS A 73 2.27 -4.75 -7.86
CA HIS A 73 3.62 -4.27 -8.15
C HIS A 73 4.61 -4.71 -7.06
N TRP A 74 4.42 -4.32 -5.79
CA TRP A 74 5.37 -4.65 -4.71
C TRP A 74 5.69 -6.16 -4.61
N LYS A 75 4.68 -7.04 -4.72
CA LYS A 75 4.84 -8.50 -4.71
C LYS A 75 5.66 -8.99 -5.92
N ASN A 76 5.37 -8.46 -7.12
CA ASN A 76 6.08 -8.79 -8.36
C ASN A 76 7.55 -8.30 -8.36
N CYS A 77 7.79 -7.07 -7.89
CA CYS A 77 9.07 -6.35 -7.91
C CYS A 77 10.23 -7.09 -7.23
N THR A 78 11.25 -7.38 -8.04
CA THR A 78 12.54 -8.00 -7.69
C THR A 78 13.72 -7.15 -8.19
N ARG A 79 13.43 -5.91 -8.62
CA ARG A 79 14.38 -4.90 -9.12
C ARG A 79 15.43 -4.53 -8.07
N HIS A 80 16.66 -4.28 -8.53
CA HIS A 80 17.81 -3.85 -7.69
C HIS A 80 17.45 -2.64 -6.81
N ASP A 81 16.88 -1.60 -7.41
CA ASP A 81 16.38 -0.40 -6.75
C ASP A 81 15.15 0.19 -7.48
N CYS A 82 14.07 0.41 -6.73
CA CYS A 82 12.77 0.96 -7.14
C CYS A 82 12.44 2.08 -6.11
N PRO A 83 11.82 3.21 -6.50
CA PRO A 83 11.57 4.36 -5.61
C PRO A 83 10.67 4.12 -4.37
N VAL A 84 10.04 2.96 -4.22
CA VAL A 84 9.19 2.62 -3.06
C VAL A 84 9.47 1.21 -2.54
N CYS A 85 9.61 0.25 -3.43
CA CYS A 85 9.86 -1.15 -3.14
C CYS A 85 11.16 -1.33 -2.34
N LEU A 86 12.30 -0.84 -2.86
CA LEU A 86 13.64 -0.91 -2.25
C LEU A 86 13.66 -0.72 -0.71
N PRO A 87 13.24 0.41 -0.11
CA PRO A 87 13.26 0.60 1.34
C PRO A 87 12.49 -0.49 2.12
N LEU A 88 11.36 -0.96 1.61
CA LEU A 88 10.54 -2.01 2.22
C LEU A 88 11.20 -3.41 2.04
N LYS A 89 11.54 -3.74 0.79
CA LYS A 89 12.17 -4.95 0.26
C LYS A 89 13.48 -5.27 0.99
N ASN A 90 14.37 -4.29 1.11
CA ASN A 90 15.65 -4.35 1.81
C ASN A 90 15.76 -3.18 2.81
N ALA A 91 15.16 -3.34 3.99
CA ALA A 91 15.18 -2.37 5.08
C ALA A 91 16.51 -2.37 5.84
N SER A 92 16.92 -3.56 6.33
CA SER A 92 18.16 -3.79 7.09
C SER A 92 19.43 -3.47 6.30
N ASP A 93 20.45 -2.96 6.98
CA ASP A 93 21.77 -2.67 6.39
C ASP A 93 22.46 -3.93 5.85
N LYS A 94 23.17 -3.80 4.72
CA LYS A 94 23.93 -4.87 4.04
C LYS A 94 25.30 -4.32 3.61
N ARG A 95 26.39 -4.97 4.07
CA ARG A 95 27.79 -4.63 3.76
C ARG A 95 28.13 -4.89 2.28
N SER B 1 12.20 2.52 15.75
CA SER B 1 12.74 2.43 14.37
C SER B 1 11.62 2.46 13.34
N ASP B 2 11.75 3.28 12.31
CA ASP B 2 10.81 3.45 11.19
C ASP B 2 11.53 3.78 9.88
N LEU B 3 10.93 3.39 8.75
CA LEU B 3 11.43 3.59 7.38
C LEU B 3 10.27 3.79 6.38
N ALA B 4 9.24 2.95 6.44
CA ALA B 4 8.07 3.04 5.56
C ALA B 4 7.34 4.39 5.72
N CYS B 5 6.89 4.70 6.93
CA CYS B 5 6.14 5.91 7.27
C CYS B 5 7.01 7.18 7.46
N ARG B 6 8.30 7.14 7.06
CA ARG B 6 9.33 8.20 7.15
C ARG B 6 8.80 9.64 7.18
N LEU B 7 8.25 10.12 6.06
CA LEU B 7 7.62 11.43 5.91
C LEU B 7 6.37 11.28 5.02
N LEU B 8 5.32 10.66 5.57
CA LEU B 8 4.02 10.48 4.90
C LEU B 8 3.36 11.83 4.55
N GLY B 9 3.46 12.79 5.47
CA GLY B 9 2.94 14.17 5.37
C GLY B 9 3.12 14.81 3.99
N GLN B 10 4.30 14.60 3.37
CA GLN B 10 4.67 15.05 2.02
C GLN B 10 3.53 14.94 0.99
N SER B 11 2.99 13.72 0.85
CA SER B 11 1.94 13.36 -0.10
C SER B 11 0.55 13.29 0.54
N MET B 12 0.45 13.01 1.85
CA MET B 12 -0.83 13.00 2.59
C MET B 12 -1.50 14.39 2.61
N ASP B 13 -0.71 15.47 2.57
CA ASP B 13 -1.19 16.85 2.50
C ASP B 13 -2.16 17.10 1.33
N GLU B 14 -1.98 16.41 0.20
CA GLU B 14 -2.82 16.48 -0.99
C GLU B 14 -4.17 15.75 -0.77
N SER B 15 -5.17 16.50 -0.28
CA SER B 15 -6.55 16.07 -0.02
C SER B 15 -6.74 14.85 0.92
N GLY B 16 -5.73 14.50 1.73
CA GLY B 16 -5.76 13.37 2.67
C GLY B 16 -5.49 12.04 1.96
N LEU B 17 -6.42 11.62 1.09
CA LEU B 17 -6.37 10.41 0.28
C LEU B 17 -6.86 10.73 -1.15
N PRO B 18 -6.21 10.21 -2.21
CA PRO B 18 -6.59 10.46 -3.60
C PRO B 18 -7.75 9.57 -4.07
N GLN B 19 -8.16 9.77 -5.33
CA GLN B 19 -9.14 8.96 -6.06
C GLN B 19 -8.46 8.36 -7.29
N LEU B 20 -7.42 7.55 -7.03
CA LEU B 20 -6.69 6.78 -8.03
C LEU B 20 -7.58 5.60 -8.50
N THR B 21 -7.14 4.91 -9.54
CA THR B 21 -7.82 3.73 -10.12
C THR B 21 -6.80 2.69 -10.54
N SER B 22 -7.26 1.48 -10.88
CA SER B 22 -6.43 0.39 -11.42
C SER B 22 -5.64 0.89 -12.63
N TYR B 23 -6.35 1.50 -13.60
CA TYR B 23 -5.77 2.12 -14.80
C TYR B 23 -4.65 3.11 -14.45
N ASP B 24 -4.95 4.15 -13.66
CA ASP B 24 -3.97 5.16 -13.23
C ASP B 24 -2.72 4.53 -12.60
N CYS B 25 -2.91 3.64 -11.63
CA CYS B 25 -1.82 2.95 -10.93
C CYS B 25 -0.98 2.08 -11.88
N GLU B 26 -1.60 1.24 -12.73
CA GLU B 26 -0.93 0.41 -13.74
C GLU B 26 -0.09 1.26 -14.71
N VAL B 27 -0.66 2.37 -15.19
CA VAL B 27 -0.01 3.35 -16.09
C VAL B 27 1.21 3.99 -15.45
N ASN B 28 1.08 4.50 -14.21
CA ASN B 28 2.14 5.19 -13.49
C ASN B 28 3.26 4.27 -12.96
N ALA B 29 2.93 3.07 -12.48
CA ALA B 29 3.88 2.08 -11.95
C ALA B 29 3.59 0.66 -12.49
N PRO B 30 3.96 0.36 -13.76
CA PRO B 30 3.74 -0.95 -14.39
C PRO B 30 4.31 -2.13 -13.59
N ILE B 31 3.58 -3.25 -13.60
CA ILE B 31 3.92 -4.50 -12.93
C ILE B 31 4.87 -5.34 -13.81
N GLN B 32 5.79 -6.12 -13.22
CA GLN B 32 6.76 -6.92 -13.96
C GLN B 32 6.13 -7.90 -14.97
N GLY B 33 5.21 -8.76 -14.54
CA GLY B 33 4.53 -9.70 -15.44
C GLY B 33 3.90 -10.96 -14.82
N SER B 34 4.37 -11.42 -13.66
CA SER B 34 3.89 -12.63 -12.96
C SER B 34 2.37 -12.62 -12.72
N ARG B 35 1.83 -11.48 -12.27
CA ARG B 35 0.40 -11.19 -12.05
C ARG B 35 0.07 -9.74 -12.43
N ASN B 36 -1.22 -9.43 -12.57
CA ASN B 36 -1.75 -8.08 -12.89
C ASN B 36 -2.70 -7.56 -11.79
N LEU B 37 -3.48 -8.45 -11.16
CA LEU B 37 -4.34 -8.15 -10.01
C LEU B 37 -4.19 -9.24 -8.94
N LEU B 38 -3.33 -8.97 -7.96
CA LEU B 38 -3.06 -9.76 -6.76
C LEU B 38 -4.32 -9.65 -5.87
N GLN B 39 -4.97 -10.79 -5.54
CA GLN B 39 -6.26 -10.84 -4.83
C GLN B 39 -6.33 -11.93 -3.75
N GLY B 40 -7.29 -11.79 -2.83
CA GLY B 40 -7.60 -12.72 -1.73
C GLY B 40 -6.49 -12.90 -0.70
N GLU B 41 -6.32 -14.12 -0.17
CA GLU B 41 -5.33 -14.44 0.87
C GLU B 41 -3.90 -13.99 0.52
N GLU B 42 -3.53 -14.07 -0.77
CA GLU B 42 -2.24 -13.61 -1.29
C GLU B 42 -1.95 -12.13 -0.92
N LEU B 43 -2.98 -11.27 -0.86
CA LEU B 43 -2.85 -9.88 -0.43
C LEU B 43 -2.22 -9.82 0.96
N LEU B 44 -2.87 -10.45 1.94
CA LEU B 44 -2.45 -10.48 3.34
C LEU B 44 -1.04 -11.06 3.48
N ARG B 45 -0.73 -12.16 2.78
CA ARG B 45 0.61 -12.77 2.72
C ARG B 45 1.66 -11.76 2.24
N ALA B 46 1.38 -11.07 1.13
CA ALA B 46 2.22 -10.00 0.58
C ALA B 46 2.42 -8.87 1.60
N LEU B 47 1.35 -8.32 2.20
CA LEU B 47 1.41 -7.26 3.22
C LEU B 47 2.30 -7.67 4.43
N ASP B 48 2.10 -8.87 4.96
CA ASP B 48 2.81 -9.41 6.12
C ASP B 48 4.33 -9.56 5.94
N GLN B 49 4.82 -9.75 4.70
CA GLN B 49 6.24 -9.96 4.38
C GLN B 49 7.19 -8.81 4.82
N VAL B 50 6.66 -7.62 5.15
CA VAL B 50 7.43 -6.46 5.64
C VAL B 50 8.20 -6.81 6.93
N ASN B 51 7.47 -7.38 7.91
CA ASN B 51 7.91 -7.79 9.25
C ASN B 51 8.93 -6.85 9.94
N ALA A 1 1.59 8.50 -17.53
CA ALA A 1 1.99 8.63 -16.11
C ALA A 1 2.21 10.10 -15.74
N ASP A 2 2.12 10.45 -14.45
CA ASP A 2 2.27 11.81 -13.92
C ASP A 2 3.03 11.81 -12.56
N PRO A 3 4.02 12.72 -12.36
CA PRO A 3 4.79 12.82 -11.11
C PRO A 3 3.94 12.83 -9.83
N GLU A 4 2.90 13.68 -9.76
CA GLU A 4 2.03 13.77 -8.59
C GLU A 4 1.25 12.47 -8.34
N LYS A 5 0.74 11.82 -9.39
CA LYS A 5 0.08 10.50 -9.24
C LYS A 5 1.06 9.48 -8.66
N ARG A 6 2.35 9.53 -9.01
CA ARG A 6 3.39 8.67 -8.42
C ARG A 6 3.56 8.97 -6.92
N LYS A 7 3.61 10.25 -6.50
CA LYS A 7 3.65 10.67 -5.09
C LYS A 7 2.47 10.07 -4.30
N LEU A 8 1.26 10.21 -4.85
CA LEU A 8 0.02 9.64 -4.30
C LEU A 8 0.11 8.12 -4.18
N ILE A 9 0.58 7.42 -5.22
CA ILE A 9 0.82 5.98 -5.23
C ILE A 9 1.81 5.57 -4.12
N GLN A 10 2.95 6.23 -3.99
CA GLN A 10 3.92 5.98 -2.89
C GLN A 10 3.19 6.01 -1.54
N GLN A 11 2.50 7.12 -1.26
CA GLN A 11 1.70 7.33 -0.04
C GLN A 11 0.73 6.18 0.20
N GLN A 12 -0.14 5.87 -0.76
CA GLN A 12 -1.11 4.77 -0.69
C GLN A 12 -0.45 3.41 -0.40
N LEU A 13 0.69 3.10 -1.05
CA LEU A 13 1.47 1.87 -0.83
C LEU A 13 1.89 1.77 0.64
N VAL A 14 2.58 2.79 1.15
CA VAL A 14 3.03 2.90 2.55
C VAL A 14 1.85 2.84 3.55
N LEU A 15 0.79 3.62 3.35
CA LEU A 15 -0.40 3.58 4.22
C LEU A 15 -1.03 2.19 4.26
N LEU A 16 -1.23 1.55 3.11
CA LEU A 16 -1.81 0.20 3.00
C LEU A 16 -0.98 -0.84 3.75
N LEU A 17 0.35 -0.78 3.62
CA LEU A 17 1.28 -1.65 4.35
C LEU A 17 1.12 -1.43 5.86
N HIS A 18 1.13 -0.17 6.32
CA HIS A 18 0.89 0.19 7.72
C HIS A 18 -0.46 -0.40 8.18
N ALA A 19 -1.56 -0.22 7.44
CA ALA A 19 -2.91 -0.69 7.77
C ALA A 19 -2.95 -2.13 8.32
N HIS A 20 -2.35 -3.10 7.61
CA HIS A 20 -2.28 -4.49 8.11
C HIS A 20 -1.30 -4.63 9.29
N LYS A 21 -0.11 -4.00 9.22
CA LYS A 21 0.89 -3.99 10.31
C LYS A 21 0.31 -3.47 11.63
N CYS A 22 -0.54 -2.45 11.58
CA CYS A 22 -1.30 -1.82 12.64
C CYS A 22 -2.20 -2.87 13.34
N GLN A 23 -3.03 -3.56 12.55
CA GLN A 23 -3.88 -4.69 12.99
C GLN A 23 -3.03 -5.83 13.59
N ARG A 24 -1.91 -6.19 12.96
CA ARG A 24 -0.96 -7.22 13.40
C ARG A 24 -0.38 -6.88 14.79
N ARG A 25 0.16 -5.68 14.96
CA ARG A 25 0.72 -5.14 16.22
C ARG A 25 -0.28 -5.28 17.38
N GLU A 26 -1.50 -4.77 17.17
CA GLU A 26 -2.62 -4.84 18.12
C GLU A 26 -2.93 -6.28 18.55
N GLN A 27 -3.17 -7.18 17.58
CA GLN A 27 -3.46 -8.61 17.81
C GLN A 27 -2.32 -9.34 18.54
N ALA A 28 -1.07 -9.14 18.09
CA ALA A 28 0.14 -9.74 18.65
C ALA A 28 0.32 -9.42 20.14
N ASN A 29 0.27 -8.14 20.51
CA ASN A 29 0.41 -7.66 21.89
C ASN A 29 -0.31 -6.32 22.12
N GLY A 30 0.04 -5.32 21.30
CA GLY A 30 -0.40 -3.92 21.39
C GLY A 30 0.78 -3.01 21.77
N GLU A 31 0.58 -1.70 21.64
CA GLU A 31 1.55 -0.65 21.96
C GLU A 31 0.81 0.63 22.38
N VAL A 32 1.45 1.50 23.18
CA VAL A 32 0.90 2.79 23.64
C VAL A 32 0.41 3.62 22.44
N ARG A 33 1.21 3.64 21.37
CA ARG A 33 0.93 4.23 20.06
C ARG A 33 0.96 3.12 19.00
N ALA A 34 -0.09 2.29 18.98
CA ALA A 34 -0.25 1.18 18.04
C ALA A 34 -0.24 1.69 16.60
N CYS A 35 -1.22 2.55 16.28
CA CYS A 35 -1.38 3.26 15.03
C CYS A 35 -0.47 4.53 14.98
N SER A 36 -0.32 5.13 13.80
CA SER A 36 0.54 6.30 13.57
C SER A 36 -0.08 7.45 12.75
N LEU A 37 -1.11 7.19 11.92
CA LEU A 37 -1.75 8.20 11.07
C LEU A 37 -3.29 8.12 11.11
N PRO A 38 -4.05 9.23 11.13
CA PRO A 38 -5.52 9.21 11.16
C PRO A 38 -6.13 8.58 9.90
N HIS A 39 -5.43 8.68 8.76
CA HIS A 39 -5.80 8.14 7.44
C HIS A 39 -5.76 6.60 7.37
N CYS A 40 -5.11 5.94 8.33
CA CYS A 40 -5.00 4.48 8.47
C CYS A 40 -6.39 3.81 8.45
N ARG A 41 -7.37 4.39 9.15
CA ARG A 41 -8.78 3.95 9.22
C ARG A 41 -9.36 3.61 7.84
N THR A 42 -9.21 4.51 6.87
CA THR A 42 -9.68 4.29 5.49
C THR A 42 -9.00 3.06 4.89
N MET A 43 -7.66 2.99 4.95
CA MET A 43 -6.90 1.82 4.46
C MET A 43 -7.31 0.51 5.17
N LYS A 44 -7.53 0.51 6.49
CA LYS A 44 -7.99 -0.66 7.28
C LYS A 44 -9.38 -1.12 6.83
N ASN A 45 -10.32 -0.19 6.65
CA ASN A 45 -11.65 -0.48 6.09
C ASN A 45 -11.52 -1.10 4.68
N VAL A 46 -10.72 -0.47 3.82
CA VAL A 46 -10.40 -0.94 2.45
C VAL A 46 -9.82 -2.36 2.48
N LEU A 47 -8.81 -2.62 3.31
CA LEU A 47 -8.17 -3.93 3.54
C LEU A 47 -9.19 -5.02 3.86
N ASN A 48 -10.06 -4.79 4.85
CA ASN A 48 -11.14 -5.71 5.23
C ASN A 48 -12.05 -6.04 4.03
N HIS A 49 -12.44 -5.03 3.25
CA HIS A 49 -13.22 -5.22 2.03
C HIS A 49 -12.44 -6.05 0.99
N MET A 50 -11.20 -5.66 0.69
CA MET A 50 -10.25 -6.26 -0.28
C MET A 50 -10.16 -7.79 -0.23
N THR A 51 -10.01 -8.39 0.96
CA THR A 51 -9.93 -9.85 1.13
C THR A 51 -11.20 -10.57 0.67
N HIS A 52 -12.36 -10.06 1.09
CA HIS A 52 -13.69 -10.59 0.76
C HIS A 52 -14.05 -10.39 -0.72
N CYS A 53 -13.89 -9.17 -1.25
CA CYS A 53 -14.13 -8.81 -2.64
C CYS A 53 -13.16 -9.57 -3.59
N GLN A 54 -13.64 -9.92 -4.78
CA GLN A 54 -12.93 -10.64 -5.85
C GLN A 54 -13.07 -9.96 -7.22
N ALA A 55 -13.70 -8.79 -7.28
CA ALA A 55 -13.97 -8.04 -8.51
C ALA A 55 -12.74 -7.26 -9.02
N GLY A 56 -12.18 -6.37 -8.21
CA GLY A 56 -11.00 -5.55 -8.54
C GLY A 56 -11.26 -4.52 -9.64
N LYS A 57 -11.08 -4.90 -10.91
CA LYS A 57 -11.33 -4.05 -12.10
C LYS A 57 -12.79 -3.57 -12.13
N ALA A 58 -13.72 -4.50 -11.94
CA ALA A 58 -15.17 -4.27 -11.95
C ALA A 58 -15.73 -3.65 -10.65
N CYS A 59 -14.96 -3.62 -9.54
CA CYS A 59 -15.37 -3.06 -8.26
C CYS A 59 -15.58 -1.53 -8.36
N GLN A 60 -16.70 -1.06 -7.83
CA GLN A 60 -17.10 0.35 -7.81
C GLN A 60 -16.17 1.21 -6.91
N VAL A 61 -15.65 0.62 -5.83
CA VAL A 61 -14.77 1.27 -4.85
C VAL A 61 -13.39 1.57 -5.48
N ALA A 62 -13.06 2.87 -5.61
CA ALA A 62 -11.80 3.38 -6.15
C ALA A 62 -10.57 2.73 -5.47
N HIS A 63 -10.59 2.74 -4.13
CA HIS A 63 -9.54 2.19 -3.27
C HIS A 63 -9.33 0.68 -3.46
N CYS A 64 -10.38 -0.13 -3.66
CA CYS A 64 -10.27 -1.59 -3.93
C CYS A 64 -9.42 -1.82 -5.20
N ALA A 65 -9.85 -1.24 -6.33
CA ALA A 65 -9.14 -1.28 -7.60
C ALA A 65 -7.66 -0.87 -7.48
N SER A 66 -7.39 0.21 -6.73
CA SER A 66 -6.04 0.75 -6.48
C SER A 66 -5.17 -0.15 -5.60
N SER A 67 -5.62 -0.45 -4.37
CA SER A 67 -4.93 -1.26 -3.35
C SER A 67 -4.42 -2.62 -3.85
N ARG A 68 -5.22 -3.33 -4.64
CA ARG A 68 -4.80 -4.61 -5.26
C ARG A 68 -3.60 -4.43 -6.19
N GLN A 69 -3.54 -3.33 -6.94
CA GLN A 69 -2.48 -2.96 -7.87
C GLN A 69 -1.16 -2.65 -7.14
N ILE A 70 -1.16 -1.72 -6.18
CA ILE A 70 0.05 -1.34 -5.40
C ILE A 70 0.76 -2.57 -4.79
N ILE A 71 0.00 -3.49 -4.19
CA ILE A 71 0.56 -4.72 -3.62
C ILE A 71 1.07 -5.66 -4.70
N SER A 72 0.36 -5.81 -5.83
CA SER A 72 0.85 -6.59 -6.99
C SER A 72 2.24 -6.09 -7.40
N HIS A 73 2.39 -4.78 -7.59
CA HIS A 73 3.67 -4.14 -7.90
C HIS A 73 4.74 -4.51 -6.85
N TRP A 74 4.57 -4.12 -5.57
CA TRP A 74 5.58 -4.39 -4.53
C TRP A 74 5.99 -5.88 -4.42
N LYS A 75 5.01 -6.80 -4.46
CA LYS A 75 5.23 -8.26 -4.41
C LYS A 75 6.12 -8.74 -5.57
N ASN A 76 5.82 -8.30 -6.79
CA ASN A 76 6.56 -8.64 -8.01
C ASN A 76 7.93 -7.97 -8.12
N CYS A 77 8.04 -6.69 -7.73
CA CYS A 77 9.24 -5.87 -7.82
C CYS A 77 10.44 -6.46 -7.07
N THR A 78 11.52 -6.67 -7.81
CA THR A 78 12.83 -7.19 -7.39
C THR A 78 13.97 -6.34 -7.99
N ARG A 79 13.64 -5.07 -8.31
CA ARG A 79 14.48 -4.03 -8.90
C ARG A 79 15.63 -3.60 -7.97
N HIS A 80 16.76 -3.19 -8.56
CA HIS A 80 17.95 -2.65 -7.89
C HIS A 80 17.57 -1.52 -6.92
N ASP A 81 16.81 -0.54 -7.41
CA ASP A 81 16.23 0.56 -6.65
C ASP A 81 14.93 1.08 -7.32
N CYS A 82 13.86 1.14 -6.54
CA CYS A 82 12.51 1.61 -6.87
C CYS A 82 12.12 2.60 -5.73
N PRO A 83 11.38 3.68 -6.01
CA PRO A 83 11.06 4.74 -5.02
C PRO A 83 10.22 4.35 -3.80
N VAL A 84 9.90 3.07 -3.60
CA VAL A 84 9.17 2.57 -2.42
C VAL A 84 9.75 1.23 -1.97
N CYS A 85 9.89 0.29 -2.90
CA CYS A 85 10.40 -1.06 -2.73
C CYS A 85 11.77 -1.07 -2.04
N LEU A 86 12.71 -0.26 -2.53
CA LEU A 86 14.06 -0.12 -1.96
C LEU A 86 14.03 0.16 -0.44
N PRO A 87 13.51 1.30 0.07
CA PRO A 87 13.47 1.55 1.52
C PRO A 87 12.69 0.48 2.31
N LEU A 88 11.55 -0.01 1.80
CA LEU A 88 10.76 -1.08 2.42
C LEU A 88 11.61 -2.36 2.61
N LYS A 89 12.37 -2.77 1.59
CA LYS A 89 13.30 -3.92 1.62
C LYS A 89 14.46 -3.66 2.59
N ASN A 90 15.16 -2.54 2.42
CA ASN A 90 16.30 -2.14 3.22
C ASN A 90 16.40 -0.62 3.44
N ALA A 91 16.33 -0.21 4.71
CA ALA A 91 16.48 1.17 5.19
C ALA A 91 17.46 1.17 6.37
N SER A 92 17.13 0.39 7.42
CA SER A 92 17.97 0.16 8.59
C SER A 92 19.12 -0.79 8.24
N ASP A 93 20.30 -0.64 8.87
CA ASP A 93 21.45 -1.51 8.62
C ASP A 93 21.17 -2.97 9.04
N LYS A 94 21.54 -3.93 8.18
CA LYS A 94 21.39 -5.38 8.37
C LYS A 94 22.71 -6.08 8.02
N ARG A 95 23.40 -6.59 9.05
CA ARG A 95 24.69 -7.31 8.96
C ARG A 95 24.56 -8.65 8.22
N SER B 1 10.61 10.63 13.20
CA SER B 1 11.45 10.12 12.09
C SER B 1 10.68 9.17 11.20
N ASP B 2 10.79 9.34 9.88
CA ASP B 2 10.15 8.51 8.84
C ASP B 2 11.06 8.36 7.60
N LEU B 3 10.92 7.26 6.86
CA LEU B 3 11.62 6.93 5.63
C LEU B 3 10.93 5.74 4.94
N ALA B 4 10.10 6.05 3.95
CA ALA B 4 9.35 5.10 3.12
C ALA B 4 9.09 5.77 1.76
N CYS B 5 8.17 6.73 1.70
CA CYS B 5 7.98 7.60 0.53
C CYS B 5 9.20 8.54 0.43
N ARG B 6 9.42 9.25 1.56
CA ARG B 6 10.49 10.19 1.92
C ARG B 6 10.18 10.67 3.34
N LEU B 7 9.07 11.41 3.47
CA LEU B 7 8.44 11.92 4.69
C LEU B 7 6.92 11.96 4.52
N LEU B 8 6.18 11.01 5.11
CA LEU B 8 4.71 11.01 5.08
C LEU B 8 4.19 12.26 5.82
N GLY B 9 3.54 13.14 5.06
CA GLY B 9 3.01 14.44 5.50
C GLY B 9 3.14 15.49 4.38
N GLN B 10 4.29 15.49 3.70
CA GLN B 10 4.66 16.36 2.58
C GLN B 10 3.54 16.47 1.52
N SER B 11 3.30 15.36 0.81
CA SER B 11 2.28 15.26 -0.24
C SER B 11 0.86 15.02 0.32
N MET B 12 0.74 14.52 1.56
CA MET B 12 -0.54 14.30 2.25
C MET B 12 -1.32 15.61 2.39
N ASP B 13 -0.62 16.72 2.65
CA ASP B 13 -1.18 18.07 2.75
C ASP B 13 -2.00 18.50 1.52
N GLU B 14 -1.55 18.11 0.31
CA GLU B 14 -2.18 18.45 -0.97
C GLU B 14 -3.58 17.84 -1.19
N SER B 15 -3.72 16.52 -1.00
CA SER B 15 -4.95 15.75 -1.30
C SER B 15 -5.57 14.98 -0.13
N GLY B 16 -4.83 14.68 0.94
CA GLY B 16 -5.28 13.89 2.10
C GLY B 16 -5.26 12.40 1.76
N LEU B 17 -6.28 11.95 1.03
CA LEU B 17 -6.47 10.59 0.50
C LEU B 17 -7.01 10.71 -0.94
N PRO B 18 -6.30 10.18 -1.96
CA PRO B 18 -6.71 10.29 -3.35
C PRO B 18 -7.80 9.30 -3.74
N GLN B 19 -8.29 9.44 -4.97
CA GLN B 19 -9.22 8.53 -5.64
C GLN B 19 -8.56 8.04 -6.94
N LEU B 20 -7.52 7.23 -6.75
CA LEU B 20 -6.80 6.54 -7.82
C LEU B 20 -7.72 5.42 -8.36
N THR B 21 -7.27 4.74 -9.40
CA THR B 21 -7.96 3.61 -10.02
C THR B 21 -6.95 2.54 -10.41
N SER B 22 -7.43 1.33 -10.77
CA SER B 22 -6.56 0.26 -11.27
C SER B 22 -5.77 0.76 -12.48
N TYR B 23 -6.45 1.41 -13.43
CA TYR B 23 -5.88 2.09 -14.61
C TYR B 23 -4.73 3.04 -14.21
N ASP B 24 -5.00 4.04 -13.35
CA ASP B 24 -3.98 5.00 -12.88
C ASP B 24 -2.74 4.29 -12.33
N CYS B 25 -2.96 3.37 -11.38
CA CYS B 25 -1.91 2.61 -10.72
C CYS B 25 -1.09 1.74 -11.69
N GLU B 26 -1.74 0.94 -12.56
CA GLU B 26 -1.10 0.11 -13.60
C GLU B 26 -0.17 0.93 -14.49
N VAL B 27 -0.66 2.07 -14.98
CA VAL B 27 0.04 3.02 -15.86
C VAL B 27 1.26 3.66 -15.17
N ASN B 28 1.08 4.20 -13.97
CA ASN B 28 2.12 4.91 -13.22
C ASN B 28 3.17 4.00 -12.56
N ALA B 29 2.76 2.86 -11.98
CA ALA B 29 3.61 1.89 -11.29
C ALA B 29 3.30 0.44 -11.77
N PRO B 30 3.85 0.01 -12.93
CA PRO B 30 3.66 -1.31 -13.51
C PRO B 30 4.09 -2.50 -12.62
N ILE B 31 3.68 -3.70 -13.03
CA ILE B 31 3.97 -4.99 -12.39
C ILE B 31 4.98 -5.75 -13.27
N GLN B 32 6.07 -6.23 -12.67
CA GLN B 32 7.15 -6.95 -13.37
C GLN B 32 6.68 -8.28 -13.98
N GLY B 33 5.99 -9.10 -13.18
CA GLY B 33 5.47 -10.43 -13.56
C GLY B 33 4.06 -10.41 -14.14
N SER B 34 3.47 -11.60 -14.28
CA SER B 34 2.14 -11.87 -14.88
C SER B 34 0.92 -11.36 -14.08
N ARG B 35 1.08 -10.96 -12.80
CA ARG B 35 -0.01 -10.43 -11.96
C ARG B 35 -0.56 -9.11 -12.50
N ASN B 36 -1.74 -8.75 -12.00
CA ASN B 36 -2.49 -7.52 -12.35
C ASN B 36 -3.15 -6.88 -11.12
N LEU B 37 -3.94 -7.65 -10.37
CA LEU B 37 -4.62 -7.27 -9.13
C LEU B 37 -4.58 -8.45 -8.15
N LEU B 38 -3.92 -8.28 -7.01
CA LEU B 38 -3.74 -9.26 -5.93
C LEU B 38 -5.11 -9.56 -5.25
N GLN B 39 -5.35 -10.82 -4.86
CA GLN B 39 -6.62 -11.30 -4.30
C GLN B 39 -6.49 -12.08 -2.97
N GLY B 40 -7.53 -11.99 -2.13
CA GLY B 40 -7.73 -12.72 -0.86
C GLY B 40 -6.52 -12.85 0.07
N GLU B 41 -6.27 -14.06 0.58
CA GLU B 41 -5.22 -14.37 1.56
C GLU B 41 -3.80 -13.89 1.16
N GLU B 42 -3.45 -13.95 -0.13
CA GLU B 42 -2.17 -13.48 -0.66
C GLU B 42 -1.92 -12.01 -0.30
N LEU B 43 -2.97 -11.18 -0.18
CA LEU B 43 -2.89 -9.78 0.21
C LEU B 43 -2.18 -9.69 1.56
N LEU B 44 -2.82 -10.23 2.60
CA LEU B 44 -2.34 -10.20 3.97
C LEU B 44 -0.91 -10.76 4.08
N ARG B 45 -0.63 -11.89 3.42
CA ARG B 45 0.72 -12.48 3.35
C ARG B 45 1.75 -11.48 2.81
N ALA B 46 1.46 -10.85 1.67
CA ALA B 46 2.29 -9.82 1.06
C ALA B 46 2.48 -8.59 1.96
N LEU B 47 1.40 -8.08 2.60
CA LEU B 47 1.46 -6.94 3.52
C LEU B 47 2.31 -7.23 4.78
N ASP B 48 2.13 -8.41 5.38
CA ASP B 48 2.78 -8.83 6.62
C ASP B 48 4.32 -8.85 6.58
N GLN B 49 4.93 -9.20 5.44
CA GLN B 49 6.39 -9.33 5.26
C GLN B 49 7.25 -8.14 5.74
N VAL B 50 6.66 -6.95 5.91
CA VAL B 50 7.34 -5.74 6.42
C VAL B 50 7.90 -5.92 7.83
N ASN B 51 7.19 -6.65 8.72
CA ASN B 51 7.56 -6.86 10.13
C ASN B 51 8.92 -7.57 10.32
N ALA A 1 1.11 8.91 -17.42
CA ALA A 1 1.65 8.95 -16.04
C ALA A 1 1.98 10.39 -15.63
N ASP A 2 1.93 10.71 -14.34
CA ASP A 2 2.17 12.05 -13.78
C ASP A 2 2.85 11.99 -12.39
N PRO A 3 3.81 12.89 -12.07
CA PRO A 3 4.49 12.90 -10.77
C PRO A 3 3.55 13.05 -9.57
N GLU A 4 2.44 13.77 -9.69
CA GLU A 4 1.43 13.90 -8.62
C GLU A 4 0.76 12.54 -8.35
N LYS A 5 0.34 11.82 -9.40
CA LYS A 5 -0.23 10.47 -9.27
C LYS A 5 0.81 9.51 -8.68
N ARG A 6 2.08 9.61 -9.08
CA ARG A 6 3.18 8.79 -8.53
C ARG A 6 3.36 9.05 -7.03
N LYS A 7 3.45 10.31 -6.56
CA LYS A 7 3.55 10.63 -5.12
C LYS A 7 2.33 10.13 -4.33
N LEU A 8 1.12 10.21 -4.90
CA LEU A 8 -0.11 9.65 -4.33
C LEU A 8 0.04 8.13 -4.15
N ILE A 9 0.49 7.43 -5.19
CA ILE A 9 0.76 5.98 -5.20
C ILE A 9 1.79 5.62 -4.13
N GLN A 10 2.93 6.33 -4.03
CA GLN A 10 3.95 6.15 -2.99
C GLN A 10 3.31 6.19 -1.59
N GLN A 11 2.57 7.26 -1.30
CA GLN A 11 1.83 7.48 -0.05
C GLN A 11 0.89 6.29 0.23
N GLN A 12 -0.02 5.97 -0.69
CA GLN A 12 -0.97 4.84 -0.62
C GLN A 12 -0.29 3.50 -0.30
N LEU A 13 0.82 3.17 -0.97
CA LEU A 13 1.61 1.95 -0.79
C LEU A 13 2.03 1.84 0.68
N VAL A 14 2.71 2.86 1.21
CA VAL A 14 3.17 2.96 2.60
C VAL A 14 2.00 2.91 3.60
N LEU A 15 0.93 3.69 3.39
CA LEU A 15 -0.25 3.68 4.27
C LEU A 15 -0.87 2.27 4.39
N LEU A 16 -1.07 1.58 3.26
CA LEU A 16 -1.63 0.23 3.18
C LEU A 16 -0.79 -0.78 4.00
N LEU A 17 0.53 -0.75 3.80
CA LEU A 17 1.50 -1.57 4.53
C LEU A 17 1.39 -1.32 6.05
N HIS A 18 1.42 -0.05 6.48
CA HIS A 18 1.23 0.34 7.88
C HIS A 18 -0.09 -0.22 8.43
N ALA A 19 -1.22 0.01 7.76
CA ALA A 19 -2.56 -0.43 8.16
C ALA A 19 -2.60 -1.90 8.61
N HIS A 20 -2.04 -2.83 7.83
CA HIS A 20 -1.97 -4.24 8.21
C HIS A 20 -1.11 -4.46 9.46
N LYS A 21 0.09 -3.89 9.54
CA LYS A 21 0.96 -3.98 10.74
C LYS A 21 0.25 -3.45 11.99
N CYS A 22 -0.41 -2.30 11.87
CA CYS A 22 -1.21 -1.65 12.90
C CYS A 22 -2.30 -2.61 13.41
N GLN A 23 -3.11 -3.18 12.49
CA GLN A 23 -4.14 -4.18 12.78
C GLN A 23 -3.55 -5.42 13.48
N ARG A 24 -2.52 -6.03 12.89
CA ARG A 24 -1.77 -7.20 13.40
C ARG A 24 -1.31 -6.96 14.85
N ARG A 25 -0.58 -5.86 15.07
CA ARG A 25 -0.07 -5.38 16.37
C ARG A 25 -1.19 -5.26 17.40
N GLU A 26 -2.23 -4.49 17.09
CA GLU A 26 -3.41 -4.28 17.94
C GLU A 26 -4.06 -5.62 18.36
N GLN A 27 -4.36 -6.50 17.40
CA GLN A 27 -4.95 -7.83 17.63
C GLN A 27 -4.06 -8.71 18.52
N ALA A 28 -2.77 -8.81 18.25
CA ALA A 28 -1.79 -9.60 19.01
C ALA A 28 -1.56 -9.02 20.43
N ASN A 29 -0.90 -7.85 20.51
CA ASN A 29 -0.59 -7.08 21.70
C ASN A 29 -0.05 -5.69 21.28
N GLY A 30 -0.85 -4.63 21.46
CA GLY A 30 -0.50 -3.25 21.10
C GLY A 30 -0.62 -2.28 22.28
N GLU A 31 0.28 -2.42 23.26
CA GLU A 31 0.35 -1.59 24.47
C GLU A 31 0.71 -0.13 24.09
N VAL A 32 1.88 0.06 23.49
CA VAL A 32 2.34 1.37 22.98
C VAL A 32 1.75 1.53 21.56
N ARG A 33 0.81 2.46 21.39
CA ARG A 33 0.14 2.75 20.11
C ARG A 33 1.10 3.45 19.14
N ALA A 34 1.63 2.69 18.18
CA ALA A 34 2.56 3.16 17.16
C ALA A 34 1.89 4.09 16.12
N CYS A 35 0.58 3.88 15.88
CA CYS A 35 -0.24 4.60 14.91
C CYS A 35 -0.20 6.14 15.10
N SER A 36 0.25 6.83 14.05
CA SER A 36 0.38 8.29 13.97
C SER A 36 -0.15 8.82 12.61
N LEU A 37 -1.12 8.12 12.03
CA LEU A 37 -1.71 8.37 10.70
C LEU A 37 -3.25 8.31 10.76
N PRO A 38 -3.99 9.45 10.72
CA PRO A 38 -5.46 9.47 10.74
C PRO A 38 -6.12 8.52 9.73
N HIS A 39 -5.60 8.50 8.50
CA HIS A 39 -6.06 7.69 7.36
C HIS A 39 -5.83 6.17 7.49
N CYS A 40 -5.08 5.71 8.50
CA CYS A 40 -4.81 4.29 8.78
C CYS A 40 -6.13 3.49 8.88
N ARG A 41 -7.10 3.97 9.67
CA ARG A 41 -8.45 3.37 9.82
C ARG A 41 -9.13 3.16 8.46
N THR A 42 -9.06 4.15 7.56
CA THR A 42 -9.59 4.07 6.20
C THR A 42 -8.90 2.95 5.42
N MET A 43 -7.56 2.90 5.45
CA MET A 43 -6.80 1.80 4.83
C MET A 43 -7.15 0.43 5.43
N LYS A 44 -7.38 0.31 6.75
CA LYS A 44 -7.83 -0.95 7.39
C LYS A 44 -9.18 -1.40 6.85
N ASN A 45 -10.14 -0.49 6.66
CA ASN A 45 -11.44 -0.78 6.04
C ASN A 45 -11.24 -1.31 4.61
N VAL A 46 -10.42 -0.62 3.81
CA VAL A 46 -10.02 -1.01 2.44
C VAL A 46 -9.42 -2.43 2.45
N LEU A 47 -8.39 -2.67 3.27
CA LEU A 47 -7.70 -3.95 3.51
C LEU A 47 -8.68 -5.11 3.82
N ASN A 48 -9.53 -4.93 4.83
CA ASN A 48 -10.57 -5.89 5.24
C ASN A 48 -11.49 -6.26 4.07
N HIS A 49 -11.95 -5.27 3.31
CA HIS A 49 -12.78 -5.51 2.13
C HIS A 49 -11.98 -6.25 1.03
N MET A 50 -10.76 -5.79 0.71
CA MET A 50 -9.83 -6.32 -0.30
C MET A 50 -9.68 -7.85 -0.29
N THR A 51 -9.49 -8.47 0.88
CA THR A 51 -9.33 -9.92 1.04
C THR A 51 -10.58 -10.70 0.61
N HIS A 52 -11.75 -10.25 1.08
CA HIS A 52 -13.07 -10.84 0.79
C HIS A 52 -13.50 -10.62 -0.67
N CYS A 53 -13.33 -9.39 -1.17
CA CYS A 53 -13.63 -8.98 -2.54
C CYS A 53 -12.77 -9.76 -3.56
N GLN A 54 -13.37 -10.11 -4.71
CA GLN A 54 -12.73 -10.83 -5.81
C GLN A 54 -12.87 -10.12 -7.17
N ALA A 55 -13.61 -9.00 -7.20
CA ALA A 55 -13.86 -8.20 -8.40
C ALA A 55 -12.60 -7.44 -8.87
N GLY A 56 -12.00 -6.62 -7.99
CA GLY A 56 -10.80 -5.82 -8.28
C GLY A 56 -11.05 -4.73 -9.32
N LYS A 57 -10.88 -5.07 -10.61
CA LYS A 57 -11.13 -4.21 -11.78
C LYS A 57 -12.57 -3.67 -11.78
N ALA A 58 -13.54 -4.56 -11.59
CA ALA A 58 -14.98 -4.28 -11.61
C ALA A 58 -15.57 -3.68 -10.32
N CYS A 59 -14.86 -3.69 -9.18
CA CYS A 59 -15.35 -3.14 -7.92
C CYS A 59 -15.52 -1.62 -8.01
N GLN A 60 -16.67 -1.13 -7.53
CA GLN A 60 -17.06 0.29 -7.55
C GLN A 60 -16.16 1.18 -6.68
N VAL A 61 -15.70 0.67 -5.54
CA VAL A 61 -14.84 1.36 -4.57
C VAL A 61 -13.47 1.69 -5.21
N ALA A 62 -13.09 2.98 -5.20
CA ALA A 62 -11.84 3.50 -5.77
C ALA A 62 -10.58 2.76 -5.24
N HIS A 63 -10.32 2.88 -3.93
CA HIS A 63 -9.19 2.27 -3.25
C HIS A 63 -9.08 0.74 -3.40
N CYS A 64 -10.20 0.02 -3.46
CA CYS A 64 -10.26 -1.44 -3.62
C CYS A 64 -9.45 -1.90 -4.86
N ALA A 65 -9.67 -1.23 -6.01
CA ALA A 65 -8.95 -1.46 -7.26
C ALA A 65 -7.45 -1.15 -7.11
N SER A 66 -7.11 0.06 -6.65
CA SER A 66 -5.75 0.58 -6.43
C SER A 66 -4.90 -0.26 -5.46
N SER A 67 -5.40 -0.52 -4.25
CA SER A 67 -4.74 -1.27 -3.17
C SER A 67 -4.24 -2.65 -3.60
N ARG A 68 -4.95 -3.35 -4.50
CA ARG A 68 -4.45 -4.59 -5.08
C ARG A 68 -3.23 -4.29 -5.97
N GLN A 69 -3.37 -3.36 -6.92
CA GLN A 69 -2.35 -2.93 -7.89
C GLN A 69 -1.00 -2.60 -7.22
N ILE A 70 -0.98 -1.69 -6.23
CA ILE A 70 0.24 -1.32 -5.49
C ILE A 70 1.00 -2.53 -4.92
N ILE A 71 0.30 -3.48 -4.30
CA ILE A 71 0.90 -4.70 -3.73
C ILE A 71 1.31 -5.70 -4.83
N SER A 72 0.49 -5.82 -5.88
CA SER A 72 0.79 -6.62 -7.09
C SER A 72 2.15 -6.20 -7.65
N HIS A 73 2.36 -4.89 -7.80
CA HIS A 73 3.62 -4.30 -8.22
C HIS A 73 4.73 -4.69 -7.25
N TRP A 74 4.68 -4.26 -5.97
CA TRP A 74 5.73 -4.53 -4.98
C TRP A 74 6.18 -6.00 -4.92
N LYS A 75 5.24 -6.95 -4.88
CA LYS A 75 5.53 -8.40 -4.86
C LYS A 75 6.32 -8.85 -6.09
N ASN A 76 5.89 -8.45 -7.28
CA ASN A 76 6.54 -8.76 -8.57
C ASN A 76 7.88 -8.02 -8.77
N CYS A 77 8.01 -6.79 -8.29
CA CYS A 77 9.16 -5.90 -8.47
C CYS A 77 10.45 -6.45 -7.84
N THR A 78 11.47 -6.61 -8.67
CA THR A 78 12.85 -7.08 -8.40
C THR A 78 13.87 -6.17 -9.09
N ARG A 79 13.50 -4.88 -9.24
CA ARG A 79 14.24 -3.79 -9.87
C ARG A 79 15.63 -3.55 -9.28
N HIS A 80 16.51 -2.96 -10.08
CA HIS A 80 17.82 -2.45 -9.62
C HIS A 80 17.54 -1.38 -8.53
N ASP A 81 16.66 -0.44 -8.88
CA ASP A 81 16.10 0.60 -8.03
C ASP A 81 14.73 1.08 -8.54
N CYS A 82 13.73 1.08 -7.66
CA CYS A 82 12.36 1.56 -7.84
C CYS A 82 12.13 2.50 -6.62
N PRO A 83 11.43 3.64 -6.74
CA PRO A 83 11.30 4.62 -5.66
C PRO A 83 10.63 4.15 -4.36
N VAL A 84 9.95 2.99 -4.35
CA VAL A 84 9.30 2.44 -3.15
C VAL A 84 9.77 1.02 -2.88
N CYS A 85 9.71 0.16 -3.90
CA CYS A 85 10.07 -1.24 -3.89
C CYS A 85 11.46 -1.51 -3.33
N LEU A 86 12.50 -0.86 -3.88
CA LEU A 86 13.89 -0.98 -3.43
C LEU A 86 14.05 -0.66 -1.93
N PRO A 87 13.72 0.55 -1.43
CA PRO A 87 13.85 0.86 0.01
C PRO A 87 13.07 -0.10 0.91
N LEU A 88 11.82 -0.45 0.57
CA LEU A 88 11.01 -1.44 1.31
C LEU A 88 11.71 -2.82 1.37
N LYS A 89 12.13 -3.34 0.21
CA LYS A 89 12.84 -4.63 0.07
C LYS A 89 14.14 -4.63 0.89
N ASN A 90 14.94 -3.57 0.77
CA ASN A 90 16.19 -3.37 1.51
C ASN A 90 15.95 -3.43 3.04
N ALA A 91 14.94 -2.71 3.54
CA ALA A 91 14.57 -2.74 4.96
C ALA A 91 14.13 -4.15 5.42
N SER A 92 13.24 -4.79 4.64
CA SER A 92 12.69 -6.13 4.88
C SER A 92 13.77 -7.22 4.94
N ASP A 93 14.71 -7.22 3.99
CA ASP A 93 15.83 -8.17 3.86
C ASP A 93 16.84 -8.04 5.03
N LYS A 94 16.94 -9.07 5.87
CA LYS A 94 17.83 -9.14 7.04
C LYS A 94 18.42 -10.55 7.25
N ARG A 95 19.56 -10.61 7.93
CA ARG A 95 20.34 -11.81 8.32
C ARG A 95 20.93 -11.65 9.72
N SER B 1 14.69 8.62 11.29
CA SER B 1 13.41 8.55 10.55
C SER B 1 13.24 7.18 9.89
N ASP B 2 12.03 6.60 9.96
CA ASP B 2 11.70 5.31 9.33
C ASP B 2 11.80 5.40 7.78
N LEU B 3 12.31 4.36 7.12
CA LEU B 3 12.51 4.34 5.67
C LEU B 3 11.20 4.23 4.86
N ALA B 4 10.22 3.44 5.29
CA ALA B 4 8.93 3.38 4.60
C ALA B 4 8.22 4.74 4.76
N CYS B 5 7.97 5.15 6.01
CA CYS B 5 7.35 6.42 6.37
C CYS B 5 8.35 7.61 6.33
N ARG B 6 9.27 7.64 5.35
CA ARG B 6 10.28 8.72 5.17
C ARG B 6 9.61 10.10 5.10
N LEU B 7 8.55 10.19 4.30
CA LEU B 7 7.64 11.31 4.10
C LEU B 7 6.25 10.72 3.81
N LEU B 8 5.26 11.08 4.62
CA LEU B 8 3.86 10.69 4.44
C LEU B 8 2.94 11.92 4.31
N GLY B 9 3.48 13.13 4.49
CA GLY B 9 2.79 14.40 4.27
C GLY B 9 2.70 14.78 2.77
N GLN B 10 3.31 13.97 1.89
CA GLN B 10 3.40 14.08 0.42
C GLN B 10 2.18 14.73 -0.24
N SER B 11 0.97 14.23 0.08
CA SER B 11 -0.30 14.74 -0.44
C SER B 11 -1.32 15.10 0.65
N MET B 12 -0.97 14.92 1.94
CA MET B 12 -1.79 15.30 3.10
C MET B 12 -2.04 16.81 3.14
N ASP B 13 -1.04 17.60 2.74
CA ASP B 13 -1.12 19.06 2.64
C ASP B 13 -2.28 19.49 1.72
N GLU B 14 -2.46 18.80 0.60
CA GLU B 14 -3.54 19.00 -0.38
C GLU B 14 -4.89 18.48 0.13
N SER B 15 -4.93 17.20 0.50
CA SER B 15 -6.13 16.49 0.99
C SER B 15 -5.78 15.22 1.78
N GLY B 16 -4.94 14.36 1.21
CA GLY B 16 -4.48 13.09 1.76
C GLY B 16 -4.81 11.94 0.81
N LEU B 17 -5.96 11.29 1.03
CA LEU B 17 -6.41 10.16 0.21
C LEU B 17 -7.06 10.62 -1.11
N PRO B 18 -6.56 10.15 -2.27
CA PRO B 18 -7.10 10.48 -3.60
C PRO B 18 -8.28 9.56 -4.00
N GLN B 19 -8.66 9.61 -5.27
CA GLN B 19 -9.62 8.71 -5.92
C GLN B 19 -8.95 8.07 -7.14
N LEU B 20 -7.89 7.30 -6.84
CA LEU B 20 -7.16 6.50 -7.83
C LEU B 20 -8.00 5.28 -8.23
N THR B 21 -7.57 4.62 -9.30
CA THR B 21 -8.20 3.41 -9.87
C THR B 21 -7.12 2.41 -10.27
N SER B 22 -7.51 1.18 -10.62
CA SER B 22 -6.58 0.17 -11.12
C SER B 22 -5.84 0.69 -12.36
N TYR B 23 -6.58 1.27 -13.32
CA TYR B 23 -6.04 1.90 -14.53
C TYR B 23 -4.95 2.93 -14.20
N ASP B 24 -5.25 3.94 -13.37
CA ASP B 24 -4.28 4.98 -12.96
C ASP B 24 -3.01 4.36 -12.36
N CYS B 25 -3.16 3.43 -11.42
CA CYS B 25 -2.06 2.73 -10.76
C CYS B 25 -1.21 1.92 -11.76
N GLU B 26 -1.84 1.10 -12.62
CA GLU B 26 -1.19 0.32 -13.68
C GLU B 26 -0.37 1.23 -14.61
N VAL B 27 -0.96 2.31 -15.10
CA VAL B 27 -0.35 3.31 -15.98
C VAL B 27 0.88 3.96 -15.36
N ASN B 28 0.77 4.45 -14.12
CA ASN B 28 1.85 5.14 -13.41
C ASN B 28 2.97 4.21 -12.92
N ALA B 29 2.64 3.02 -12.42
CA ALA B 29 3.58 2.02 -11.91
C ALA B 29 3.19 0.59 -12.36
N PRO B 30 3.51 0.20 -13.61
CA PRO B 30 3.19 -1.13 -14.15
C PRO B 30 3.89 -2.29 -13.42
N ILE B 31 3.18 -3.39 -13.25
CA ILE B 31 3.70 -4.67 -12.71
C ILE B 31 4.76 -5.20 -13.71
N GLN B 32 5.87 -5.79 -13.22
CA GLN B 32 6.94 -6.32 -14.10
C GLN B 32 6.41 -7.38 -15.09
N GLY B 33 5.74 -8.41 -14.55
CA GLY B 33 5.12 -9.48 -15.33
C GLY B 33 3.74 -9.07 -15.87
N SER B 34 2.94 -10.03 -16.35
CA SER B 34 1.59 -9.80 -16.86
C SER B 34 0.71 -9.13 -15.80
N ARG B 35 0.03 -8.02 -16.15
CA ARG B 35 -0.82 -7.25 -15.23
C ARG B 35 -1.90 -8.14 -14.61
N ASN B 36 -1.88 -8.28 -13.29
CA ASN B 36 -2.78 -9.10 -12.50
C ASN B 36 -2.91 -8.54 -11.09
N LEU B 37 -4.14 -8.34 -10.65
CA LEU B 37 -4.45 -7.85 -9.31
C LEU B 37 -4.39 -9.00 -8.30
N LEU B 38 -3.45 -8.90 -7.35
CA LEU B 38 -3.20 -9.80 -6.22
C LEU B 38 -4.49 -9.92 -5.35
N GLN B 39 -4.87 -11.13 -4.91
CA GLN B 39 -6.13 -11.41 -4.17
C GLN B 39 -5.95 -12.16 -2.83
N GLY B 40 -6.98 -12.09 -1.99
CA GLY B 40 -7.15 -12.80 -0.71
C GLY B 40 -5.94 -12.87 0.23
N GLU B 41 -5.70 -14.05 0.82
CA GLU B 41 -4.63 -14.29 1.80
C GLU B 41 -3.24 -13.85 1.33
N GLU B 42 -2.92 -14.02 0.04
CA GLU B 42 -1.66 -13.57 -0.56
C GLU B 42 -1.41 -12.07 -0.34
N LEU B 43 -2.46 -11.23 -0.26
CA LEU B 43 -2.35 -9.81 0.03
C LEU B 43 -1.63 -9.64 1.37
N LEU B 44 -2.23 -10.19 2.43
CA LEU B 44 -1.72 -10.12 3.80
C LEU B 44 -0.28 -10.65 3.90
N ARG B 45 0.02 -11.79 3.27
CA ARG B 45 1.38 -12.36 3.20
C ARG B 45 2.37 -11.36 2.57
N ALA B 46 2.01 -10.79 1.42
CA ALA B 46 2.80 -9.76 0.74
C ALA B 46 3.02 -8.52 1.63
N LEU B 47 1.97 -8.00 2.28
CA LEU B 47 2.07 -6.86 3.22
C LEU B 47 2.99 -7.15 4.41
N ASP B 48 2.82 -8.31 5.05
CA ASP B 48 3.49 -8.70 6.29
C ASP B 48 5.03 -8.84 6.23
N GLN B 49 5.62 -9.00 5.04
CA GLN B 49 7.08 -9.13 4.90
C GLN B 49 7.88 -7.91 5.39
N VAL B 50 7.27 -6.70 5.41
CA VAL B 50 7.89 -5.49 5.95
C VAL B 50 8.17 -5.71 7.45
N ASN B 51 9.42 -5.59 7.88
CA ASN B 51 9.81 -5.75 9.28
C ASN B 51 11.02 -4.87 9.68
N ALA A 1 2.25 9.18 -17.21
CA ALA A 1 2.53 9.22 -15.76
C ALA A 1 2.71 10.66 -15.27
N ASP A 2 2.57 10.89 -13.96
CA ASP A 2 2.63 12.21 -13.31
C ASP A 2 3.27 12.11 -11.90
N PRO A 3 4.20 13.01 -11.51
CA PRO A 3 4.85 12.99 -10.20
C PRO A 3 3.87 13.09 -9.03
N GLU A 4 2.78 13.86 -9.14
CA GLU A 4 1.77 13.96 -8.07
C GLU A 4 1.10 12.59 -7.86
N LYS A 5 0.50 11.98 -8.90
CA LYS A 5 -0.06 10.63 -8.81
C LYS A 5 0.98 9.62 -8.30
N ARG A 6 2.23 9.68 -8.74
CA ARG A 6 3.32 8.83 -8.20
C ARG A 6 3.45 9.00 -6.68
N LYS A 7 3.64 10.22 -6.13
CA LYS A 7 3.72 10.40 -4.66
C LYS A 7 2.46 9.97 -3.91
N LEU A 8 1.27 10.17 -4.50
CA LEU A 8 -0.01 9.66 -3.97
C LEU A 8 0.01 8.12 -3.88
N ILE A 9 0.51 7.45 -4.92
CA ILE A 9 0.70 5.98 -4.97
C ILE A 9 1.68 5.56 -3.86
N GLN A 10 2.84 6.21 -3.72
CA GLN A 10 3.81 5.94 -2.63
C GLN A 10 3.11 5.95 -1.26
N GLN A 11 2.33 7.01 -1.01
CA GLN A 11 1.54 7.20 0.21
C GLN A 11 0.59 6.01 0.43
N GLN A 12 -0.33 5.72 -0.52
CA GLN A 12 -1.26 4.59 -0.42
C GLN A 12 -0.53 3.26 -0.16
N LEU A 13 0.59 2.99 -0.84
CA LEU A 13 1.41 1.78 -0.69
C LEU A 13 1.84 1.60 0.78
N VAL A 14 2.51 2.60 1.36
CA VAL A 14 2.96 2.58 2.76
C VAL A 14 1.78 2.47 3.73
N LEU A 15 0.72 3.27 3.54
CA LEU A 15 -0.50 3.22 4.36
C LEU A 15 -1.13 1.81 4.36
N LEU A 16 -1.30 1.20 3.19
CA LEU A 16 -1.90 -0.13 3.01
C LEU A 16 -1.09 -1.23 3.71
N LEU A 17 0.22 -1.28 3.50
CA LEU A 17 1.13 -2.19 4.19
C LEU A 17 0.98 -2.04 5.72
N HIS A 18 1.06 -0.78 6.20
CA HIS A 18 0.87 -0.47 7.61
C HIS A 18 -0.52 -0.91 8.13
N ALA A 19 -1.62 -0.65 7.41
CA ALA A 19 -2.99 -1.02 7.80
C ALA A 19 -3.13 -2.47 8.29
N HIS A 20 -2.48 -3.43 7.61
CA HIS A 20 -2.42 -4.83 8.06
C HIS A 20 -1.52 -4.96 9.29
N LYS A 21 -0.28 -4.43 9.24
CA LYS A 21 0.69 -4.44 10.36
C LYS A 21 0.09 -3.92 11.67
N CYS A 22 -0.64 -2.80 11.64
CA CYS A 22 -1.32 -2.11 12.74
C CYS A 22 -2.12 -3.09 13.63
N GLN A 23 -2.92 -3.95 13.00
CA GLN A 23 -3.73 -4.99 13.65
C GLN A 23 -2.83 -5.94 14.48
N ARG A 24 -1.75 -6.46 13.89
CA ARG A 24 -0.75 -7.31 14.57
C ARG A 24 -0.02 -6.55 15.68
N ARG A 25 0.40 -5.31 15.41
CA ARG A 25 1.10 -4.39 16.34
C ARG A 25 0.28 -4.15 17.60
N GLU A 26 -1.01 -3.85 17.47
CA GLU A 26 -1.96 -3.67 18.58
C GLU A 26 -1.93 -4.89 19.53
N GLN A 27 -2.04 -6.10 18.98
CA GLN A 27 -1.97 -7.36 19.74
C GLN A 27 -0.58 -7.54 20.40
N ALA A 28 0.51 -7.23 19.70
CA ALA A 28 1.89 -7.32 20.18
C ALA A 28 2.16 -6.37 21.38
N ASN A 29 2.01 -5.05 21.17
CA ASN A 29 2.22 -4.01 22.18
C ASN A 29 1.38 -2.74 21.91
N GLY A 30 0.72 -2.25 22.96
CA GLY A 30 -0.10 -1.03 22.99
C GLY A 30 -0.32 -0.60 24.45
N GLU A 31 -0.19 0.69 24.73
CA GLU A 31 -0.32 1.26 26.10
C GLU A 31 -1.13 2.56 26.07
N VAL A 32 -0.48 3.73 26.14
CA VAL A 32 -1.13 5.06 26.07
C VAL A 32 -1.70 5.28 24.66
N ARG A 33 -0.94 4.89 23.64
CA ARG A 33 -1.24 4.95 22.21
C ARG A 33 -0.70 3.70 21.49
N ALA A 34 -1.18 3.46 20.27
CA ALA A 34 -0.76 2.37 19.38
C ALA A 34 -0.48 2.94 17.98
N CYS A 35 -1.52 3.45 17.33
CA CYS A 35 -1.48 4.09 16.02
C CYS A 35 -1.85 5.58 16.08
N SER A 36 -1.34 6.36 15.13
CA SER A 36 -1.54 7.82 15.00
C SER A 36 -1.92 8.27 13.59
N LEU A 37 -1.79 7.40 12.57
CA LEU A 37 -2.17 7.69 11.19
C LEU A 37 -3.72 7.74 11.07
N PRO A 38 -4.33 8.84 10.57
CA PRO A 38 -5.77 8.92 10.41
C PRO A 38 -6.29 7.95 9.34
N HIS A 39 -5.69 8.02 8.14
CA HIS A 39 -6.03 7.22 6.94
C HIS A 39 -5.67 5.72 7.02
N CYS A 40 -4.92 5.29 8.04
CA CYS A 40 -4.63 3.88 8.34
C CYS A 40 -5.96 3.09 8.51
N ARG A 41 -6.90 3.65 9.30
CA ARG A 41 -8.28 3.16 9.48
C ARG A 41 -9.02 3.06 8.14
N THR A 42 -8.91 4.07 7.28
CA THR A 42 -9.49 4.06 5.91
C THR A 42 -8.92 2.87 5.12
N MET A 43 -7.59 2.71 5.09
CA MET A 43 -6.93 1.56 4.44
C MET A 43 -7.42 0.22 5.01
N LYS A 44 -7.67 0.07 6.32
CA LYS A 44 -8.25 -1.16 6.91
C LYS A 44 -9.63 -1.48 6.33
N ASN A 45 -10.50 -0.48 6.20
CA ASN A 45 -11.83 -0.63 5.56
C ASN A 45 -11.67 -1.11 4.11
N VAL A 46 -10.77 -0.48 3.35
CA VAL A 46 -10.41 -0.83 1.97
C VAL A 46 -9.91 -2.29 1.90
N LEU A 47 -8.93 -2.65 2.74
CA LEU A 47 -8.33 -3.99 2.93
C LEU A 47 -9.41 -5.07 3.12
N ASN A 48 -10.35 -4.86 4.05
CA ASN A 48 -11.49 -5.77 4.28
C ASN A 48 -12.27 -6.05 2.99
N HIS A 49 -12.73 -4.99 2.31
CA HIS A 49 -13.42 -5.12 1.02
C HIS A 49 -12.55 -5.88 0.01
N MET A 50 -11.27 -5.49 -0.15
CA MET A 50 -10.29 -6.09 -1.04
C MET A 50 -10.25 -7.63 -0.98
N THR A 51 -10.21 -8.22 0.22
CA THR A 51 -10.21 -9.68 0.41
C THR A 51 -11.53 -10.32 -0.03
N HIS A 52 -12.68 -9.70 0.26
CA HIS A 52 -14.01 -10.19 -0.17
C HIS A 52 -14.21 -10.07 -1.69
N CYS A 53 -13.74 -8.99 -2.30
CA CYS A 53 -13.81 -8.69 -3.73
C CYS A 53 -13.09 -9.77 -4.57
N GLN A 54 -13.68 -10.15 -5.71
CA GLN A 54 -13.19 -11.16 -6.65
C GLN A 54 -13.23 -10.64 -8.11
N ALA A 55 -13.46 -9.35 -8.30
CA ALA A 55 -13.51 -8.69 -9.60
C ALA A 55 -12.12 -8.19 -10.02
N GLY A 56 -11.95 -7.92 -11.32
CA GLY A 56 -10.73 -7.37 -11.91
C GLY A 56 -10.84 -5.84 -12.00
N LYS A 57 -10.82 -5.31 -13.23
CA LYS A 57 -10.97 -3.87 -13.53
C LYS A 57 -12.41 -3.36 -13.31
N ALA A 58 -13.38 -4.27 -13.28
CA ALA A 58 -14.82 -4.01 -13.15
C ALA A 58 -15.26 -3.27 -11.86
N CYS A 59 -14.59 -3.50 -10.72
CA CYS A 59 -14.94 -2.86 -9.43
C CYS A 59 -14.78 -1.32 -9.54
N GLN A 60 -15.91 -0.62 -9.41
CA GLN A 60 -16.00 0.85 -9.54
C GLN A 60 -15.31 1.61 -8.39
N VAL A 61 -15.14 0.98 -7.22
CA VAL A 61 -14.52 1.57 -6.03
C VAL A 61 -13.04 1.89 -6.32
N ALA A 62 -12.70 3.19 -6.29
CA ALA A 62 -11.36 3.74 -6.52
C ALA A 62 -10.29 3.01 -5.70
N HIS A 63 -10.47 3.03 -4.37
CA HIS A 63 -9.59 2.42 -3.39
C HIS A 63 -9.34 0.93 -3.64
N CYS A 64 -10.38 0.13 -3.94
CA CYS A 64 -10.25 -1.29 -4.27
C CYS A 64 -9.33 -1.50 -5.50
N ALA A 65 -9.67 -0.85 -6.61
CA ALA A 65 -8.93 -0.88 -7.86
C ALA A 65 -7.43 -0.51 -7.67
N SER A 66 -7.15 0.62 -7.03
CA SER A 66 -5.76 1.07 -6.73
C SER A 66 -5.03 0.16 -5.75
N SER A 67 -5.61 -0.16 -4.58
CA SER A 67 -5.02 -1.04 -3.55
C SER A 67 -4.60 -2.40 -4.10
N ARG A 68 -5.42 -3.06 -4.92
CA ARG A 68 -5.01 -4.32 -5.57
C ARG A 68 -3.75 -4.12 -6.41
N GLN A 69 -3.70 -3.06 -7.23
CA GLN A 69 -2.55 -2.68 -8.05
C GLN A 69 -1.26 -2.49 -7.25
N ILE A 70 -1.25 -1.63 -6.21
CA ILE A 70 -0.04 -1.39 -5.38
C ILE A 70 0.57 -2.69 -4.84
N ILE A 71 -0.25 -3.59 -4.28
CA ILE A 71 0.21 -4.88 -3.76
C ILE A 71 0.73 -5.78 -4.89
N SER A 72 0.03 -5.80 -6.04
CA SER A 72 0.48 -6.51 -7.24
C SER A 72 1.90 -6.10 -7.61
N HIS A 73 2.16 -4.79 -7.68
CA HIS A 73 3.50 -4.24 -7.97
C HIS A 73 4.50 -4.70 -6.91
N TRP A 74 4.30 -4.35 -5.64
CA TRP A 74 5.23 -4.66 -4.54
C TRP A 74 5.61 -6.15 -4.44
N LYS A 75 4.64 -7.06 -4.59
CA LYS A 75 4.84 -8.52 -4.56
C LYS A 75 5.75 -9.00 -5.70
N ASN A 76 5.53 -8.51 -6.92
CA ASN A 76 6.31 -8.84 -8.12
C ASN A 76 7.71 -8.18 -8.15
N CYS A 77 7.78 -6.88 -7.89
CA CYS A 77 9.01 -6.07 -7.93
C CYS A 77 10.06 -6.52 -6.90
N THR A 78 11.24 -6.86 -7.41
CA THR A 78 12.44 -7.29 -6.65
C THR A 78 13.71 -6.59 -7.18
N ARG A 79 13.53 -5.44 -7.85
CA ARG A 79 14.58 -4.61 -8.47
C ARG A 79 15.59 -4.09 -7.44
N HIS A 80 16.84 -3.87 -7.88
CA HIS A 80 17.93 -3.29 -7.07
C HIS A 80 17.54 -1.92 -6.48
N ASP A 81 16.72 -1.14 -7.20
CA ASP A 81 16.13 0.13 -6.73
C ASP A 81 14.78 0.42 -7.42
N CYS A 82 13.78 0.82 -6.63
CA CYS A 82 12.44 1.30 -7.02
C CYS A 82 12.07 2.33 -5.93
N PRO A 83 11.38 3.45 -6.24
CA PRO A 83 11.08 4.52 -5.27
C PRO A 83 10.19 4.15 -4.07
N VAL A 84 9.73 2.90 -3.94
CA VAL A 84 8.92 2.43 -2.79
C VAL A 84 9.37 1.05 -2.34
N CYS A 85 9.50 0.12 -3.29
CA CYS A 85 9.93 -1.26 -3.10
C CYS A 85 11.24 -1.36 -2.31
N LEU A 86 12.28 -0.64 -2.77
CA LEU A 86 13.60 -0.60 -2.15
C LEU A 86 13.56 -0.24 -0.65
N PRO A 87 13.10 0.96 -0.20
CA PRO A 87 13.06 1.31 1.22
C PRO A 87 12.26 0.32 2.09
N LEU A 88 11.19 -0.28 1.56
CA LEU A 88 10.38 -1.31 2.25
C LEU A 88 11.16 -2.63 2.39
N LYS A 89 11.80 -3.10 1.31
CA LYS A 89 12.65 -4.31 1.24
C LYS A 89 13.85 -4.19 2.19
N ASN A 90 14.62 -3.11 2.03
CA ASN A 90 15.79 -2.75 2.82
C ASN A 90 15.80 -1.24 3.15
N ALA A 91 15.43 -0.89 4.38
CA ALA A 91 15.44 0.49 4.87
C ALA A 91 16.85 1.09 4.90
N SER A 92 17.86 0.27 5.26
CA SER A 92 19.28 0.62 5.34
C SER A 92 19.94 0.71 3.95
N ASP A 93 19.49 1.65 3.14
CA ASP A 93 20.03 1.98 1.81
C ASP A 93 21.49 2.49 1.93
N LYS A 94 21.77 3.17 3.06
CA LYS A 94 23.06 3.76 3.44
C LYS A 94 23.49 3.25 4.84
N ARG A 95 24.79 3.38 5.15
CA ARG A 95 25.43 2.97 6.41
C ARG A 95 26.36 4.06 6.97
N SER B 1 13.42 2.82 15.68
CA SER B 1 13.87 3.03 14.28
C SER B 1 12.71 2.92 13.31
N ASP B 2 12.60 3.86 12.39
CA ASP B 2 11.56 3.94 11.33
C ASP B 2 12.13 4.59 10.06
N LEU B 3 11.59 4.21 8.89
CA LEU B 3 11.96 4.71 7.57
C LEU B 3 10.69 4.70 6.72
N ALA B 4 10.39 3.62 5.97
CA ALA B 4 9.21 3.38 5.13
C ALA B 4 8.53 4.68 4.62
N CYS B 5 9.26 5.41 3.79
CA CYS B 5 8.91 6.74 3.25
C CYS B 5 8.60 7.75 4.38
N ARG B 6 9.63 8.08 5.18
CA ARG B 6 9.58 9.00 6.34
C ARG B 6 8.74 10.25 6.10
N LEU B 7 7.93 10.61 7.10
CA LEU B 7 6.97 11.71 7.11
C LEU B 7 5.99 11.64 5.92
N LEU B 8 5.05 10.67 5.95
CA LEU B 8 3.96 10.64 4.95
C LEU B 8 3.12 11.92 5.06
N GLY B 9 3.02 12.48 6.28
CA GLY B 9 2.38 13.75 6.65
C GLY B 9 2.58 14.87 5.62
N GLN B 10 3.78 14.95 5.05
CA GLN B 10 4.19 15.85 3.96
C GLN B 10 3.12 15.95 2.85
N SER B 11 2.69 14.81 2.33
CA SER B 11 1.68 14.65 1.27
C SER B 11 0.27 14.49 1.81
N MET B 12 0.10 13.82 2.98
CA MET B 12 -1.20 13.64 3.63
C MET B 12 -1.88 14.98 3.94
N ASP B 13 -1.08 16.00 4.33
CA ASP B 13 -1.52 17.37 4.58
C ASP B 13 -2.15 18.02 3.33
N GLU B 14 -1.53 17.83 2.16
CA GLU B 14 -1.94 18.38 0.86
C GLU B 14 -3.26 17.79 0.32
N SER B 15 -3.37 16.46 0.28
CA SER B 15 -4.48 15.74 -0.38
C SER B 15 -5.29 14.75 0.48
N GLY B 16 -4.83 14.39 1.69
CA GLY B 16 -5.52 13.42 2.57
C GLY B 16 -5.37 12.00 1.99
N LEU B 17 -6.43 11.51 1.33
CA LEU B 17 -6.45 10.27 0.56
C LEU B 17 -7.08 10.57 -0.81
N PRO B 18 -6.44 10.14 -1.91
CA PRO B 18 -6.92 10.38 -3.27
C PRO B 18 -8.01 9.36 -3.69
N GLN B 19 -8.39 9.43 -4.96
CA GLN B 19 -9.28 8.48 -5.64
C GLN B 19 -8.53 7.92 -6.86
N LEU B 20 -7.39 7.29 -6.56
CA LEU B 20 -6.57 6.57 -7.55
C LEU B 20 -7.33 5.35 -8.06
N THR B 21 -6.99 4.89 -9.25
CA THR B 21 -7.61 3.73 -9.90
C THR B 21 -6.56 2.72 -10.34
N SER B 22 -7.01 1.54 -10.77
CA SER B 22 -6.16 0.48 -11.33
C SER B 22 -5.38 1.05 -12.51
N TYR B 23 -6.06 1.73 -13.46
CA TYR B 23 -5.45 2.41 -14.60
C TYR B 23 -4.33 3.39 -14.18
N ASP B 24 -4.63 4.35 -13.29
CA ASP B 24 -3.64 5.33 -12.80
C ASP B 24 -2.40 4.64 -12.22
N CYS B 25 -2.60 3.67 -11.33
CA CYS B 25 -1.55 2.90 -10.68
C CYS B 25 -0.71 2.08 -11.70
N GLU B 26 -1.36 1.36 -12.63
CA GLU B 26 -0.71 0.61 -13.72
C GLU B 26 0.20 1.52 -14.55
N VAL B 27 -0.31 2.67 -14.98
CA VAL B 27 0.39 3.70 -15.77
C VAL B 27 1.62 4.25 -15.05
N ASN B 28 1.46 4.68 -13.80
CA ASN B 28 2.53 5.30 -13.00
C ASN B 28 3.57 4.31 -12.45
N ALA B 29 3.17 3.08 -12.10
CA ALA B 29 4.05 2.02 -11.57
C ALA B 29 3.67 0.62 -12.10
N PRO B 30 4.04 0.27 -13.34
CA PRO B 30 3.75 -1.04 -13.96
C PRO B 30 4.29 -2.23 -13.16
N ILE B 31 3.44 -3.24 -12.94
CA ILE B 31 3.79 -4.49 -12.26
C ILE B 31 4.85 -5.23 -13.10
N GLN B 32 5.95 -5.64 -12.46
CA GLN B 32 7.04 -6.35 -13.13
C GLN B 32 6.59 -7.71 -13.68
N GLY B 33 7.10 -8.09 -14.86
CA GLY B 33 6.74 -9.32 -15.57
C GLY B 33 5.50 -9.11 -16.44
N SER B 34 4.31 -9.29 -15.86
CA SER B 34 2.99 -9.11 -16.50
C SER B 34 2.00 -8.47 -15.53
N ARG B 35 1.20 -7.50 -16.01
CA ARG B 35 0.20 -6.80 -15.18
C ARG B 35 -1.04 -7.67 -14.90
N ASN B 36 -1.32 -7.86 -13.61
CA ASN B 36 -2.41 -8.66 -13.04
C ASN B 36 -2.80 -8.11 -11.67
N LEU B 37 -4.10 -7.99 -11.38
CA LEU B 37 -4.58 -7.50 -10.07
C LEU B 37 -4.68 -8.63 -9.04
N LEU B 38 -3.76 -8.61 -8.08
CA LEU B 38 -3.63 -9.51 -6.92
C LEU B 38 -4.91 -9.42 -6.05
N GLN B 39 -5.50 -10.57 -5.68
CA GLN B 39 -6.77 -10.67 -4.94
C GLN B 39 -6.75 -11.72 -3.81
N GLY B 40 -7.73 -11.61 -2.90
CA GLY B 40 -8.00 -12.53 -1.78
C GLY B 40 -6.84 -12.79 -0.82
N GLU B 41 -6.71 -14.04 -0.35
CA GLU B 41 -5.71 -14.47 0.65
C GLU B 41 -4.27 -14.01 0.35
N GLU B 42 -3.85 -14.07 -0.92
CA GLU B 42 -2.52 -13.61 -1.35
C GLU B 42 -2.23 -12.15 -0.96
N LEU B 43 -3.26 -11.29 -0.86
CA LEU B 43 -3.12 -9.90 -0.41
C LEU B 43 -2.49 -9.88 0.98
N LEU B 44 -3.19 -10.47 1.96
CA LEU B 44 -2.77 -10.51 3.36
C LEU B 44 -1.37 -11.10 3.50
N ARG B 45 -1.05 -12.20 2.79
CA ARG B 45 0.29 -12.81 2.75
C ARG B 45 1.34 -11.79 2.26
N ALA B 46 1.06 -11.12 1.14
CA ALA B 46 1.91 -10.07 0.57
C ALA B 46 2.12 -8.89 1.55
N LEU B 47 1.09 -8.46 2.28
CA LEU B 47 1.18 -7.39 3.30
C LEU B 47 2.01 -7.81 4.53
N ASP B 48 1.79 -9.03 5.03
CA ASP B 48 2.42 -9.56 6.25
C ASP B 48 3.95 -9.63 6.25
N GLN B 49 4.58 -9.84 5.08
CA GLN B 49 6.04 -9.95 4.92
C GLN B 49 6.86 -8.73 5.41
N VAL B 50 6.23 -7.56 5.59
CA VAL B 50 6.86 -6.31 6.05
C VAL B 50 7.50 -6.45 7.44
N ASN B 51 6.67 -6.78 8.44
CA ASN B 51 6.97 -6.93 9.87
C ASN B 51 7.93 -5.84 10.45
N ALA A 1 1.65 8.75 -17.73
CA ALA A 1 2.11 8.83 -16.32
C ALA A 1 2.35 10.30 -15.91
N ASP A 2 2.27 10.60 -14.62
CA ASP A 2 2.40 11.95 -14.04
C ASP A 2 3.06 11.91 -12.64
N PRO A 3 3.95 12.86 -12.29
CA PRO A 3 4.62 12.89 -10.98
C PRO A 3 3.65 12.97 -9.80
N GLU A 4 2.55 13.72 -9.87
CA GLU A 4 1.57 13.80 -8.78
C GLU A 4 0.88 12.45 -8.53
N LYS A 5 0.52 11.71 -9.58
CA LYS A 5 0.00 10.34 -9.44
C LYS A 5 1.03 9.46 -8.72
N ARG A 6 2.32 9.61 -9.02
CA ARG A 6 3.41 8.89 -8.32
C ARG A 6 3.38 9.21 -6.82
N LYS A 7 3.32 10.50 -6.43
CA LYS A 7 3.20 10.94 -5.02
C LYS A 7 2.03 10.25 -4.31
N LEU A 8 0.84 10.29 -4.92
CA LEU A 8 -0.40 9.66 -4.44
C LEU A 8 -0.22 8.14 -4.22
N ILE A 9 0.34 7.44 -5.20
CA ILE A 9 0.66 6.00 -5.13
C ILE A 9 1.63 5.75 -3.97
N GLN A 10 2.76 6.46 -3.90
CA GLN A 10 3.78 6.37 -2.84
C GLN A 10 3.17 6.41 -1.43
N GLN A 11 2.43 7.47 -1.09
CA GLN A 11 1.78 7.59 0.23
C GLN A 11 0.84 6.41 0.52
N GLN A 12 -0.07 6.06 -0.39
CA GLN A 12 -0.99 4.92 -0.22
C GLN A 12 -0.27 3.58 0.00
N LEU A 13 0.84 3.33 -0.70
CA LEU A 13 1.67 2.13 -0.57
C LEU A 13 2.13 2.00 0.90
N VAL A 14 2.71 3.05 1.47
CA VAL A 14 3.13 3.11 2.89
C VAL A 14 1.93 2.89 3.84
N LEU A 15 0.84 3.64 3.66
CA LEU A 15 -0.38 3.53 4.48
C LEU A 15 -0.98 2.11 4.48
N LEU A 16 -1.11 1.46 3.33
CA LEU A 16 -1.66 0.11 3.20
C LEU A 16 -0.81 -0.93 3.95
N LEU A 17 0.51 -0.87 3.79
CA LEU A 17 1.45 -1.71 4.54
C LEU A 17 1.27 -1.50 6.05
N HIS A 18 1.22 -0.24 6.50
CA HIS A 18 0.95 0.13 7.90
C HIS A 18 -0.38 -0.50 8.37
N ALA A 19 -1.50 -0.32 7.65
CA ALA A 19 -2.85 -0.81 7.99
C ALA A 19 -2.89 -2.25 8.53
N HIS A 20 -2.15 -3.17 7.90
CA HIS A 20 -2.03 -4.57 8.34
C HIS A 20 -1.11 -4.70 9.57
N LYS A 21 0.08 -4.09 9.55
CA LYS A 21 1.01 -4.10 10.71
C LYS A 21 0.38 -3.51 11.99
N CYS A 22 -0.43 -2.47 11.86
CA CYS A 22 -1.17 -1.77 12.91
C CYS A 22 -2.09 -2.74 13.69
N GLN A 23 -3.05 -3.39 13.01
CA GLN A 23 -3.92 -4.41 13.61
C GLN A 23 -3.11 -5.60 14.17
N ARG A 24 -2.06 -6.06 13.45
CA ARG A 24 -1.14 -7.12 13.92
C ARG A 24 -0.52 -6.76 15.28
N ARG A 25 0.09 -5.58 15.38
CA ARG A 25 0.70 -4.98 16.59
C ARG A 25 -0.28 -4.96 17.76
N GLU A 26 -1.49 -4.47 17.52
CA GLU A 26 -2.60 -4.41 18.48
C GLU A 26 -2.95 -5.82 19.04
N GLN A 27 -3.18 -6.79 18.15
CA GLN A 27 -3.49 -8.19 18.49
C GLN A 27 -2.34 -8.88 19.24
N ALA A 28 -1.11 -8.79 18.71
CA ALA A 28 0.11 -9.39 19.25
C ALA A 28 0.48 -8.88 20.67
N ASN A 29 0.40 -7.56 20.89
CA ASN A 29 0.75 -6.91 22.16
C ASN A 29 -0.28 -5.83 22.56
N GLY A 30 -0.35 -4.73 21.81
CA GLY A 30 -1.24 -3.59 22.10
C GLY A 30 -0.62 -2.60 23.09
N GLU A 31 -0.44 -1.35 22.64
CA GLU A 31 0.16 -0.25 23.42
C GLU A 31 -0.55 1.11 23.20
N VAL A 32 -0.15 2.13 23.98
CA VAL A 32 -0.71 3.50 23.96
C VAL A 32 -0.74 4.10 22.55
N ARG A 33 0.37 3.94 21.79
CA ARG A 33 0.53 4.44 20.42
C ARG A 33 0.87 3.29 19.45
N ALA A 34 -0.14 2.47 19.15
CA ALA A 34 -0.05 1.38 18.19
C ALA A 34 -0.07 1.94 16.75
N CYS A 35 -1.09 2.75 16.44
CA CYS A 35 -1.28 3.45 15.17
C CYS A 35 -0.41 4.73 15.09
N SER A 36 -0.46 5.44 13.96
CA SER A 36 0.28 6.67 13.68
C SER A 36 -0.55 7.78 13.02
N LEU A 37 -1.28 7.46 11.93
CA LEU A 37 -2.06 8.40 11.11
C LEU A 37 -3.55 7.98 11.03
N PRO A 38 -4.54 8.86 11.28
CA PRO A 38 -5.97 8.55 11.14
C PRO A 38 -6.34 7.83 9.82
N HIS A 39 -5.68 8.19 8.72
CA HIS A 39 -5.81 7.62 7.36
C HIS A 39 -5.60 6.10 7.30
N CYS A 40 -4.89 5.51 8.27
CA CYS A 40 -4.70 4.06 8.45
C CYS A 40 -6.07 3.36 8.50
N ARG A 41 -7.02 3.88 9.29
CA ARG A 41 -8.40 3.36 9.42
C ARG A 41 -9.10 3.27 8.05
N THR A 42 -8.91 4.26 7.17
CA THR A 42 -9.43 4.22 5.78
C THR A 42 -8.82 3.03 5.05
N MET A 43 -7.49 2.89 5.06
CA MET A 43 -6.80 1.74 4.47
C MET A 43 -7.26 0.39 5.07
N LYS A 44 -7.52 0.29 6.39
CA LYS A 44 -8.07 -0.92 7.03
C LYS A 44 -9.43 -1.31 6.45
N ASN A 45 -10.34 -0.35 6.28
CA ASN A 45 -11.65 -0.57 5.65
C ASN A 45 -11.47 -1.10 4.22
N VAL A 46 -10.58 -0.48 3.45
CA VAL A 46 -10.19 -0.87 2.08
C VAL A 46 -9.64 -2.32 2.07
N LEU A 47 -8.65 -2.62 2.91
CA LEU A 47 -8.03 -3.94 3.16
C LEU A 47 -9.07 -5.03 3.43
N ASN A 48 -9.98 -4.79 4.37
CA ASN A 48 -11.10 -5.68 4.72
C ASN A 48 -11.97 -6.02 3.49
N HIS A 49 -12.32 -5.01 2.68
CA HIS A 49 -13.08 -5.20 1.45
C HIS A 49 -12.23 -6.03 0.44
N MET A 50 -10.99 -5.61 0.18
CA MET A 50 -10.00 -6.20 -0.74
C MET A 50 -9.91 -7.74 -0.69
N THR A 51 -9.79 -8.33 0.51
CA THR A 51 -9.69 -9.79 0.71
C THR A 51 -10.95 -10.52 0.22
N HIS A 52 -12.12 -10.06 0.65
CA HIS A 52 -13.44 -10.62 0.30
C HIS A 52 -13.82 -10.43 -1.17
N CYS A 53 -13.56 -9.24 -1.74
CA CYS A 53 -13.82 -8.86 -3.12
C CYS A 53 -13.10 -9.77 -4.14
N GLN A 54 -13.74 -10.05 -5.27
CA GLN A 54 -13.21 -10.87 -6.39
C GLN A 54 -13.38 -10.19 -7.76
N ALA A 55 -14.00 -9.00 -7.81
CA ALA A 55 -14.26 -8.25 -9.03
C ALA A 55 -13.00 -7.62 -9.68
N GLY A 56 -12.10 -7.03 -8.87
CA GLY A 56 -10.84 -6.40 -9.32
C GLY A 56 -11.05 -5.29 -10.34
N LYS A 57 -10.85 -5.60 -11.63
CA LYS A 57 -11.04 -4.69 -12.78
C LYS A 57 -12.48 -4.12 -12.81
N ALA A 58 -13.46 -4.98 -12.55
CA ALA A 58 -14.89 -4.67 -12.54
C ALA A 58 -15.37 -3.92 -11.27
N CYS A 59 -14.60 -3.91 -10.17
CA CYS A 59 -14.97 -3.24 -8.92
C CYS A 59 -15.01 -1.71 -9.10
N GLN A 60 -16.17 -1.11 -8.80
CA GLN A 60 -16.43 0.34 -8.92
C GLN A 60 -15.65 1.18 -7.89
N VAL A 61 -15.29 0.60 -6.73
CA VAL A 61 -14.57 1.27 -5.65
C VAL A 61 -13.13 1.61 -6.07
N ALA A 62 -12.82 2.90 -6.11
CA ALA A 62 -11.51 3.47 -6.46
C ALA A 62 -10.35 2.81 -5.67
N HIS A 63 -10.48 2.87 -4.34
CA HIS A 63 -9.52 2.35 -3.37
C HIS A 63 -9.23 0.85 -3.51
N CYS A 64 -10.24 0.02 -3.79
CA CYS A 64 -10.10 -1.43 -4.03
C CYS A 64 -9.16 -1.67 -5.23
N ALA A 65 -9.52 -1.16 -6.40
CA ALA A 65 -8.72 -1.23 -7.63
C ALA A 65 -7.26 -0.75 -7.40
N SER A 66 -7.09 0.39 -6.71
CA SER A 66 -5.79 0.98 -6.36
C SER A 66 -4.95 0.07 -5.44
N SER A 67 -5.47 -0.27 -4.26
CA SER A 67 -4.82 -1.14 -3.25
C SER A 67 -4.37 -2.49 -3.81
N ARG A 68 -5.21 -3.15 -4.62
CA ARG A 68 -4.84 -4.39 -5.33
C ARG A 68 -3.57 -4.17 -6.15
N GLN A 69 -3.54 -3.09 -6.94
CA GLN A 69 -2.42 -2.69 -7.79
C GLN A 69 -1.11 -2.46 -7.03
N ILE A 70 -1.10 -1.60 -5.99
CA ILE A 70 0.11 -1.32 -5.19
C ILE A 70 0.76 -2.60 -4.65
N ILE A 71 -0.04 -3.53 -4.09
CA ILE A 71 0.47 -4.81 -3.59
C ILE A 71 0.92 -5.72 -4.72
N SER A 72 0.19 -5.78 -5.83
CA SER A 72 0.58 -6.54 -7.04
C SER A 72 1.99 -6.11 -7.47
N HIS A 73 2.23 -4.80 -7.60
CA HIS A 73 3.54 -4.25 -7.94
C HIS A 73 4.57 -4.66 -6.89
N TRP A 74 4.41 -4.27 -5.62
CA TRP A 74 5.37 -4.57 -4.55
C TRP A 74 5.81 -6.04 -4.47
N LYS A 75 4.86 -6.98 -4.58
CA LYS A 75 5.11 -8.43 -4.56
C LYS A 75 5.90 -8.90 -5.79
N ASN A 76 5.48 -8.52 -6.99
CA ASN A 76 6.13 -8.85 -8.27
C ASN A 76 7.53 -8.24 -8.44
N CYS A 77 7.72 -6.99 -8.00
CA CYS A 77 8.95 -6.21 -8.14
C CYS A 77 10.14 -6.87 -7.41
N THR A 78 11.15 -7.26 -8.20
CA THR A 78 12.43 -7.89 -7.77
C THR A 78 13.63 -7.17 -8.43
N ARG A 79 13.40 -5.94 -8.89
CA ARG A 79 14.35 -5.01 -9.53
C ARG A 79 15.50 -4.62 -8.60
N HIS A 80 16.66 -4.26 -9.17
CA HIS A 80 17.84 -3.74 -8.44
C HIS A 80 17.42 -2.61 -7.48
N ASP A 81 16.71 -1.61 -8.01
CA ASP A 81 16.13 -0.50 -7.26
C ASP A 81 14.87 0.09 -7.94
N CYS A 82 13.85 0.38 -7.13
CA CYS A 82 12.57 0.99 -7.45
C CYS A 82 12.35 2.06 -6.34
N PRO A 83 11.81 3.26 -6.62
CA PRO A 83 11.68 4.36 -5.64
C PRO A 83 10.82 4.09 -4.40
N VAL A 84 10.07 2.98 -4.33
CA VAL A 84 9.23 2.61 -3.17
C VAL A 84 9.52 1.18 -2.71
N CYS A 85 9.54 0.24 -3.65
CA CYS A 85 9.74 -1.18 -3.42
C CYS A 85 11.04 -1.46 -2.67
N LEU A 86 12.17 -1.04 -3.25
CA LEU A 86 13.50 -1.21 -2.69
C LEU A 86 13.63 -0.76 -1.22
N PRO A 87 13.35 0.51 -0.82
CA PRO A 87 13.49 0.93 0.57
C PRO A 87 12.69 0.05 1.56
N LEU A 88 11.44 -0.30 1.23
CA LEU A 88 10.58 -1.19 2.02
C LEU A 88 11.19 -2.59 2.20
N LYS A 89 11.67 -3.22 1.12
CA LYS A 89 12.34 -4.54 1.11
C LYS A 89 13.64 -4.51 1.92
N ASN A 90 14.47 -3.52 1.63
CA ASN A 90 15.79 -3.32 2.21
C ASN A 90 15.76 -3.18 3.75
N ALA A 91 14.80 -2.41 4.28
CA ALA A 91 14.60 -2.15 5.71
C ALA A 91 14.28 -3.45 6.51
N SER A 92 15.32 -4.06 7.09
CA SER A 92 15.27 -5.28 7.90
C SER A 92 16.54 -5.43 8.75
N ASP A 93 16.42 -6.10 9.89
CA ASP A 93 17.52 -6.42 10.83
C ASP A 93 17.37 -7.89 11.26
N LYS A 94 17.90 -8.79 10.41
CA LYS A 94 17.77 -10.26 10.51
C LYS A 94 19.14 -10.93 10.39
N ARG A 95 19.62 -11.55 11.48
CA ARG A 95 20.92 -12.25 11.60
C ARG A 95 20.76 -13.62 12.27
N SER B 1 14.78 10.63 10.58
CA SER B 1 13.49 10.25 9.94
C SER B 1 13.52 8.80 9.47
N ASP B 2 12.42 8.07 9.67
CA ASP B 2 12.25 6.68 9.24
C ASP B 2 12.25 6.55 7.69
N LEU B 3 12.80 5.45 7.16
CA LEU B 3 12.91 5.21 5.71
C LEU B 3 11.54 5.02 5.02
N ALA B 4 10.68 4.14 5.54
CA ALA B 4 9.33 3.91 4.99
C ALA B 4 8.47 5.16 5.13
N CYS B 5 8.34 5.69 6.36
CA CYS B 5 7.57 6.89 6.70
C CYS B 5 8.34 8.20 6.42
N ARG B 6 9.20 8.22 5.38
CA ARG B 6 10.04 9.35 4.93
C ARG B 6 9.28 10.68 4.83
N LEU B 7 8.16 10.67 4.09
CA LEU B 7 7.27 11.81 3.85
C LEU B 7 5.80 11.32 3.84
N LEU B 8 5.25 11.01 5.01
CA LEU B 8 3.81 10.67 5.13
C LEU B 8 3.00 11.98 5.17
N GLY B 9 3.02 12.67 4.02
CA GLY B 9 2.40 13.96 3.75
C GLY B 9 2.73 14.58 2.38
N GLN B 10 3.12 13.76 1.38
CA GLN B 10 3.46 14.20 0.02
C GLN B 10 2.33 15.00 -0.64
N SER B 11 1.13 14.41 -0.71
CA SER B 11 -0.10 15.03 -1.23
C SER B 11 -1.28 14.94 -0.25
N MET B 12 -1.03 14.49 0.99
CA MET B 12 -2.03 14.45 2.06
C MET B 12 -2.46 15.88 2.46
N ASP B 13 -1.51 16.82 2.40
CA ASP B 13 -1.72 18.25 2.62
C ASP B 13 -2.54 18.88 1.48
N GLU B 14 -2.20 18.53 0.23
CA GLU B 14 -2.83 19.02 -1.01
C GLU B 14 -4.29 18.56 -1.17
N SER B 15 -4.56 17.26 -0.98
CA SER B 15 -5.87 16.62 -1.19
C SER B 15 -6.32 15.70 -0.05
N GLY B 16 -5.40 14.86 0.49
CA GLY B 16 -5.68 13.88 1.55
C GLY B 16 -5.49 12.46 0.99
N LEU B 17 -6.59 11.85 0.55
CA LEU B 17 -6.63 10.55 -0.13
C LEU B 17 -7.38 10.72 -1.46
N PRO B 18 -6.84 10.22 -2.59
CA PRO B 18 -7.41 10.39 -3.92
C PRO B 18 -8.47 9.33 -4.26
N GLN B 19 -8.91 9.35 -5.53
CA GLN B 19 -9.77 8.36 -6.16
C GLN B 19 -9.06 7.83 -7.42
N LEU B 20 -7.90 7.19 -7.18
CA LEU B 20 -7.09 6.51 -8.18
C LEU B 20 -7.83 5.24 -8.66
N THR B 21 -7.33 4.63 -9.72
CA THR B 21 -7.90 3.42 -10.33
C THR B 21 -6.81 2.44 -10.76
N SER B 22 -7.22 1.22 -11.12
CA SER B 22 -6.35 0.17 -11.67
C SER B 22 -5.54 0.73 -12.85
N TYR B 23 -6.22 1.36 -13.81
CA TYR B 23 -5.63 2.04 -14.97
C TYR B 23 -4.54 3.04 -14.57
N ASP B 24 -4.87 4.08 -13.80
CA ASP B 24 -3.93 5.10 -13.32
C ASP B 24 -2.68 4.49 -12.67
N CYS B 25 -2.89 3.59 -11.70
CA CYS B 25 -1.83 2.91 -10.96
C CYS B 25 -0.93 2.06 -11.88
N GLU B 26 -1.50 1.20 -12.73
CA GLU B 26 -0.78 0.37 -13.71
C GLU B 26 0.05 1.22 -14.69
N VAL B 27 -0.53 2.31 -15.20
CA VAL B 27 0.12 3.28 -16.10
C VAL B 27 1.35 3.91 -15.46
N ASN B 28 1.22 4.41 -14.23
CA ASN B 28 2.29 5.08 -13.49
C ASN B 28 3.38 4.13 -12.94
N ALA B 29 3.01 2.96 -12.44
CA ALA B 29 3.93 1.95 -11.89
C ALA B 29 3.60 0.53 -12.39
N PRO B 30 3.97 0.17 -13.64
CA PRO B 30 3.70 -1.15 -14.23
C PRO B 30 4.23 -2.33 -13.40
N ILE B 31 3.34 -3.27 -13.07
CA ILE B 31 3.63 -4.50 -12.32
C ILE B 31 4.64 -5.34 -13.12
N GLN B 32 5.78 -5.68 -12.51
CA GLN B 32 6.85 -6.43 -13.17
C GLN B 32 6.40 -7.81 -13.69
N GLY B 33 6.86 -8.14 -14.89
CA GLY B 33 6.51 -9.37 -15.59
C GLY B 33 5.25 -9.16 -16.45
N SER B 34 4.08 -9.19 -15.80
CA SER B 34 2.74 -9.00 -16.38
C SER B 34 1.79 -8.33 -15.38
N ARG B 35 0.75 -7.64 -15.87
CA ARG B 35 -0.27 -6.98 -15.04
C ARG B 35 -1.08 -8.02 -14.25
N ASN B 36 -1.42 -7.68 -13.02
CA ASN B 36 -2.16 -8.48 -12.05
C ASN B 36 -2.98 -7.59 -11.10
N LEU B 37 -3.86 -8.21 -10.31
CA LEU B 37 -4.66 -7.62 -9.23
C LEU B 37 -4.74 -8.65 -8.10
N LEU B 38 -3.66 -8.71 -7.31
CA LEU B 38 -3.44 -9.56 -6.13
C LEU B 38 -4.69 -9.49 -5.22
N GLN B 39 -5.17 -10.64 -4.76
CA GLN B 39 -6.41 -10.78 -3.99
C GLN B 39 -6.36 -11.82 -2.85
N GLY B 40 -7.35 -11.75 -1.96
CA GLY B 40 -7.56 -12.63 -0.82
C GLY B 40 -6.38 -12.79 0.15
N GLU B 41 -6.21 -13.98 0.73
CA GLU B 41 -5.16 -14.27 1.73
C GLU B 41 -3.74 -13.88 1.27
N GLU B 42 -3.43 -14.03 -0.03
CA GLU B 42 -2.14 -13.63 -0.61
C GLU B 42 -1.82 -12.14 -0.38
N LEU B 43 -2.84 -11.28 -0.21
CA LEU B 43 -2.67 -9.86 0.13
C LEU B 43 -1.98 -9.77 1.47
N LEU B 44 -2.62 -10.29 2.52
CA LEU B 44 -2.16 -10.26 3.91
C LEU B 44 -0.75 -10.86 4.01
N ARG B 45 -0.48 -11.98 3.32
CA ARG B 45 0.84 -12.62 3.18
C ARG B 45 1.87 -11.62 2.63
N ALA B 46 1.55 -10.95 1.51
CA ALA B 46 2.38 -9.93 0.90
C ALA B 46 2.62 -8.73 1.85
N LEU B 47 1.58 -8.22 2.54
CA LEU B 47 1.68 -7.13 3.52
C LEU B 47 2.57 -7.49 4.73
N ASP B 48 2.49 -8.74 5.21
CA ASP B 48 3.20 -9.18 6.40
C ASP B 48 4.74 -9.20 6.29
N GLN B 49 5.29 -9.46 5.10
CA GLN B 49 6.75 -9.55 4.85
C GLN B 49 7.58 -8.31 5.23
N VAL B 50 6.95 -7.16 5.47
CA VAL B 50 7.59 -5.87 5.87
C VAL B 50 8.42 -6.01 7.16
N ASN B 51 7.93 -6.76 8.15
CA ASN B 51 8.60 -6.97 9.45
C ASN B 51 9.99 -7.63 9.32
N ALA A 1 1.35 8.49 -18.08
CA ALA A 1 1.76 8.61 -16.65
C ALA A 1 2.05 10.07 -16.28
N ASP A 2 1.99 10.40 -15.00
CA ASP A 2 2.22 11.74 -14.43
C ASP A 2 2.98 11.62 -13.08
N PRO A 3 4.00 12.48 -12.80
CA PRO A 3 4.78 12.41 -11.57
C PRO A 3 3.93 12.56 -10.31
N GLU A 4 2.96 13.49 -10.26
CA GLU A 4 2.08 13.67 -9.10
C GLU A 4 1.23 12.42 -8.83
N LYS A 5 0.69 11.76 -9.87
CA LYS A 5 -0.03 10.48 -9.69
C LYS A 5 0.89 9.44 -9.03
N ARG A 6 2.18 9.40 -9.37
CA ARG A 6 3.16 8.50 -8.72
C ARG A 6 3.32 8.88 -7.23
N LYS A 7 3.46 10.17 -6.89
CA LYS A 7 3.49 10.67 -5.48
C LYS A 7 2.25 10.21 -4.70
N LEU A 8 1.06 10.37 -5.29
CA LEU A 8 -0.23 9.93 -4.74
C LEU A 8 -0.24 8.42 -4.49
N ILE A 9 0.21 7.61 -5.45
CA ILE A 9 0.35 6.14 -5.33
C ILE A 9 1.31 5.80 -4.18
N GLN A 10 2.52 6.38 -4.16
CA GLN A 10 3.56 6.21 -3.13
C GLN A 10 2.99 6.35 -1.70
N GLN A 11 2.35 7.47 -1.37
CA GLN A 11 1.77 7.64 -0.01
C GLN A 11 0.79 6.52 0.36
N GLN A 12 -0.18 6.18 -0.51
CA GLN A 12 -1.14 5.10 -0.26
C GLN A 12 -0.47 3.73 -0.08
N LEU A 13 0.61 3.45 -0.81
CA LEU A 13 1.42 2.23 -0.70
C LEU A 13 1.90 2.09 0.76
N VAL A 14 2.58 3.13 1.28
CA VAL A 14 3.06 3.21 2.68
C VAL A 14 1.91 3.13 3.69
N LEU A 15 0.81 3.86 3.51
CA LEU A 15 -0.37 3.79 4.39
C LEU A 15 -0.94 2.37 4.49
N LEU A 16 -1.19 1.72 3.35
CA LEU A 16 -1.75 0.36 3.25
C LEU A 16 -0.88 -0.66 3.98
N LEU A 17 0.45 -0.56 3.83
CA LEU A 17 1.42 -1.40 4.52
C LEU A 17 1.31 -1.22 6.05
N HIS A 18 1.31 0.04 6.53
CA HIS A 18 1.11 0.35 7.95
C HIS A 18 -0.19 -0.28 8.45
N ALA A 19 -1.32 -0.08 7.74
CA ALA A 19 -2.64 -0.59 8.09
C ALA A 19 -2.64 -2.02 8.64
N HIS A 20 -2.06 -2.98 7.90
CA HIS A 20 -1.95 -4.38 8.36
C HIS A 20 -0.89 -4.57 9.45
N LYS A 21 0.27 -3.91 9.38
CA LYS A 21 1.32 -3.97 10.44
C LYS A 21 0.72 -3.61 11.82
N CYS A 22 0.00 -2.49 11.85
CA CYS A 22 -0.78 -1.94 12.95
C CYS A 22 -1.84 -2.95 13.44
N GLN A 23 -2.67 -3.49 12.51
CA GLN A 23 -3.66 -4.52 12.81
C GLN A 23 -3.03 -5.77 13.46
N ARG A 24 -1.96 -6.33 12.86
CA ARG A 24 -1.18 -7.46 13.36
C ARG A 24 -0.71 -7.20 14.79
N ARG A 25 -0.07 -6.05 15.05
CA ARG A 25 0.39 -5.61 16.38
C ARG A 25 -0.77 -5.62 17.39
N GLU A 26 -1.88 -4.95 17.06
CA GLU A 26 -3.11 -4.89 17.86
C GLU A 26 -3.66 -6.29 18.19
N GLN A 27 -3.77 -7.18 17.19
CA GLN A 27 -4.22 -8.57 17.35
C GLN A 27 -3.30 -9.35 18.32
N ALA A 28 -1.98 -9.25 18.14
CA ALA A 28 -0.97 -9.88 18.99
C ALA A 28 -1.04 -9.38 20.45
N ASN A 29 -1.02 -8.05 20.65
CA ASN A 29 -1.12 -7.37 21.94
C ASN A 29 -1.89 -6.04 21.81
N GLY A 30 -3.06 -5.96 22.45
CA GLY A 30 -3.91 -4.76 22.44
C GLY A 30 -3.26 -3.56 23.16
N GLU A 31 -3.13 -2.43 22.46
CA GLU A 31 -2.55 -1.18 22.96
C GLU A 31 -3.33 0.03 22.40
N VAL A 32 -3.54 1.05 23.24
CA VAL A 32 -4.25 2.30 22.91
C VAL A 32 -3.29 3.25 22.17
N ARG A 33 -2.18 3.63 22.81
CA ARG A 33 -1.14 4.51 22.26
C ARG A 33 -0.13 3.70 21.44
N ALA A 34 -0.52 3.40 20.20
CA ALA A 34 0.24 2.62 19.22
C ALA A 34 0.22 3.31 17.84
N CYS A 35 -0.98 3.44 17.26
CA CYS A 35 -1.23 4.08 15.97
C CYS A 35 -0.94 5.60 16.00
N SER A 36 -0.70 6.19 14.83
CA SER A 36 -0.39 7.61 14.61
C SER A 36 -1.17 8.22 13.43
N LEU A 37 -1.01 7.65 12.23
CA LEU A 37 -1.64 8.06 10.98
C LEU A 37 -3.19 8.05 11.07
N PRO A 38 -3.89 9.15 10.74
CA PRO A 38 -5.37 9.19 10.82
C PRO A 38 -6.04 8.24 9.82
N HIS A 39 -5.58 8.23 8.57
CA HIS A 39 -6.08 7.40 7.47
C HIS A 39 -5.76 5.90 7.55
N CYS A 40 -5.03 5.46 8.58
CA CYS A 40 -4.80 4.03 8.86
C CYS A 40 -6.16 3.30 8.94
N ARG A 41 -7.13 3.88 9.66
CA ARG A 41 -8.54 3.41 9.76
C ARG A 41 -9.17 3.24 8.38
N THR A 42 -9.02 4.23 7.50
CA THR A 42 -9.51 4.18 6.11
C THR A 42 -8.89 2.99 5.38
N MET A 43 -7.56 2.85 5.41
CA MET A 43 -6.86 1.72 4.80
C MET A 43 -7.28 0.37 5.38
N LYS A 44 -7.49 0.24 6.70
CA LYS A 44 -8.00 -1.00 7.35
C LYS A 44 -9.36 -1.41 6.77
N ASN A 45 -10.28 -0.47 6.58
CA ASN A 45 -11.59 -0.71 5.96
C ASN A 45 -11.41 -1.21 4.52
N VAL A 46 -10.58 -0.52 3.73
CA VAL A 46 -10.21 -0.88 2.35
C VAL A 46 -9.64 -2.31 2.30
N LEU A 47 -8.60 -2.58 3.08
CA LEU A 47 -7.91 -3.85 3.29
C LEU A 47 -8.89 -5.01 3.57
N ASN A 48 -9.75 -4.86 4.59
CA ASN A 48 -10.79 -5.83 4.94
C ASN A 48 -11.62 -6.21 3.70
N HIS A 49 -12.22 -5.21 3.05
CA HIS A 49 -13.00 -5.40 1.84
C HIS A 49 -12.15 -6.09 0.74
N MET A 50 -10.92 -5.64 0.48
CA MET A 50 -9.95 -6.21 -0.48
C MET A 50 -9.85 -7.74 -0.39
N THR A 51 -9.66 -8.28 0.82
CA THR A 51 -9.57 -9.73 1.07
C THR A 51 -10.85 -10.49 0.66
N HIS A 52 -12.02 -9.97 1.01
CA HIS A 52 -13.34 -10.57 0.68
C HIS A 52 -13.68 -10.45 -0.82
N CYS A 53 -13.48 -9.27 -1.40
CA CYS A 53 -13.75 -8.90 -2.79
C CYS A 53 -13.03 -9.84 -3.78
N GLN A 54 -13.80 -10.71 -4.44
CA GLN A 54 -13.30 -11.72 -5.40
C GLN A 54 -12.91 -11.13 -6.77
N ALA A 55 -13.35 -9.91 -7.07
CA ALA A 55 -13.07 -9.19 -8.32
C ALA A 55 -11.60 -8.70 -8.39
N GLY A 56 -11.26 -8.00 -9.48
CA GLY A 56 -9.95 -7.39 -9.74
C GLY A 56 -10.10 -5.89 -10.03
N LYS A 57 -9.88 -5.49 -11.28
CA LYS A 57 -10.04 -4.08 -11.73
C LYS A 57 -11.51 -3.61 -11.69
N ALA A 58 -12.45 -4.55 -11.84
CA ALA A 58 -13.90 -4.36 -11.95
C ALA A 58 -14.61 -3.67 -10.77
N CYS A 59 -14.16 -3.86 -9.52
CA CYS A 59 -14.81 -3.26 -8.35
C CYS A 59 -14.81 -1.71 -8.46
N GLN A 60 -16.00 -1.12 -8.44
CA GLN A 60 -16.24 0.31 -8.66
C GLN A 60 -15.62 1.23 -7.58
N VAL A 61 -15.40 0.72 -6.35
CA VAL A 61 -14.80 1.44 -5.24
C VAL A 61 -13.34 1.81 -5.58
N ALA A 62 -13.05 3.12 -5.67
CA ALA A 62 -11.74 3.70 -6.03
C ALA A 62 -10.56 3.02 -5.31
N HIS A 63 -10.61 2.99 -3.98
CA HIS A 63 -9.60 2.39 -3.11
C HIS A 63 -9.45 0.88 -3.29
N CYS A 64 -10.54 0.12 -3.36
CA CYS A 64 -10.54 -1.33 -3.59
C CYS A 64 -9.81 -1.67 -4.91
N ALA A 65 -10.17 -0.97 -5.99
CA ALA A 65 -9.53 -1.09 -7.29
C ALA A 65 -8.03 -0.82 -7.17
N SER A 66 -7.63 0.38 -6.72
CA SER A 66 -6.25 0.86 -6.55
C SER A 66 -5.34 -0.01 -5.68
N SER A 67 -5.77 -0.33 -4.45
CA SER A 67 -5.02 -1.10 -3.43
C SER A 67 -4.45 -2.43 -3.92
N ARG A 68 -5.12 -3.13 -4.85
CA ARG A 68 -4.59 -4.36 -5.46
C ARG A 68 -3.25 -4.09 -6.17
N GLN A 69 -3.17 -3.12 -7.09
CA GLN A 69 -1.94 -2.77 -7.83
C GLN A 69 -0.76 -2.46 -6.92
N ILE A 70 -0.91 -1.58 -5.93
CA ILE A 70 0.19 -1.18 -5.03
C ILE A 70 0.89 -2.39 -4.37
N ILE A 71 0.12 -3.38 -3.91
CA ILE A 71 0.66 -4.62 -3.32
C ILE A 71 1.18 -5.58 -4.38
N SER A 72 0.45 -5.74 -5.49
CA SER A 72 0.85 -6.54 -6.65
C SER A 72 2.24 -6.13 -7.14
N HIS A 73 2.47 -4.82 -7.30
CA HIS A 73 3.74 -4.22 -7.68
C HIS A 73 4.81 -4.62 -6.66
N TRP A 74 4.68 -4.22 -5.39
CA TRP A 74 5.68 -4.50 -4.35
C TRP A 74 6.11 -5.97 -4.27
N LYS A 75 5.15 -6.92 -4.31
CA LYS A 75 5.45 -8.36 -4.25
C LYS A 75 6.25 -8.85 -5.46
N ASN A 76 5.88 -8.43 -6.68
CA ASN A 76 6.57 -8.79 -7.94
C ASN A 76 7.93 -8.08 -8.11
N CYS A 77 8.01 -6.79 -7.79
CA CYS A 77 9.18 -5.94 -7.96
C CYS A 77 10.43 -6.47 -7.23
N THR A 78 11.52 -6.54 -8.00
CA THR A 78 12.86 -7.00 -7.58
C THR A 78 13.96 -6.05 -8.13
N ARG A 79 13.56 -4.85 -8.59
CA ARG A 79 14.40 -3.77 -9.11
C ARG A 79 15.37 -3.25 -8.04
N HIS A 80 16.63 -3.06 -8.44
CA HIS A 80 17.74 -2.60 -7.58
C HIS A 80 17.46 -1.30 -6.81
N ASP A 81 16.79 -0.32 -7.45
CA ASP A 81 16.52 1.01 -6.88
C ASP A 81 15.12 1.58 -7.19
N CYS A 82 14.05 0.79 -7.05
CA CYS A 82 12.68 1.28 -7.20
C CYS A 82 12.41 2.32 -6.08
N PRO A 83 11.76 3.47 -6.34
CA PRO A 83 11.54 4.54 -5.36
C PRO A 83 10.78 4.16 -4.08
N VAL A 84 10.08 3.01 -4.05
CA VAL A 84 9.30 2.57 -2.87
C VAL A 84 9.75 1.17 -2.42
N CYS A 85 9.80 0.22 -3.35
CA CYS A 85 10.15 -1.18 -3.13
C CYS A 85 11.51 -1.36 -2.42
N LEU A 86 12.57 -0.68 -2.90
CA LEU A 86 13.91 -0.73 -2.31
C LEU A 86 13.90 -0.32 -0.82
N PRO A 87 13.52 0.92 -0.41
CA PRO A 87 13.52 1.32 1.00
C PRO A 87 12.67 0.41 1.90
N LEU A 88 11.54 -0.10 1.42
CA LEU A 88 10.69 -1.05 2.15
C LEU A 88 11.40 -2.40 2.36
N LYS A 89 11.96 -2.99 1.31
CA LYS A 89 12.73 -4.25 1.34
C LYS A 89 13.95 -4.16 2.25
N ASN A 90 14.80 -3.17 2.00
CA ASN A 90 16.04 -2.88 2.72
C ASN A 90 16.13 -1.37 3.03
N ALA A 91 15.82 -0.99 4.27
CA ALA A 91 15.90 0.40 4.71
C ALA A 91 17.38 0.87 4.78
N SER A 92 17.72 1.91 4.01
CA SER A 92 19.06 2.49 3.90
C SER A 92 19.61 2.91 5.27
N ASP A 93 20.74 2.32 5.70
CA ASP A 93 21.38 2.63 6.98
C ASP A 93 21.91 4.07 7.05
N LYS A 94 22.45 4.58 5.93
CA LYS A 94 22.98 5.96 5.80
C LYS A 94 21.91 7.00 6.20
N ARG A 95 22.10 7.62 7.38
CA ARG A 95 21.20 8.61 7.99
C ARG A 95 21.08 9.90 7.15
N SER B 1 13.07 5.00 13.33
CA SER B 1 13.42 4.88 11.90
C SER B 1 12.20 5.13 11.02
N ASP B 2 12.35 5.97 9.99
CA ASP B 2 11.31 6.34 9.02
C ASP B 2 11.93 6.56 7.62
N LEU B 3 11.37 5.90 6.60
CA LEU B 3 11.83 5.93 5.20
C LEU B 3 10.64 5.75 4.24
N ALA B 4 10.87 5.32 2.99
CA ALA B 4 9.89 5.20 1.90
C ALA B 4 9.29 6.60 1.66
N CYS B 5 8.05 6.86 2.11
CA CYS B 5 7.49 8.20 2.11
C CYS B 5 7.91 8.89 3.42
N ARG B 6 9.20 9.25 3.52
CA ARG B 6 9.80 9.93 4.69
C ARG B 6 8.94 11.14 5.06
N LEU B 7 8.49 11.19 6.32
CA LEU B 7 7.53 12.16 6.85
C LEU B 7 6.27 12.26 5.97
N LEU B 8 5.40 11.23 6.01
CA LEU B 8 4.13 11.18 5.25
C LEU B 8 3.35 12.50 5.32
N GLY B 9 3.26 13.10 6.51
CA GLY B 9 2.64 14.40 6.81
C GLY B 9 2.85 15.47 5.73
N GLN B 10 4.07 15.55 5.18
CA GLN B 10 4.48 16.45 4.08
C GLN B 10 3.44 16.48 2.94
N SER B 11 3.25 15.32 2.31
CA SER B 11 2.35 15.08 1.18
C SER B 11 0.90 14.93 1.64
N MET B 12 0.66 14.20 2.73
CA MET B 12 -0.67 13.95 3.32
C MET B 12 -1.47 15.25 3.55
N ASP B 13 -0.79 16.33 3.97
CA ASP B 13 -1.37 17.66 4.18
C ASP B 13 -2.07 18.21 2.92
N GLU B 14 -1.41 18.10 1.76
CA GLU B 14 -1.90 18.53 0.44
C GLU B 14 -2.91 17.54 -0.17
N SER B 15 -2.45 16.30 -0.36
CA SER B 15 -3.13 15.19 -1.02
C SER B 15 -4.36 14.65 -0.28
N GLY B 16 -4.29 14.51 1.05
CA GLY B 16 -5.29 13.83 1.87
C GLY B 16 -5.31 12.37 1.43
N LEU B 17 -6.42 11.94 0.81
CA LEU B 17 -6.56 10.65 0.14
C LEU B 17 -7.13 10.90 -1.28
N PRO B 18 -6.42 10.52 -2.35
CA PRO B 18 -6.88 10.72 -3.72
C PRO B 18 -7.96 9.70 -4.13
N GLN B 19 -8.51 9.90 -5.33
CA GLN B 19 -9.45 8.98 -5.98
C GLN B 19 -8.77 8.37 -7.21
N LEU B 20 -7.72 7.59 -6.92
CA LEU B 20 -6.99 6.79 -7.90
C LEU B 20 -7.90 5.64 -8.38
N THR B 21 -7.49 4.98 -9.46
CA THR B 21 -8.21 3.84 -10.05
C THR B 21 -7.24 2.74 -10.43
N SER B 22 -7.78 1.57 -10.79
CA SER B 22 -7.03 0.43 -11.32
C SER B 22 -6.18 0.89 -12.50
N TYR B 23 -6.81 1.53 -13.49
CA TYR B 23 -6.17 2.11 -14.67
C TYR B 23 -5.00 3.04 -14.28
N ASP B 24 -5.24 4.07 -13.47
CA ASP B 24 -4.20 5.02 -13.02
C ASP B 24 -2.98 4.29 -12.42
N CYS B 25 -3.21 3.38 -11.46
CA CYS B 25 -2.15 2.62 -10.80
C CYS B 25 -1.38 1.72 -11.80
N GLU B 26 -2.08 0.94 -12.63
CA GLU B 26 -1.49 0.07 -13.67
C GLU B 26 -0.59 0.86 -14.64
N VAL B 27 -1.02 2.06 -15.04
CA VAL B 27 -0.33 2.98 -15.95
C VAL B 27 0.91 3.62 -15.30
N ASN B 28 0.76 4.22 -14.13
CA ASN B 28 1.81 4.97 -13.43
C ASN B 28 2.86 4.11 -12.71
N ALA B 29 2.50 2.92 -12.22
CA ALA B 29 3.40 1.98 -11.56
C ALA B 29 3.19 0.53 -12.05
N PRO B 30 3.56 0.20 -13.30
CA PRO B 30 3.41 -1.14 -13.88
C PRO B 30 4.06 -2.25 -13.06
N ILE B 31 3.32 -3.34 -12.83
CA ILE B 31 3.77 -4.53 -12.09
C ILE B 31 4.85 -5.26 -12.93
N GLN B 32 5.98 -5.63 -12.32
CA GLN B 32 7.08 -6.33 -13.00
C GLN B 32 6.62 -7.68 -13.60
N GLY B 33 7.10 -7.99 -14.80
CA GLY B 33 6.75 -9.21 -15.55
C GLY B 33 5.51 -8.96 -16.41
N SER B 34 4.33 -9.07 -15.80
CA SER B 34 3.01 -8.84 -16.41
C SER B 34 2.01 -8.30 -15.37
N ARG B 35 1.06 -7.45 -15.80
CA ARG B 35 0.01 -6.90 -14.93
C ARG B 35 -0.93 -8.01 -14.47
N ASN B 36 -0.96 -8.27 -13.16
CA ASN B 36 -1.73 -9.33 -12.50
C ASN B 36 -2.08 -8.87 -11.09
N LEU B 37 -3.36 -8.90 -10.73
CA LEU B 37 -3.80 -8.43 -9.42
C LEU B 37 -3.80 -9.54 -8.35
N LEU B 38 -2.99 -9.28 -7.31
CA LEU B 38 -2.82 -10.05 -6.09
C LEU B 38 -4.16 -10.09 -5.30
N GLN B 39 -4.61 -11.26 -4.82
CA GLN B 39 -5.90 -11.46 -4.14
C GLN B 39 -5.83 -12.22 -2.80
N GLY B 40 -6.92 -12.11 -2.01
CA GLY B 40 -7.17 -12.83 -0.75
C GLY B 40 -6.02 -12.85 0.26
N GLU B 41 -5.80 -13.97 0.94
CA GLU B 41 -4.78 -14.10 2.00
C GLU B 41 -3.36 -13.71 1.55
N GLU B 42 -3.01 -13.92 0.27
CA GLU B 42 -1.72 -13.47 -0.29
C GLU B 42 -1.49 -11.98 -0.10
N LEU B 43 -2.55 -11.14 -0.07
CA LEU B 43 -2.48 -9.70 0.21
C LEU B 43 -1.86 -9.53 1.60
N LEU B 44 -2.54 -10.07 2.62
CA LEU B 44 -2.13 -9.99 4.03
C LEU B 44 -0.70 -10.52 4.22
N ARG B 45 -0.37 -11.68 3.65
CA ARG B 45 0.97 -12.28 3.66
C ARG B 45 2.03 -11.30 3.12
N ALA B 46 1.74 -10.63 2.00
CA ALA B 46 2.60 -9.61 1.40
C ALA B 46 2.79 -8.41 2.37
N LEU B 47 1.69 -7.83 2.89
CA LEU B 47 1.73 -6.71 3.84
C LEU B 47 2.54 -7.06 5.12
N ASP B 48 2.34 -8.26 5.66
CA ASP B 48 2.96 -8.76 6.89
C ASP B 48 4.49 -8.90 6.83
N GLN B 49 5.09 -9.02 5.64
CA GLN B 49 6.55 -9.15 5.49
C GLN B 49 7.33 -7.89 5.97
N VAL B 50 6.68 -6.72 6.03
CA VAL B 50 7.28 -5.46 6.51
C VAL B 50 7.67 -5.62 7.99
N ASN B 51 8.97 -5.55 8.29
CA ASN B 51 9.53 -5.67 9.65
C ASN B 51 10.81 -4.83 9.85
N ALA A 1 1.57 9.58 -17.58
CA ALA A 1 1.96 9.57 -16.15
C ALA A 1 2.17 10.99 -15.62
N ASP A 2 2.12 11.17 -14.29
CA ASP A 2 2.26 12.45 -13.59
C ASP A 2 3.06 12.26 -12.28
N PRO A 3 4.04 13.13 -11.96
CA PRO A 3 4.88 13.00 -10.76
C PRO A 3 4.09 13.05 -9.45
N GLU A 4 3.15 13.98 -9.27
CA GLU A 4 2.34 14.05 -8.05
C GLU A 4 1.45 12.80 -7.89
N LYS A 5 0.84 12.28 -8.97
CA LYS A 5 0.11 11.00 -8.92
C LYS A 5 1.06 9.87 -8.47
N ARG A 6 2.32 9.90 -8.88
CA ARG A 6 3.37 8.95 -8.47
C ARG A 6 3.59 9.05 -6.95
N LYS A 7 3.71 10.26 -6.40
CA LYS A 7 3.82 10.53 -4.94
C LYS A 7 2.62 9.94 -4.19
N LEU A 8 1.41 10.19 -4.67
CA LEU A 8 0.17 9.64 -4.11
C LEU A 8 0.21 8.11 -4.10
N ILE A 9 0.66 7.47 -5.18
CA ILE A 9 0.85 6.01 -5.24
C ILE A 9 1.86 5.56 -4.17
N GLN A 10 3.04 6.20 -4.05
CA GLN A 10 4.04 5.90 -3.00
C GLN A 10 3.40 5.92 -1.60
N GLN A 11 2.68 7.00 -1.28
CA GLN A 11 1.95 7.21 -0.04
C GLN A 11 0.98 6.03 0.23
N GLN A 12 0.04 5.76 -0.68
CA GLN A 12 -0.91 4.66 -0.55
C GLN A 12 -0.25 3.28 -0.39
N LEU A 13 0.84 3.00 -1.10
CA LEU A 13 1.63 1.77 -1.00
C LEU A 13 2.08 1.59 0.46
N VAL A 14 2.75 2.59 1.03
CA VAL A 14 3.19 2.64 2.43
C VAL A 14 2.03 2.50 3.40
N LEU A 15 0.96 3.30 3.27
CA LEU A 15 -0.23 3.21 4.15
C LEU A 15 -0.83 1.80 4.16
N LEU A 16 -1.03 1.18 2.99
CA LEU A 16 -1.61 -0.15 2.84
C LEU A 16 -0.77 -1.24 3.53
N LEU A 17 0.55 -1.22 3.32
CA LEU A 17 1.52 -2.12 3.95
C LEU A 17 1.46 -1.98 5.48
N HIS A 18 1.60 -0.74 5.96
CA HIS A 18 1.50 -0.39 7.36
C HIS A 18 0.16 -0.87 7.95
N ALA A 19 -0.98 -0.57 7.32
CA ALA A 19 -2.32 -0.93 7.77
C ALA A 19 -2.42 -2.38 8.26
N HIS A 20 -2.12 -3.38 7.43
CA HIS A 20 -2.15 -4.79 7.85
C HIS A 20 -1.14 -5.08 8.98
N LYS A 21 0.08 -4.55 8.89
CA LYS A 21 1.12 -4.67 9.93
C LYS A 21 0.63 -4.14 11.29
N CYS A 22 -0.04 -2.99 11.28
CA CYS A 22 -0.66 -2.27 12.39
C CYS A 22 -1.87 -3.04 12.99
N GLN A 23 -2.63 -3.82 12.21
CA GLN A 23 -3.72 -4.67 12.75
C GLN A 23 -3.16 -5.59 13.86
N ARG A 24 -2.03 -6.25 13.61
CA ARG A 24 -1.31 -7.08 14.59
C ARG A 24 -0.89 -6.25 15.82
N ARG A 25 -0.30 -5.07 15.61
CA ARG A 25 0.11 -4.11 16.66
C ARG A 25 -1.05 -3.76 17.59
N GLU A 26 -2.12 -3.16 17.06
CA GLU A 26 -3.30 -2.74 17.84
C GLU A 26 -4.01 -3.89 18.57
N GLN A 27 -4.24 -5.05 17.92
CA GLN A 27 -4.89 -6.20 18.56
C GLN A 27 -4.05 -6.78 19.71
N ALA A 28 -2.71 -6.75 19.60
CA ALA A 28 -1.79 -7.16 20.66
C ALA A 28 -1.83 -6.17 21.83
N ASN A 29 -1.60 -4.88 21.56
CA ASN A 29 -1.64 -3.78 22.53
C ASN A 29 -2.08 -2.46 21.85
N GLY A 30 -3.24 -1.93 22.26
CA GLY A 30 -3.80 -0.68 21.72
C GLY A 30 -5.14 -0.29 22.35
N GLU A 31 -5.72 0.82 21.86
CA GLU A 31 -7.00 1.40 22.28
C GLU A 31 -7.96 1.54 21.08
N VAL A 32 -9.10 2.24 21.25
CA VAL A 32 -10.12 2.51 20.22
C VAL A 32 -9.50 3.08 18.94
N ARG A 33 -8.53 3.99 19.08
CA ARG A 33 -7.73 4.57 17.99
C ARG A 33 -6.25 4.52 18.38
N ALA A 34 -5.69 3.30 18.34
CA ALA A 34 -4.31 2.97 18.70
C ALA A 34 -3.27 3.78 17.90
N CYS A 35 -3.33 3.67 16.57
CA CYS A 35 -2.44 4.34 15.63
C CYS A 35 -2.71 5.86 15.54
N SER A 36 -1.64 6.64 15.33
CA SER A 36 -1.69 8.11 15.21
C SER A 36 -2.43 8.59 13.95
N LEU A 37 -2.21 7.93 12.80
CA LEU A 37 -2.85 8.26 11.52
C LEU A 37 -4.34 7.81 11.54
N PRO A 38 -5.32 8.71 11.37
CA PRO A 38 -6.73 8.30 11.27
C PRO A 38 -6.96 7.48 9.99
N HIS A 39 -6.23 7.84 8.92
CA HIS A 39 -6.20 7.21 7.59
C HIS A 39 -5.79 5.72 7.61
N CYS A 40 -5.02 5.29 8.63
CA CYS A 40 -4.64 3.89 8.85
C CYS A 40 -5.91 3.01 8.90
N ARG A 41 -6.92 3.44 9.68
CA ARG A 41 -8.25 2.81 9.78
C ARG A 41 -8.96 2.71 8.43
N THR A 42 -8.84 3.71 7.56
CA THR A 42 -9.40 3.67 6.18
C THR A 42 -8.73 2.55 5.39
N MET A 43 -7.40 2.51 5.34
CA MET A 43 -6.66 1.42 4.67
C MET A 43 -7.03 0.04 5.26
N LYS A 44 -7.23 -0.09 6.59
CA LYS A 44 -7.68 -1.33 7.26
C LYS A 44 -9.07 -1.77 6.79
N ASN A 45 -10.02 -0.83 6.68
CA ASN A 45 -11.36 -1.09 6.14
C ASN A 45 -11.26 -1.58 4.68
N VAL A 46 -10.49 -0.86 3.86
CA VAL A 46 -10.17 -1.21 2.46
C VAL A 46 -9.61 -2.63 2.38
N LEU A 47 -8.56 -2.94 3.13
CA LEU A 47 -7.89 -4.24 3.29
C LEU A 47 -8.89 -5.37 3.59
N ASN A 48 -9.69 -5.22 4.65
CA ASN A 48 -10.73 -6.19 5.05
C ASN A 48 -11.71 -6.49 3.91
N HIS A 49 -12.14 -5.46 3.18
CA HIS A 49 -13.01 -5.60 2.02
C HIS A 49 -12.27 -6.32 0.87
N MET A 50 -11.05 -5.87 0.53
CA MET A 50 -10.15 -6.38 -0.53
C MET A 50 -10.05 -7.91 -0.62
N THR A 51 -9.83 -8.58 0.51
CA THR A 51 -9.71 -10.06 0.59
C THR A 51 -10.98 -10.76 0.13
N HIS A 52 -12.13 -10.33 0.65
CA HIS A 52 -13.46 -10.85 0.36
C HIS A 52 -13.93 -10.53 -1.07
N CYS A 53 -13.84 -9.27 -1.48
CA CYS A 53 -14.21 -8.74 -2.80
C CYS A 53 -13.45 -9.45 -3.94
N GLN A 54 -14.17 -9.83 -5.00
CA GLN A 54 -13.65 -10.49 -6.21
C GLN A 54 -13.83 -9.63 -7.48
N ALA A 55 -14.53 -8.50 -7.38
CA ALA A 55 -14.83 -7.57 -8.48
C ALA A 55 -13.58 -6.80 -8.97
N GLY A 56 -12.79 -6.24 -8.05
CA GLY A 56 -11.56 -5.48 -8.34
C GLY A 56 -11.81 -4.27 -9.26
N LYS A 57 -11.52 -4.42 -10.56
CA LYS A 57 -11.77 -3.39 -11.60
C LYS A 57 -13.24 -2.95 -11.64
N ALA A 58 -14.16 -3.91 -11.49
CA ALA A 58 -15.60 -3.72 -11.52
C ALA A 58 -16.20 -3.12 -10.22
N CYS A 59 -15.48 -3.16 -9.09
CA CYS A 59 -15.94 -2.62 -7.81
C CYS A 59 -16.07 -1.08 -7.85
N GLN A 60 -17.18 -0.56 -7.33
CA GLN A 60 -17.51 0.87 -7.30
C GLN A 60 -16.53 1.70 -6.44
N VAL A 61 -16.03 1.12 -5.34
CA VAL A 61 -15.09 1.75 -4.40
C VAL A 61 -13.73 2.00 -5.09
N ALA A 62 -13.24 3.24 -5.09
CA ALA A 62 -11.97 3.63 -5.71
C ALA A 62 -10.78 2.84 -5.14
N HIS A 63 -10.54 2.99 -3.82
CA HIS A 63 -9.47 2.37 -3.02
C HIS A 63 -9.30 0.86 -3.25
N CYS A 64 -10.42 0.14 -3.43
CA CYS A 64 -10.50 -1.30 -3.68
C CYS A 64 -9.67 -1.71 -4.92
N ALA A 65 -9.83 -0.99 -6.03
CA ALA A 65 -9.04 -1.18 -7.25
C ALA A 65 -7.57 -0.79 -7.03
N SER A 66 -7.32 0.39 -6.46
CA SER A 66 -5.98 0.94 -6.19
C SER A 66 -5.10 -0.04 -5.39
N SER A 67 -5.56 -0.40 -4.18
CA SER A 67 -4.90 -1.29 -3.22
C SER A 67 -4.42 -2.62 -3.81
N ARG A 68 -5.22 -3.29 -4.65
CA ARG A 68 -4.78 -4.50 -5.34
C ARG A 68 -3.58 -4.22 -6.26
N GLN A 69 -3.68 -3.19 -7.10
CA GLN A 69 -2.65 -2.74 -8.06
C GLN A 69 -1.30 -2.47 -7.38
N ILE A 70 -1.26 -1.61 -6.34
CA ILE A 70 -0.01 -1.31 -5.60
C ILE A 70 0.70 -2.55 -5.04
N ILE A 71 -0.04 -3.53 -4.49
CA ILE A 71 0.56 -4.78 -4.00
C ILE A 71 1.07 -5.65 -5.16
N SER A 72 0.32 -5.75 -6.27
CA SER A 72 0.78 -6.43 -7.48
C SER A 72 2.15 -5.90 -7.91
N HIS A 73 2.32 -4.57 -7.94
CA HIS A 73 3.60 -3.92 -8.24
C HIS A 73 4.69 -4.40 -7.28
N TRP A 74 4.61 -4.10 -5.97
CA TRP A 74 5.65 -4.47 -4.98
C TRP A 74 6.05 -5.95 -5.02
N LYS A 75 5.07 -6.87 -5.12
CA LYS A 75 5.30 -8.32 -5.19
C LYS A 75 6.13 -8.72 -6.43
N ASN A 76 5.72 -8.28 -7.62
CA ASN A 76 6.38 -8.57 -8.91
C ASN A 76 7.71 -7.82 -9.13
N CYS A 77 7.78 -6.55 -8.74
CA CYS A 77 8.95 -5.67 -8.89
C CYS A 77 10.21 -6.27 -8.25
N THR A 78 11.25 -6.42 -9.06
CA THR A 78 12.57 -6.95 -8.70
C THR A 78 13.71 -5.97 -9.03
N ARG A 79 13.36 -4.70 -9.32
CA ARG A 79 14.29 -3.59 -9.59
C ARG A 79 15.07 -3.25 -8.31
N HIS A 80 16.40 -3.31 -8.39
CA HIS A 80 17.32 -3.05 -7.26
C HIS A 80 17.40 -1.58 -6.80
N ASP A 81 16.63 -0.66 -7.39
CA ASP A 81 16.62 0.78 -7.07
C ASP A 81 15.25 1.49 -7.23
N CYS A 82 14.11 0.76 -7.25
CA CYS A 82 12.77 1.36 -7.35
C CYS A 82 12.55 2.28 -6.11
N PRO A 83 11.97 3.49 -6.25
CA PRO A 83 11.82 4.47 -5.16
C PRO A 83 11.09 3.97 -3.89
N VAL A 84 10.15 3.02 -4.01
CA VAL A 84 9.41 2.48 -2.85
C VAL A 84 9.87 1.07 -2.50
N CYS A 85 9.91 0.18 -3.49
CA CYS A 85 10.25 -1.22 -3.38
C CYS A 85 11.63 -1.43 -2.73
N LEU A 86 12.70 -0.78 -3.22
CA LEU A 86 14.03 -0.91 -2.64
C LEU A 86 14.07 -0.65 -1.12
N PRO A 87 13.70 0.53 -0.59
CA PRO A 87 13.72 0.77 0.86
C PRO A 87 12.88 -0.26 1.64
N LEU A 88 11.67 -0.61 1.15
CA LEU A 88 10.81 -1.64 1.74
C LEU A 88 11.51 -3.01 1.83
N LYS A 89 12.11 -3.50 0.74
CA LYS A 89 12.86 -4.77 0.68
C LYS A 89 14.06 -4.75 1.63
N ASN A 90 14.86 -3.70 1.54
CA ASN A 90 16.09 -3.48 2.30
C ASN A 90 15.87 -3.40 3.82
N ALA A 91 14.81 -2.73 4.27
CA ALA A 91 14.45 -2.53 5.66
C ALA A 91 14.22 -3.87 6.41
N SER A 92 15.13 -4.19 7.33
CA SER A 92 15.12 -5.41 8.17
C SER A 92 15.45 -5.06 9.63
N ASP A 93 14.46 -5.17 10.52
CA ASP A 93 14.58 -4.88 11.95
C ASP A 93 13.63 -5.76 12.79
N LYS A 94 14.12 -6.27 13.93
CA LYS A 94 13.38 -7.12 14.89
C LYS A 94 13.57 -6.60 16.32
N ARG A 95 12.50 -6.01 16.88
CA ARG A 95 12.43 -5.44 18.24
C ARG A 95 12.57 -6.51 19.34
N SER B 1 10.54 4.36 13.27
CA SER B 1 10.43 5.26 12.09
C SER B 1 10.32 4.46 10.81
N ASP B 2 9.45 4.89 9.89
CA ASP B 2 9.26 4.24 8.57
C ASP B 2 10.50 4.38 7.67
N LEU B 3 10.70 3.42 6.76
CA LEU B 3 11.75 3.41 5.75
C LEU B 3 11.18 2.97 4.40
N ALA B 4 10.52 3.93 3.74
CA ALA B 4 9.85 3.88 2.44
C ALA B 4 9.44 5.32 2.06
N CYS B 5 8.61 5.92 2.91
CA CYS B 5 8.15 7.31 2.89
C CYS B 5 8.27 7.84 4.34
N ARG B 6 9.51 7.91 4.83
CA ARG B 6 9.95 8.29 6.20
C ARG B 6 9.01 9.29 6.88
N LEU B 7 8.81 10.43 6.23
CA LEU B 7 7.89 11.49 6.64
C LEU B 7 6.66 11.44 5.71
N LEU B 8 5.65 10.63 6.05
CA LEU B 8 4.40 10.51 5.29
C LEU B 8 3.71 11.88 5.17
N GLY B 9 3.71 12.66 6.27
CA GLY B 9 3.18 14.03 6.40
C GLY B 9 3.36 14.91 5.16
N GLN B 10 4.57 14.86 4.56
CA GLN B 10 4.96 15.55 3.32
C GLN B 10 3.85 15.52 2.25
N SER B 11 3.42 14.31 1.90
CA SER B 11 2.40 14.00 0.90
C SER B 11 0.98 14.00 1.48
N MET B 12 0.80 13.46 2.69
CA MET B 12 -0.50 13.41 3.39
C MET B 12 -1.17 14.79 3.46
N ASP B 13 -0.39 15.83 3.75
CA ASP B 13 -0.82 17.24 3.83
C ASP B 13 -1.54 17.77 2.58
N GLU B 14 -1.16 17.31 1.38
CA GLU B 14 -1.70 17.76 0.09
C GLU B 14 -3.22 17.53 -0.08
N SER B 15 -3.71 16.33 0.21
CA SER B 15 -5.12 15.94 0.01
C SER B 15 -5.71 14.95 1.03
N GLY B 16 -4.95 14.50 2.03
CA GLY B 16 -5.39 13.53 3.03
C GLY B 16 -5.31 12.10 2.50
N LEU B 17 -6.26 11.75 1.62
CA LEU B 17 -6.36 10.48 0.91
C LEU B 17 -6.90 10.71 -0.52
N PRO B 18 -6.22 10.21 -1.57
CA PRO B 18 -6.64 10.35 -2.96
C PRO B 18 -7.70 9.30 -3.36
N GLN B 19 -8.13 9.35 -4.61
CA GLN B 19 -9.03 8.40 -5.27
C GLN B 19 -8.38 7.94 -6.58
N LEU B 20 -7.23 7.27 -6.44
CA LEU B 20 -6.43 6.71 -7.54
C LEU B 20 -7.23 5.61 -8.25
N THR B 21 -7.69 5.86 -9.47
CA THR B 21 -8.45 4.90 -10.26
C THR B 21 -7.54 3.77 -10.78
N SER B 22 -8.16 2.73 -11.34
CA SER B 22 -7.48 1.60 -11.98
C SER B 22 -6.45 2.13 -13.00
N TYR B 23 -6.92 3.00 -13.89
CA TYR B 23 -6.15 3.70 -14.91
C TYR B 23 -4.94 4.42 -14.31
N ASP B 24 -5.15 5.33 -13.34
CA ASP B 24 -4.07 6.08 -12.67
C ASP B 24 -2.94 5.16 -12.19
N CYS B 25 -3.29 4.13 -11.40
CA CYS B 25 -2.38 3.15 -10.84
C CYS B 25 -1.60 2.39 -11.93
N GLU B 26 -2.30 1.73 -12.87
CA GLU B 26 -1.72 0.97 -13.98
C GLU B 26 -0.76 1.80 -14.84
N VAL B 27 -1.15 3.04 -15.19
CA VAL B 27 -0.38 3.99 -16.00
C VAL B 27 0.91 4.43 -15.31
N ASN B 28 0.81 4.93 -14.08
CA ASN B 28 1.93 5.49 -13.32
C ASN B 28 2.88 4.44 -12.72
N ALA B 29 2.36 3.27 -12.30
CA ALA B 29 3.14 2.18 -11.71
C ALA B 29 2.76 0.79 -12.31
N PRO B 30 3.21 0.49 -13.56
CA PRO B 30 3.00 -0.80 -14.23
C PRO B 30 3.57 -1.98 -13.44
N ILE B 31 3.15 -3.21 -13.76
CA ILE B 31 3.55 -4.45 -13.06
C ILE B 31 4.41 -5.34 -13.98
N GLN B 32 5.51 -5.89 -13.46
CA GLN B 32 6.42 -6.77 -14.21
C GLN B 32 5.81 -8.17 -14.41
N GLY B 33 5.30 -8.47 -15.61
CA GLY B 33 4.74 -9.78 -15.97
C GLY B 33 3.20 -9.86 -16.04
N SER B 34 2.68 -11.05 -15.72
CA SER B 34 1.26 -11.45 -15.80
C SER B 34 0.30 -10.76 -14.83
N ARG B 35 0.64 -10.68 -13.52
CA ARG B 35 -0.23 -10.11 -12.47
C ARG B 35 -0.70 -8.68 -12.79
N ASN B 36 -1.94 -8.40 -12.38
CA ASN B 36 -2.62 -7.11 -12.55
C ASN B 36 -3.28 -6.67 -11.23
N LEU B 37 -4.30 -7.38 -10.77
CA LEU B 37 -4.95 -7.14 -9.47
C LEU B 37 -4.81 -8.40 -8.57
N LEU B 38 -3.96 -8.32 -7.55
CA LEU B 38 -3.69 -9.36 -6.54
C LEU B 38 -4.98 -9.63 -5.73
N GLN B 39 -5.33 -10.90 -5.44
CA GLN B 39 -6.58 -11.29 -4.76
C GLN B 39 -6.40 -12.13 -3.47
N GLY B 40 -7.43 -12.10 -2.62
CA GLY B 40 -7.62 -12.88 -1.39
C GLY B 40 -6.39 -13.06 -0.47
N GLU B 41 -6.17 -14.28 0.00
CA GLU B 41 -5.10 -14.62 0.98
C GLU B 41 -3.70 -14.15 0.56
N GLU B 42 -3.38 -14.19 -0.74
CA GLU B 42 -2.11 -13.71 -1.29
C GLU B 42 -1.84 -12.24 -0.95
N LEU B 43 -2.89 -11.41 -0.76
CA LEU B 43 -2.77 -10.02 -0.34
C LEU B 43 -2.05 -9.98 1.01
N LEU B 44 -2.69 -10.55 2.04
CA LEU B 44 -2.18 -10.59 3.41
C LEU B 44 -0.76 -11.17 3.49
N ARG B 45 -0.49 -12.25 2.74
CA ARG B 45 0.85 -12.87 2.61
C ARG B 45 1.87 -11.86 2.08
N ALA B 46 1.55 -11.17 0.98
CA ALA B 46 2.37 -10.12 0.39
C ALA B 46 2.60 -8.94 1.35
N LEU B 47 1.56 -8.47 2.07
CA LEU B 47 1.64 -7.39 3.06
C LEU B 47 2.53 -7.76 4.27
N ASP B 48 2.42 -8.99 4.77
CA ASP B 48 3.12 -9.48 5.96
C ASP B 48 4.66 -9.44 5.87
N GLN B 49 5.23 -9.74 4.70
CA GLN B 49 6.69 -9.84 4.43
C GLN B 49 7.55 -8.60 4.80
N VAL B 50 6.93 -7.44 5.07
CA VAL B 50 7.59 -6.18 5.46
C VAL B 50 8.42 -6.34 6.75
N ASN B 51 7.95 -7.17 7.69
CA ASN B 51 8.58 -7.42 9.00
C ASN B 51 10.07 -7.85 8.91
N ALA A 1 1.69 9.21 -17.44
CA ALA A 1 2.14 9.21 -16.03
C ALA A 1 2.44 10.64 -15.55
N ASP A 2 2.40 10.88 -14.24
CA ASP A 2 2.61 12.19 -13.60
C ASP A 2 3.36 12.05 -12.26
N PRO A 3 4.34 12.91 -11.94
CA PRO A 3 5.10 12.83 -10.68
C PRO A 3 4.22 12.93 -9.43
N GLU A 4 3.22 13.82 -9.39
CA GLU A 4 2.32 13.93 -8.23
C GLU A 4 1.48 12.67 -8.03
N LYS A 5 0.98 12.06 -9.12
CA LYS A 5 0.28 10.76 -9.04
C LYS A 5 1.20 9.70 -8.44
N ARG A 6 2.50 9.70 -8.77
CA ARG A 6 3.48 8.79 -8.16
C ARG A 6 3.60 9.03 -6.65
N LYS A 7 3.67 10.28 -6.18
CA LYS A 7 3.66 10.64 -4.74
C LYS A 7 2.43 10.04 -4.04
N LEU A 8 1.24 10.24 -4.61
CA LEU A 8 -0.04 9.69 -4.13
C LEU A 8 -0.01 8.16 -4.07
N ILE A 9 0.49 7.49 -5.12
CA ILE A 9 0.66 6.03 -5.18
C ILE A 9 1.60 5.58 -4.05
N GLN A 10 2.78 6.19 -3.89
CA GLN A 10 3.73 5.90 -2.79
C GLN A 10 3.03 5.99 -1.42
N GLN A 11 2.30 7.08 -1.18
CA GLN A 11 1.52 7.31 0.04
C GLN A 11 0.54 6.15 0.30
N GLN A 12 -0.30 5.79 -0.68
CA GLN A 12 -1.23 4.65 -0.60
C GLN A 12 -0.49 3.33 -0.32
N LEU A 13 0.64 3.08 -1.00
CA LEU A 13 1.50 1.90 -0.84
C LEU A 13 1.93 1.79 0.63
N VAL A 14 2.53 2.85 1.18
CA VAL A 14 2.92 2.97 2.59
C VAL A 14 1.74 2.73 3.54
N LEU A 15 0.64 3.48 3.40
CA LEU A 15 -0.52 3.34 4.27
C LEU A 15 -1.13 1.93 4.24
N LEU A 16 -1.24 1.29 3.07
CA LEU A 16 -1.78 -0.07 2.94
C LEU A 16 -0.88 -1.09 3.68
N LEU A 17 0.43 -1.06 3.45
CA LEU A 17 1.39 -1.89 4.18
C LEU A 17 1.27 -1.66 5.69
N HIS A 18 1.26 -0.39 6.10
CA HIS A 18 1.08 0.03 7.49
C HIS A 18 -0.20 -0.57 8.09
N ALA A 19 -1.38 -0.43 7.45
CA ALA A 19 -2.66 -0.95 7.94
C ALA A 19 -2.60 -2.39 8.47
N HIS A 20 -2.02 -3.33 7.70
CA HIS A 20 -1.84 -4.72 8.13
C HIS A 20 -0.86 -4.84 9.32
N LYS A 21 0.31 -4.17 9.24
CA LYS A 21 1.31 -4.10 10.34
C LYS A 21 0.66 -3.58 11.64
N CYS A 22 -0.11 -2.51 11.52
CA CYS A 22 -0.87 -1.84 12.57
C CYS A 22 -1.90 -2.78 13.20
N GLN A 23 -2.62 -3.59 12.40
CA GLN A 23 -3.54 -4.62 12.91
C GLN A 23 -2.76 -5.60 13.82
N ARG A 24 -1.62 -6.13 13.36
CA ARG A 24 -0.73 -7.00 14.15
C ARG A 24 -0.29 -6.31 15.46
N ARG A 25 0.17 -5.06 15.36
CA ARG A 25 0.55 -4.17 16.48
C ARG A 25 -0.58 -4.05 17.51
N GLU A 26 -1.78 -3.72 17.07
CA GLU A 26 -3.01 -3.60 17.88
C GLU A 26 -3.34 -4.91 18.59
N GLN A 27 -3.33 -6.04 17.87
CA GLN A 27 -3.55 -7.39 18.42
C GLN A 27 -2.54 -7.70 19.54
N ALA A 28 -1.26 -7.40 19.33
CA ALA A 28 -0.18 -7.58 20.30
C ALA A 28 -0.37 -6.67 21.54
N ASN A 29 -0.54 -5.35 21.34
CA ASN A 29 -0.76 -4.34 22.38
C ASN A 29 -1.68 -3.20 21.89
N GLY A 30 -2.80 -3.00 22.60
CA GLY A 30 -3.81 -1.95 22.36
C GLY A 30 -4.91 -1.99 23.42
N GLU A 31 -5.54 -0.86 23.70
CA GLU A 31 -6.62 -0.73 24.70
C GLU A 31 -7.70 0.25 24.21
N VAL A 32 -7.61 1.54 24.54
CA VAL A 32 -8.53 2.60 24.07
C VAL A 32 -8.34 2.79 22.56
N ARG A 33 -7.06 2.85 22.14
CA ARG A 33 -6.57 2.96 20.76
C ARG A 33 -5.23 2.19 20.63
N ALA A 34 -4.67 2.21 19.42
CA ALA A 34 -3.38 1.65 19.05
C ALA A 34 -2.61 2.67 18.18
N CYS A 35 -3.17 2.97 17.01
CA CYS A 35 -2.68 3.97 16.06
C CYS A 35 -3.13 5.40 16.41
N SER A 36 -2.71 6.34 15.58
CA SER A 36 -2.99 7.79 15.66
C SER A 36 -3.54 8.36 14.35
N LEU A 37 -3.15 7.80 13.20
CA LEU A 37 -3.64 8.20 11.86
C LEU A 37 -5.13 7.89 11.70
N PRO A 38 -5.99 8.84 11.29
CA PRO A 38 -7.40 8.57 11.00
C PRO A 38 -7.51 7.68 9.75
N HIS A 39 -6.70 7.98 8.72
CA HIS A 39 -6.59 7.27 7.44
C HIS A 39 -6.11 5.81 7.56
N CYS A 40 -5.45 5.45 8.65
CA CYS A 40 -5.04 4.07 8.93
C CYS A 40 -6.29 3.18 9.04
N ARG A 41 -7.29 3.61 9.83
CA ARG A 41 -8.62 2.97 9.95
C ARG A 41 -9.27 2.84 8.56
N THR A 42 -9.25 3.90 7.76
CA THR A 42 -9.74 3.89 6.36
C THR A 42 -9.06 2.77 5.55
N MET A 43 -7.72 2.69 5.58
CA MET A 43 -6.96 1.61 4.93
C MET A 43 -7.33 0.23 5.49
N LYS A 44 -7.54 0.05 6.80
CA LYS A 44 -7.99 -1.22 7.41
C LYS A 44 -9.37 -1.65 6.88
N ASN A 45 -10.31 -0.71 6.73
CA ASN A 45 -11.63 -0.98 6.13
C ASN A 45 -11.45 -1.46 4.67
N VAL A 46 -10.63 -0.75 3.90
CA VAL A 46 -10.25 -1.10 2.52
C VAL A 46 -9.62 -2.51 2.48
N LEU A 47 -8.66 -2.81 3.36
CA LEU A 47 -7.98 -4.11 3.52
C LEU A 47 -8.98 -5.25 3.70
N ASN A 48 -9.93 -5.10 4.63
CA ASN A 48 -11.03 -6.04 4.85
C ASN A 48 -11.83 -6.27 3.56
N HIS A 49 -12.31 -5.18 2.93
CA HIS A 49 -13.05 -5.21 1.67
C HIS A 49 -12.28 -5.98 0.57
N MET A 50 -11.01 -5.66 0.33
CA MET A 50 -10.13 -6.28 -0.66
C MET A 50 -10.12 -7.82 -0.61
N THR A 51 -10.07 -8.43 0.59
CA THR A 51 -10.09 -9.89 0.75
C THR A 51 -11.41 -10.53 0.32
N HIS A 52 -12.56 -9.88 0.61
CA HIS A 52 -13.90 -10.35 0.24
C HIS A 52 -14.19 -10.13 -1.26
N CYS A 53 -14.02 -8.90 -1.75
CA CYS A 53 -14.19 -8.49 -3.14
C CYS A 53 -13.16 -9.19 -4.06
N GLN A 54 -13.55 -9.53 -5.28
CA GLN A 54 -12.73 -10.21 -6.29
C GLN A 54 -12.79 -9.49 -7.67
N ALA A 55 -13.45 -8.33 -7.74
CA ALA A 55 -13.62 -7.56 -8.97
C ALA A 55 -12.38 -6.72 -9.33
N GLY A 56 -12.03 -5.71 -8.54
CA GLY A 56 -10.88 -4.82 -8.77
C GLY A 56 -11.11 -3.84 -9.92
N LYS A 57 -11.11 -4.35 -11.16
CA LYS A 57 -11.34 -3.59 -12.40
C LYS A 57 -12.74 -2.93 -12.40
N ALA A 58 -13.78 -3.75 -12.19
CA ALA A 58 -15.18 -3.35 -12.18
C ALA A 58 -15.66 -2.71 -10.86
N CYS A 59 -14.95 -2.91 -9.75
CA CYS A 59 -15.31 -2.37 -8.44
C CYS A 59 -15.32 -0.83 -8.46
N GLN A 60 -16.43 -0.24 -8.00
CA GLN A 60 -16.66 1.22 -7.96
C GLN A 60 -15.72 1.96 -6.99
N VAL A 61 -15.30 1.29 -5.91
CA VAL A 61 -14.42 1.84 -4.87
C VAL A 61 -13.02 2.13 -5.43
N ALA A 62 -12.62 3.40 -5.43
CA ALA A 62 -11.32 3.89 -5.89
C ALA A 62 -10.15 3.09 -5.28
N HIS A 63 -10.16 2.97 -3.95
CA HIS A 63 -9.16 2.26 -3.16
C HIS A 63 -9.06 0.77 -3.50
N CYS A 64 -10.17 0.05 -3.77
CA CYS A 64 -10.15 -1.37 -4.18
C CYS A 64 -9.33 -1.54 -5.47
N ALA A 65 -9.68 -0.79 -6.52
CA ALA A 65 -8.97 -0.78 -7.80
C ALA A 65 -7.45 -0.47 -7.63
N SER A 66 -7.13 0.54 -6.82
CA SER A 66 -5.76 0.99 -6.52
C SER A 66 -4.93 -0.01 -5.69
N SER A 67 -5.42 -0.40 -4.51
CA SER A 67 -4.78 -1.33 -3.54
C SER A 67 -4.30 -2.64 -4.17
N ARG A 68 -5.15 -3.31 -4.94
CA ARG A 68 -4.79 -4.54 -5.65
C ARG A 68 -3.56 -4.31 -6.53
N GLN A 69 -3.55 -3.20 -7.28
CA GLN A 69 -2.46 -2.75 -8.14
C GLN A 69 -1.14 -2.54 -7.37
N ILE A 70 -1.13 -1.72 -6.31
CA ILE A 70 0.09 -1.47 -5.49
C ILE A 70 0.70 -2.77 -4.97
N ILE A 71 -0.11 -3.70 -4.46
CA ILE A 71 0.38 -5.00 -3.97
C ILE A 71 0.87 -5.89 -5.13
N SER A 72 0.19 -5.92 -6.28
CA SER A 72 0.67 -6.61 -7.49
C SER A 72 2.10 -6.13 -7.82
N HIS A 73 2.29 -4.81 -7.89
CA HIS A 73 3.60 -4.20 -8.16
C HIS A 73 4.61 -4.67 -7.12
N TRP A 74 4.43 -4.36 -5.84
CA TRP A 74 5.39 -4.72 -4.79
C TRP A 74 5.79 -6.21 -4.77
N LYS A 75 4.83 -7.13 -4.97
CA LYS A 75 5.08 -8.58 -5.04
C LYS A 75 5.94 -8.95 -6.26
N ASN A 76 5.52 -8.55 -7.48
CA ASN A 76 6.21 -8.85 -8.74
C ASN A 76 7.56 -8.16 -8.91
N CYS A 77 7.73 -6.92 -8.41
CA CYS A 77 8.93 -6.11 -8.54
C CYS A 77 10.14 -6.71 -7.79
N THR A 78 11.26 -6.81 -8.51
CA THR A 78 12.57 -7.32 -8.07
C THR A 78 13.70 -6.33 -8.35
N ARG A 79 13.38 -5.15 -8.90
CA ARG A 79 14.31 -4.05 -9.20
C ARG A 79 15.05 -3.62 -7.94
N HIS A 80 16.39 -3.63 -8.01
CA HIS A 80 17.30 -3.29 -6.91
C HIS A 80 17.43 -1.77 -6.64
N ASP A 81 16.64 -0.92 -7.31
CA ASP A 81 16.63 0.54 -7.15
C ASP A 81 15.25 1.20 -7.40
N CYS A 82 14.14 0.46 -7.31
CA CYS A 82 12.78 1.02 -7.46
C CYS A 82 12.55 2.04 -6.31
N PRO A 83 11.97 3.23 -6.56
CA PRO A 83 11.76 4.27 -5.55
C PRO A 83 10.92 3.88 -4.32
N VAL A 84 10.26 2.71 -4.32
CA VAL A 84 9.43 2.24 -3.20
C VAL A 84 9.86 0.84 -2.77
N CYS A 85 9.90 -0.11 -3.71
CA CYS A 85 10.27 -1.49 -3.53
C CYS A 85 11.67 -1.66 -2.89
N LEU A 86 12.66 -0.84 -3.27
CA LEU A 86 14.00 -0.87 -2.67
C LEU A 86 13.96 -0.46 -1.18
N PRO A 87 13.56 0.77 -0.79
CA PRO A 87 13.53 1.14 0.63
C PRO A 87 12.67 0.18 1.49
N LEU A 88 11.52 -0.28 0.99
CA LEU A 88 10.69 -1.27 1.69
C LEU A 88 11.44 -2.59 1.94
N LYS A 89 12.13 -3.17 0.94
CA LYS A 89 12.91 -4.40 1.14
C LYS A 89 14.15 -4.18 2.03
N ASN A 90 14.85 -3.05 1.85
CA ASN A 90 16.06 -2.69 2.60
C ASN A 90 16.16 -1.19 2.94
N ALA A 91 15.88 -0.87 4.20
CA ALA A 91 16.06 0.44 4.83
C ALA A 91 16.23 0.19 6.33
N SER A 92 17.47 0.21 6.81
CA SER A 92 17.90 -0.09 8.19
C SER A 92 16.97 0.48 9.28
N ASP A 93 16.19 -0.41 9.90
CA ASP A 93 15.19 -0.15 10.95
C ASP A 93 15.05 -1.36 11.87
N LYS A 94 15.07 -1.14 13.19
CA LYS A 94 14.96 -2.15 14.26
C LYS A 94 14.13 -1.62 15.44
N ARG A 95 13.30 -2.48 16.06
CA ARG A 95 12.46 -2.17 17.23
C ARG A 95 13.29 -2.01 18.51
N SER B 1 12.40 9.53 -1.51
CA SER B 1 12.20 8.37 -0.61
C SER B 1 13.30 8.27 0.44
N ASP B 2 13.01 7.64 1.59
CA ASP B 2 13.94 7.48 2.73
C ASP B 2 13.75 6.14 3.47
N LEU B 3 12.53 5.89 3.97
CA LEU B 3 12.16 4.68 4.73
C LEU B 3 10.85 4.12 4.17
N ALA B 4 9.75 4.84 4.42
CA ALA B 4 8.39 4.56 3.96
C ALA B 4 7.60 5.87 4.14
N CYS B 5 7.76 6.81 3.20
CA CYS B 5 7.22 8.19 3.27
C CYS B 5 7.49 8.79 4.67
N ARG B 6 8.77 8.76 5.10
CA ARG B 6 9.35 9.20 6.39
C ARG B 6 8.48 10.22 7.14
N LEU B 7 8.03 9.81 8.33
CA LEU B 7 7.10 10.52 9.22
C LEU B 7 5.74 10.68 8.54
N LEU B 8 4.93 9.62 8.58
CA LEU B 8 3.58 9.54 8.02
C LEU B 8 2.73 10.71 8.55
N GLY B 9 2.52 11.71 7.70
CA GLY B 9 1.84 12.98 8.02
C GLY B 9 2.38 14.13 7.18
N GLN B 10 3.72 14.23 7.05
CA GLN B 10 4.44 15.27 6.29
C GLN B 10 3.84 15.50 4.89
N SER B 11 3.86 14.46 4.06
CA SER B 11 3.32 14.45 2.69
C SER B 11 1.79 14.41 2.68
N MET B 12 1.20 13.54 3.52
CA MET B 12 -0.25 13.32 3.68
C MET B 12 -1.06 14.62 3.80
N ASP B 13 -0.54 15.59 4.54
CA ASP B 13 -1.11 16.92 4.77
C ASP B 13 -1.53 17.66 3.48
N GLU B 14 -0.77 17.49 2.39
CA GLU B 14 -1.00 18.14 1.09
C GLU B 14 -2.31 17.76 0.39
N SER B 15 -2.74 16.48 0.47
CA SER B 15 -3.90 15.95 -0.27
C SER B 15 -4.88 15.07 0.51
N GLY B 16 -4.53 14.59 1.71
CA GLY B 16 -5.36 13.68 2.51
C GLY B 16 -5.31 12.27 1.91
N LEU B 17 -6.41 11.83 1.31
CA LEU B 17 -6.54 10.55 0.58
C LEU B 17 -7.04 10.81 -0.85
N PRO B 18 -6.36 10.32 -1.90
CA PRO B 18 -6.75 10.54 -3.29
C PRO B 18 -7.84 9.57 -3.77
N GLN B 19 -8.28 9.77 -5.01
CA GLN B 19 -9.21 8.90 -5.74
C GLN B 19 -8.50 8.35 -6.98
N LEU B 20 -7.44 7.59 -6.74
CA LEU B 20 -6.68 6.87 -7.76
C LEU B 20 -7.54 5.70 -8.30
N THR B 21 -7.11 5.09 -9.40
CA THR B 21 -7.79 3.96 -10.04
C THR B 21 -6.77 2.91 -10.49
N SER B 22 -7.26 1.73 -10.88
CA SER B 22 -6.45 0.65 -11.44
C SER B 22 -5.66 1.17 -12.64
N TYR B 23 -6.34 1.85 -13.58
CA TYR B 23 -5.75 2.50 -14.75
C TYR B 23 -4.60 3.46 -14.36
N ASP B 24 -4.86 4.47 -13.52
CA ASP B 24 -3.84 5.42 -13.08
C ASP B 24 -2.61 4.72 -12.47
N CYS B 25 -2.83 3.81 -11.52
CA CYS B 25 -1.77 3.06 -10.86
C CYS B 25 -0.95 2.21 -11.85
N GLU B 26 -1.60 1.44 -12.74
CA GLU B 26 -0.96 0.65 -13.80
C GLU B 26 -0.09 1.52 -14.72
N VAL B 27 -0.63 2.65 -15.19
CA VAL B 27 0.03 3.64 -16.05
C VAL B 27 1.29 4.23 -15.39
N ASN B 28 1.16 4.69 -14.14
CA ASN B 28 2.24 5.34 -13.40
C ASN B 28 3.33 4.39 -12.89
N ALA B 29 2.98 3.20 -12.41
CA ALA B 29 3.91 2.19 -11.90
C ALA B 29 3.57 0.76 -12.39
N PRO B 30 3.90 0.42 -13.66
CA PRO B 30 3.62 -0.89 -14.25
C PRO B 30 4.20 -2.08 -13.47
N ILE B 31 3.40 -3.13 -13.31
CA ILE B 31 3.75 -4.40 -12.65
C ILE B 31 4.73 -5.17 -13.55
N GLN B 32 5.79 -5.79 -13.00
CA GLN B 32 6.72 -6.60 -13.80
C GLN B 32 6.00 -7.80 -14.42
N GLY B 33 6.21 -8.03 -15.71
CA GLY B 33 5.55 -9.09 -16.50
C GLY B 33 4.13 -8.67 -16.89
N SER B 34 3.18 -9.61 -16.88
CA SER B 34 1.76 -9.36 -17.19
C SER B 34 1.07 -8.58 -16.07
N ARG B 35 0.20 -7.62 -16.40
CA ARG B 35 -0.58 -6.86 -15.41
C ARG B 35 -1.56 -7.78 -14.68
N ASN B 36 -1.75 -7.52 -13.39
CA ASN B 36 -2.60 -8.27 -12.47
C ASN B 36 -3.17 -7.36 -11.38
N LEU B 37 -4.20 -7.85 -10.69
CA LEU B 37 -4.82 -7.25 -9.51
C LEU B 37 -4.85 -8.32 -8.41
N LEU B 38 -3.77 -8.35 -7.61
CA LEU B 38 -3.52 -9.24 -6.48
C LEU B 38 -4.75 -9.24 -5.55
N GLN B 39 -5.30 -10.42 -5.23
CA GLN B 39 -6.56 -10.55 -4.48
C GLN B 39 -6.62 -11.76 -3.54
N GLY B 40 -7.52 -11.69 -2.55
CA GLY B 40 -7.77 -12.71 -1.53
C GLY B 40 -6.61 -12.94 -0.56
N GLU B 41 -6.42 -14.17 -0.08
CA GLU B 41 -5.38 -14.54 0.91
C GLU B 41 -3.98 -14.05 0.53
N GLU B 42 -3.63 -14.09 -0.76
CA GLU B 42 -2.35 -13.61 -1.30
C GLU B 42 -2.05 -12.15 -0.91
N LEU B 43 -3.07 -11.29 -0.78
CA LEU B 43 -2.94 -9.90 -0.33
C LEU B 43 -2.22 -9.88 1.02
N LEU B 44 -2.84 -10.51 2.02
CA LEU B 44 -2.36 -10.55 3.39
C LEU B 44 -0.94 -11.14 3.46
N ARG B 45 -0.65 -12.22 2.73
CA ARG B 45 0.71 -12.82 2.63
C ARG B 45 1.72 -11.79 2.12
N ALA B 46 1.40 -11.10 1.03
CA ALA B 46 2.22 -10.03 0.44
C ALA B 46 2.44 -8.86 1.43
N LEU B 47 1.41 -8.43 2.17
CA LEU B 47 1.50 -7.37 3.19
C LEU B 47 2.34 -7.78 4.41
N ASP B 48 2.18 -9.02 4.89
CA ASP B 48 2.83 -9.54 6.10
C ASP B 48 4.37 -9.48 6.07
N GLN B 49 4.98 -9.73 4.92
CA GLN B 49 6.45 -9.78 4.72
C GLN B 49 7.24 -8.55 5.21
N VAL B 50 6.58 -7.40 5.45
CA VAL B 50 7.19 -6.16 5.96
C VAL B 50 7.81 -6.36 7.36
N ASN B 51 7.16 -7.14 8.24
CA ASN B 51 7.60 -7.35 9.63
C ASN B 51 8.98 -8.06 9.75
N ALA A 1 2.51 8.46 -17.70
CA ALA A 1 2.61 8.58 -16.22
C ALA A 1 2.77 10.05 -15.80
N ASP A 2 2.57 10.35 -14.52
CA ASP A 2 2.60 11.70 -13.92
C ASP A 2 3.28 11.67 -12.53
N PRO A 3 4.42 12.37 -12.32
CA PRO A 3 5.13 12.45 -11.05
C PRO A 3 4.21 12.71 -9.84
N GLU A 4 3.23 13.61 -9.96
CA GLU A 4 2.25 13.93 -8.90
C GLU A 4 1.45 12.69 -8.49
N LYS A 5 0.91 11.93 -9.45
CA LYS A 5 0.20 10.67 -9.20
C LYS A 5 1.10 9.63 -8.53
N ARG A 6 2.41 9.63 -8.84
CA ARG A 6 3.38 8.75 -8.16
C ARG A 6 3.45 9.08 -6.66
N LYS A 7 3.39 10.36 -6.25
CA LYS A 7 3.31 10.79 -4.84
C LYS A 7 2.07 10.18 -4.15
N LEU A 8 0.91 10.29 -4.81
CA LEU A 8 -0.37 9.72 -4.35
C LEU A 8 -0.23 8.20 -4.12
N ILE A 9 0.30 7.49 -5.13
CA ILE A 9 0.58 6.04 -5.13
C ILE A 9 1.54 5.67 -4.00
N GLN A 10 2.70 6.33 -3.86
CA GLN A 10 3.68 6.13 -2.77
C GLN A 10 2.98 6.15 -1.40
N GLN A 11 2.19 7.19 -1.12
CA GLN A 11 1.41 7.31 0.11
C GLN A 11 0.49 6.09 0.27
N GLN A 12 -0.41 5.83 -0.69
CA GLN A 12 -1.33 4.68 -0.69
C GLN A 12 -0.63 3.34 -0.42
N LEU A 13 0.49 3.06 -1.09
CA LEU A 13 1.33 1.86 -0.94
C LEU A 13 1.75 1.69 0.53
N VAL A 14 2.42 2.70 1.10
CA VAL A 14 2.87 2.72 2.50
C VAL A 14 1.69 2.64 3.50
N LEU A 15 0.62 3.42 3.32
CA LEU A 15 -0.56 3.39 4.19
C LEU A 15 -1.21 2.00 4.21
N LEU A 16 -1.38 1.37 3.05
CA LEU A 16 -1.96 0.02 2.91
C LEU A 16 -1.14 -1.02 3.68
N LEU A 17 0.20 -0.96 3.56
CA LEU A 17 1.12 -1.81 4.30
C LEU A 17 1.01 -1.55 5.81
N HIS A 18 1.01 -0.26 6.22
CA HIS A 18 0.83 0.17 7.61
C HIS A 18 -0.46 -0.42 8.19
N ALA A 19 -1.60 -0.30 7.52
CA ALA A 19 -2.90 -0.83 7.95
C ALA A 19 -2.79 -2.26 8.52
N HIS A 20 -2.23 -3.21 7.74
CA HIS A 20 -2.01 -4.59 8.19
C HIS A 20 -0.98 -4.67 9.33
N LYS A 21 0.19 -4.04 9.19
CA LYS A 21 1.27 -3.97 10.21
C LYS A 21 0.71 -3.55 11.59
N CYS A 22 -0.03 -2.45 11.61
CA CYS A 22 -0.73 -1.85 12.74
C CYS A 22 -1.75 -2.83 13.35
N GLN A 23 -2.69 -3.33 12.53
CA GLN A 23 -3.70 -4.32 12.96
C GLN A 23 -3.04 -5.54 13.63
N ARG A 24 -1.96 -6.09 13.02
CA ARG A 24 -1.16 -7.21 13.55
C ARG A 24 -0.56 -6.86 14.92
N ARG A 25 0.22 -5.77 14.99
CA ARG A 25 0.88 -5.24 16.21
C ARG A 25 -0.12 -5.08 17.35
N GLU A 26 -1.22 -4.37 17.10
CA GLU A 26 -2.29 -4.09 18.07
C GLU A 26 -2.91 -5.38 18.64
N GLN A 27 -3.28 -6.33 17.78
CA GLN A 27 -3.83 -7.63 18.18
C GLN A 27 -2.83 -8.45 19.01
N ALA A 28 -1.56 -8.54 18.56
CA ALA A 28 -0.49 -9.27 19.23
C ALA A 28 -0.19 -8.68 20.62
N ASN A 29 0.37 -7.47 20.68
CA ASN A 29 0.67 -6.69 21.89
C ASN A 29 1.12 -5.26 21.52
N GLY A 30 0.35 -4.25 21.96
CA GLY A 30 0.68 -2.84 21.75
C GLY A 30 1.59 -2.33 22.86
N GLU A 31 2.91 -2.54 22.73
CA GLU A 31 3.94 -2.14 23.70
C GLU A 31 3.85 -0.63 24.02
N VAL A 32 4.00 0.20 22.99
CA VAL A 32 3.92 1.67 22.97
C VAL A 32 3.19 2.06 21.69
N ARG A 33 2.31 3.08 21.74
CA ARG A 33 1.56 3.56 20.56
C ARG A 33 2.53 3.98 19.43
N ALA A 34 2.37 3.41 18.25
CA ALA A 34 3.20 3.66 17.07
C ALA A 34 2.40 4.36 15.95
N CYS A 35 1.12 3.98 15.79
CA CYS A 35 0.18 4.53 14.83
C CYS A 35 0.07 6.06 14.98
N SER A 36 0.49 6.79 13.94
CA SER A 36 0.53 8.26 13.86
C SER A 36 -0.02 8.77 12.52
N LEU A 37 -0.96 8.03 11.93
CA LEU A 37 -1.60 8.27 10.63
C LEU A 37 -3.13 8.21 10.78
N PRO A 38 -3.90 9.28 10.49
CA PRO A 38 -5.36 9.27 10.63
C PRO A 38 -6.04 8.29 9.66
N HIS A 39 -5.53 8.23 8.42
CA HIS A 39 -6.01 7.39 7.32
C HIS A 39 -5.72 5.88 7.47
N CYS A 40 -4.97 5.46 8.49
CA CYS A 40 -4.69 4.06 8.82
C CYS A 40 -6.02 3.26 8.91
N ARG A 41 -6.97 3.75 9.72
CA ARG A 41 -8.33 3.19 9.88
C ARG A 41 -9.06 3.08 8.53
N THR A 42 -8.95 4.10 7.68
CA THR A 42 -9.52 4.11 6.32
C THR A 42 -8.93 2.96 5.49
N MET A 43 -7.61 2.81 5.46
CA MET A 43 -6.95 1.70 4.78
C MET A 43 -7.34 0.34 5.38
N LYS A 44 -7.51 0.20 6.70
CA LYS A 44 -8.00 -1.03 7.35
C LYS A 44 -9.38 -1.44 6.82
N ASN A 45 -10.29 -0.47 6.63
CA ASN A 45 -11.62 -0.69 6.04
C ASN A 45 -11.46 -1.19 4.58
N VAL A 46 -10.63 -0.50 3.78
CA VAL A 46 -10.29 -0.89 2.39
C VAL A 46 -9.78 -2.33 2.36
N LEU A 47 -8.73 -2.63 3.12
CA LEU A 47 -8.08 -3.94 3.33
C LEU A 47 -9.09 -5.05 3.59
N ASN A 48 -9.96 -4.89 4.61
CA ASN A 48 -11.03 -5.83 4.93
C ASN A 48 -11.90 -6.14 3.70
N HIS A 49 -12.45 -5.09 3.07
CA HIS A 49 -13.26 -5.22 1.86
C HIS A 49 -12.48 -5.96 0.75
N MET A 50 -11.23 -5.56 0.48
CA MET A 50 -10.31 -6.12 -0.51
C MET A 50 -10.21 -7.65 -0.46
N THR A 51 -10.07 -8.23 0.74
CA THR A 51 -10.01 -9.70 0.93
C THR A 51 -11.30 -10.41 0.50
N HIS A 52 -12.47 -9.85 0.83
CA HIS A 52 -13.78 -10.42 0.48
C HIS A 52 -14.10 -10.25 -1.02
N CYS A 53 -13.97 -9.03 -1.55
CA CYS A 53 -14.22 -8.65 -2.93
C CYS A 53 -13.22 -9.31 -3.90
N GLN A 54 -13.71 -9.76 -5.06
CA GLN A 54 -12.95 -10.42 -6.13
C GLN A 54 -13.09 -9.74 -7.50
N ALA A 55 -13.96 -8.73 -7.62
CA ALA A 55 -14.23 -7.99 -8.84
C ALA A 55 -13.01 -7.17 -9.30
N GLY A 56 -12.42 -6.37 -8.40
CA GLY A 56 -11.23 -5.56 -8.65
C GLY A 56 -11.46 -4.41 -9.64
N LYS A 57 -11.28 -4.67 -10.95
CA LYS A 57 -11.48 -3.67 -12.03
C LYS A 57 -12.89 -3.05 -11.99
N ALA A 58 -13.90 -3.90 -11.92
CA ALA A 58 -15.33 -3.55 -11.94
C ALA A 58 -15.87 -2.96 -10.61
N CYS A 59 -15.18 -3.14 -9.48
CA CYS A 59 -15.61 -2.62 -8.18
C CYS A 59 -15.68 -1.08 -8.20
N GLN A 60 -16.82 -0.53 -7.80
CA GLN A 60 -17.11 0.91 -7.77
C GLN A 60 -16.19 1.71 -6.84
N VAL A 61 -15.75 1.11 -5.72
CA VAL A 61 -14.87 1.73 -4.73
C VAL A 61 -13.47 1.96 -5.34
N ALA A 62 -13.06 3.23 -5.44
CA ALA A 62 -11.76 3.67 -5.98
C ALA A 62 -10.59 2.88 -5.39
N HIS A 63 -10.48 2.91 -4.05
CA HIS A 63 -9.43 2.23 -3.29
C HIS A 63 -9.39 0.71 -3.53
N CYS A 64 -10.52 0.00 -3.56
CA CYS A 64 -10.56 -1.46 -3.84
C CYS A 64 -9.86 -1.76 -5.18
N ALA A 65 -10.27 -1.06 -6.25
CA ALA A 65 -9.67 -1.18 -7.57
C ALA A 65 -8.15 -0.94 -7.50
N SER A 66 -7.71 0.24 -7.04
CA SER A 66 -6.31 0.68 -6.92
C SER A 66 -5.39 -0.20 -6.06
N SER A 67 -5.77 -0.46 -4.79
CA SER A 67 -5.00 -1.21 -3.78
C SER A 67 -4.46 -2.56 -4.25
N ARG A 68 -5.18 -3.26 -5.12
CA ARG A 68 -4.77 -4.54 -5.71
C ARG A 68 -3.50 -4.37 -6.58
N GLN A 69 -3.37 -3.29 -7.36
CA GLN A 69 -2.18 -3.00 -8.18
C GLN A 69 -0.94 -2.71 -7.32
N ILE A 70 -1.04 -1.80 -6.33
CA ILE A 70 0.11 -1.41 -5.47
C ILE A 70 0.79 -2.63 -4.83
N ILE A 71 0.00 -3.59 -4.35
CA ILE A 71 0.51 -4.85 -3.78
C ILE A 71 1.10 -5.73 -4.89
N SER A 72 0.42 -5.88 -6.03
CA SER A 72 0.95 -6.61 -7.19
C SER A 72 2.35 -6.09 -7.57
N HIS A 73 2.51 -4.77 -7.70
CA HIS A 73 3.78 -4.09 -7.98
C HIS A 73 4.84 -4.47 -6.93
N TRP A 74 4.69 -4.09 -5.65
CA TRP A 74 5.69 -4.37 -4.61
C TRP A 74 6.08 -5.87 -4.52
N LYS A 75 5.10 -6.77 -4.55
CA LYS A 75 5.30 -8.22 -4.50
C LYS A 75 6.22 -8.73 -5.62
N ASN A 76 6.00 -8.27 -6.86
CA ASN A 76 6.76 -8.66 -8.05
C ASN A 76 8.11 -7.92 -8.21
N CYS A 77 8.16 -6.62 -7.91
CA CYS A 77 9.34 -5.76 -8.07
C CYS A 77 10.55 -6.23 -7.24
N THR A 78 11.73 -6.15 -7.87
CA THR A 78 13.05 -6.52 -7.34
C THR A 78 14.11 -5.46 -7.64
N ARG A 79 13.71 -4.27 -8.11
CA ARG A 79 14.60 -3.14 -8.44
C ARG A 79 15.37 -2.63 -7.22
N HIS A 80 16.69 -2.55 -7.36
CA HIS A 80 17.65 -2.10 -6.31
C HIS A 80 17.46 -0.66 -5.82
N ASP A 81 16.71 0.18 -6.53
CA ASP A 81 16.48 1.60 -6.19
C ASP A 81 15.06 2.12 -6.50
N CYS A 82 14.03 1.26 -6.46
CA CYS A 82 12.62 1.69 -6.62
C CYS A 82 12.29 2.62 -5.42
N PRO A 83 11.56 3.74 -5.60
CA PRO A 83 11.28 4.72 -4.54
C PRO A 83 10.43 4.21 -3.37
N VAL A 84 9.93 2.97 -3.38
CA VAL A 84 9.10 2.38 -2.31
C VAL A 84 9.63 1.01 -1.90
N CYS A 85 9.90 0.13 -2.88
CA CYS A 85 10.41 -1.21 -2.70
C CYS A 85 11.73 -1.24 -1.91
N LEU A 86 12.71 -0.40 -2.28
CA LEU A 86 14.01 -0.30 -1.60
C LEU A 86 13.89 -0.09 -0.07
N PRO A 87 13.28 1.00 0.46
CA PRO A 87 13.14 1.18 1.92
C PRO A 87 12.39 0.03 2.59
N LEU A 88 11.30 -0.47 2.00
CA LEU A 88 10.54 -1.63 2.49
C LEU A 88 11.43 -2.88 2.62
N LYS A 89 12.16 -3.24 1.55
CA LYS A 89 13.11 -4.37 1.50
C LYS A 89 14.23 -4.21 2.54
N ASN A 90 14.83 -3.02 2.62
CA ASN A 90 15.89 -2.69 3.58
C ASN A 90 15.42 -2.90 5.03
N ALA A 91 14.24 -2.38 5.38
CA ALA A 91 13.62 -2.55 6.69
C ALA A 91 13.32 -4.03 7.01
N SER A 92 12.66 -4.74 6.08
CA SER A 92 12.24 -6.14 6.17
C SER A 92 13.41 -7.13 6.19
N ASP A 93 13.93 -7.42 7.39
CA ASP A 93 15.04 -8.34 7.64
C ASP A 93 14.73 -9.24 8.84
N LYS A 94 14.33 -10.49 8.56
CA LYS A 94 13.96 -11.50 9.57
C LYS A 94 15.12 -11.84 10.51
N ARG A 95 14.89 -11.71 11.82
CA ARG A 95 15.86 -12.00 12.90
C ARG A 95 16.29 -13.48 12.93
N SER B 1 11.55 5.67 14.74
CA SER B 1 10.64 5.98 13.61
C SER B 1 10.75 4.92 12.52
N ASP B 2 9.62 4.45 11.99
CA ASP B 2 9.56 3.46 10.90
C ASP B 2 10.16 4.04 9.60
N LEU B 3 11.03 3.29 8.92
CA LEU B 3 11.71 3.72 7.68
C LEU B 3 10.71 4.03 6.55
N ALA B 4 9.83 3.08 6.25
CA ALA B 4 8.81 3.21 5.20
C ALA B 4 7.71 4.20 5.61
N CYS B 5 7.07 3.99 6.77
CA CYS B 5 6.00 4.86 7.28
C CYS B 5 6.49 6.17 7.92
N ARG B 6 7.63 6.71 7.45
CA ARG B 6 8.21 8.00 7.86
C ARG B 6 7.31 9.22 7.55
N LEU B 7 6.29 9.01 6.70
CA LEU B 7 5.31 9.96 6.17
C LEU B 7 4.95 11.12 7.12
N LEU B 8 5.35 12.35 6.76
CA LEU B 8 4.92 13.57 7.47
C LEU B 8 3.42 13.79 7.17
N GLY B 9 3.10 13.72 5.88
CA GLY B 9 1.78 13.85 5.26
C GLY B 9 1.96 14.12 3.76
N GLN B 10 2.66 13.19 3.06
CA GLN B 10 3.07 13.27 1.64
C GLN B 10 2.05 13.97 0.73
N SER B 11 0.82 13.45 0.71
CA SER B 11 -0.33 13.95 -0.05
C SER B 11 -1.52 14.28 0.85
N MET B 12 -1.34 14.24 2.18
CA MET B 12 -2.36 14.62 3.17
C MET B 12 -2.59 16.13 3.15
N ASP B 13 -1.50 16.88 2.99
CA ASP B 13 -1.49 18.33 2.80
C ASP B 13 -2.23 18.72 1.50
N GLU B 14 -1.98 17.97 0.42
CA GLU B 14 -2.58 18.15 -0.91
C GLU B 14 -4.09 17.88 -0.92
N SER B 15 -4.50 16.69 -0.46
CA SER B 15 -5.91 16.22 -0.48
C SER B 15 -6.37 15.41 0.73
N GLY B 16 -5.51 14.55 1.30
CA GLY B 16 -5.85 13.62 2.39
C GLY B 16 -5.59 12.21 1.88
N LEU B 17 -6.51 11.74 1.05
CA LEU B 17 -6.46 10.48 0.29
C LEU B 17 -6.87 10.76 -1.16
N PRO B 18 -6.22 10.13 -2.16
CA PRO B 18 -6.52 10.35 -3.56
C PRO B 18 -7.71 9.54 -4.08
N GLN B 19 -8.11 9.82 -5.32
CA GLN B 19 -9.12 9.07 -6.07
C GLN B 19 -8.44 8.46 -7.30
N LEU B 20 -7.52 7.53 -7.02
CA LEU B 20 -6.81 6.73 -8.03
C LEU B 20 -7.79 5.73 -8.66
N THR B 21 -7.33 5.07 -9.71
CA THR B 21 -8.04 4.00 -10.42
C THR B 21 -7.08 2.87 -10.75
N SER B 22 -7.60 1.74 -11.23
CA SER B 22 -6.79 0.61 -11.69
C SER B 22 -5.82 1.07 -12.79
N TYR B 23 -6.37 1.76 -13.80
CA TYR B 23 -5.63 2.37 -14.91
C TYR B 23 -4.47 3.26 -14.42
N ASP B 24 -4.75 4.25 -13.54
CA ASP B 24 -3.73 5.14 -12.98
C ASP B 24 -2.56 4.37 -12.37
N CYS B 25 -2.86 3.39 -11.50
CA CYS B 25 -1.87 2.55 -10.83
C CYS B 25 -1.03 1.73 -11.84
N GLU B 26 -1.68 1.01 -12.76
CA GLU B 26 -1.00 0.23 -13.82
C GLU B 26 -0.02 1.08 -14.65
N VAL B 27 -0.47 2.26 -15.09
CA VAL B 27 0.28 3.25 -15.88
C VAL B 27 1.49 3.80 -15.13
N ASN B 28 1.28 4.33 -13.92
CA ASN B 28 2.30 4.99 -13.12
C ASN B 28 3.32 4.04 -12.46
N ALA B 29 2.89 2.86 -12.02
CA ALA B 29 3.75 1.85 -11.38
C ALA B 29 3.56 0.45 -12.03
N PRO B 30 4.14 0.21 -13.23
CA PRO B 30 4.07 -1.07 -13.92
C PRO B 30 4.60 -2.23 -13.07
N ILE B 31 3.87 -3.35 -13.07
CA ILE B 31 4.22 -4.56 -12.32
C ILE B 31 5.35 -5.30 -13.06
N GLN B 32 6.45 -5.59 -12.36
CA GLN B 32 7.65 -6.23 -12.92
C GLN B 32 7.41 -7.63 -13.52
N GLY B 33 6.62 -8.46 -12.84
CA GLY B 33 6.29 -9.83 -13.24
C GLY B 33 4.87 -10.00 -13.80
N SER B 34 4.54 -11.23 -14.19
CA SER B 34 3.26 -11.61 -14.82
C SER B 34 2.07 -11.66 -13.85
N ARG B 35 1.65 -10.48 -13.35
CA ARG B 35 0.49 -10.19 -12.49
C ARG B 35 -0.15 -8.86 -12.93
N ASN B 36 -1.36 -8.57 -12.44
CA ASN B 36 -2.09 -7.34 -12.77
C ASN B 36 -2.99 -6.91 -11.60
N LEU B 37 -3.72 -7.87 -11.04
CA LEU B 37 -4.54 -7.74 -9.83
C LEU B 37 -4.18 -8.87 -8.85
N LEU B 38 -4.48 -8.63 -7.58
CA LEU B 38 -4.26 -9.48 -6.42
C LEU B 38 -5.58 -9.54 -5.61
N GLN B 39 -5.91 -10.70 -5.02
CA GLN B 39 -7.13 -10.89 -4.22
C GLN B 39 -6.99 -11.96 -3.12
N GLY B 40 -7.87 -11.90 -2.13
CA GLY B 40 -7.97 -12.81 -0.99
C GLY B 40 -6.70 -12.92 -0.13
N GLU B 41 -6.45 -14.10 0.44
CA GLU B 41 -5.33 -14.32 1.37
C GLU B 41 -3.95 -13.94 0.82
N GLU B 42 -3.71 -14.05 -0.50
CA GLU B 42 -2.46 -13.61 -1.14
C GLU B 42 -2.17 -12.12 -0.85
N LEU B 43 -3.21 -11.28 -0.65
CA LEU B 43 -3.07 -9.89 -0.27
C LEU B 43 -2.33 -9.83 1.08
N LEU B 44 -2.96 -10.39 2.11
CA LEU B 44 -2.46 -10.42 3.48
C LEU B 44 -1.05 -11.04 3.55
N ARG B 45 -0.81 -12.16 2.87
CA ARG B 45 0.51 -12.81 2.75
C ARG B 45 1.56 -11.82 2.23
N ALA B 46 1.25 -11.09 1.16
CA ALA B 46 2.10 -10.06 0.59
C ALA B 46 2.35 -8.91 1.58
N LEU B 47 1.31 -8.38 2.26
CA LEU B 47 1.44 -7.32 3.27
C LEU B 47 2.29 -7.73 4.47
N ASP B 48 2.05 -8.94 4.99
CA ASP B 48 2.66 -9.49 6.21
C ASP B 48 4.19 -9.63 6.17
N GLN B 49 4.79 -9.75 5.00
CA GLN B 49 6.25 -9.86 4.86
C GLN B 49 7.00 -8.65 5.46
N VAL B 50 6.36 -7.47 5.57
CA VAL B 50 6.93 -6.29 6.23
C VAL B 50 7.13 -6.61 7.71
N ASN B 51 8.38 -6.56 8.19
CA ASN B 51 8.73 -6.87 9.60
C ASN B 51 9.88 -6.00 10.15
N ALA A 1 1.60 9.17 -17.70
CA ALA A 1 1.82 9.21 -16.23
C ALA A 1 1.94 10.66 -15.73
N ASP A 2 1.85 10.87 -14.41
CA ASP A 2 1.86 12.16 -13.73
C ASP A 2 2.69 12.09 -12.42
N PRO A 3 3.80 12.84 -12.27
CA PRO A 3 4.61 12.87 -11.06
C PRO A 3 3.82 12.99 -9.76
N GLU A 4 2.82 13.87 -9.70
CA GLU A 4 1.96 14.05 -8.51
C GLU A 4 1.22 12.76 -8.12
N LYS A 5 0.66 12.03 -9.09
CA LYS A 5 0.02 10.72 -8.87
C LYS A 5 1.01 9.71 -8.29
N ARG A 6 2.27 9.73 -8.71
CA ARG A 6 3.33 8.87 -8.14
C ARG A 6 3.53 9.17 -6.65
N LYS A 7 3.59 10.46 -6.24
CA LYS A 7 3.67 10.87 -4.81
C LYS A 7 2.53 10.26 -3.98
N LEU A 8 1.30 10.34 -4.52
CA LEU A 8 0.09 9.78 -3.91
C LEU A 8 0.17 8.24 -3.83
N ILE A 9 0.52 7.57 -4.92
CA ILE A 9 0.72 6.11 -4.99
C ILE A 9 1.74 5.65 -3.93
N GLN A 10 2.89 6.33 -3.82
CA GLN A 10 3.93 6.08 -2.79
C GLN A 10 3.31 6.07 -1.38
N GLN A 11 2.58 7.14 -1.02
CA GLN A 11 1.87 7.26 0.25
C GLN A 11 0.94 6.04 0.47
N GLN A 12 0.04 5.76 -0.46
CA GLN A 12 -0.90 4.63 -0.37
C GLN A 12 -0.22 3.27 -0.21
N LEU A 13 0.88 3.01 -0.91
CA LEU A 13 1.69 1.79 -0.81
C LEU A 13 2.11 1.60 0.66
N VAL A 14 2.79 2.60 1.23
CA VAL A 14 3.22 2.64 2.65
C VAL A 14 2.06 2.50 3.63
N LEU A 15 0.99 3.29 3.49
CA LEU A 15 -0.19 3.21 4.37
C LEU A 15 -0.83 1.81 4.35
N LEU A 16 -1.00 1.20 3.17
CA LEU A 16 -1.60 -0.12 3.01
C LEU A 16 -0.78 -1.21 3.73
N LEU A 17 0.55 -1.19 3.58
CA LEU A 17 1.48 -2.09 4.26
C LEU A 17 1.36 -1.91 5.78
N HIS A 18 1.42 -0.66 6.26
CA HIS A 18 1.23 -0.33 7.66
C HIS A 18 -0.11 -0.86 8.18
N ALA A 19 -1.24 -0.56 7.51
CA ALA A 19 -2.60 -0.97 7.87
C ALA A 19 -2.72 -2.44 8.33
N HIS A 20 -2.18 -3.41 7.57
CA HIS A 20 -2.21 -4.81 8.00
C HIS A 20 -1.35 -5.05 9.25
N LYS A 21 -0.12 -4.52 9.30
CA LYS A 21 0.74 -4.58 10.51
C LYS A 21 0.02 -3.98 11.74
N CYS A 22 -0.66 -2.85 11.56
CA CYS A 22 -1.45 -2.12 12.55
C CYS A 22 -2.48 -3.04 13.23
N GLN A 23 -3.26 -3.83 12.47
CA GLN A 23 -4.21 -4.82 13.00
C GLN A 23 -3.52 -5.75 14.02
N ARG A 24 -2.40 -6.38 13.62
CA ARG A 24 -1.60 -7.28 14.48
C ARG A 24 -1.04 -6.54 15.69
N ARG A 25 -0.38 -5.39 15.49
CA ARG A 25 0.20 -4.51 16.52
C ARG A 25 -0.83 -4.13 17.59
N GLU A 26 -2.02 -3.71 17.15
CA GLU A 26 -3.18 -3.34 17.98
C GLU A 26 -3.60 -4.51 18.89
N GLN A 27 -3.86 -5.68 18.31
CA GLN A 27 -4.24 -6.91 19.01
C GLN A 27 -3.15 -7.36 20.02
N ALA A 28 -1.88 -7.38 19.58
CA ALA A 28 -0.72 -7.75 20.40
C ALA A 28 -0.55 -6.82 21.62
N ASN A 29 -0.56 -5.50 21.41
CA ASN A 29 -0.43 -4.48 22.44
C ASN A 29 -1.61 -4.51 23.43
N GLY A 30 -2.84 -4.54 22.91
CA GLY A 30 -4.09 -4.58 23.68
C GLY A 30 -4.59 -3.19 24.05
N GLU A 31 -5.03 -2.42 23.05
CA GLU A 31 -5.55 -1.05 23.19
C GLU A 31 -6.68 -0.78 22.19
N VAL A 32 -7.67 0.03 22.56
CA VAL A 32 -8.84 0.42 21.73
C VAL A 32 -8.39 1.10 20.43
N ARG A 33 -7.46 2.05 20.55
CA ARG A 33 -6.84 2.82 19.45
C ARG A 33 -5.32 2.92 19.65
N ALA A 34 -4.62 1.83 19.30
CA ALA A 34 -3.17 1.71 19.41
C ALA A 34 -2.42 2.70 18.48
N CYS A 35 -2.92 2.87 17.25
CA CYS A 35 -2.38 3.74 16.21
C CYS A 35 -2.65 5.25 16.46
N SER A 36 -2.18 6.09 15.53
CA SER A 36 -2.27 7.56 15.55
C SER A 36 -2.75 8.19 14.23
N LEU A 37 -2.40 7.61 13.07
CA LEU A 37 -2.81 8.11 11.76
C LEU A 37 -4.34 7.96 11.56
N PRO A 38 -5.08 9.02 11.23
CA PRO A 38 -6.52 8.93 10.97
C PRO A 38 -6.80 8.12 9.68
N HIS A 39 -5.94 8.32 8.67
CA HIS A 39 -5.94 7.65 7.35
C HIS A 39 -5.86 6.12 7.44
N CYS A 40 -5.18 5.60 8.47
CA CYS A 40 -4.99 4.19 8.77
C CYS A 40 -6.33 3.43 8.82
N ARG A 41 -7.36 4.02 9.45
CA ARG A 41 -8.74 3.50 9.52
C ARG A 41 -9.27 3.18 8.13
N THR A 42 -9.14 4.11 7.18
CA THR A 42 -9.54 3.94 5.77
C THR A 42 -8.81 2.75 5.16
N MET A 43 -7.47 2.71 5.19
CA MET A 43 -6.69 1.59 4.64
C MET A 43 -7.07 0.24 5.26
N LYS A 44 -7.29 0.15 6.58
CA LYS A 44 -7.73 -1.09 7.25
C LYS A 44 -9.13 -1.54 6.76
N ASN A 45 -10.08 -0.63 6.64
CA ASN A 45 -11.42 -0.92 6.08
C ASN A 45 -11.30 -1.43 4.64
N VAL A 46 -10.51 -0.73 3.81
CA VAL A 46 -10.17 -1.08 2.42
C VAL A 46 -9.61 -2.50 2.37
N LEU A 47 -8.52 -2.78 3.10
CA LEU A 47 -7.85 -4.09 3.26
C LEU A 47 -8.85 -5.22 3.58
N ASN A 48 -9.67 -5.05 4.62
CA ASN A 48 -10.71 -5.99 5.03
C ASN A 48 -11.68 -6.34 3.89
N HIS A 49 -12.10 -5.36 3.10
CA HIS A 49 -12.94 -5.56 1.93
C HIS A 49 -12.14 -6.25 0.80
N MET A 50 -10.93 -5.75 0.48
CA MET A 50 -10.01 -6.21 -0.57
C MET A 50 -9.83 -7.73 -0.65
N THR A 51 -9.68 -8.40 0.50
CA THR A 51 -9.53 -9.86 0.60
C THR A 51 -10.78 -10.60 0.11
N HIS A 52 -11.95 -10.19 0.60
CA HIS A 52 -13.28 -10.74 0.26
C HIS A 52 -13.71 -10.40 -1.17
N CYS A 53 -13.34 -9.22 -1.68
CA CYS A 53 -13.64 -8.70 -3.01
C CYS A 53 -13.13 -9.62 -4.14
N GLN A 54 -13.94 -9.76 -5.19
CA GLN A 54 -13.70 -10.59 -6.39
C GLN A 54 -13.95 -9.82 -7.71
N ALA A 55 -14.52 -8.62 -7.65
CA ALA A 55 -14.81 -7.78 -8.80
C ALA A 55 -13.53 -7.29 -9.52
N GLY A 56 -12.45 -7.06 -8.78
CA GLY A 56 -11.14 -6.66 -9.30
C GLY A 56 -11.15 -5.24 -9.88
N LYS A 57 -11.03 -5.12 -11.21
CA LYS A 57 -11.07 -3.84 -11.93
C LYS A 57 -12.45 -3.18 -11.83
N ALA A 58 -13.51 -3.99 -11.88
CA ALA A 58 -14.92 -3.60 -11.86
C ALA A 58 -15.43 -3.05 -10.51
N CYS A 59 -14.70 -3.22 -9.40
CA CYS A 59 -15.11 -2.73 -8.08
C CYS A 59 -15.25 -1.20 -8.09
N GLN A 60 -16.44 -0.72 -7.70
CA GLN A 60 -16.82 0.70 -7.68
C GLN A 60 -15.97 1.54 -6.69
N VAL A 61 -15.52 0.94 -5.58
CA VAL A 61 -14.69 1.58 -4.55
C VAL A 61 -13.30 1.89 -5.12
N ALA A 62 -12.97 3.18 -5.24
CA ALA A 62 -11.71 3.71 -5.76
C ALA A 62 -10.48 3.03 -5.13
N HIS A 63 -10.40 3.09 -3.81
CA HIS A 63 -9.33 2.51 -2.98
C HIS A 63 -9.15 1.00 -3.19
N CYS A 64 -10.23 0.22 -3.19
CA CYS A 64 -10.24 -1.23 -3.41
C CYS A 64 -9.61 -1.60 -4.77
N ALA A 65 -10.17 -1.06 -5.86
CA ALA A 65 -9.68 -1.22 -7.22
C ALA A 65 -8.18 -0.90 -7.31
N SER A 66 -7.74 0.24 -6.75
CA SER A 66 -6.35 0.74 -6.73
C SER A 66 -5.37 -0.13 -5.92
N SER A 67 -5.68 -0.40 -4.65
CA SER A 67 -4.85 -1.15 -3.69
C SER A 67 -4.33 -2.50 -4.19
N ARG A 68 -5.08 -3.19 -5.06
CA ARG A 68 -4.62 -4.43 -5.70
C ARG A 68 -3.35 -4.20 -6.55
N GLN A 69 -3.25 -3.12 -7.33
CA GLN A 69 -2.06 -2.78 -8.15
C GLN A 69 -0.81 -2.54 -7.29
N ILE A 70 -0.87 -1.67 -6.27
CA ILE A 70 0.29 -1.33 -5.44
C ILE A 70 1.00 -2.57 -4.86
N ILE A 71 0.24 -3.55 -4.37
CA ILE A 71 0.78 -4.83 -3.87
C ILE A 71 1.27 -5.71 -5.02
N SER A 72 0.52 -5.79 -6.13
CA SER A 72 0.94 -6.50 -7.35
C SER A 72 2.32 -6.04 -7.81
N HIS A 73 2.54 -4.71 -7.87
CA HIS A 73 3.81 -4.10 -8.25
C HIS A 73 4.91 -4.58 -7.30
N TRP A 74 4.83 -4.30 -5.99
CA TRP A 74 5.87 -4.69 -5.02
C TRP A 74 6.24 -6.18 -5.08
N LYS A 75 5.24 -7.06 -5.24
CA LYS A 75 5.41 -8.52 -5.38
C LYS A 75 6.19 -8.87 -6.67
N ASN A 76 5.74 -8.40 -7.83
CA ASN A 76 6.34 -8.66 -9.15
C ASN A 76 7.73 -8.02 -9.33
N CYS A 77 7.88 -6.75 -8.93
CA CYS A 77 9.08 -5.94 -9.09
C CYS A 77 10.32 -6.52 -8.38
N THR A 78 11.43 -6.54 -9.11
CA THR A 78 12.77 -7.02 -8.71
C THR A 78 13.88 -6.04 -9.14
N ARG A 79 13.51 -4.80 -9.49
CA ARG A 79 14.43 -3.71 -9.90
C ARG A 79 15.39 -3.34 -8.76
N HIS A 80 16.67 -3.18 -9.11
CA HIS A 80 17.78 -2.87 -8.19
C HIS A 80 17.58 -1.57 -7.38
N ASP A 81 16.89 -0.57 -7.94
CA ASP A 81 16.69 0.76 -7.34
C ASP A 81 15.31 1.41 -7.60
N CYS A 82 14.21 0.64 -7.55
CA CYS A 82 12.85 1.19 -7.68
C CYS A 82 12.61 2.13 -6.46
N PRO A 83 12.00 3.33 -6.63
CA PRO A 83 11.85 4.32 -5.56
C PRO A 83 11.08 3.91 -4.30
N VAL A 84 10.30 2.82 -4.33
CA VAL A 84 9.51 2.34 -3.18
C VAL A 84 9.88 0.90 -2.83
N CYS A 85 9.93 0.02 -3.83
CA CYS A 85 10.25 -1.39 -3.71
C CYS A 85 11.60 -1.61 -3.02
N LEU A 86 12.68 -0.98 -3.50
CA LEU A 86 14.02 -1.10 -2.93
C LEU A 86 14.07 -0.81 -1.43
N PRO A 87 13.71 0.40 -0.91
CA PRO A 87 13.75 0.67 0.53
C PRO A 87 12.96 -0.36 1.35
N LEU A 88 11.75 -0.75 0.91
CA LEU A 88 10.94 -1.79 1.54
C LEU A 88 11.68 -3.14 1.60
N LYS A 89 12.15 -3.66 0.46
CA LYS A 89 12.92 -4.92 0.35
C LYS A 89 14.15 -4.90 1.25
N ASN A 90 14.96 -3.84 1.12
CA ASN A 90 16.19 -3.63 1.88
C ASN A 90 15.94 -3.72 3.40
N ALA A 91 14.90 -3.02 3.90
CA ALA A 91 14.49 -3.05 5.29
C ALA A 91 13.99 -4.47 5.70
N SER A 92 13.13 -5.08 4.90
CA SER A 92 12.54 -6.42 5.10
C SER A 92 13.60 -7.52 5.23
N ASP A 93 14.60 -7.54 4.35
CA ASP A 93 15.69 -8.51 4.32
C ASP A 93 16.51 -8.52 5.63
N LYS A 94 16.90 -9.73 6.09
CA LYS A 94 17.69 -9.97 7.31
C LYS A 94 18.90 -10.87 7.01
N ARG A 95 18.64 -12.14 6.69
CA ARG A 95 19.60 -13.21 6.36
C ARG A 95 19.06 -14.11 5.23
N SER B 1 8.47 5.05 12.96
CA SER B 1 9.65 5.17 12.08
C SER B 1 9.48 4.34 10.81
N ASP B 2 9.85 4.90 9.66
CA ASP B 2 9.80 4.26 8.34
C ASP B 2 10.94 4.75 7.42
N LEU B 3 11.20 4.04 6.34
CA LEU B 3 12.23 4.32 5.32
C LEU B 3 11.60 4.67 3.96
N ALA B 4 10.58 3.93 3.52
CA ALA B 4 9.88 4.14 2.25
C ALA B 4 9.37 5.58 2.09
N CYS B 5 8.53 6.02 3.04
CA CYS B 5 8.01 7.37 3.17
C CYS B 5 8.25 7.85 4.61
N ARG B 6 9.53 8.10 4.93
CA ARG B 6 10.01 8.63 6.23
C ARG B 6 9.19 9.84 6.69
N LEU B 7 8.82 10.70 5.73
CA LEU B 7 7.92 11.84 5.90
C LEU B 7 6.65 11.59 5.07
N LEU B 8 5.72 10.77 5.58
CA LEU B 8 4.41 10.51 4.95
C LEU B 8 3.64 11.83 4.73
N GLY B 9 3.82 12.80 5.65
CA GLY B 9 3.28 14.16 5.63
C GLY B 9 3.40 14.89 4.28
N GLN B 10 4.45 14.61 3.50
CA GLN B 10 4.72 15.15 2.16
C GLN B 10 3.47 15.18 1.26
N SER B 11 2.86 14.00 1.06
CA SER B 11 1.66 13.81 0.25
C SER B 11 0.36 14.13 1.00
N MET B 12 0.38 14.09 2.34
CA MET B 12 -0.77 14.46 3.18
C MET B 12 -1.06 15.96 3.07
N ASP B 13 -0.01 16.76 2.95
CA ASP B 13 -0.06 18.19 2.69
C ASP B 13 -0.71 18.49 1.32
N GLU B 14 -0.35 17.71 0.30
CA GLU B 14 -0.85 17.79 -1.09
C GLU B 14 -2.35 17.45 -1.19
N SER B 15 -2.76 16.30 -0.66
CA SER B 15 -4.14 15.79 -0.75
C SER B 15 -4.72 15.15 0.52
N GLY B 16 -3.91 14.48 1.36
CA GLY B 16 -4.39 13.78 2.56
C GLY B 16 -4.63 12.31 2.23
N LEU B 17 -5.73 12.03 1.54
CA LEU B 17 -6.10 10.73 0.99
C LEU B 17 -6.64 10.92 -0.44
N PRO B 18 -6.01 10.30 -1.46
CA PRO B 18 -6.41 10.46 -2.85
C PRO B 18 -7.60 9.56 -3.24
N GLN B 19 -8.06 9.74 -4.49
CA GLN B 19 -9.07 8.92 -5.16
C GLN B 19 -8.44 8.39 -6.46
N LEU B 20 -7.44 7.53 -6.28
CA LEU B 20 -6.75 6.82 -7.36
C LEU B 20 -7.71 5.82 -8.01
N THR B 21 -7.30 5.25 -9.14
CA THR B 21 -8.04 4.21 -9.86
C THR B 21 -7.09 3.10 -10.32
N SER B 22 -7.65 1.95 -10.70
CA SER B 22 -6.88 0.84 -11.26
C SER B 22 -6.06 1.31 -12.46
N TYR B 23 -6.71 2.01 -13.40
CA TYR B 23 -6.10 2.64 -14.56
C TYR B 23 -4.91 3.54 -14.18
N ASP B 24 -5.13 4.53 -13.29
CA ASP B 24 -4.07 5.45 -12.83
C ASP B 24 -2.87 4.68 -12.28
N CYS B 25 -3.08 3.72 -11.39
CA CYS B 25 -2.03 2.88 -10.80
C CYS B 25 -1.26 2.09 -11.87
N GLU B 26 -1.97 1.37 -12.76
CA GLU B 26 -1.38 0.59 -13.87
C GLU B 26 -0.51 1.44 -14.81
N VAL B 27 -0.93 2.69 -15.06
CA VAL B 27 -0.26 3.67 -15.91
C VAL B 27 0.99 4.26 -15.24
N ASN B 28 0.85 4.76 -14.00
CA ASN B 28 1.91 5.43 -13.25
C ASN B 28 2.99 4.50 -12.70
N ALA B 29 2.62 3.32 -12.19
CA ALA B 29 3.54 2.32 -11.65
C ALA B 29 3.27 0.91 -12.23
N PRO B 30 3.59 0.66 -13.51
CA PRO B 30 3.37 -0.62 -14.19
C PRO B 30 3.91 -1.85 -13.42
N ILE B 31 3.06 -2.85 -13.25
CA ILE B 31 3.42 -4.12 -12.61
C ILE B 31 4.36 -4.86 -13.55
N GLN B 32 5.55 -5.23 -13.05
CA GLN B 32 6.60 -5.86 -13.85
C GLN B 32 6.17 -7.21 -14.45
N GLY B 33 6.61 -7.48 -15.67
CA GLY B 33 6.26 -8.67 -16.45
C GLY B 33 4.96 -8.44 -17.24
N SER B 34 3.84 -8.49 -16.53
CA SER B 34 2.47 -8.26 -17.04
C SER B 34 1.57 -7.69 -15.95
N ARG B 35 0.51 -6.94 -16.33
CA ARG B 35 -0.47 -6.39 -15.38
C ARG B 35 -1.23 -7.53 -14.68
N ASN B 36 -1.47 -7.34 -13.39
CA ASN B 36 -2.10 -8.30 -12.48
C ASN B 36 -2.99 -7.60 -11.43
N LEU B 37 -3.71 -8.39 -10.65
CA LEU B 37 -4.53 -8.00 -9.52
C LEU B 37 -4.34 -9.03 -8.40
N LEU B 38 -3.24 -8.88 -7.64
CA LEU B 38 -2.91 -9.66 -6.46
C LEU B 38 -4.07 -9.46 -5.46
N GLN B 39 -4.79 -10.52 -5.10
CA GLN B 39 -6.00 -10.46 -4.26
C GLN B 39 -6.16 -11.65 -3.28
N GLY B 40 -7.08 -11.52 -2.33
CA GLY B 40 -7.39 -12.52 -1.31
C GLY B 40 -6.27 -12.76 -0.29
N GLU B 41 -6.12 -13.98 0.20
CA GLU B 41 -5.10 -14.34 1.21
C GLU B 41 -3.68 -13.92 0.80
N GLU B 42 -3.37 -13.98 -0.50
CA GLU B 42 -2.09 -13.55 -1.08
C GLU B 42 -1.74 -12.10 -0.70
N LEU B 43 -2.75 -11.21 -0.56
CA LEU B 43 -2.57 -9.83 -0.12
C LEU B 43 -1.87 -9.83 1.23
N LEU B 44 -2.54 -10.38 2.24
CA LEU B 44 -2.07 -10.44 3.62
C LEU B 44 -0.66 -11.05 3.72
N ARG B 45 -0.40 -12.13 2.99
CA ARG B 45 0.92 -12.78 2.88
C ARG B 45 1.97 -11.78 2.37
N ALA B 46 1.69 -11.10 1.26
CA ALA B 46 2.56 -10.07 0.67
C ALA B 46 2.78 -8.88 1.63
N LEU B 47 1.71 -8.31 2.20
CA LEU B 47 1.78 -7.21 3.17
C LEU B 47 2.66 -7.57 4.38
N ASP B 48 2.46 -8.76 4.95
CA ASP B 48 3.16 -9.25 6.14
C ASP B 48 4.68 -9.47 5.97
N GLN B 49 5.20 -9.58 4.73
CA GLN B 49 6.64 -9.77 4.49
C GLN B 49 7.51 -8.60 5.01
N VAL B 50 6.95 -7.39 5.15
CA VAL B 50 7.63 -6.24 5.76
C VAL B 50 7.88 -6.57 7.23
N ASN B 51 9.13 -6.53 7.69
CA ASN B 51 9.47 -6.83 9.09
C ASN B 51 10.68 -6.02 9.61
N ALA A 1 1.94 8.97 -17.40
CA ALA A 1 2.31 9.01 -15.96
C ALA A 1 2.49 10.46 -15.49
N ASP A 2 2.41 10.70 -14.18
CA ASP A 2 2.47 12.03 -13.55
C ASP A 2 3.17 11.99 -12.16
N PRO A 3 4.04 12.96 -11.81
CA PRO A 3 4.77 12.98 -10.54
C PRO A 3 3.86 13.09 -9.30
N GLU A 4 2.77 13.86 -9.37
CA GLU A 4 1.79 13.96 -8.29
C GLU A 4 1.14 12.58 -8.07
N LYS A 5 0.61 11.97 -9.14
CA LYS A 5 0.05 10.60 -9.10
C LYS A 5 1.05 9.60 -8.51
N ARG A 6 2.34 9.71 -8.85
CA ARG A 6 3.39 8.84 -8.28
C ARG A 6 3.44 8.98 -6.76
N LYS A 7 3.51 10.20 -6.23
CA LYS A 7 3.52 10.47 -4.77
C LYS A 7 2.23 9.98 -4.08
N LEU A 8 1.08 10.14 -4.73
CA LEU A 8 -0.22 9.62 -4.26
C LEU A 8 -0.19 8.08 -4.15
N ILE A 9 0.33 7.40 -5.18
CA ILE A 9 0.55 5.94 -5.22
C ILE A 9 1.50 5.53 -4.07
N GLN A 10 2.67 6.18 -3.94
CA GLN A 10 3.64 5.96 -2.85
C GLN A 10 2.97 6.01 -1.48
N GLN A 11 2.19 7.07 -1.21
CA GLN A 11 1.43 7.26 0.02
C GLN A 11 0.47 6.08 0.24
N GLN A 12 -0.43 5.81 -0.71
CA GLN A 12 -1.39 4.69 -0.66
C GLN A 12 -0.70 3.34 -0.36
N LEU A 13 0.44 3.05 -0.98
CA LEU A 13 1.24 1.84 -0.80
C LEU A 13 1.63 1.70 0.69
N VAL A 14 2.33 2.70 1.24
CA VAL A 14 2.75 2.73 2.65
C VAL A 14 1.58 2.74 3.63
N LEU A 15 0.51 3.51 3.37
CA LEU A 15 -0.70 3.52 4.21
C LEU A 15 -1.34 2.11 4.30
N LEU A 16 -1.52 1.45 3.16
CA LEU A 16 -2.09 0.09 3.06
C LEU A 16 -1.25 -0.92 3.87
N LEU A 17 0.09 -0.87 3.72
CA LEU A 17 1.03 -1.69 4.47
C LEU A 17 0.87 -1.45 5.98
N HIS A 18 0.86 -0.18 6.41
CA HIS A 18 0.63 0.20 7.81
C HIS A 18 -0.70 -0.40 8.30
N ALA A 19 -1.81 -0.24 7.59
CA ALA A 19 -3.14 -0.77 7.96
C ALA A 19 -3.11 -2.21 8.50
N HIS A 20 -2.44 -3.13 7.78
CA HIS A 20 -2.25 -4.52 8.22
C HIS A 20 -1.26 -4.62 9.41
N LYS A 21 -0.09 -3.98 9.31
CA LYS A 21 0.96 -3.94 10.37
C LYS A 21 0.37 -3.49 11.72
N CYS A 22 -0.47 -2.46 11.71
CA CYS A 22 -1.18 -1.83 12.83
C CYS A 22 -1.98 -2.86 13.65
N GLN A 23 -2.98 -3.50 13.03
CA GLN A 23 -3.78 -4.55 13.69
C GLN A 23 -2.92 -5.73 14.19
N ARG A 24 -1.88 -6.11 13.44
CA ARG A 24 -0.92 -7.16 13.84
C ARG A 24 -0.18 -6.75 15.13
N ARG A 25 0.46 -5.57 15.12
CA ARG A 25 1.19 -4.95 16.23
C ARG A 25 0.33 -4.86 17.49
N GLU A 26 -0.86 -4.28 17.38
CA GLU A 26 -1.84 -4.15 18.47
C GLU A 26 -2.11 -5.49 19.18
N GLN A 27 -2.42 -6.54 18.42
CA GLN A 27 -2.66 -7.90 18.93
C GLN A 27 -1.40 -8.52 19.55
N ALA A 28 -0.26 -8.46 18.86
CA ALA A 28 1.03 -9.01 19.28
C ALA A 28 1.59 -8.32 20.54
N ASN A 29 1.98 -7.05 20.43
CA ASN A 29 2.53 -6.21 21.49
C ASN A 29 2.45 -4.70 21.11
N GLY A 30 1.61 -3.94 21.81
CA GLY A 30 1.41 -2.50 21.62
C GLY A 30 0.96 -1.85 22.93
N GLU A 31 1.83 -1.01 23.52
CA GLU A 31 1.60 -0.31 24.80
C GLU A 31 1.91 1.19 24.69
N VAL A 32 3.18 1.54 24.44
CA VAL A 32 3.66 2.92 24.27
C VAL A 32 2.96 3.58 23.06
N ARG A 33 3.00 2.90 21.91
CA ARG A 33 2.35 3.24 20.64
C ARG A 33 1.88 1.98 19.91
N ALA A 34 0.90 2.14 19.02
CA ALA A 34 0.34 1.13 18.13
C ALA A 34 0.20 1.75 16.73
N CYS A 35 -0.81 2.61 16.58
CA CYS A 35 -1.14 3.39 15.39
C CYS A 35 -0.49 4.79 15.43
N SER A 36 -0.25 5.37 14.25
CA SER A 36 0.33 6.72 14.05
C SER A 36 -0.41 7.53 12.97
N LEU A 37 -0.49 7.01 11.75
CA LEU A 37 -1.09 7.64 10.57
C LEU A 37 -2.63 7.77 10.71
N PRO A 38 -3.23 8.95 10.46
CA PRO A 38 -4.68 9.17 10.62
C PRO A 38 -5.54 8.35 9.65
N HIS A 39 -5.14 8.27 8.38
CA HIS A 39 -5.83 7.56 7.28
C HIS A 39 -5.82 6.02 7.38
N CYS A 40 -5.06 5.46 8.32
CA CYS A 40 -4.95 4.02 8.60
C CYS A 40 -6.33 3.32 8.67
N ARG A 41 -7.24 3.83 9.50
CA ARG A 41 -8.63 3.31 9.66
C ARG A 41 -9.36 3.19 8.31
N THR A 42 -9.24 4.21 7.45
CA THR A 42 -9.81 4.20 6.09
C THR A 42 -9.22 3.05 5.29
N MET A 43 -7.89 2.90 5.28
CA MET A 43 -7.21 1.78 4.62
C MET A 43 -7.63 0.41 5.21
N LYS A 44 -7.85 0.27 6.53
CA LYS A 44 -8.35 -0.97 7.15
C LYS A 44 -9.73 -1.37 6.58
N ASN A 45 -10.63 -0.40 6.39
CA ASN A 45 -11.93 -0.63 5.75
C ASN A 45 -11.74 -1.16 4.31
N VAL A 46 -10.86 -0.51 3.54
CA VAL A 46 -10.46 -0.93 2.17
C VAL A 46 -9.89 -2.36 2.20
N LEU A 47 -8.97 -2.67 3.11
CA LEU A 47 -8.33 -3.98 3.35
C LEU A 47 -9.36 -5.11 3.55
N ASN A 48 -10.34 -4.87 4.42
CA ASN A 48 -11.46 -5.77 4.66
C ASN A 48 -12.25 -6.05 3.39
N HIS A 49 -12.61 -4.99 2.64
CA HIS A 49 -13.34 -5.12 1.38
C HIS A 49 -12.53 -5.90 0.32
N MET A 50 -11.27 -5.50 0.04
CA MET A 50 -10.32 -6.11 -0.90
C MET A 50 -10.34 -7.65 -0.93
N THR A 51 -10.15 -8.28 0.24
CA THR A 51 -10.10 -9.75 0.40
C THR A 51 -11.38 -10.45 -0.06
N HIS A 52 -12.54 -9.93 0.36
CA HIS A 52 -13.87 -10.45 0.02
C HIS A 52 -14.27 -10.18 -1.44
N CYS A 53 -14.03 -8.96 -1.93
CA CYS A 53 -14.31 -8.52 -3.29
C CYS A 53 -13.53 -9.34 -4.35
N GLN A 54 -14.22 -9.72 -5.43
CA GLN A 54 -13.68 -10.49 -6.56
C GLN A 54 -13.76 -9.73 -7.90
N ALA A 55 -14.41 -8.56 -7.93
CA ALA A 55 -14.60 -7.72 -9.10
C ALA A 55 -13.26 -7.09 -9.59
N GLY A 56 -12.43 -6.57 -8.68
CA GLY A 56 -11.12 -5.96 -8.96
C GLY A 56 -11.19 -4.80 -9.94
N LYS A 57 -10.85 -5.07 -11.22
CA LYS A 57 -10.93 -4.13 -12.35
C LYS A 57 -12.35 -3.54 -12.50
N ALA A 58 -13.37 -4.38 -12.31
CA ALA A 58 -14.78 -4.04 -12.43
C ALA A 58 -15.39 -3.31 -11.22
N CYS A 59 -14.74 -3.35 -10.03
CA CYS A 59 -15.23 -2.67 -8.83
C CYS A 59 -15.15 -1.13 -8.99
N GLN A 60 -16.27 -0.45 -8.75
CA GLN A 60 -16.43 1.00 -8.90
C GLN A 60 -15.59 1.82 -7.90
N VAL A 61 -15.32 1.26 -6.70
CA VAL A 61 -14.55 1.90 -5.62
C VAL A 61 -13.09 2.14 -6.05
N ALA A 62 -12.66 3.41 -6.00
CA ALA A 62 -11.32 3.89 -6.35
C ALA A 62 -10.20 3.08 -5.68
N HIS A 63 -10.20 3.08 -4.34
CA HIS A 63 -9.23 2.38 -3.50
C HIS A 63 -9.18 0.87 -3.74
N CYS A 64 -10.31 0.20 -3.92
CA CYS A 64 -10.42 -1.24 -4.19
C CYS A 64 -9.61 -1.67 -5.43
N ALA A 65 -9.83 -1.00 -6.57
CA ALA A 65 -9.10 -1.23 -7.81
C ALA A 65 -7.58 -0.96 -7.64
N SER A 66 -7.23 0.18 -7.02
CA SER A 66 -5.86 0.65 -6.78
C SER A 66 -5.05 -0.24 -5.83
N SER A 67 -5.59 -0.55 -4.64
CA SER A 67 -4.99 -1.36 -3.57
C SER A 67 -4.50 -2.73 -4.01
N ARG A 68 -5.21 -3.42 -4.91
CA ARG A 68 -4.71 -4.67 -5.48
C ARG A 68 -3.44 -4.39 -6.30
N GLN A 69 -3.48 -3.40 -7.19
CA GLN A 69 -2.37 -2.95 -8.06
C GLN A 69 -1.09 -2.64 -7.27
N ILE A 70 -1.14 -1.73 -6.28
CA ILE A 70 0.04 -1.37 -5.47
C ILE A 70 0.75 -2.59 -4.87
N ILE A 71 -0.01 -3.53 -4.29
CA ILE A 71 0.53 -4.77 -3.71
C ILE A 71 1.04 -5.73 -4.80
N SER A 72 0.34 -5.80 -5.95
CA SER A 72 0.77 -6.57 -7.13
C SER A 72 2.20 -6.18 -7.52
N HIS A 73 2.45 -4.86 -7.62
CA HIS A 73 3.76 -4.30 -7.92
C HIS A 73 4.79 -4.74 -6.86
N TRP A 74 4.61 -4.35 -5.59
CA TRP A 74 5.59 -4.67 -4.53
C TRP A 74 5.92 -6.16 -4.40
N LYS A 75 4.91 -7.06 -4.49
CA LYS A 75 5.11 -8.51 -4.43
C LYS A 75 6.04 -9.01 -5.54
N ASN A 76 5.88 -8.51 -6.76
CA ASN A 76 6.68 -8.86 -7.94
C ASN A 76 8.07 -8.19 -7.96
N CYS A 77 8.11 -6.88 -7.77
CA CYS A 77 9.30 -6.04 -7.86
C CYS A 77 10.45 -6.46 -6.91
N THR A 78 11.64 -6.58 -7.51
CA THR A 78 12.92 -6.95 -6.89
C THR A 78 14.06 -6.03 -7.37
N ARG A 79 13.70 -4.87 -7.96
CA ARG A 79 14.62 -3.84 -8.47
C ARG A 79 15.45 -3.24 -7.33
N HIS A 80 16.77 -3.14 -7.56
CA HIS A 80 17.79 -2.60 -6.64
C HIS A 80 17.62 -1.14 -6.19
N ASP A 81 16.74 -0.36 -6.82
CA ASP A 81 16.55 1.08 -6.55
C ASP A 81 15.13 1.63 -6.83
N CYS A 82 14.07 0.79 -6.79
CA CYS A 82 12.68 1.26 -6.98
C CYS A 82 12.34 2.25 -5.83
N PRO A 83 11.66 3.39 -6.08
CA PRO A 83 11.36 4.42 -5.07
C PRO A 83 10.52 3.99 -3.86
N VAL A 84 9.96 2.77 -3.83
CA VAL A 84 9.16 2.24 -2.70
C VAL A 84 9.66 0.86 -2.28
N CYS A 85 9.80 -0.06 -3.23
CA CYS A 85 10.23 -1.43 -3.04
C CYS A 85 11.58 -1.53 -2.30
N LEU A 86 12.60 -0.77 -2.74
CA LEU A 86 13.92 -0.71 -2.10
C LEU A 86 13.84 -0.28 -0.63
N PRO A 87 13.35 0.93 -0.26
CA PRO A 87 13.26 1.35 1.14
C PRO A 87 12.43 0.38 2.01
N LEU A 88 11.30 -0.15 1.53
CA LEU A 88 10.50 -1.15 2.26
C LEU A 88 11.32 -2.41 2.59
N LYS A 89 12.09 -2.93 1.62
CA LYS A 89 12.97 -4.10 1.78
C LYS A 89 14.14 -3.81 2.73
N ASN A 90 14.93 -2.78 2.43
CA ASN A 90 16.15 -2.39 3.13
C ASN A 90 15.93 -1.73 4.51
N ALA A 91 15.32 -0.54 4.54
CA ALA A 91 15.12 0.26 5.74
C ALA A 91 14.14 -0.40 6.74
N SER A 92 14.71 -1.02 7.77
CA SER A 92 14.01 -1.72 8.85
C SER A 92 14.71 -1.49 10.20
N ASP A 93 13.96 -1.02 11.21
CA ASP A 93 14.47 -0.76 12.56
C ASP A 93 14.63 -2.09 13.34
N LYS A 94 15.84 -2.66 13.30
CA LYS A 94 16.20 -3.95 13.92
C LYS A 94 17.32 -3.79 14.96
N ARG A 95 18.58 -3.70 14.52
CA ARG A 95 19.78 -3.52 15.36
C ARG A 95 19.87 -2.09 15.93
N SER B 1 18.46 9.12 1.20
CA SER B 1 18.04 8.29 2.35
C SER B 1 16.54 8.41 2.59
N ASP B 2 15.88 7.28 2.90
CA ASP B 2 14.44 7.17 3.20
C ASP B 2 14.18 6.07 4.25
N LEU B 3 12.98 6.05 4.82
CA LEU B 3 12.47 5.10 5.79
C LEU B 3 10.99 4.89 5.47
N ALA B 4 10.74 4.05 4.47
CA ALA B 4 9.41 3.70 3.94
C ALA B 4 8.51 4.93 3.71
N CYS B 5 8.94 5.84 2.81
CA CYS B 5 8.31 7.15 2.56
C CYS B 5 8.15 7.89 3.91
N ARG B 6 9.29 8.13 4.57
CA ARG B 6 9.43 8.69 5.92
C ARG B 6 8.56 9.92 6.16
N LEU B 7 7.82 9.91 7.27
CA LEU B 7 6.84 10.93 7.68
C LEU B 7 5.92 11.30 6.50
N LEU B 8 4.98 10.41 6.17
CA LEU B 8 3.99 10.63 5.11
C LEU B 8 3.25 11.96 5.30
N GLY B 9 2.95 12.34 6.57
CA GLY B 9 2.33 13.59 7.02
C GLY B 9 2.73 14.82 6.20
N GLN B 10 4.02 14.92 5.87
CA GLN B 10 4.65 15.92 5.02
C GLN B 10 3.85 16.19 3.73
N SER B 11 3.59 15.12 2.98
CA SER B 11 2.85 15.06 1.72
C SER B 11 1.33 14.95 1.94
N MET B 12 0.88 14.20 2.95
CA MET B 12 -0.54 14.00 3.31
C MET B 12 -1.31 15.33 3.45
N ASP B 13 -0.66 16.39 3.91
CA ASP B 13 -1.21 17.74 4.03
C ASP B 13 -1.83 18.23 2.70
N GLU B 14 -1.15 17.98 1.58
CA GLU B 14 -1.59 18.31 0.22
C GLU B 14 -2.49 17.19 -0.36
N SER B 15 -1.96 15.97 -0.36
CA SER B 15 -2.53 14.75 -0.92
C SER B 15 -3.89 14.33 -0.37
N GLY B 16 -4.08 14.36 0.96
CA GLY B 16 -5.27 13.88 1.65
C GLY B 16 -5.42 12.37 1.40
N LEU B 17 -6.48 11.97 0.68
CA LEU B 17 -6.71 10.62 0.18
C LEU B 17 -7.18 10.76 -1.29
N PRO B 18 -6.47 10.17 -2.27
CA PRO B 18 -6.78 10.33 -3.69
C PRO B 18 -7.90 9.42 -4.19
N GLN B 19 -8.29 9.62 -5.45
CA GLN B 19 -9.24 8.79 -6.19
C GLN B 19 -8.51 8.18 -7.40
N LEU B 20 -7.50 7.37 -7.09
CA LEU B 20 -6.73 6.60 -8.06
C LEU B 20 -7.61 5.47 -8.63
N THR B 21 -7.11 4.80 -9.66
CA THR B 21 -7.75 3.65 -10.31
C THR B 21 -6.69 2.62 -10.69
N SER B 22 -7.09 1.38 -10.98
CA SER B 22 -6.16 0.33 -11.43
C SER B 22 -5.38 0.79 -12.66
N TYR B 23 -6.05 1.46 -13.61
CA TYR B 23 -5.46 2.07 -14.81
C TYR B 23 -4.33 3.05 -14.44
N ASP B 24 -4.62 4.07 -13.62
CA ASP B 24 -3.63 5.07 -13.18
C ASP B 24 -2.42 4.39 -12.53
N CYS B 25 -2.66 3.47 -11.59
CA CYS B 25 -1.63 2.71 -10.88
C CYS B 25 -0.76 1.88 -11.85
N GLU B 26 -1.36 1.11 -12.76
CA GLU B 26 -0.69 0.32 -13.81
C GLU B 26 0.20 1.22 -14.69
N VAL B 27 -0.34 2.35 -15.16
CA VAL B 27 0.34 3.35 -16.00
C VAL B 27 1.57 3.96 -15.31
N ASN B 28 1.40 4.44 -14.09
CA ASN B 28 2.45 5.12 -13.31
C ASN B 28 3.53 4.18 -12.76
N ALA B 29 3.15 2.99 -12.27
CA ALA B 29 4.07 1.99 -11.72
C ALA B 29 3.74 0.55 -12.22
N PRO B 30 4.09 0.20 -13.47
CA PRO B 30 3.85 -1.13 -14.05
C PRO B 30 4.49 -2.25 -13.20
N ILE B 31 3.75 -3.34 -13.01
CA ILE B 31 4.17 -4.52 -12.25
C ILE B 31 5.41 -5.13 -12.92
N GLN B 32 6.46 -5.39 -12.13
CA GLN B 32 7.76 -5.90 -12.59
C GLN B 32 7.65 -7.21 -13.39
N GLY B 33 6.95 -8.20 -12.82
CA GLY B 33 6.68 -9.52 -13.41
C GLY B 33 5.39 -9.51 -14.26
N SER B 34 5.25 -10.49 -15.16
CA SER B 34 4.12 -10.62 -16.10
C SER B 34 2.81 -11.12 -15.44
N ARG B 35 2.25 -10.31 -14.53
CA ARG B 35 0.98 -10.51 -13.79
C ARG B 35 0.21 -9.18 -13.68
N ASN B 36 -1.01 -9.23 -13.13
CA ASN B 36 -1.87 -8.07 -12.90
C ASN B 36 -2.43 -8.12 -11.46
N LEU B 37 -3.71 -7.77 -11.22
CA LEU B 37 -4.29 -7.66 -9.87
C LEU B 37 -4.19 -8.92 -8.99
N LEU B 38 -3.34 -8.84 -7.97
CA LEU B 38 -3.14 -9.76 -6.84
C LEU B 38 -4.41 -9.70 -5.96
N GLN B 39 -4.96 -10.83 -5.50
CA GLN B 39 -6.23 -10.86 -4.74
C GLN B 39 -6.27 -11.88 -3.57
N GLY B 40 -7.31 -11.76 -2.74
CA GLY B 40 -7.63 -12.61 -1.59
C GLY B 40 -6.54 -12.75 -0.52
N GLU B 41 -6.37 -13.93 0.06
CA GLU B 41 -5.38 -14.19 1.12
C GLU B 41 -3.94 -13.79 0.74
N GLU B 42 -3.58 -13.92 -0.55
CA GLU B 42 -2.28 -13.50 -1.07
C GLU B 42 -1.99 -12.01 -0.78
N LEU B 43 -3.02 -11.15 -0.75
CA LEU B 43 -2.89 -9.73 -0.37
C LEU B 43 -2.29 -9.65 1.03
N LEU B 44 -2.95 -10.29 2.00
CA LEU B 44 -2.53 -10.32 3.40
C LEU B 44 -1.12 -10.87 3.55
N ARG B 45 -0.79 -11.99 2.88
CA ARG B 45 0.57 -12.58 2.85
C ARG B 45 1.60 -11.55 2.37
N ALA B 46 1.32 -10.86 1.26
CA ALA B 46 2.15 -9.80 0.70
C ALA B 46 2.34 -8.63 1.68
N LEU B 47 1.26 -8.12 2.31
CA LEU B 47 1.32 -7.06 3.33
C LEU B 47 2.17 -7.47 4.54
N ASP B 48 1.98 -8.70 5.02
CA ASP B 48 2.64 -9.25 6.21
C ASP B 48 4.17 -9.37 6.11
N GLN B 49 4.73 -9.42 4.90
CA GLN B 49 6.18 -9.52 4.69
C GLN B 49 6.99 -8.33 5.27
N VAL B 50 6.34 -7.19 5.57
CA VAL B 50 6.97 -6.03 6.24
C VAL B 50 7.23 -6.40 7.71
N ASN B 51 8.48 -6.42 8.14
CA ASN B 51 8.89 -6.69 9.53
C ASN B 51 10.20 -6.00 9.94
N ALA A 1 3.42 9.27 -17.45
CA ALA A 1 2.89 9.13 -16.07
C ALA A 1 2.99 10.47 -15.32
N ASP A 2 1.87 10.93 -14.73
CA ASP A 2 1.79 12.19 -13.99
C ASP A 2 2.61 12.19 -12.66
N PRO A 3 3.53 13.14 -12.43
CA PRO A 3 4.34 13.23 -11.20
C PRO A 3 3.54 13.15 -9.89
N GLU A 4 2.47 13.95 -9.76
CA GLU A 4 1.62 13.99 -8.55
C GLU A 4 0.95 12.62 -8.30
N LYS A 5 0.37 11.99 -9.33
CA LYS A 5 -0.21 10.63 -9.20
C LYS A 5 0.80 9.64 -8.63
N ARG A 6 2.08 9.71 -9.02
CA ARG A 6 3.15 8.85 -8.46
C ARG A 6 3.24 9.03 -6.93
N LYS A 7 3.25 10.27 -6.43
CA LYS A 7 3.24 10.59 -4.97
C LYS A 7 2.04 9.96 -4.28
N LEU A 8 0.85 10.13 -4.86
CA LEU A 8 -0.42 9.58 -4.35
C LEU A 8 -0.38 8.04 -4.27
N ILE A 9 0.17 7.37 -5.29
CA ILE A 9 0.37 5.91 -5.33
C ILE A 9 1.35 5.50 -4.24
N GLN A 10 2.54 6.13 -4.16
CA GLN A 10 3.55 5.94 -3.12
C GLN A 10 2.93 6.02 -1.72
N GLN A 11 2.14 7.06 -1.47
CA GLN A 11 1.40 7.29 -0.24
C GLN A 11 0.50 6.08 0.08
N GLN A 12 -0.46 5.73 -0.80
CA GLN A 12 -1.33 4.56 -0.58
C GLN A 12 -0.53 3.27 -0.32
N LEU A 13 0.58 3.04 -1.05
CA LEU A 13 1.48 1.89 -0.90
C LEU A 13 1.95 1.79 0.56
N VAL A 14 2.61 2.83 1.08
CA VAL A 14 3.09 2.92 2.47
C VAL A 14 1.94 2.83 3.49
N LEU A 15 0.85 3.58 3.30
CA LEU A 15 -0.32 3.54 4.19
C LEU A 15 -0.91 2.12 4.31
N LEU A 16 -1.13 1.43 3.18
CA LEU A 16 -1.68 0.08 3.11
C LEU A 16 -0.80 -0.94 3.86
N LEU A 17 0.52 -0.83 3.70
CA LEU A 17 1.50 -1.66 4.40
C LEU A 17 1.43 -1.41 5.91
N HIS A 18 1.46 -0.14 6.33
CA HIS A 18 1.28 0.27 7.72
C HIS A 18 -0.01 -0.32 8.30
N ALA A 19 -1.15 -0.16 7.61
CA ALA A 19 -2.46 -0.66 8.02
C ALA A 19 -2.41 -2.12 8.52
N HIS A 20 -1.86 -3.05 7.73
CA HIS A 20 -1.71 -4.45 8.16
C HIS A 20 -0.72 -4.61 9.34
N LYS A 21 0.44 -3.96 9.31
CA LYS A 21 1.45 -3.98 10.40
C LYS A 21 0.79 -3.58 11.75
N CYS A 22 0.11 -2.44 11.74
CA CYS A 22 -0.65 -1.83 12.82
C CYS A 22 -1.76 -2.79 13.31
N GLN A 23 -2.60 -3.30 12.39
CA GLN A 23 -3.65 -4.30 12.62
C GLN A 23 -3.10 -5.51 13.39
N ARG A 24 -2.05 -6.16 12.84
CA ARG A 24 -1.38 -7.33 13.44
C ARG A 24 -0.98 -7.06 14.90
N ARG A 25 -0.30 -5.94 15.16
CA ARG A 25 0.08 -5.53 16.53
C ARG A 25 -1.16 -5.32 17.41
N GLU A 26 -2.05 -4.42 17.00
CA GLU A 26 -3.29 -4.03 17.69
C GLU A 26 -4.12 -5.20 18.23
N GLN A 27 -4.30 -6.27 17.43
CA GLN A 27 -5.00 -7.49 17.84
C GLN A 27 -4.40 -8.12 19.12
N ALA A 28 -3.06 -8.12 19.25
CA ALA A 28 -2.33 -8.58 20.42
C ALA A 28 -2.30 -7.50 21.54
N ASN A 29 -1.77 -6.31 21.23
CA ASN A 29 -1.68 -5.14 22.13
C ASN A 29 -1.80 -3.81 21.35
N GLY A 30 -2.61 -2.87 21.85
CA GLY A 30 -2.81 -1.56 21.21
C GLY A 30 -3.68 -0.59 22.01
N GLU A 31 -3.53 0.70 21.74
CA GLU A 31 -4.25 1.82 22.35
C GLU A 31 -4.37 3.01 21.37
N VAL A 32 -5.25 3.98 21.64
CA VAL A 32 -5.51 5.16 20.78
C VAL A 32 -4.22 5.89 20.38
N ARG A 33 -3.32 6.16 21.33
CA ARG A 33 -2.03 6.85 21.12
C ARG A 33 -0.91 6.01 20.50
N ALA A 34 -1.11 4.70 20.28
CA ALA A 34 -0.12 3.82 19.66
C ALA A 34 0.15 4.21 18.19
N CYS A 35 -0.94 4.39 17.42
CA CYS A 35 -0.92 4.82 16.02
C CYS A 35 -0.63 6.34 15.89
N SER A 36 -0.44 6.80 14.64
CA SER A 36 -0.15 8.20 14.28
C SER A 36 -0.96 8.69 13.07
N LEU A 37 -0.89 7.95 11.96
CA LEU A 37 -1.59 8.26 10.70
C LEU A 37 -3.12 8.14 10.87
N PRO A 38 -3.93 9.20 10.66
CA PRO A 38 -5.39 9.11 10.80
C PRO A 38 -6.03 8.17 9.76
N HIS A 39 -5.49 8.18 8.53
CA HIS A 39 -5.91 7.37 7.38
C HIS A 39 -5.62 5.86 7.50
N CYS A 40 -4.84 5.44 8.52
CA CYS A 40 -4.52 4.04 8.81
C CYS A 40 -5.81 3.19 8.92
N ARG A 41 -6.77 3.60 9.78
CA ARG A 41 -8.08 2.94 9.94
C ARG A 41 -8.88 2.91 8.64
N THR A 42 -8.80 3.95 7.81
CA THR A 42 -9.43 3.96 6.48
C THR A 42 -8.83 2.82 5.63
N MET A 43 -7.50 2.73 5.56
CA MET A 43 -6.80 1.63 4.87
C MET A 43 -7.14 0.26 5.48
N LYS A 44 -7.29 0.11 6.80
CA LYS A 44 -7.72 -1.15 7.46
C LYS A 44 -9.12 -1.58 6.99
N ASN A 45 -10.07 -0.66 6.93
CA ASN A 45 -11.42 -0.90 6.40
C ASN A 45 -11.34 -1.39 4.93
N VAL A 46 -10.55 -0.69 4.11
CA VAL A 46 -10.27 -1.03 2.71
C VAL A 46 -9.64 -2.44 2.59
N LEU A 47 -8.63 -2.75 3.40
CA LEU A 47 -7.92 -4.03 3.52
C LEU A 47 -8.90 -5.19 3.80
N ASN A 48 -9.76 -5.02 4.80
CA ASN A 48 -10.81 -5.97 5.17
C ASN A 48 -11.75 -6.25 3.99
N HIS A 49 -12.13 -5.22 3.23
CA HIS A 49 -12.97 -5.33 2.04
C HIS A 49 -12.22 -6.07 0.90
N MET A 50 -11.00 -5.64 0.55
CA MET A 50 -10.11 -6.21 -0.48
C MET A 50 -10.03 -7.75 -0.50
N THR A 51 -9.81 -8.39 0.65
CA THR A 51 -9.71 -9.85 0.77
C THR A 51 -10.98 -10.58 0.32
N HIS A 52 -12.14 -10.10 0.77
CA HIS A 52 -13.47 -10.64 0.47
C HIS A 52 -13.95 -10.34 -0.96
N CYS A 53 -13.81 -9.09 -1.41
CA CYS A 53 -14.21 -8.60 -2.72
C CYS A 53 -13.48 -9.32 -3.89
N GLN A 54 -14.25 -9.72 -4.91
CA GLN A 54 -13.78 -10.42 -6.11
C GLN A 54 -13.94 -9.60 -7.41
N ALA A 55 -14.61 -8.45 -7.35
CA ALA A 55 -14.85 -7.55 -8.49
C ALA A 55 -13.56 -6.92 -9.04
N GLY A 56 -12.63 -6.52 -8.17
CA GLY A 56 -11.32 -5.94 -8.52
C GLY A 56 -11.40 -4.70 -9.40
N LYS A 57 -11.18 -4.86 -10.72
CA LYS A 57 -11.28 -3.79 -11.72
C LYS A 57 -12.66 -3.11 -11.69
N ALA A 58 -13.72 -3.93 -11.59
CA ALA A 58 -15.13 -3.54 -11.61
C ALA A 58 -15.65 -2.88 -10.31
N CYS A 59 -14.96 -3.02 -9.17
CA CYS A 59 -15.38 -2.44 -7.89
C CYS A 59 -15.32 -0.90 -7.95
N GLN A 60 -16.44 -0.24 -7.61
CA GLN A 60 -16.62 1.22 -7.66
C GLN A 60 -15.70 1.99 -6.69
N VAL A 61 -15.33 1.39 -5.55
CA VAL A 61 -14.46 1.99 -4.53
C VAL A 61 -13.04 2.21 -5.08
N ALA A 62 -12.61 3.48 -5.14
CA ALA A 62 -11.29 3.91 -5.64
C ALA A 62 -10.12 3.10 -5.03
N HIS A 63 -10.09 3.06 -3.69
CA HIS A 63 -9.06 2.36 -2.90
C HIS A 63 -9.01 0.85 -3.22
N CYS A 64 -10.17 0.17 -3.27
CA CYS A 64 -10.30 -1.25 -3.61
C CYS A 64 -9.70 -1.55 -5.01
N ALA A 65 -10.07 -0.75 -6.01
CA ALA A 65 -9.56 -0.85 -7.38
C ALA A 65 -8.04 -0.66 -7.42
N SER A 66 -7.51 0.47 -6.92
CA SER A 66 -6.09 0.85 -6.88
C SER A 66 -5.18 -0.08 -6.07
N SER A 67 -5.53 -0.39 -4.81
CA SER A 67 -4.78 -1.24 -3.86
C SER A 67 -4.24 -2.56 -4.43
N ARG A 68 -5.02 -3.24 -5.26
CA ARG A 68 -4.63 -4.51 -5.88
C ARG A 68 -3.38 -4.38 -6.78
N GLN A 69 -3.19 -3.24 -7.48
CA GLN A 69 -1.99 -2.95 -8.29
C GLN A 69 -0.75 -2.69 -7.41
N ILE A 70 -0.84 -1.81 -6.40
CA ILE A 70 0.30 -1.45 -5.54
C ILE A 70 0.99 -2.71 -4.95
N ILE A 71 0.20 -3.63 -4.40
CA ILE A 71 0.71 -4.89 -3.85
C ILE A 71 1.21 -5.82 -4.96
N SER A 72 0.54 -5.86 -6.12
CA SER A 72 1.03 -6.61 -7.31
C SER A 72 2.46 -6.16 -7.65
N HIS A 73 2.69 -4.85 -7.83
CA HIS A 73 4.01 -4.30 -8.14
C HIS A 73 5.03 -4.72 -7.08
N TRP A 74 4.82 -4.35 -5.79
CA TRP A 74 5.80 -4.67 -4.74
C TRP A 74 6.18 -6.15 -4.66
N LYS A 75 5.22 -7.08 -4.78
CA LYS A 75 5.48 -8.52 -4.78
C LYS A 75 6.33 -8.97 -5.99
N ASN A 76 5.99 -8.49 -7.19
CA ASN A 76 6.67 -8.83 -8.45
C ASN A 76 8.07 -8.19 -8.62
N CYS A 77 8.24 -6.92 -8.22
CA CYS A 77 9.46 -6.13 -8.36
C CYS A 77 10.68 -6.74 -7.63
N THR A 78 11.79 -6.85 -8.36
CA THR A 78 13.11 -7.38 -7.93
C THR A 78 14.26 -6.47 -8.39
N ARG A 79 13.95 -5.21 -8.73
CA ARG A 79 14.88 -4.14 -9.18
C ARG A 79 15.95 -3.80 -8.13
N HIS A 80 17.15 -3.44 -8.59
CA HIS A 80 18.29 -3.02 -7.74
C HIS A 80 17.89 -1.87 -6.80
N ASP A 81 17.28 -0.81 -7.36
CA ASP A 81 16.70 0.32 -6.63
C ASP A 81 15.44 0.87 -7.35
N CYS A 82 14.31 0.81 -6.66
CA CYS A 82 12.98 1.29 -7.05
C CYS A 82 12.54 2.29 -5.95
N PRO A 83 11.83 3.40 -6.26
CA PRO A 83 11.49 4.45 -5.29
C PRO A 83 10.67 4.05 -4.06
N VAL A 84 10.06 2.85 -4.02
CA VAL A 84 9.26 2.37 -2.88
C VAL A 84 9.74 0.99 -2.43
N CYS A 85 9.89 0.06 -3.36
CA CYS A 85 10.30 -1.32 -3.15
C CYS A 85 11.62 -1.44 -2.36
N LEU A 86 12.67 -0.73 -2.79
CA LEU A 86 13.99 -0.70 -2.13
C LEU A 86 13.93 -0.26 -0.65
N PRO A 87 13.44 0.95 -0.29
CA PRO A 87 13.37 1.35 1.11
C PRO A 87 12.51 0.42 1.98
N LEU A 88 11.44 -0.18 1.43
CA LEU A 88 10.63 -1.19 2.13
C LEU A 88 11.45 -2.47 2.41
N LYS A 89 12.17 -2.98 1.39
CA LYS A 89 13.06 -4.16 1.48
C LYS A 89 14.13 -3.96 2.57
N ASN A 90 14.86 -2.84 2.50
CA ASN A 90 15.92 -2.48 3.44
C ASN A 90 15.90 -0.98 3.82
N ALA A 91 15.82 -0.70 5.12
CA ALA A 91 15.88 0.63 5.72
C ALA A 91 16.96 0.61 6.83
N SER A 92 18.00 1.44 6.66
CA SER A 92 19.17 1.53 7.56
C SER A 92 19.45 2.97 7.97
N ASP A 93 19.66 3.21 9.28
CA ASP A 93 19.97 4.52 9.86
C ASP A 93 21.36 5.03 9.39
N LYS A 94 21.48 6.35 9.16
CA LYS A 94 22.70 7.03 8.71
C LYS A 94 23.04 8.20 9.64
N ARG A 95 24.15 8.09 10.37
CA ARG A 95 24.68 9.08 11.33
C ARG A 95 25.07 10.41 10.67
N SER B 1 13.45 2.28 11.25
CA SER B 1 13.85 3.61 10.76
C SER B 1 12.88 4.10 9.69
N ASP B 2 12.27 5.27 9.88
CA ASP B 2 11.34 5.87 8.90
C ASP B 2 12.10 6.31 7.63
N LEU B 3 11.83 5.64 6.50
CA LEU B 3 12.50 5.85 5.21
C LEU B 3 11.53 5.75 4.02
N ALA B 4 10.69 4.71 3.98
CA ALA B 4 9.70 4.43 2.95
C ALA B 4 8.71 5.59 2.89
N CYS B 5 9.00 6.48 1.94
CA CYS B 5 8.37 7.76 1.75
C CYS B 5 8.24 8.55 3.08
N ARG B 6 9.39 8.71 3.77
CA ARG B 6 9.53 9.42 5.06
C ARG B 6 8.81 10.77 5.04
N LEU B 7 8.16 11.11 6.16
CA LEU B 7 7.30 12.29 6.32
C LEU B 7 6.17 12.24 5.27
N LEU B 8 5.28 11.24 5.38
CA LEU B 8 4.10 11.09 4.51
C LEU B 8 3.20 12.34 4.52
N GLY B 9 3.20 13.10 5.64
CA GLY B 9 2.52 14.38 5.86
C GLY B 9 2.62 15.34 4.66
N GLN B 10 3.78 15.35 3.99
CA GLN B 10 4.10 16.08 2.77
C GLN B 10 3.01 15.90 1.69
N SER B 11 2.81 14.64 1.29
CA SER B 11 1.84 14.20 0.29
C SER B 11 0.41 14.22 0.86
N MET B 12 0.22 13.84 2.12
CA MET B 12 -1.08 13.82 2.83
C MET B 12 -1.82 15.18 2.77
N ASP B 13 -1.07 16.29 2.69
CA ASP B 13 -1.60 17.66 2.54
C ASP B 13 -2.53 17.81 1.31
N GLU B 14 -2.28 17.04 0.24
CA GLU B 14 -3.06 17.03 -1.01
C GLU B 14 -4.39 16.26 -0.83
N SER B 15 -5.33 16.87 -0.09
CA SER B 15 -6.69 16.38 0.22
C SER B 15 -6.75 14.99 0.91
N GLY B 16 -5.74 14.63 1.69
CA GLY B 16 -5.67 13.37 2.42
C GLY B 16 -5.46 12.17 1.49
N LEU B 17 -6.51 11.34 1.35
CA LEU B 17 -6.51 10.16 0.48
C LEU B 17 -7.01 10.53 -0.94
N PRO B 18 -6.38 9.99 -2.00
CA PRO B 18 -6.74 10.27 -3.39
C PRO B 18 -7.89 9.38 -3.89
N GLN B 19 -8.31 9.61 -5.14
CA GLN B 19 -9.27 8.81 -5.88
C GLN B 19 -8.56 8.14 -7.07
N LEU B 20 -7.55 7.33 -6.72
CA LEU B 20 -6.77 6.54 -7.67
C LEU B 20 -7.62 5.42 -8.28
N THR B 21 -7.20 4.93 -9.44
CA THR B 21 -7.88 3.88 -10.20
C THR B 21 -6.89 2.82 -10.67
N SER B 22 -7.42 1.69 -11.14
CA SER B 22 -6.64 0.59 -11.72
C SER B 22 -5.75 1.10 -12.85
N TYR B 23 -6.34 1.83 -13.80
CA TYR B 23 -5.67 2.48 -14.93
C TYR B 23 -4.49 3.34 -14.47
N ASP B 24 -4.72 4.32 -13.57
CA ASP B 24 -3.68 5.20 -13.04
C ASP B 24 -2.49 4.42 -12.46
N CYS B 25 -2.77 3.45 -11.59
CA CYS B 25 -1.77 2.61 -10.94
C CYS B 25 -0.96 1.80 -11.96
N GLU B 26 -1.61 1.10 -12.90
CA GLU B 26 -0.95 0.34 -13.98
C GLU B 26 -0.02 1.23 -14.83
N VAL B 27 -0.49 2.42 -15.21
CA VAL B 27 0.23 3.43 -15.99
C VAL B 27 1.48 3.95 -15.25
N ASN B 28 1.32 4.37 -14.00
CA ASN B 28 2.39 4.94 -13.17
C ASN B 28 3.44 3.92 -12.71
N ALA B 29 3.02 2.74 -12.25
CA ALA B 29 3.89 1.69 -11.72
C ALA B 29 3.56 0.30 -12.33
N PRO B 30 3.96 0.04 -13.59
CA PRO B 30 3.73 -1.24 -14.27
C PRO B 30 4.27 -2.44 -13.48
N ILE B 31 3.50 -3.53 -13.45
CA ILE B 31 3.87 -4.76 -12.72
C ILE B 31 4.90 -5.53 -13.55
N GLN B 32 6.04 -5.84 -12.92
CA GLN B 32 7.22 -6.45 -13.54
C GLN B 32 7.01 -7.89 -14.07
N GLY B 33 6.19 -8.69 -13.39
CA GLY B 33 5.90 -10.10 -13.73
C GLY B 33 4.52 -10.34 -14.33
N SER B 34 4.09 -11.61 -14.31
CA SER B 34 2.84 -12.13 -14.90
C SER B 34 1.54 -11.53 -14.34
N ARG B 35 1.47 -11.25 -13.02
CA ARG B 35 0.27 -10.70 -12.36
C ARG B 35 -0.12 -9.31 -12.87
N ASN B 36 -1.38 -8.97 -12.62
CA ASN B 36 -2.01 -7.68 -12.92
C ASN B 36 -2.84 -7.18 -11.73
N LEU B 37 -3.57 -8.09 -11.07
CA LEU B 37 -4.28 -7.86 -9.81
C LEU B 37 -3.88 -8.95 -8.79
N LEU B 38 -3.73 -8.53 -7.53
CA LEU B 38 -3.40 -9.32 -6.35
C LEU B 38 -4.61 -9.24 -5.41
N GLN B 39 -5.17 -10.39 -5.00
CA GLN B 39 -6.39 -10.47 -4.18
C GLN B 39 -6.41 -11.66 -3.19
N GLY B 40 -7.28 -11.58 -2.19
CA GLY B 40 -7.48 -12.58 -1.14
C GLY B 40 -6.30 -12.76 -0.20
N GLU B 41 -6.07 -13.99 0.28
CA GLU B 41 -4.99 -14.30 1.25
C GLU B 41 -3.60 -13.81 0.81
N GLU B 42 -3.31 -13.87 -0.51
CA GLU B 42 -2.07 -13.36 -1.12
C GLU B 42 -1.79 -11.90 -0.72
N LEU B 43 -2.83 -11.06 -0.57
CA LEU B 43 -2.70 -9.66 -0.13
C LEU B 43 -1.97 -9.62 1.21
N LEU B 44 -2.58 -10.25 2.22
CA LEU B 44 -2.07 -10.28 3.59
C LEU B 44 -0.65 -10.86 3.64
N ARG B 45 -0.40 -11.98 2.94
CA ARG B 45 0.93 -12.60 2.81
C ARG B 45 1.98 -11.58 2.34
N ALA B 46 1.68 -10.85 1.26
CA ALA B 46 2.52 -9.79 0.71
C ALA B 46 2.72 -8.62 1.71
N LEU B 47 1.63 -8.08 2.30
CA LEU B 47 1.70 -6.99 3.28
C LEU B 47 2.56 -7.34 4.51
N ASP B 48 2.40 -8.55 5.04
CA ASP B 48 3.08 -9.07 6.23
C ASP B 48 4.60 -9.13 6.13
N GLN B 49 5.16 -9.40 4.94
CA GLN B 49 6.61 -9.54 4.69
C GLN B 49 7.50 -8.37 5.15
N VAL B 50 6.93 -7.18 5.44
CA VAL B 50 7.63 -5.99 5.95
C VAL B 50 8.30 -6.26 7.32
N ASN B 51 7.65 -7.07 8.18
CA ASN B 51 8.09 -7.36 9.56
C ASN B 51 9.50 -7.99 9.66
N ALA A 1 1.08 8.80 -17.48
CA ALA A 1 1.59 8.88 -16.09
C ALA A 1 1.85 10.35 -15.71
N ASP A 2 1.83 10.67 -14.41
CA ASP A 2 2.05 12.02 -13.87
C ASP A 2 2.82 12.00 -12.53
N PRO A 3 3.84 12.87 -12.33
CA PRO A 3 4.63 12.94 -11.10
C PRO A 3 3.78 12.98 -9.82
N GLU A 4 2.76 13.85 -9.73
CA GLU A 4 1.90 13.96 -8.55
C GLU A 4 1.10 12.67 -8.29
N LYS A 5 0.58 12.00 -9.33
CA LYS A 5 -0.08 10.70 -9.17
C LYS A 5 0.90 9.67 -8.59
N ARG A 6 2.18 9.69 -9.00
CA ARG A 6 3.22 8.83 -8.41
C ARG A 6 3.41 9.15 -6.91
N LYS A 7 3.49 10.42 -6.50
CA LYS A 7 3.55 10.84 -5.07
C LYS A 7 2.37 10.26 -4.28
N LEU A 8 1.16 10.40 -4.81
CA LEU A 8 -0.08 9.84 -4.24
C LEU A 8 0.01 8.31 -4.11
N ILE A 9 0.38 7.60 -5.18
CA ILE A 9 0.57 6.14 -5.20
C ILE A 9 1.57 5.73 -4.11
N GLN A 10 2.75 6.36 -4.05
CA GLN A 10 3.80 6.14 -3.03
C GLN A 10 3.22 6.26 -1.61
N GLN A 11 2.52 7.36 -1.31
CA GLN A 11 1.84 7.63 -0.04
C GLN A 11 0.90 6.45 0.33
N GLN A 12 -0.02 6.09 -0.57
CA GLN A 12 -0.95 4.97 -0.38
C GLN A 12 -0.24 3.62 -0.21
N LEU A 13 0.84 3.35 -0.94
CA LEU A 13 1.69 2.15 -0.84
C LEU A 13 2.17 2.02 0.62
N VAL A 14 2.82 3.07 1.15
CA VAL A 14 3.28 3.14 2.54
C VAL A 14 2.12 2.91 3.52
N LEU A 15 1.03 3.66 3.41
CA LEU A 15 -0.14 3.51 4.30
C LEU A 15 -0.71 2.09 4.29
N LEU A 16 -0.89 1.47 3.13
CA LEU A 16 -1.44 0.12 2.98
C LEU A 16 -0.57 -0.94 3.67
N LEU A 17 0.75 -0.91 3.43
CA LEU A 17 1.74 -1.77 4.09
C LEU A 17 1.66 -1.60 5.62
N HIS A 18 1.73 -0.35 6.08
CA HIS A 18 1.60 0.00 7.50
C HIS A 18 0.29 -0.57 8.08
N ALA A 19 -0.85 -0.26 7.47
CA ALA A 19 -2.20 -0.65 7.89
C ALA A 19 -2.32 -2.09 8.41
N HIS A 20 -1.95 -3.10 7.61
CA HIS A 20 -2.03 -4.51 8.06
C HIS A 20 -0.99 -4.86 9.14
N LYS A 21 0.26 -4.38 9.04
CA LYS A 21 1.29 -4.57 10.08
C LYS A 21 0.78 -4.04 11.44
N CYS A 22 0.23 -2.83 11.42
CA CYS A 22 -0.45 -2.13 12.51
C CYS A 22 -1.71 -2.89 12.99
N GLN A 23 -2.52 -3.45 12.07
CA GLN A 23 -3.68 -4.30 12.37
C GLN A 23 -3.27 -5.52 13.23
N ARG A 24 -2.13 -6.16 12.92
CA ARG A 24 -1.60 -7.29 13.71
C ARG A 24 -1.22 -6.82 15.13
N ARG A 25 -0.52 -5.70 15.24
CA ARG A 25 -0.14 -5.02 16.51
C ARG A 25 -1.38 -4.72 17.35
N GLU A 26 -2.40 -4.10 16.75
CA GLU A 26 -3.69 -3.76 17.37
C GLU A 26 -4.33 -5.00 18.01
N GLN A 27 -4.44 -6.11 17.26
CA GLN A 27 -4.97 -7.39 17.74
C GLN A 27 -4.15 -7.93 18.93
N ALA A 28 -2.82 -7.90 18.85
CA ALA A 28 -1.91 -8.34 19.92
C ALA A 28 -2.11 -7.52 21.22
N ASN A 29 -2.11 -6.18 21.11
CA ASN A 29 -2.33 -5.24 22.21
C ASN A 29 -3.73 -5.39 22.85
N GLY A 30 -4.75 -5.29 22.01
CA GLY A 30 -6.18 -5.29 22.33
C GLY A 30 -6.86 -4.16 21.54
N GLU A 31 -8.05 -4.43 20.99
CA GLU A 31 -8.83 -3.45 20.21
C GLU A 31 -9.40 -2.35 21.11
N VAL A 32 -8.84 -1.14 21.02
CA VAL A 32 -9.20 0.07 21.79
C VAL A 32 -9.35 1.24 20.81
N ARG A 33 -8.25 1.60 20.14
CA ARG A 33 -8.11 2.59 19.04
C ARG A 33 -7.18 1.98 17.99
N ALA A 34 -7.40 2.26 16.71
CA ALA A 34 -6.60 1.70 15.63
C ALA A 34 -5.13 2.18 15.69
N CYS A 35 -4.89 3.43 15.28
CA CYS A 35 -3.60 4.10 15.20
C CYS A 35 -3.69 5.62 15.45
N SER A 36 -2.54 6.28 15.38
CA SER A 36 -2.40 7.75 15.48
C SER A 36 -2.90 8.43 14.21
N LEU A 37 -2.54 7.91 13.03
CA LEU A 37 -3.00 8.40 11.73
C LEU A 37 -4.50 8.06 11.55
N PRO A 38 -5.37 9.03 11.21
CA PRO A 38 -6.79 8.75 10.94
C PRO A 38 -6.93 7.89 9.67
N HIS A 39 -6.03 8.09 8.69
CA HIS A 39 -5.94 7.36 7.42
C HIS A 39 -5.72 5.85 7.62
N CYS A 40 -4.98 5.44 8.65
CA CYS A 40 -4.69 4.05 9.00
C CYS A 40 -5.99 3.22 9.11
N ARG A 41 -6.99 3.72 9.86
CA ARG A 41 -8.34 3.15 9.99
C ARG A 41 -8.96 2.90 8.62
N THR A 42 -8.93 3.90 7.73
CA THR A 42 -9.44 3.81 6.35
C THR A 42 -8.71 2.71 5.57
N MET A 43 -7.37 2.70 5.54
CA MET A 43 -6.59 1.64 4.89
C MET A 43 -6.92 0.25 5.46
N LYS A 44 -7.14 0.09 6.78
CA LYS A 44 -7.56 -1.19 7.40
C LYS A 44 -8.95 -1.62 6.90
N ASN A 45 -9.89 -0.69 6.75
CA ASN A 45 -11.22 -0.96 6.18
C ASN A 45 -11.10 -1.42 4.72
N VAL A 46 -10.30 -0.70 3.92
CA VAL A 46 -9.96 -1.02 2.51
C VAL A 46 -9.36 -2.43 2.43
N LEU A 47 -8.37 -2.74 3.28
CA LEU A 47 -7.72 -4.04 3.43
C LEU A 47 -8.77 -5.15 3.68
N ASN A 48 -9.59 -4.99 4.73
CA ASN A 48 -10.66 -5.92 5.09
C ASN A 48 -11.60 -6.21 3.90
N HIS A 49 -11.99 -5.18 3.17
CA HIS A 49 -12.82 -5.31 1.97
C HIS A 49 -12.08 -6.13 0.87
N MET A 50 -10.87 -5.72 0.47
CA MET A 50 -10.12 -6.38 -0.62
C MET A 50 -9.80 -7.87 -0.44
N THR A 51 -9.71 -8.41 0.78
CA THR A 51 -9.53 -9.87 0.96
C THR A 51 -10.80 -10.64 0.59
N HIS A 52 -11.98 -10.11 0.92
CA HIS A 52 -13.30 -10.68 0.60
C HIS A 52 -13.64 -10.49 -0.90
N CYS A 53 -13.61 -9.25 -1.38
CA CYS A 53 -13.85 -8.88 -2.77
C CYS A 53 -12.79 -9.51 -3.69
N GLN A 54 -13.17 -9.87 -4.92
CA GLN A 54 -12.30 -10.47 -5.95
C GLN A 54 -12.39 -9.77 -7.32
N ALA A 55 -13.27 -8.77 -7.44
CA ALA A 55 -13.49 -8.03 -8.68
C ALA A 55 -12.27 -7.16 -9.06
N GLY A 56 -11.94 -6.16 -8.22
CA GLY A 56 -10.80 -5.25 -8.42
C GLY A 56 -10.98 -4.28 -9.59
N LYS A 57 -10.89 -4.78 -10.82
CA LYS A 57 -11.10 -4.06 -12.09
C LYS A 57 -12.50 -3.46 -12.15
N ALA A 58 -13.52 -4.30 -11.94
CA ALA A 58 -14.94 -3.96 -11.96
C ALA A 58 -15.46 -3.33 -10.65
N CYS A 59 -14.77 -3.52 -9.52
CA CYS A 59 -15.17 -2.95 -8.23
C CYS A 59 -15.21 -1.41 -8.31
N GLN A 60 -16.37 -0.84 -8.00
CA GLN A 60 -16.63 0.60 -8.06
C GLN A 60 -15.83 1.42 -7.03
N VAL A 61 -15.42 0.79 -5.91
CA VAL A 61 -14.63 1.40 -4.84
C VAL A 61 -13.22 1.74 -5.34
N ALA A 62 -12.89 3.03 -5.39
CA ALA A 62 -11.60 3.58 -5.82
C ALA A 62 -10.41 2.86 -5.15
N HIS A 63 -10.47 2.77 -3.81
CA HIS A 63 -9.46 2.14 -2.97
C HIS A 63 -9.25 0.65 -3.27
N CYS A 64 -10.30 -0.16 -3.47
CA CYS A 64 -10.21 -1.59 -3.81
C CYS A 64 -9.36 -1.78 -5.09
N ALA A 65 -9.77 -1.10 -6.17
CA ALA A 65 -9.09 -1.08 -7.46
C ALA A 65 -7.60 -0.71 -7.33
N SER A 66 -7.29 0.34 -6.56
CA SER A 66 -5.94 0.87 -6.30
C SER A 66 -5.06 -0.05 -5.45
N SER A 67 -5.49 -0.37 -4.22
CA SER A 67 -4.78 -1.20 -3.22
C SER A 67 -4.28 -2.52 -3.79
N ARG A 68 -5.11 -3.28 -4.49
CA ARG A 68 -4.70 -4.51 -5.19
C ARG A 68 -3.47 -4.26 -6.08
N GLN A 69 -3.55 -3.24 -6.93
CA GLN A 69 -2.48 -2.81 -7.85
C GLN A 69 -1.15 -2.53 -7.13
N ILE A 70 -1.13 -1.66 -6.10
CA ILE A 70 0.11 -1.37 -5.34
C ILE A 70 0.76 -2.63 -4.74
N ILE A 71 -0.01 -3.55 -4.15
CA ILE A 71 0.51 -4.81 -3.60
C ILE A 71 0.99 -5.75 -4.72
N SER A 72 0.24 -5.84 -5.82
CA SER A 72 0.63 -6.60 -7.03
C SER A 72 2.01 -6.16 -7.50
N HIS A 73 2.22 -4.85 -7.64
CA HIS A 73 3.50 -4.26 -8.01
C HIS A 73 4.57 -4.67 -6.99
N TRP A 74 4.42 -4.31 -5.70
CA TRP A 74 5.41 -4.59 -4.67
C TRP A 74 5.87 -6.06 -4.60
N LYS A 75 4.96 -7.03 -4.67
CA LYS A 75 5.30 -8.47 -4.67
C LYS A 75 6.10 -8.87 -5.91
N ASN A 76 5.63 -8.53 -7.11
CA ASN A 76 6.28 -8.84 -8.39
C ASN A 76 7.65 -8.15 -8.55
N CYS A 77 7.75 -6.86 -8.23
CA CYS A 77 8.94 -6.04 -8.37
C CYS A 77 10.11 -6.56 -7.51
N THR A 78 11.23 -6.79 -8.19
CA THR A 78 12.53 -7.25 -7.66
C THR A 78 13.68 -6.41 -8.22
N ARG A 79 13.36 -5.19 -8.68
CA ARG A 79 14.26 -4.18 -9.24
C ARG A 79 15.23 -3.66 -8.17
N HIS A 80 16.50 -3.51 -8.54
CA HIS A 80 17.56 -3.01 -7.64
C HIS A 80 17.47 -1.52 -7.29
N ASP A 81 16.59 -0.75 -7.94
CA ASP A 81 16.43 0.71 -7.72
C ASP A 81 15.00 1.28 -7.92
N CYS A 82 13.93 0.50 -7.70
CA CYS A 82 12.56 1.05 -7.81
C CYS A 82 12.38 2.11 -6.69
N PRO A 83 11.80 3.30 -6.95
CA PRO A 83 11.66 4.38 -5.96
C PRO A 83 10.87 4.07 -4.69
N VAL A 84 10.23 2.90 -4.58
CA VAL A 84 9.43 2.49 -3.41
C VAL A 84 9.83 1.09 -2.94
N CYS A 85 9.83 0.12 -3.84
CA CYS A 85 10.17 -1.28 -3.61
C CYS A 85 11.55 -1.44 -2.97
N LEU A 86 12.58 -0.76 -3.49
CA LEU A 86 13.95 -0.77 -2.97
C LEU A 86 14.01 -0.32 -1.50
N PRO A 87 13.63 0.93 -1.10
CA PRO A 87 13.68 1.35 0.29
C PRO A 87 12.84 0.46 1.23
N LEU A 88 11.65 0.01 0.81
CA LEU A 88 10.82 -0.92 1.61
C LEU A 88 11.54 -2.25 1.88
N LYS A 89 12.26 -2.80 0.89
CA LYS A 89 13.10 -3.99 1.04
C LYS A 89 14.26 -3.69 2.02
N ASN A 90 15.07 -2.69 1.70
CA ASN A 90 16.17 -2.16 2.52
C ASN A 90 16.50 -0.70 2.15
N ALA A 91 16.15 0.25 3.04
CA ALA A 91 16.47 1.66 2.84
C ALA A 91 17.92 1.95 3.27
N SER A 92 18.72 2.49 2.35
CA SER A 92 20.10 2.92 2.60
C SER A 92 20.15 4.11 3.57
N ASP A 93 21.28 4.31 4.25
CA ASP A 93 21.46 5.42 5.19
C ASP A 93 21.41 6.78 4.45
N LYS A 94 20.33 7.54 4.68
CA LYS A 94 20.03 8.86 4.08
C LYS A 94 19.43 9.80 5.13
N ARG A 95 19.82 11.07 5.10
CA ARG A 95 19.31 12.12 6.00
C ARG A 95 17.82 12.40 5.76
N SER B 1 13.41 2.03 12.67
CA SER B 1 13.98 2.79 11.53
C SER B 1 13.07 2.72 10.32
N ASP B 2 12.81 3.87 9.68
CA ASP B 2 11.99 4.03 8.47
C ASP B 2 12.56 5.18 7.60
N LEU B 3 12.15 5.25 6.33
CA LEU B 3 12.56 6.23 5.32
C LEU B 3 11.38 6.56 4.38
N ALA B 4 10.73 5.52 3.82
CA ALA B 4 9.56 5.63 2.94
C ALA B 4 8.42 6.48 3.55
N CYS B 5 8.28 6.47 4.89
CA CYS B 5 7.32 7.26 5.66
C CYS B 5 7.36 8.79 5.38
N ARG B 6 8.47 9.32 4.84
CA ARG B 6 8.66 10.75 4.52
C ARG B 6 7.52 11.35 3.68
N LEU B 7 6.95 10.60 2.73
CA LEU B 7 5.84 11.10 1.89
C LEU B 7 4.49 11.18 2.63
N LEU B 8 4.36 10.68 3.86
CA LEU B 8 3.14 10.82 4.68
C LEU B 8 3.09 12.27 5.21
N GLY B 9 2.78 13.18 4.29
CA GLY B 9 2.80 14.63 4.44
C GLY B 9 3.10 15.35 3.12
N GLN B 10 3.77 14.71 2.14
CA GLN B 10 4.08 15.32 0.84
C GLN B 10 2.82 15.73 0.07
N SER B 11 1.83 14.83 -0.01
CA SER B 11 0.56 15.05 -0.71
C SER B 11 -0.67 15.01 0.22
N MET B 12 -0.48 14.82 1.54
CA MET B 12 -1.57 14.90 2.52
C MET B 12 -2.10 16.32 2.65
N ASP B 13 -1.19 17.30 2.55
CA ASP B 13 -1.49 18.74 2.53
C ASP B 13 -2.34 19.10 1.30
N GLU B 14 -1.94 18.60 0.13
CA GLU B 14 -2.58 18.83 -1.19
C GLU B 14 -3.96 18.18 -1.31
N SER B 15 -4.05 16.88 -1.05
CA SER B 15 -5.26 16.05 -1.25
C SER B 15 -5.70 15.24 -0.03
N GLY B 16 -4.77 14.67 0.75
CA GLY B 16 -5.10 13.79 1.88
C GLY B 16 -5.15 12.35 1.35
N LEU B 17 -6.35 11.76 1.33
CA LEU B 17 -6.58 10.44 0.72
C LEU B 17 -7.16 10.65 -0.70
N PRO B 18 -6.46 10.23 -1.76
CA PRO B 18 -6.90 10.43 -3.13
C PRO B 18 -7.95 9.39 -3.58
N GLN B 19 -8.48 9.61 -4.79
CA GLN B 19 -9.38 8.69 -5.48
C GLN B 19 -8.68 8.17 -6.73
N LEU B 20 -7.62 7.40 -6.48
CA LEU B 20 -6.87 6.67 -7.52
C LEU B 20 -7.75 5.52 -8.03
N THR B 21 -7.33 4.88 -9.12
CA THR B 21 -8.03 3.74 -9.73
C THR B 21 -7.04 2.67 -10.17
N SER B 22 -7.54 1.49 -10.55
CA SER B 22 -6.75 0.40 -11.13
C SER B 22 -5.99 0.94 -12.34
N TYR B 23 -6.70 1.57 -13.28
CA TYR B 23 -6.15 2.25 -14.45
C TYR B 23 -5.00 3.21 -14.10
N ASP B 24 -5.24 4.21 -13.24
CA ASP B 24 -4.21 5.18 -12.82
C ASP B 24 -2.95 4.49 -12.27
N CYS B 25 -3.12 3.56 -11.33
CA CYS B 25 -2.03 2.80 -10.73
C CYS B 25 -1.26 1.96 -11.76
N GLU B 26 -1.96 1.19 -12.61
CA GLU B 26 -1.39 0.38 -13.71
C GLU B 26 -0.55 1.26 -14.66
N VAL B 27 -1.08 2.40 -15.08
CA VAL B 27 -0.45 3.38 -15.97
C VAL B 27 0.83 3.97 -15.35
N ASN B 28 0.75 4.46 -14.10
CA ASN B 28 1.85 5.12 -13.39
C ASN B 28 2.96 4.17 -12.92
N ALA B 29 2.61 2.99 -12.40
CA ALA B 29 3.55 1.99 -11.90
C ALA B 29 3.15 0.55 -12.32
N PRO B 30 3.39 0.16 -13.60
CA PRO B 30 3.06 -1.17 -14.12
C PRO B 30 3.70 -2.31 -13.32
N ILE B 31 2.92 -3.36 -13.03
CA ILE B 31 3.37 -4.58 -12.33
C ILE B 31 4.43 -5.29 -13.20
N GLN B 32 5.57 -5.67 -12.62
CA GLN B 32 6.63 -6.38 -13.35
C GLN B 32 6.12 -7.73 -13.88
N GLY B 33 6.46 -8.03 -15.14
CA GLY B 33 6.02 -9.23 -15.85
C GLY B 33 4.74 -8.95 -16.64
N SER B 34 3.58 -9.13 -15.98
CA SER B 34 2.23 -8.91 -16.52
C SER B 34 1.28 -8.29 -15.48
N ARG B 35 0.41 -7.38 -15.90
CA ARG B 35 -0.59 -6.73 -15.03
C ARG B 35 -1.70 -7.71 -14.62
N ASN B 36 -1.78 -7.99 -13.32
CA ASN B 36 -2.70 -8.91 -12.65
C ASN B 36 -2.97 -8.44 -11.22
N LEU B 37 -4.24 -8.42 -10.78
CA LEU B 37 -4.59 -7.98 -9.44
C LEU B 37 -4.51 -9.09 -8.38
N LEU B 38 -3.48 -8.99 -7.55
CA LEU B 38 -3.18 -9.79 -6.35
C LEU B 38 -4.40 -9.69 -5.41
N GLN B 39 -4.90 -10.82 -4.90
CA GLN B 39 -6.12 -10.88 -4.09
C GLN B 39 -6.13 -11.98 -3.01
N GLY B 40 -7.03 -11.83 -2.03
CA GLY B 40 -7.24 -12.76 -0.91
C GLY B 40 -6.06 -12.85 0.06
N GLU B 41 -5.80 -14.03 0.64
CA GLU B 41 -4.74 -14.23 1.64
C GLU B 41 -3.34 -13.83 1.13
N GLU B 42 -3.07 -13.97 -0.17
CA GLU B 42 -1.84 -13.51 -0.82
C GLU B 42 -1.54 -12.03 -0.52
N LEU B 43 -2.58 -11.19 -0.42
CA LEU B 43 -2.45 -9.77 -0.03
C LEU B 43 -1.74 -9.71 1.33
N LEU B 44 -2.37 -10.31 2.35
CA LEU B 44 -1.89 -10.33 3.73
C LEU B 44 -0.47 -10.89 3.84
N ARG B 45 -0.15 -11.98 3.13
CA ARG B 45 1.20 -12.57 3.04
C ARG B 45 2.21 -11.54 2.52
N ALA B 46 1.87 -10.85 1.43
CA ALA B 46 2.67 -9.78 0.85
C ALA B 46 2.86 -8.60 1.83
N LEU B 47 1.81 -8.14 2.53
CA LEU B 47 1.86 -7.06 3.53
C LEU B 47 2.70 -7.43 4.77
N ASP B 48 2.59 -8.67 5.25
CA ASP B 48 3.29 -9.15 6.45
C ASP B 48 4.82 -9.03 6.37
N GLN B 49 5.42 -9.32 5.21
CA GLN B 49 6.88 -9.31 4.97
C GLN B 49 7.62 -8.01 5.38
N VAL B 50 6.91 -6.89 5.57
CA VAL B 50 7.45 -5.58 6.00
C VAL B 50 8.12 -5.67 7.38
N ASN B 51 7.56 -6.46 8.31
CA ASN B 51 8.05 -6.62 9.69
C ASN B 51 9.52 -7.13 9.80
N ALA A 1 0.86 8.72 -17.87
CA ALA A 1 1.33 8.84 -16.46
C ALA A 1 1.56 10.32 -16.09
N ASP A 2 1.57 10.64 -14.79
CA ASP A 2 1.72 11.99 -14.24
C ASP A 2 2.56 11.97 -12.93
N PRO A 3 3.48 12.93 -12.72
CA PRO A 3 4.32 12.98 -11.51
C PRO A 3 3.56 13.16 -10.20
N GLU A 4 2.39 13.81 -10.19
CA GLU A 4 1.59 13.95 -8.97
C GLU A 4 0.98 12.59 -8.58
N LYS A 5 0.47 11.81 -9.54
CA LYS A 5 -0.03 10.45 -9.29
C LYS A 5 1.02 9.56 -8.62
N ARG A 6 2.31 9.72 -8.93
CA ARG A 6 3.40 9.01 -8.22
C ARG A 6 3.35 9.30 -6.71
N LYS A 7 3.20 10.56 -6.29
CA LYS A 7 3.02 10.97 -4.86
C LYS A 7 1.84 10.24 -4.23
N LEU A 8 0.68 10.29 -4.90
CA LEU A 8 -0.57 9.64 -4.49
C LEU A 8 -0.38 8.14 -4.26
N ILE A 9 0.21 7.45 -5.25
CA ILE A 9 0.53 6.02 -5.22
C ILE A 9 1.50 5.71 -4.08
N GLN A 10 2.63 6.43 -3.99
CA GLN A 10 3.64 6.32 -2.94
C GLN A 10 3.01 6.32 -1.54
N GLN A 11 2.19 7.34 -1.22
CA GLN A 11 1.51 7.37 0.08
C GLN A 11 0.59 6.16 0.25
N GLN A 12 -0.35 5.86 -0.66
CA GLN A 12 -1.23 4.69 -0.51
C GLN A 12 -0.46 3.38 -0.28
N LEU A 13 0.64 3.14 -1.01
CA LEU A 13 1.52 1.98 -0.90
C LEU A 13 2.01 1.82 0.55
N VAL A 14 2.70 2.84 1.08
CA VAL A 14 3.22 2.87 2.46
C VAL A 14 2.10 2.82 3.52
N LEU A 15 1.01 3.58 3.35
CA LEU A 15 -0.16 3.56 4.25
C LEU A 15 -0.76 2.15 4.36
N LEU A 16 -1.04 1.50 3.23
CA LEU A 16 -1.62 0.15 3.14
C LEU A 16 -0.76 -0.90 3.87
N LEU A 17 0.56 -0.82 3.69
CA LEU A 17 1.54 -1.68 4.38
C LEU A 17 1.47 -1.47 5.90
N HIS A 18 1.55 -0.21 6.36
CA HIS A 18 1.38 0.13 7.78
C HIS A 18 0.02 -0.40 8.30
N ALA A 19 -1.09 -0.18 7.58
CA ALA A 19 -2.44 -0.60 7.95
C ALA A 19 -2.50 -2.03 8.50
N HIS A 20 -2.02 -3.03 7.74
CA HIS A 20 -1.97 -4.42 8.22
C HIS A 20 -0.94 -4.62 9.35
N LYS A 21 0.23 -3.98 9.30
CA LYS A 21 1.25 -4.06 10.36
C LYS A 21 0.67 -3.59 11.72
N CYS A 22 -0.08 -2.50 11.69
CA CYS A 22 -0.87 -1.91 12.77
C CYS A 22 -1.98 -2.88 13.23
N GLN A 23 -2.76 -3.41 12.28
CA GLN A 23 -3.81 -4.43 12.51
C GLN A 23 -3.27 -5.65 13.26
N ARG A 24 -2.09 -6.17 12.89
CA ARG A 24 -1.39 -7.28 13.55
C ARG A 24 -1.13 -6.94 15.02
N ARG A 25 -0.50 -5.79 15.30
CA ARG A 25 -0.23 -5.27 16.66
C ARG A 25 -1.52 -5.12 17.47
N GLU A 26 -2.52 -4.46 16.91
CA GLU A 26 -3.84 -4.22 17.50
C GLU A 26 -4.53 -5.53 17.95
N GLN A 27 -4.51 -6.57 17.10
CA GLN A 27 -5.03 -7.91 17.42
C GLN A 27 -4.21 -8.58 18.53
N ALA A 28 -2.88 -8.60 18.39
CA ALA A 28 -1.94 -9.20 19.35
C ALA A 28 -2.05 -8.61 20.77
N ASN A 29 -1.88 -7.28 20.90
CA ASN A 29 -1.99 -6.52 22.14
C ASN A 29 -2.49 -5.09 21.87
N GLY A 30 -3.81 -4.89 21.92
CA GLY A 30 -4.47 -3.59 21.72
C GLY A 30 -4.45 -2.75 22.99
N GLU A 31 -3.26 -2.28 23.38
CA GLU A 31 -3.00 -1.46 24.57
C GLU A 31 -2.04 -0.31 24.22
N VAL A 32 -0.73 -0.56 24.23
CA VAL A 32 0.31 0.41 23.85
C VAL A 32 0.41 0.47 22.33
N ARG A 33 -0.39 1.32 21.71
CA ARG A 33 -0.46 1.51 20.25
C ARG A 33 0.80 2.18 19.69
N ALA A 34 1.13 1.87 18.45
CA ALA A 34 2.29 2.43 17.71
C ALA A 34 1.86 3.21 16.44
N CYS A 35 0.55 3.44 16.29
CA CYS A 35 -0.05 4.18 15.19
C CYS A 35 0.23 5.68 15.29
N SER A 36 0.48 6.32 14.15
CA SER A 36 0.78 7.76 13.99
C SER A 36 0.00 8.37 12.81
N LEU A 37 0.01 7.69 11.67
CA LEU A 37 -0.66 8.06 10.41
C LEU A 37 -2.19 8.11 10.62
N PRO A 38 -2.87 9.26 10.41
CA PRO A 38 -4.33 9.38 10.66
C PRO A 38 -5.19 8.50 9.75
N HIS A 39 -4.78 8.37 8.47
CA HIS A 39 -5.49 7.61 7.43
C HIS A 39 -5.40 6.07 7.57
N CYS A 40 -4.57 5.54 8.47
CA CYS A 40 -4.36 4.12 8.74
C CYS A 40 -5.67 3.30 8.79
N ARG A 41 -6.64 3.66 9.65
CA ARG A 41 -7.92 2.95 9.76
C ARG A 41 -8.75 2.94 8.47
N THR A 42 -8.64 3.96 7.61
CA THR A 42 -9.26 3.97 6.27
C THR A 42 -8.66 2.83 5.45
N MET A 43 -7.32 2.76 5.38
CA MET A 43 -6.60 1.67 4.72
C MET A 43 -6.98 0.30 5.33
N LYS A 44 -7.16 0.17 6.66
CA LYS A 44 -7.63 -1.08 7.30
C LYS A 44 -9.03 -1.50 6.80
N ASN A 45 -9.96 -0.56 6.69
CA ASN A 45 -11.31 -0.81 6.14
C ASN A 45 -11.21 -1.31 4.68
N VAL A 46 -10.41 -0.61 3.86
CA VAL A 46 -10.09 -0.96 2.47
C VAL A 46 -9.53 -2.40 2.40
N LEU A 47 -8.48 -2.69 3.18
CA LEU A 47 -7.82 -3.99 3.37
C LEU A 47 -8.83 -5.11 3.67
N ASN A 48 -9.68 -4.93 4.69
CA ASN A 48 -10.72 -5.89 5.07
C ASN A 48 -11.66 -6.22 3.89
N HIS A 49 -12.10 -5.22 3.14
CA HIS A 49 -12.92 -5.41 1.95
C HIS A 49 -12.12 -6.14 0.85
N MET A 50 -10.89 -5.69 0.56
CA MET A 50 -9.94 -6.21 -0.46
C MET A 50 -9.83 -7.74 -0.51
N THR A 51 -9.67 -8.40 0.64
CA THR A 51 -9.54 -9.86 0.77
C THR A 51 -10.81 -10.59 0.33
N HIS A 52 -11.96 -10.18 0.86
CA HIS A 52 -13.28 -10.74 0.58
C HIS A 52 -13.74 -10.49 -0.87
N CYS A 53 -13.56 -9.27 -1.37
CA CYS A 53 -13.89 -8.84 -2.73
C CYS A 53 -13.06 -9.61 -3.79
N GLN A 54 -13.73 -10.10 -4.82
CA GLN A 54 -13.16 -10.86 -5.95
C GLN A 54 -13.38 -10.16 -7.31
N ALA A 55 -14.09 -9.03 -7.32
CA ALA A 55 -14.40 -8.24 -8.51
C ALA A 55 -13.15 -7.58 -9.12
N GLY A 56 -12.22 -7.08 -8.28
CA GLY A 56 -10.95 -6.45 -8.68
C GLY A 56 -11.14 -5.28 -9.65
N LYS A 57 -10.93 -5.55 -10.95
CA LYS A 57 -11.12 -4.60 -12.06
C LYS A 57 -12.54 -4.02 -12.07
N ALA A 58 -13.54 -4.87 -11.82
CA ALA A 58 -14.96 -4.56 -11.83
C ALA A 58 -15.49 -3.83 -10.56
N CYS A 59 -14.77 -3.85 -9.43
CA CYS A 59 -15.21 -3.16 -8.21
C CYS A 59 -15.17 -1.63 -8.42
N GLN A 60 -16.32 -0.98 -8.24
CA GLN A 60 -16.49 0.47 -8.42
C GLN A 60 -15.72 1.32 -7.41
N VAL A 61 -15.44 0.78 -6.21
CA VAL A 61 -14.71 1.45 -5.13
C VAL A 61 -13.26 1.71 -5.56
N ALA A 62 -12.88 3.00 -5.60
CA ALA A 62 -11.54 3.47 -5.98
C ALA A 62 -10.42 2.75 -5.23
N HIS A 63 -10.44 2.89 -3.90
CA HIS A 63 -9.48 2.30 -2.96
C HIS A 63 -9.29 0.78 -3.16
N CYS A 64 -10.38 0.02 -3.34
CA CYS A 64 -10.38 -1.42 -3.61
C CYS A 64 -9.58 -1.76 -4.88
N ALA A 65 -9.91 -1.08 -5.99
CA ALA A 65 -9.24 -1.23 -7.29
C ALA A 65 -7.73 -0.89 -7.22
N SER A 66 -7.37 0.26 -6.64
CA SER A 66 -5.97 0.70 -6.49
C SER A 66 -5.13 -0.15 -5.53
N SER A 67 -5.62 -0.43 -4.31
CA SER A 67 -4.92 -1.22 -3.27
C SER A 67 -4.39 -2.58 -3.72
N ARG A 68 -5.13 -3.33 -4.55
CA ARG A 68 -4.60 -4.59 -5.11
C ARG A 68 -3.36 -4.34 -5.96
N GLN A 69 -3.44 -3.34 -6.85
CA GLN A 69 -2.36 -2.92 -7.76
C GLN A 69 -1.06 -2.59 -7.01
N ILE A 70 -1.08 -1.71 -6.00
CA ILE A 70 0.11 -1.34 -5.22
C ILE A 70 0.83 -2.55 -4.60
N ILE A 71 0.09 -3.51 -4.02
CA ILE A 71 0.67 -4.74 -3.46
C ILE A 71 1.18 -5.68 -4.56
N SER A 72 0.43 -5.80 -5.67
CA SER A 72 0.85 -6.54 -6.86
C SER A 72 2.22 -6.07 -7.34
N HIS A 73 2.41 -4.75 -7.42
CA HIS A 73 3.67 -4.12 -7.79
C HIS A 73 4.76 -4.53 -6.79
N TRP A 74 4.63 -4.19 -5.50
CA TRP A 74 5.64 -4.50 -4.48
C TRP A 74 6.11 -5.96 -4.47
N LYS A 75 5.18 -6.94 -4.52
CA LYS A 75 5.50 -8.37 -4.53
C LYS A 75 6.35 -8.76 -5.75
N ASN A 76 5.91 -8.39 -6.96
CA ASN A 76 6.59 -8.71 -8.23
C ASN A 76 7.90 -7.95 -8.44
N CYS A 77 7.94 -6.66 -8.13
CA CYS A 77 9.07 -5.76 -8.33
C CYS A 77 10.37 -6.27 -7.64
N THR A 78 11.44 -6.28 -8.43
CA THR A 78 12.80 -6.70 -8.06
C THR A 78 13.86 -5.68 -8.50
N ARG A 79 13.43 -4.50 -8.97
CA ARG A 79 14.28 -3.37 -9.36
C ARG A 79 15.10 -2.94 -8.15
N HIS A 80 16.43 -3.02 -8.25
CA HIS A 80 17.39 -2.71 -7.18
C HIS A 80 17.41 -1.24 -6.71
N ASP A 81 16.62 -0.36 -7.33
CA ASP A 81 16.52 1.07 -7.01
C ASP A 81 15.10 1.67 -7.18
N CYS A 82 14.01 0.88 -7.12
CA CYS A 82 12.64 1.42 -7.22
C CYS A 82 12.42 2.40 -6.04
N PRO A 83 11.84 3.60 -6.23
CA PRO A 83 11.68 4.61 -5.19
C PRO A 83 10.86 4.21 -3.95
N VAL A 84 10.16 3.07 -3.97
CA VAL A 84 9.35 2.58 -2.84
C VAL A 84 9.75 1.16 -2.44
N CYS A 85 9.78 0.24 -3.40
CA CYS A 85 10.12 -1.16 -3.24
C CYS A 85 11.48 -1.39 -2.55
N LEU A 86 12.55 -0.72 -3.02
CA LEU A 86 13.89 -0.80 -2.46
C LEU A 86 13.92 -0.46 -0.95
N PRO A 87 13.54 0.75 -0.49
CA PRO A 87 13.56 1.08 0.93
C PRO A 87 12.66 0.17 1.78
N LEU A 88 11.48 -0.22 1.30
CA LEU A 88 10.60 -1.18 1.98
C LEU A 88 11.28 -2.53 2.19
N LYS A 89 11.95 -3.07 1.16
CA LYS A 89 12.72 -4.32 1.21
C LYS A 89 13.86 -4.21 2.23
N ASN A 90 14.72 -3.19 2.06
CA ASN A 90 15.87 -2.91 2.91
C ASN A 90 16.11 -1.40 3.11
N ALA A 91 15.90 -0.93 4.34
CA ALA A 91 16.21 0.42 4.81
C ALA A 91 17.37 0.31 5.82
N SER A 92 17.12 -0.41 6.91
CA SER A 92 18.12 -0.81 7.91
C SER A 92 18.92 -1.97 7.31
N ASP A 93 20.26 -1.97 7.40
CA ASP A 93 21.10 -3.04 6.84
C ASP A 93 20.90 -4.38 7.59
N LYS A 94 20.00 -5.24 7.07
CA LYS A 94 19.65 -6.54 7.64
C LYS A 94 20.80 -7.55 7.49
N ARG A 95 21.12 -8.26 8.58
CA ARG A 95 22.18 -9.30 8.68
C ARG A 95 21.70 -10.51 9.48
N SER B 1 14.99 2.26 10.46
CA SER B 1 14.81 3.72 10.33
C SER B 1 13.79 4.07 9.24
N ASP B 2 12.98 5.11 9.46
CA ASP B 2 11.99 5.59 8.49
C ASP B 2 12.70 6.10 7.21
N LEU B 3 12.39 5.49 6.06
CA LEU B 3 13.02 5.78 4.76
C LEU B 3 12.03 5.74 3.59
N ALA B 4 11.20 4.69 3.51
CA ALA B 4 10.19 4.46 2.49
C ALA B 4 9.17 5.60 2.54
N CYS B 5 9.40 6.58 1.68
CA CYS B 5 8.73 7.86 1.64
C CYS B 5 8.68 8.50 3.04
N ARG B 6 9.86 8.62 3.68
CA ARG B 6 10.06 9.19 5.02
C ARG B 6 9.29 10.50 5.23
N LEU B 7 8.68 10.63 6.41
CA LEU B 7 7.79 11.74 6.77
C LEU B 7 6.67 11.87 5.71
N LEU B 8 5.81 10.85 5.63
CA LEU B 8 4.67 10.79 4.70
C LEU B 8 3.80 12.07 4.77
N GLY B 9 3.60 12.58 5.99
CA GLY B 9 2.88 13.82 6.34
C GLY B 9 3.05 14.96 5.33
N GLN B 10 4.27 15.14 4.83
CA GLN B 10 4.66 16.09 3.78
C GLN B 10 3.68 16.12 2.60
N SER B 11 3.50 14.95 1.96
CA SER B 11 2.60 14.73 0.82
C SER B 11 1.15 14.52 1.26
N MET B 12 0.91 13.90 2.43
CA MET B 12 -0.44 13.69 2.98
C MET B 12 -1.19 15.01 3.19
N ASP B 13 -0.49 16.08 3.57
CA ASP B 13 -1.02 17.43 3.74
C ASP B 13 -1.65 17.97 2.42
N GLU B 14 -0.92 17.80 1.31
CA GLU B 14 -1.31 18.19 -0.05
C GLU B 14 -2.42 17.30 -0.63
N SER B 15 -2.17 16.00 -0.62
CA SER B 15 -2.98 14.93 -1.22
C SER B 15 -4.25 14.57 -0.47
N GLY B 16 -4.18 14.50 0.87
CA GLY B 16 -5.25 14.00 1.75
C GLY B 16 -5.33 12.49 1.55
N LEU B 17 -6.39 12.03 0.90
CA LEU B 17 -6.59 10.66 0.43
C LEU B 17 -7.16 10.75 -1.00
N PRO B 18 -6.48 10.17 -2.01
CA PRO B 18 -6.95 10.23 -3.39
C PRO B 18 -8.04 9.19 -3.66
N GLN B 19 -8.48 9.15 -4.92
CA GLN B 19 -9.41 8.16 -5.47
C GLN B 19 -8.75 7.52 -6.69
N LEU B 20 -7.55 6.94 -6.46
CA LEU B 20 -6.79 6.19 -7.45
C LEU B 20 -7.60 4.93 -7.82
N THR B 21 -7.41 4.44 -9.04
CA THR B 21 -8.08 3.24 -9.55
C THR B 21 -7.05 2.21 -10.02
N SER B 22 -7.52 1.02 -10.40
CA SER B 22 -6.70 -0.04 -10.98
C SER B 22 -5.96 0.52 -12.20
N TYR B 23 -6.71 1.13 -13.13
CA TYR B 23 -6.19 1.82 -14.32
C TYR B 23 -5.10 2.85 -13.99
N ASP B 24 -5.37 3.84 -13.12
CA ASP B 24 -4.40 4.88 -12.74
C ASP B 24 -3.08 4.26 -12.23
N CYS B 25 -3.16 3.35 -11.27
CA CYS B 25 -2.02 2.66 -10.70
C CYS B 25 -1.26 1.81 -11.75
N GLU B 26 -1.95 1.01 -12.56
CA GLU B 26 -1.37 0.21 -13.67
C GLU B 26 -0.58 1.09 -14.65
N VAL B 27 -1.14 2.23 -15.05
CA VAL B 27 -0.55 3.23 -15.95
C VAL B 27 0.70 3.89 -15.36
N ASN B 28 0.60 4.41 -14.14
CA ASN B 28 1.66 5.18 -13.47
C ASN B 28 2.78 4.32 -12.85
N ALA B 29 2.48 3.13 -12.35
CA ALA B 29 3.43 2.19 -11.74
C ALA B 29 3.16 0.72 -12.17
N PRO B 30 3.46 0.35 -13.43
CA PRO B 30 3.24 -1.00 -13.96
C PRO B 30 3.92 -2.10 -13.13
N ILE B 31 3.20 -3.20 -12.89
CA ILE B 31 3.69 -4.38 -12.16
C ILE B 31 4.81 -5.05 -12.99
N GLN B 32 5.95 -5.33 -12.36
CA GLN B 32 7.10 -5.99 -13.01
C GLN B 32 6.70 -7.36 -13.60
N GLY B 33 7.07 -7.59 -14.86
CA GLY B 33 6.73 -8.80 -15.61
C GLY B 33 5.45 -8.61 -16.42
N SER B 34 4.29 -8.79 -15.77
CA SER B 34 2.95 -8.63 -16.37
C SER B 34 1.94 -8.08 -15.35
N ARG B 35 0.99 -7.25 -15.82
CA ARG B 35 -0.10 -6.68 -15.01
C ARG B 35 -1.08 -7.77 -14.57
N ASN B 36 -1.38 -7.76 -13.28
CA ASN B 36 -2.25 -8.68 -12.56
C ASN B 36 -2.89 -7.94 -11.36
N LEU B 37 -3.72 -8.63 -10.58
CA LEU B 37 -4.30 -8.13 -9.33
C LEU B 37 -4.18 -9.21 -8.25
N LEU B 38 -3.23 -9.00 -7.34
CA LEU B 38 -2.97 -9.82 -6.14
C LEU B 38 -4.25 -9.82 -5.27
N GLN B 39 -4.77 -11.00 -4.89
CA GLN B 39 -6.05 -11.17 -4.19
C GLN B 39 -6.02 -12.15 -2.99
N GLY B 40 -7.00 -12.02 -2.10
CA GLY B 40 -7.25 -12.85 -0.93
C GLY B 40 -6.10 -12.94 0.08
N GLU B 41 -5.89 -14.10 0.71
CA GLU B 41 -4.86 -14.28 1.75
C GLU B 41 -3.45 -13.87 1.33
N GLU B 42 -3.11 -14.02 0.04
CA GLU B 42 -1.83 -13.55 -0.52
C GLU B 42 -1.59 -12.06 -0.25
N LEU B 43 -2.65 -11.24 -0.20
CA LEU B 43 -2.56 -9.82 0.17
C LEU B 43 -1.92 -9.72 1.55
N LEU B 44 -2.60 -10.28 2.56
CA LEU B 44 -2.17 -10.27 3.94
C LEU B 44 -0.74 -10.82 4.09
N ARG B 45 -0.43 -11.97 3.48
CA ARG B 45 0.93 -12.57 3.44
C ARG B 45 1.97 -11.57 2.94
N ALA B 46 1.70 -10.92 1.80
CA ALA B 46 2.55 -9.88 1.21
C ALA B 46 2.73 -8.68 2.18
N LEU B 47 1.66 -8.17 2.80
CA LEU B 47 1.71 -7.07 3.78
C LEU B 47 2.47 -7.44 5.07
N ASP B 48 2.32 -8.67 5.56
CA ASP B 48 2.89 -9.15 6.83
C ASP B 48 4.43 -9.13 6.88
N GLN B 49 5.12 -9.35 5.75
CA GLN B 49 6.58 -9.38 5.65
C GLN B 49 7.30 -8.07 6.05
N VAL B 50 6.59 -6.93 6.07
CA VAL B 50 7.15 -5.61 6.42
C VAL B 50 7.72 -5.61 7.84
N ASN B 51 9.02 -5.39 7.99
CA ASN B 51 9.72 -5.34 9.27
C ASN B 51 10.87 -4.30 9.30
N ALA A 1 0.83 8.92 -17.33
CA ALA A 1 1.40 8.97 -15.96
C ALA A 1 1.71 10.42 -15.56
N ASP A 2 1.73 10.71 -14.25
CA ASP A 2 1.96 12.06 -13.70
C ASP A 2 2.74 12.01 -12.35
N PRO A 3 3.69 12.92 -12.08
CA PRO A 3 4.45 12.95 -10.82
C PRO A 3 3.57 13.05 -9.57
N GLU A 4 2.48 13.82 -9.59
CA GLU A 4 1.56 13.92 -8.45
C GLU A 4 0.87 12.56 -8.19
N LYS A 5 0.40 11.87 -9.24
CA LYS A 5 -0.15 10.52 -9.13
C LYS A 5 0.89 9.55 -8.53
N ARG A 6 2.19 9.72 -8.84
CA ARG A 6 3.27 8.92 -8.23
C ARG A 6 3.35 9.21 -6.73
N LYS A 7 3.33 10.48 -6.28
CA LYS A 7 3.27 10.86 -4.85
C LYS A 7 2.12 10.14 -4.13
N LEU A 8 0.91 10.22 -4.70
CA LEU A 8 -0.31 9.60 -4.19
C LEU A 8 -0.13 8.07 -4.03
N ILE A 9 0.35 7.40 -5.07
CA ILE A 9 0.64 5.96 -5.09
C ILE A 9 1.68 5.61 -4.01
N GLN A 10 2.83 6.30 -3.97
CA GLN A 10 3.89 6.14 -2.96
C GLN A 10 3.31 6.18 -1.53
N GLN A 11 2.57 7.24 -1.22
CA GLN A 11 1.89 7.45 0.06
C GLN A 11 0.99 6.24 0.39
N GLN A 12 0.00 5.92 -0.45
CA GLN A 12 -0.89 4.77 -0.25
C GLN A 12 -0.15 3.44 -0.07
N LEU A 13 0.93 3.18 -0.81
CA LEU A 13 1.76 1.99 -0.70
C LEU A 13 2.24 1.82 0.75
N VAL A 14 2.87 2.86 1.32
CA VAL A 14 3.36 2.89 2.70
C VAL A 14 2.20 2.80 3.70
N LEU A 15 1.12 3.57 3.51
CA LEU A 15 -0.08 3.53 4.35
C LEU A 15 -0.64 2.10 4.46
N LEU A 16 -0.82 1.42 3.33
CA LEU A 16 -1.37 0.06 3.25
C LEU A 16 -0.48 -0.98 3.97
N LEU A 17 0.84 -0.92 3.77
CA LEU A 17 1.79 -1.78 4.49
C LEU A 17 1.66 -1.55 6.02
N HIS A 18 1.63 -0.29 6.46
CA HIS A 18 1.38 0.06 7.86
C HIS A 18 0.03 -0.52 8.33
N ALA A 19 -1.07 -0.33 7.59
CA ALA A 19 -2.42 -0.80 7.91
C ALA A 19 -2.48 -2.25 8.40
N HIS A 20 -1.86 -3.19 7.68
CA HIS A 20 -1.79 -4.59 8.12
C HIS A 20 -1.00 -4.72 9.43
N LYS A 21 0.19 -4.12 9.54
CA LYS A 21 0.97 -4.11 10.80
C LYS A 21 0.18 -3.53 11.97
N CYS A 22 -0.56 -2.44 11.76
CA CYS A 22 -1.43 -1.77 12.72
C CYS A 22 -2.44 -2.77 13.32
N GLN A 23 -3.19 -3.46 12.45
CA GLN A 23 -4.11 -4.55 12.81
C GLN A 23 -3.39 -5.67 13.58
N ARG A 24 -2.31 -6.21 13.01
CA ARG A 24 -1.44 -7.27 13.57
C ARG A 24 -1.01 -6.96 15.01
N ARG A 25 -0.44 -5.75 15.22
CA ARG A 25 0.01 -5.20 16.51
C ARG A 25 -1.14 -5.14 17.50
N GLU A 26 -2.24 -4.46 17.16
CA GLU A 26 -3.44 -4.32 17.98
C GLU A 26 -3.99 -5.69 18.44
N GLN A 27 -4.11 -6.66 17.52
CA GLN A 27 -4.54 -8.04 17.80
C GLN A 27 -3.60 -8.72 18.81
N ALA A 28 -2.28 -8.65 18.59
CA ALA A 28 -1.26 -9.21 19.47
C ALA A 28 -1.29 -8.59 20.89
N ASN A 29 -1.27 -7.26 20.97
CA ASN A 29 -1.31 -6.46 22.20
C ASN A 29 -2.06 -5.13 21.97
N GLY A 30 -3.16 -4.91 22.68
CA GLY A 30 -3.96 -3.69 22.60
C GLY A 30 -3.25 -2.46 23.20
N GLU A 31 -3.60 -1.27 22.73
CA GLU A 31 -3.01 0.02 23.15
C GLU A 31 -4.06 1.13 23.26
N VAL A 32 -3.78 2.16 24.06
CA VAL A 32 -4.64 3.37 24.20
C VAL A 32 -4.79 4.04 22.82
N ARG A 33 -3.65 4.33 22.17
CA ARG A 33 -3.54 4.85 20.80
C ARG A 33 -2.18 4.46 20.20
N ALA A 34 -2.15 3.37 19.41
CA ALA A 34 -0.94 2.91 18.71
C ALA A 34 -0.71 3.71 17.42
N CYS A 35 -1.75 3.81 16.59
CA CYS A 35 -1.79 4.45 15.29
C CYS A 35 -1.62 6.00 15.35
N SER A 36 -0.84 6.55 14.42
CA SER A 36 -0.54 7.98 14.26
C SER A 36 -0.67 8.47 12.80
N LEU A 37 -1.49 7.80 11.99
CA LEU A 37 -1.75 8.11 10.57
C LEU A 37 -3.29 8.19 10.34
N PRO A 38 -3.87 9.39 10.13
CA PRO A 38 -5.32 9.56 9.93
C PRO A 38 -5.98 8.59 8.94
N HIS A 39 -5.38 8.44 7.74
CA HIS A 39 -5.87 7.56 6.67
C HIS A 39 -5.56 6.07 6.83
N CYS A 40 -4.88 5.66 7.91
CA CYS A 40 -4.72 4.24 8.24
C CYS A 40 -6.12 3.59 8.39
N ARG A 41 -7.07 4.29 9.05
CA ARG A 41 -8.49 3.90 9.15
C ARG A 41 -9.06 3.57 7.77
N THR A 42 -8.85 4.46 6.79
CA THR A 42 -9.25 4.28 5.38
C THR A 42 -8.64 2.99 4.83
N MET A 43 -7.32 2.84 4.88
CA MET A 43 -6.60 1.65 4.41
C MET A 43 -7.04 0.36 5.11
N LYS A 44 -7.24 0.32 6.43
CA LYS A 44 -7.71 -0.85 7.20
C LYS A 44 -9.09 -1.34 6.72
N ASN A 45 -10.03 -0.42 6.51
CA ASN A 45 -11.37 -0.73 5.96
C ASN A 45 -11.23 -1.33 4.54
N VAL A 46 -10.46 -0.66 3.68
CA VAL A 46 -10.14 -1.07 2.30
C VAL A 46 -9.49 -2.46 2.26
N LEU A 47 -8.48 -2.70 3.09
CA LEU A 47 -7.75 -3.96 3.29
C LEU A 47 -8.74 -5.09 3.59
N ASN A 48 -9.54 -4.95 4.66
CA ASN A 48 -10.57 -5.90 5.06
C ASN A 48 -11.49 -6.27 3.87
N HIS A 49 -11.99 -5.26 3.17
CA HIS A 49 -12.84 -5.46 2.00
C HIS A 49 -12.10 -6.23 0.89
N MET A 50 -10.90 -5.80 0.43
CA MET A 50 -10.14 -6.48 -0.64
C MET A 50 -9.82 -7.95 -0.36
N THR A 51 -9.65 -8.39 0.90
CA THR A 51 -9.47 -9.81 1.21
C THR A 51 -10.70 -10.66 0.86
N HIS A 52 -11.90 -10.12 1.12
CA HIS A 52 -13.20 -10.76 0.82
C HIS A 52 -13.56 -10.64 -0.66
N CYS A 53 -13.51 -9.42 -1.21
CA CYS A 53 -13.78 -9.06 -2.60
C CYS A 53 -12.83 -9.83 -3.55
N GLN A 54 -13.37 -10.37 -4.65
CA GLN A 54 -12.62 -11.12 -5.66
C GLN A 54 -12.59 -10.41 -7.03
N ALA A 55 -13.24 -9.25 -7.14
CA ALA A 55 -13.34 -8.46 -8.37
C ALA A 55 -12.11 -7.54 -8.55
N GLY A 56 -12.05 -6.43 -7.81
CA GLY A 56 -10.98 -5.43 -7.90
C GLY A 56 -11.11 -4.55 -9.15
N LYS A 57 -10.93 -5.16 -10.33
CA LYS A 57 -11.05 -4.54 -11.66
C LYS A 57 -12.43 -3.91 -11.87
N ALA A 58 -13.48 -4.67 -11.58
CA ALA A 58 -14.90 -4.31 -11.74
C ALA A 58 -15.59 -3.73 -10.49
N CYS A 59 -14.97 -3.83 -9.30
CA CYS A 59 -15.52 -3.32 -8.05
C CYS A 59 -15.69 -1.78 -8.12
N GLN A 60 -16.86 -1.29 -7.71
CA GLN A 60 -17.26 0.12 -7.74
C GLN A 60 -16.38 1.03 -6.86
N VAL A 61 -15.92 0.51 -5.71
CA VAL A 61 -15.07 1.23 -4.74
C VAL A 61 -13.71 1.57 -5.38
N ALA A 62 -13.33 2.85 -5.36
CA ALA A 62 -12.08 3.37 -5.94
C ALA A 62 -10.84 2.67 -5.35
N HIS A 63 -10.64 2.82 -4.03
CA HIS A 63 -9.52 2.29 -3.25
C HIS A 63 -9.30 0.77 -3.38
N CYS A 64 -10.38 -0.02 -3.50
CA CYS A 64 -10.39 -1.48 -3.67
C CYS A 64 -9.49 -1.92 -4.85
N ALA A 65 -9.63 -1.24 -6.00
CA ALA A 65 -8.80 -1.45 -7.18
C ALA A 65 -7.33 -1.07 -6.91
N SER A 66 -7.10 0.17 -6.46
CA SER A 66 -5.78 0.75 -6.16
C SER A 66 -4.95 -0.09 -5.18
N SER A 67 -5.49 -0.38 -3.99
CA SER A 67 -4.85 -1.18 -2.93
C SER A 67 -4.35 -2.54 -3.41
N ARG A 68 -5.10 -3.25 -4.28
CA ARG A 68 -4.59 -4.48 -4.89
C ARG A 68 -3.38 -4.15 -5.77
N GLN A 69 -3.50 -3.16 -6.66
CA GLN A 69 -2.46 -2.70 -7.60
C GLN A 69 -1.12 -2.40 -6.92
N ILE A 70 -1.09 -1.54 -5.90
CA ILE A 70 0.15 -1.21 -5.15
C ILE A 70 0.88 -2.47 -4.65
N ILE A 71 0.15 -3.42 -4.06
CA ILE A 71 0.73 -4.69 -3.58
C ILE A 71 1.12 -5.60 -4.74
N SER A 72 0.33 -5.65 -5.81
CA SER A 72 0.62 -6.40 -7.04
C SER A 72 2.00 -5.99 -7.60
N HIS A 73 2.23 -4.68 -7.75
CA HIS A 73 3.51 -4.14 -8.17
C HIS A 73 4.60 -4.55 -7.17
N TRP A 74 4.50 -4.18 -5.89
CA TRP A 74 5.50 -4.48 -4.87
C TRP A 74 5.90 -5.96 -4.79
N LYS A 75 4.93 -6.89 -4.81
CA LYS A 75 5.14 -8.35 -4.78
C LYS A 75 5.99 -8.84 -5.97
N ASN A 76 5.67 -8.35 -7.18
CA ASN A 76 6.38 -8.69 -8.41
C ASN A 76 7.77 -8.01 -8.53
N CYS A 77 7.84 -6.70 -8.29
CA CYS A 77 9.03 -5.86 -8.39
C CYS A 77 10.16 -6.31 -7.44
N THR A 78 11.34 -6.54 -8.04
CA THR A 78 12.60 -6.92 -7.37
C THR A 78 13.78 -6.10 -7.93
N ARG A 79 13.46 -4.92 -8.48
CA ARG A 79 14.36 -3.94 -9.09
C ARG A 79 15.40 -3.41 -8.09
N HIS A 80 16.62 -3.20 -8.55
CA HIS A 80 17.74 -2.68 -7.76
C HIS A 80 17.55 -1.24 -7.25
N ASP A 81 16.64 -0.45 -7.86
CA ASP A 81 16.44 0.97 -7.53
C ASP A 81 15.00 1.53 -7.74
N CYS A 82 13.92 0.73 -7.58
CA CYS A 82 12.56 1.27 -7.68
C CYS A 82 12.37 2.27 -6.50
N PRO A 83 11.76 3.46 -6.69
CA PRO A 83 11.63 4.50 -5.66
C PRO A 83 10.86 4.10 -4.39
N VAL A 84 10.15 2.97 -4.37
CA VAL A 84 9.38 2.51 -3.20
C VAL A 84 9.75 1.07 -2.83
N CYS A 85 9.76 0.17 -3.82
CA CYS A 85 10.07 -1.24 -3.68
C CYS A 85 11.43 -1.49 -3.03
N LEU A 86 12.50 -0.83 -3.49
CA LEU A 86 13.86 -0.94 -2.97
C LEU A 86 13.93 -0.67 -1.44
N PRO A 87 13.58 0.52 -0.90
CA PRO A 87 13.65 0.78 0.54
C PRO A 87 12.81 -0.18 1.39
N LEU A 88 11.64 -0.62 0.91
CA LEU A 88 10.79 -1.60 1.59
C LEU A 88 11.43 -3.00 1.62
N LYS A 89 11.93 -3.49 0.47
CA LYS A 89 12.62 -4.78 0.30
C LYS A 89 13.89 -4.85 1.15
N ASN A 90 14.75 -3.84 1.02
CA ASN A 90 16.03 -3.70 1.72
C ASN A 90 16.16 -2.30 2.35
N ALA A 91 15.82 -2.17 3.63
CA ALA A 91 15.96 -0.93 4.38
C ALA A 91 17.41 -0.83 4.90
N SER A 92 18.23 0.00 4.24
CA SER A 92 19.66 0.19 4.56
C SER A 92 19.86 0.77 5.98
N ASP A 93 20.36 -0.08 6.88
CA ASP A 93 20.61 0.23 8.30
C ASP A 93 21.82 -0.55 8.83
N LYS A 94 22.84 0.17 9.33
CA LYS A 94 24.09 -0.36 9.90
C LYS A 94 24.45 0.45 11.16
N ARG A 95 24.38 -0.21 12.33
CA ARG A 95 24.64 0.33 13.67
C ARG A 95 25.42 -0.67 14.54
N SER B 1 8.88 4.43 12.74
CA SER B 1 9.97 4.80 11.81
C SER B 1 9.81 4.10 10.47
N ASP B 2 10.05 4.80 9.37
CA ASP B 2 9.99 4.31 7.99
C ASP B 2 11.06 4.97 7.10
N LEU B 3 11.37 4.35 5.95
CA LEU B 3 12.33 4.82 4.95
C LEU B 3 11.66 5.22 3.62
N ALA B 4 10.70 4.43 3.14
CA ALA B 4 9.98 4.66 1.88
C ALA B 4 9.38 6.09 1.80
N CYS B 5 8.61 6.47 2.81
CA CYS B 5 8.04 7.80 3.02
C CYS B 5 8.36 8.20 4.47
N ARG B 6 9.63 8.60 4.69
CA ARG B 6 10.23 9.02 5.99
C ARG B 6 9.26 9.83 6.85
N LEU B 7 8.63 10.82 6.23
CA LEU B 7 7.57 11.66 6.76
C LEU B 7 6.39 11.60 5.79
N LEU B 8 5.41 10.74 6.04
CA LEU B 8 4.20 10.63 5.21
C LEU B 8 3.43 11.95 5.13
N GLY B 9 3.38 12.69 6.25
CA GLY B 9 2.78 14.02 6.40
C GLY B 9 3.02 14.96 5.22
N GLN B 10 4.23 14.93 4.65
CA GLN B 10 4.67 15.66 3.46
C GLN B 10 3.62 15.64 2.33
N SER B 11 3.31 14.45 1.85
CA SER B 11 2.36 14.16 0.78
C SER B 11 0.90 14.24 1.25
N MET B 12 0.61 13.73 2.47
CA MET B 12 -0.73 13.75 3.07
C MET B 12 -1.30 15.18 3.16
N ASP B 13 -0.45 16.15 3.49
CA ASP B 13 -0.80 17.58 3.55
C ASP B 13 -1.32 18.14 2.21
N GLU B 14 -0.68 17.77 1.09
CA GLU B 14 -1.02 18.24 -0.25
C GLU B 14 -2.40 17.80 -0.77
N SER B 15 -2.76 16.52 -0.60
CA SER B 15 -3.99 15.93 -1.19
C SER B 15 -4.85 15.03 -0.28
N GLY B 16 -4.41 14.69 0.94
CA GLY B 16 -5.14 13.81 1.85
C GLY B 16 -5.15 12.37 1.35
N LEU B 17 -6.28 11.92 0.80
CA LEU B 17 -6.50 10.59 0.23
C LEU B 17 -7.33 10.72 -1.06
N PRO B 18 -6.79 10.33 -2.23
CA PRO B 18 -7.45 10.49 -3.53
C PRO B 18 -8.48 9.38 -3.81
N GLN B 19 -9.02 9.39 -5.03
CA GLN B 19 -9.89 8.35 -5.59
C GLN B 19 -9.27 7.84 -6.88
N LEU B 20 -8.11 7.19 -6.72
CA LEU B 20 -7.38 6.51 -7.80
C LEU B 20 -8.17 5.26 -8.22
N THR B 21 -7.77 4.66 -9.35
CA THR B 21 -8.43 3.48 -9.93
C THR B 21 -7.40 2.46 -10.41
N SER B 22 -7.89 1.29 -10.85
CA SER B 22 -7.09 0.22 -11.47
C SER B 22 -6.27 0.82 -12.62
N TYR B 23 -6.96 1.48 -13.57
CA TYR B 23 -6.36 2.17 -14.70
C TYR B 23 -5.23 3.12 -14.29
N ASP B 24 -5.52 4.15 -13.47
CA ASP B 24 -4.51 5.13 -13.02
C ASP B 24 -3.28 4.48 -12.39
N CYS B 25 -3.48 3.59 -11.43
CA CYS B 25 -2.40 2.89 -10.73
C CYS B 25 -1.56 2.01 -11.69
N GLU B 26 -2.20 1.16 -12.50
CA GLU B 26 -1.54 0.31 -13.51
C GLU B 26 -0.73 1.14 -14.52
N VAL B 27 -1.27 2.28 -14.98
CA VAL B 27 -0.63 3.23 -15.89
C VAL B 27 0.64 3.85 -15.27
N ASN B 28 0.54 4.38 -14.06
CA ASN B 28 1.63 5.06 -13.36
C ASN B 28 2.74 4.11 -12.86
N ALA B 29 2.40 2.93 -12.35
CA ALA B 29 3.34 1.93 -11.84
C ALA B 29 3.01 0.50 -12.34
N PRO B 30 3.27 0.16 -13.61
CA PRO B 30 3.01 -1.16 -14.18
C PRO B 30 3.68 -2.31 -13.43
N ILE B 31 2.96 -3.42 -13.29
CA ILE B 31 3.43 -4.64 -12.63
C ILE B 31 4.51 -5.29 -13.51
N GLN B 32 5.67 -5.60 -12.92
CA GLN B 32 6.85 -6.12 -13.62
C GLN B 32 6.62 -7.49 -14.28
N GLY B 33 6.03 -8.43 -13.54
CA GLY B 33 5.72 -9.79 -14.01
C GLY B 33 4.40 -9.87 -14.80
N SER B 34 4.10 -11.06 -15.33
CA SER B 34 2.88 -11.35 -16.11
C SER B 34 1.57 -11.23 -15.32
N ARG B 35 1.64 -11.28 -13.98
CA ARG B 35 0.51 -11.17 -13.04
C ARG B 35 -0.13 -9.77 -13.10
N ASN B 36 -1.36 -9.67 -12.61
CA ASN B 36 -2.13 -8.43 -12.49
C ASN B 36 -2.64 -8.28 -11.03
N LEU B 37 -3.87 -7.80 -10.80
CA LEU B 37 -4.39 -7.58 -9.44
C LEU B 37 -4.36 -8.83 -8.54
N LEU B 38 -3.50 -8.77 -7.53
CA LEU B 38 -3.24 -9.72 -6.43
C LEU B 38 -4.54 -9.86 -5.58
N GLN B 39 -4.95 -11.07 -5.18
CA GLN B 39 -6.22 -11.34 -4.49
C GLN B 39 -6.12 -12.10 -3.15
N GLY B 40 -7.17 -11.96 -2.33
CA GLY B 40 -7.41 -12.64 -1.04
C GLY B 40 -6.22 -12.86 -0.12
N GLU B 41 -6.03 -14.10 0.35
CA GLU B 41 -4.98 -14.49 1.31
C GLU B 41 -3.56 -14.04 0.90
N GLU B 42 -3.24 -14.11 -0.39
CA GLU B 42 -1.95 -13.67 -0.94
C GLU B 42 -1.66 -12.19 -0.61
N LEU B 43 -2.69 -11.33 -0.50
CA LEU B 43 -2.53 -9.92 -0.11
C LEU B 43 -1.86 -9.87 1.27
N LEU B 44 -2.51 -10.45 2.28
CA LEU B 44 -2.00 -10.46 3.66
C LEU B 44 -0.61 -11.10 3.75
N ARG B 45 -0.36 -12.20 3.03
CA ARG B 45 0.97 -12.84 2.94
C ARG B 45 2.02 -11.85 2.43
N ALA B 46 1.73 -11.14 1.34
CA ALA B 46 2.59 -10.10 0.78
C ALA B 46 2.84 -8.96 1.81
N LEU B 47 1.79 -8.46 2.49
CA LEU B 47 1.91 -7.42 3.53
C LEU B 47 2.73 -7.88 4.75
N ASP B 48 2.59 -9.14 5.18
CA ASP B 48 3.28 -9.72 6.33
C ASP B 48 4.81 -9.81 6.16
N GLN B 49 5.30 -10.00 4.92
CA GLN B 49 6.73 -10.12 4.60
C GLN B 49 7.57 -8.90 5.06
N VAL B 50 6.94 -7.73 5.23
CA VAL B 50 7.55 -6.46 5.68
C VAL B 50 8.14 -6.57 7.08
N ASN B 51 7.34 -7.12 8.02
CA ASN B 51 7.56 -7.20 9.46
C ASN B 51 7.93 -5.84 10.12
N ALA A 1 1.31 9.09 -17.63
CA ALA A 1 1.69 9.11 -16.19
C ALA A 1 2.06 10.54 -15.75
N ASP A 2 1.97 10.83 -14.45
CA ASP A 2 2.29 12.14 -13.85
C ASP A 2 3.04 12.00 -12.50
N PRO A 3 4.14 12.75 -12.27
CA PRO A 3 4.91 12.71 -11.01
C PRO A 3 4.07 12.82 -9.73
N GLU A 4 3.11 13.74 -9.66
CA GLU A 4 2.24 13.92 -8.47
C GLU A 4 1.42 12.66 -8.19
N LYS A 5 0.84 12.02 -9.22
CA LYS A 5 0.11 10.76 -9.06
C LYS A 5 1.02 9.63 -8.57
N ARG A 6 2.32 9.64 -8.92
CA ARG A 6 3.29 8.68 -8.36
C ARG A 6 3.45 8.91 -6.85
N LYS A 7 3.49 10.17 -6.37
CA LYS A 7 3.50 10.52 -4.93
C LYS A 7 2.25 9.97 -4.23
N LEU A 8 1.09 10.12 -4.85
CA LEU A 8 -0.19 9.57 -4.35
C LEU A 8 -0.09 8.05 -4.18
N ILE A 9 0.34 7.34 -5.23
CA ILE A 9 0.56 5.88 -5.21
C ILE A 9 1.52 5.50 -4.08
N GLN A 10 2.70 6.15 -3.99
CA GLN A 10 3.68 6.00 -2.91
C GLN A 10 3.03 6.08 -1.52
N GLN A 11 2.28 7.15 -1.26
CA GLN A 11 1.53 7.37 -0.02
C GLN A 11 0.62 6.16 0.27
N GLN A 12 -0.31 5.84 -0.65
CA GLN A 12 -1.23 4.71 -0.49
C GLN A 12 -0.53 3.37 -0.23
N LEU A 13 0.61 3.10 -0.88
CA LEU A 13 1.45 1.91 -0.69
C LEU A 13 1.83 1.80 0.80
N VAL A 14 2.50 2.83 1.35
CA VAL A 14 2.91 2.91 2.76
C VAL A 14 1.69 2.83 3.71
N LEU A 15 0.59 3.57 3.45
CA LEU A 15 -0.64 3.52 4.27
C LEU A 15 -1.22 2.10 4.33
N LEU A 16 -1.36 1.42 3.18
CA LEU A 16 -1.90 0.07 3.08
C LEU A 16 -1.07 -0.94 3.89
N LEU A 17 0.26 -0.88 3.77
CA LEU A 17 1.17 -1.70 4.57
C LEU A 17 0.96 -1.43 6.08
N HIS A 18 0.92 -0.16 6.49
CA HIS A 18 0.62 0.23 7.88
C HIS A 18 -0.68 -0.41 8.35
N ALA A 19 -1.79 -0.25 7.61
CA ALA A 19 -3.12 -0.78 7.96
C ALA A 19 -3.13 -2.21 8.55
N HIS A 20 -2.40 -3.14 7.91
CA HIS A 20 -2.24 -4.53 8.37
C HIS A 20 -1.21 -4.65 9.50
N LYS A 21 -0.03 -4.02 9.38
CA LYS A 21 1.03 -3.99 10.41
C LYS A 21 0.46 -3.56 11.77
N CYS A 22 -0.27 -2.45 11.78
CA CYS A 22 -0.98 -1.82 12.88
C CYS A 22 -1.85 -2.84 13.64
N GLN A 23 -2.76 -3.52 12.92
CA GLN A 23 -3.60 -4.60 13.47
C GLN A 23 -2.73 -5.68 14.14
N ARG A 24 -1.71 -6.19 13.44
CA ARG A 24 -0.76 -7.19 13.96
C ARG A 24 -0.11 -6.73 15.27
N ARG A 25 0.46 -5.52 15.32
CA ARG A 25 1.10 -4.96 16.53
C ARG A 25 0.14 -4.92 17.71
N GLU A 26 -1.05 -4.34 17.50
CA GLU A 26 -2.11 -4.20 18.49
C GLU A 26 -2.55 -5.58 19.06
N GLN A 27 -2.77 -6.56 18.18
CA GLN A 27 -3.12 -7.94 18.56
C GLN A 27 -1.97 -8.62 19.34
N ALA A 28 -0.73 -8.51 18.86
CA ALA A 28 0.47 -9.07 19.47
C ALA A 28 0.69 -8.56 20.91
N ASN A 29 0.64 -7.22 21.11
CA ASN A 29 0.79 -6.56 22.40
C ASN A 29 -0.23 -5.41 22.56
N GLY A 30 -1.35 -5.69 23.23
CA GLY A 30 -2.41 -4.71 23.50
C GLY A 30 -2.11 -3.89 24.75
N GLU A 31 -1.19 -2.94 24.63
CA GLU A 31 -0.73 -2.04 25.70
C GLU A 31 -0.58 -0.61 25.15
N VAL A 32 0.52 -0.32 24.45
CA VAL A 32 0.76 0.96 23.77
C VAL A 32 0.01 0.92 22.43
N ARG A 33 -0.82 1.94 22.15
CA ARG A 33 -1.60 2.03 20.90
C ARG A 33 -0.68 1.94 19.69
N ALA A 34 -0.90 0.95 18.83
CA ALA A 34 -0.09 0.71 17.63
C ALA A 34 -0.17 1.87 16.61
N CYS A 35 -1.40 2.29 16.30
CA CYS A 35 -1.73 3.29 15.30
C CYS A 35 -1.19 4.71 15.58
N SER A 36 -0.84 5.41 14.50
CA SER A 36 -0.31 6.78 14.46
C SER A 36 -0.98 7.61 13.36
N LEU A 37 -0.88 7.16 12.10
CA LEU A 37 -1.41 7.79 10.89
C LEU A 37 -2.95 7.92 10.93
N PRO A 38 -3.54 9.05 10.49
CA PRO A 38 -5.00 9.27 10.55
C PRO A 38 -5.80 8.32 9.62
N HIS A 39 -5.47 8.30 8.33
CA HIS A 39 -6.15 7.51 7.29
C HIS A 39 -5.92 5.99 7.32
N CYS A 40 -5.20 5.46 8.30
CA CYS A 40 -5.02 4.03 8.50
C CYS A 40 -6.40 3.31 8.51
N ARG A 41 -7.37 3.85 9.27
CA ARG A 41 -8.78 3.39 9.32
C ARG A 41 -9.42 3.25 7.93
N THR A 42 -9.17 4.21 7.02
CA THR A 42 -9.61 4.18 5.62
C THR A 42 -9.04 2.94 4.95
N MET A 43 -7.72 2.77 4.98
CA MET A 43 -7.01 1.61 4.44
C MET A 43 -7.46 0.28 5.07
N LYS A 44 -7.81 0.21 6.37
CA LYS A 44 -8.34 -1.02 7.01
C LYS A 44 -9.70 -1.43 6.43
N ASN A 45 -10.62 -0.47 6.27
CA ASN A 45 -11.93 -0.70 5.64
C ASN A 45 -11.74 -1.26 4.21
N VAL A 46 -10.85 -0.61 3.45
CA VAL A 46 -10.43 -1.00 2.09
C VAL A 46 -9.88 -2.43 2.10
N LEU A 47 -8.83 -2.70 2.89
CA LEU A 47 -8.18 -4.00 3.13
C LEU A 47 -9.19 -5.13 3.35
N ASN A 48 -10.10 -4.98 4.32
CA ASN A 48 -11.16 -5.95 4.62
C ASN A 48 -11.95 -6.29 3.35
N HIS A 49 -12.53 -5.28 2.70
CA HIS A 49 -13.28 -5.47 1.45
C HIS A 49 -12.41 -6.12 0.36
N MET A 50 -11.16 -5.65 0.15
CA MET A 50 -10.17 -6.16 -0.80
C MET A 50 -10.04 -7.69 -0.77
N THR A 51 -9.95 -8.30 0.42
CA THR A 51 -9.85 -9.75 0.60
C THR A 51 -11.11 -10.49 0.11
N HIS A 52 -12.31 -9.98 0.42
CA HIS A 52 -13.60 -10.56 0.02
C HIS A 52 -13.87 -10.37 -1.49
N CYS A 53 -13.57 -9.18 -2.02
CA CYS A 53 -13.73 -8.76 -3.40
C CYS A 53 -12.91 -9.64 -4.37
N GLN A 54 -13.44 -9.85 -5.58
CA GLN A 54 -12.83 -10.65 -6.65
C GLN A 54 -12.84 -9.93 -8.02
N ALA A 55 -13.37 -8.71 -8.09
CA ALA A 55 -13.46 -7.92 -9.31
C ALA A 55 -12.15 -7.18 -9.61
N GLY A 56 -11.81 -6.17 -8.80
CA GLY A 56 -10.60 -5.34 -8.95
C GLY A 56 -10.70 -4.36 -10.13
N LYS A 57 -10.61 -4.89 -11.34
CA LYS A 57 -10.72 -4.16 -12.61
C LYS A 57 -12.05 -3.40 -12.72
N ALA A 58 -13.14 -4.08 -12.35
CA ALA A 58 -14.52 -3.59 -12.44
C ALA A 58 -15.17 -3.10 -11.13
N CYS A 59 -14.51 -3.23 -9.96
CA CYS A 59 -15.06 -2.76 -8.69
C CYS A 59 -15.15 -1.21 -8.71
N GLN A 60 -16.35 -0.69 -8.45
CA GLN A 60 -16.67 0.75 -8.49
C GLN A 60 -15.90 1.57 -7.44
N VAL A 61 -15.59 0.97 -6.28
CA VAL A 61 -14.86 1.61 -5.17
C VAL A 61 -13.42 1.93 -5.60
N ALA A 62 -13.09 3.21 -5.68
CA ALA A 62 -11.79 3.77 -6.08
C ALA A 62 -10.60 3.09 -5.39
N HIS A 63 -10.62 3.08 -4.05
CA HIS A 63 -9.59 2.49 -3.20
C HIS A 63 -9.42 0.98 -3.39
N CYS A 64 -10.52 0.22 -3.46
CA CYS A 64 -10.53 -1.23 -3.70
C CYS A 64 -9.80 -1.58 -5.00
N ALA A 65 -10.17 -0.89 -6.08
CA ALA A 65 -9.54 -1.02 -7.39
C ALA A 65 -8.03 -0.76 -7.28
N SER A 66 -7.64 0.42 -6.78
CA SER A 66 -6.26 0.93 -6.60
C SER A 66 -5.34 0.05 -5.74
N SER A 67 -5.77 -0.32 -4.53
CA SER A 67 -5.01 -1.10 -3.54
C SER A 67 -4.44 -2.42 -4.05
N ARG A 68 -5.09 -3.06 -5.02
CA ARG A 68 -4.56 -4.27 -5.68
C ARG A 68 -3.21 -3.98 -6.36
N GLN A 69 -3.13 -2.99 -7.25
CA GLN A 69 -1.89 -2.63 -7.98
C GLN A 69 -0.69 -2.37 -7.06
N ILE A 70 -0.84 -1.57 -6.00
CA ILE A 70 0.26 -1.26 -5.08
C ILE A 70 0.92 -2.53 -4.52
N ILE A 71 0.13 -3.51 -4.10
CA ILE A 71 0.62 -4.81 -3.60
C ILE A 71 1.14 -5.69 -4.74
N SER A 72 0.43 -5.72 -5.87
CA SER A 72 0.81 -6.45 -7.09
C SER A 72 2.23 -6.07 -7.52
N HIS A 73 2.49 -4.75 -7.66
CA HIS A 73 3.81 -4.21 -7.98
C HIS A 73 4.81 -4.64 -6.91
N TRP A 74 4.62 -4.26 -5.63
CA TRP A 74 5.56 -4.58 -4.54
C TRP A 74 6.00 -6.05 -4.50
N LYS A 75 5.05 -7.01 -4.60
CA LYS A 75 5.36 -8.45 -4.60
C LYS A 75 6.19 -8.87 -5.83
N ASN A 76 5.78 -8.46 -7.03
CA ASN A 76 6.47 -8.78 -8.29
C ASN A 76 7.87 -8.14 -8.42
N CYS A 77 8.01 -6.87 -7.99
CA CYS A 77 9.23 -6.07 -8.11
C CYS A 77 10.46 -6.69 -7.44
N THR A 78 11.57 -6.68 -8.19
CA THR A 78 12.90 -7.17 -7.82
C THR A 78 14.00 -6.14 -8.14
N ARG A 79 13.63 -4.94 -8.60
CA ARG A 79 14.54 -3.82 -8.89
C ARG A 79 15.29 -3.45 -7.61
N HIS A 80 16.62 -3.52 -7.65
CA HIS A 80 17.51 -3.26 -6.51
C HIS A 80 17.54 -1.79 -6.04
N ASP A 81 16.84 -0.88 -6.72
CA ASP A 81 16.78 0.56 -6.41
C ASP A 81 15.39 1.21 -6.65
N CYS A 82 14.27 0.45 -6.63
CA CYS A 82 12.94 1.02 -6.81
C CYS A 82 12.67 2.00 -5.62
N PRO A 83 12.11 3.20 -5.85
CA PRO A 83 11.90 4.22 -4.81
C PRO A 83 11.10 3.79 -3.58
N VAL A 84 10.27 2.74 -3.66
CA VAL A 84 9.42 2.27 -2.55
C VAL A 84 9.80 0.84 -2.14
N CYS A 85 9.87 -0.07 -3.10
CA CYS A 85 10.17 -1.48 -2.92
C CYS A 85 11.50 -1.72 -2.19
N LEU A 86 12.59 -1.05 -2.61
CA LEU A 86 13.91 -1.15 -1.98
C LEU A 86 13.87 -0.87 -0.46
N PRO A 87 13.49 0.33 0.03
CA PRO A 87 13.44 0.61 1.48
C PRO A 87 12.52 -0.36 2.25
N LEU A 88 11.34 -0.69 1.71
CA LEU A 88 10.41 -1.66 2.32
C LEU A 88 11.06 -3.04 2.49
N LYS A 89 11.77 -3.53 1.47
CA LYS A 89 12.54 -4.79 1.50
C LYS A 89 13.67 -4.73 2.54
N ASN A 90 14.55 -3.75 2.39
CA ASN A 90 15.70 -3.50 3.27
C ASN A 90 16.02 -2.00 3.39
N ALA A 91 16.02 -1.49 4.63
CA ALA A 91 16.39 -0.12 4.96
C ALA A 91 17.29 -0.11 6.21
N SER A 92 18.54 0.34 6.03
CA SER A 92 19.52 0.50 7.12
C SER A 92 19.06 1.55 8.13
N ASP A 93 19.63 1.55 9.34
CA ASP A 93 19.29 2.52 10.40
C ASP A 93 19.58 3.97 9.94
N LYS A 94 18.51 4.76 9.77
CA LYS A 94 18.51 6.17 9.31
C LYS A 94 17.44 6.98 10.07
N ARG A 95 17.66 8.29 10.18
CA ARG A 95 16.77 9.27 10.83
C ARG A 95 16.62 10.52 9.95
N SER B 1 7.05 7.55 12.81
CA SER B 1 8.22 7.66 11.92
C SER B 1 8.22 6.57 10.86
N ASP B 2 8.70 6.90 9.64
CA ASP B 2 8.83 6.00 8.49
C ASP B 2 10.07 6.36 7.65
N LEU B 3 10.55 5.42 6.82
CA LEU B 3 11.70 5.58 5.92
C LEU B 3 11.26 5.45 4.45
N ALA B 4 10.47 4.42 4.12
CA ALA B 4 9.92 4.13 2.78
C ALA B 4 9.49 5.40 2.03
N CYS B 5 8.57 6.16 2.63
CA CYS B 5 8.12 7.48 2.19
C CYS B 5 8.15 8.37 3.43
N ARG B 6 9.37 8.66 3.92
CA ARG B 6 9.65 9.47 5.11
C ARG B 6 8.81 10.74 5.16
N LEU B 7 8.28 11.06 6.33
CA LEU B 7 7.37 12.19 6.57
C LEU B 7 6.20 12.15 5.58
N LEU B 8 5.31 11.16 5.70
CA LEU B 8 4.10 11.02 4.85
C LEU B 8 3.27 12.31 4.87
N GLY B 9 3.24 13.00 6.02
CA GLY B 9 2.61 14.31 6.27
C GLY B 9 2.77 15.31 5.12
N GLN B 10 3.94 15.30 4.46
CA GLN B 10 4.28 16.10 3.27
C GLN B 10 3.18 16.04 2.21
N SER B 11 2.94 14.83 1.67
CA SER B 11 1.95 14.52 0.64
C SER B 11 0.52 14.57 1.19
N MET B 12 0.32 14.11 2.44
CA MET B 12 -0.99 14.13 3.12
C MET B 12 -1.53 15.56 3.26
N ASP B 13 -0.65 16.54 3.49
CA ASP B 13 -0.97 17.97 3.54
C ASP B 13 -1.44 18.50 2.17
N GLU B 14 -0.72 18.17 1.10
CA GLU B 14 -1.01 18.57 -0.28
C GLU B 14 -2.34 18.05 -0.83
N SER B 15 -2.62 16.75 -0.68
CA SER B 15 -3.78 16.08 -1.31
C SER B 15 -4.70 15.26 -0.38
N GLY B 16 -4.36 15.08 0.90
CA GLY B 16 -5.15 14.29 1.86
C GLY B 16 -5.13 12.82 1.50
N LEU B 17 -6.28 12.33 1.04
CA LEU B 17 -6.51 10.94 0.64
C LEU B 17 -7.13 10.96 -0.76
N PRO B 18 -6.41 10.47 -1.80
CA PRO B 18 -6.86 10.55 -3.19
C PRO B 18 -7.94 9.54 -3.56
N GLN B 19 -8.45 9.70 -4.78
CA GLN B 19 -9.38 8.79 -5.45
C GLN B 19 -8.70 8.29 -6.74
N LEU B 20 -7.66 7.48 -6.54
CA LEU B 20 -6.94 6.78 -7.61
C LEU B 20 -7.88 5.71 -8.21
N THR B 21 -7.46 5.07 -9.30
CA THR B 21 -8.20 3.98 -9.94
C THR B 21 -7.25 2.87 -10.36
N SER B 22 -7.80 1.72 -10.74
CA SER B 22 -7.05 0.60 -11.31
C SER B 22 -6.22 1.08 -12.51
N TYR B 23 -6.88 1.75 -13.46
CA TYR B 23 -6.26 2.37 -14.64
C TYR B 23 -5.10 3.30 -14.25
N ASP B 24 -5.35 4.31 -13.39
CA ASP B 24 -4.32 5.25 -12.92
C ASP B 24 -3.08 4.51 -12.38
N CYS B 25 -3.27 3.59 -11.44
CA CYS B 25 -2.19 2.82 -10.83
C CYS B 25 -1.43 1.96 -11.87
N GLU B 26 -2.13 1.19 -12.71
CA GLU B 26 -1.55 0.37 -13.78
C GLU B 26 -0.68 1.19 -14.76
N VAL B 27 -1.08 2.42 -15.05
CA VAL B 27 -0.40 3.38 -15.93
C VAL B 27 0.81 4.04 -15.27
N ASN B 28 0.61 4.63 -14.08
CA ASN B 28 1.63 5.39 -13.35
C ASN B 28 2.69 4.53 -12.66
N ALA B 29 2.33 3.34 -12.20
CA ALA B 29 3.24 2.36 -11.56
C ALA B 29 2.97 0.94 -12.08
N PRO B 30 3.36 0.63 -13.35
CA PRO B 30 3.19 -0.70 -13.94
C PRO B 30 3.89 -1.78 -13.12
N ILE B 31 3.28 -2.96 -13.04
CA ILE B 31 3.83 -4.13 -12.34
C ILE B 31 5.10 -4.58 -13.09
N GLN B 32 6.11 -5.09 -12.36
CA GLN B 32 7.39 -5.53 -12.94
C GLN B 32 7.20 -6.60 -14.03
N GLY B 33 6.38 -7.63 -13.75
CA GLY B 33 5.99 -8.69 -14.70
C GLY B 33 4.70 -8.32 -15.42
N SER B 34 4.04 -9.31 -16.05
CA SER B 34 2.76 -9.10 -16.75
C SER B 34 1.69 -8.56 -15.78
N ARG B 35 0.93 -7.53 -16.18
CA ARG B 35 -0.11 -6.92 -15.33
C ARG B 35 -1.14 -7.95 -14.88
N ASN B 36 -1.19 -8.19 -13.57
CA ASN B 36 -2.05 -9.15 -12.87
C ASN B 36 -2.38 -8.58 -11.48
N LEU B 37 -3.66 -8.52 -11.13
CA LEU B 37 -4.09 -7.95 -9.86
C LEU B 37 -4.11 -8.98 -8.73
N LEU B 38 -3.10 -8.87 -7.86
CA LEU B 38 -2.90 -9.63 -6.64
C LEU B 38 -4.06 -9.31 -5.68
N GLN B 39 -4.86 -10.31 -5.31
CA GLN B 39 -6.03 -10.16 -4.42
C GLN B 39 -6.33 -11.42 -3.60
N GLY B 40 -7.19 -11.28 -2.58
CA GLY B 40 -7.57 -12.35 -1.65
C GLY B 40 -6.50 -12.62 -0.58
N GLU B 41 -6.37 -13.86 -0.10
CA GLU B 41 -5.39 -14.22 0.96
C GLU B 41 -3.95 -13.80 0.61
N GLU B 42 -3.59 -13.84 -0.68
CA GLU B 42 -2.31 -13.36 -1.21
C GLU B 42 -1.97 -11.94 -0.74
N LEU B 43 -2.98 -11.07 -0.59
CA LEU B 43 -2.81 -9.71 -0.07
C LEU B 43 -2.19 -9.77 1.32
N LEU B 44 -2.88 -10.41 2.26
CA LEU B 44 -2.47 -10.51 3.66
C LEU B 44 -1.07 -11.16 3.77
N ARG B 45 -0.79 -12.19 2.97
CA ARG B 45 0.56 -12.83 2.87
C ARG B 45 1.61 -11.80 2.45
N ALA B 46 1.32 -11.01 1.42
CA ALA B 46 2.18 -9.93 0.93
C ALA B 46 2.37 -8.82 1.99
N LEU B 47 1.30 -8.35 2.64
CA LEU B 47 1.35 -7.32 3.70
C LEU B 47 2.12 -7.82 4.94
N ASP B 48 2.04 -9.11 5.28
CA ASP B 48 2.72 -9.75 6.41
C ASP B 48 4.26 -9.66 6.33
N GLN B 49 4.85 -9.88 5.15
CA GLN B 49 6.30 -9.92 4.91
C GLN B 49 7.09 -8.69 5.43
N VAL B 50 6.40 -7.56 5.69
CA VAL B 50 6.97 -6.31 6.21
C VAL B 50 7.62 -6.51 7.59
N ASN B 51 7.03 -7.36 8.45
CA ASN B 51 7.49 -7.62 9.83
C ASN B 51 8.93 -8.18 9.93
N ALA A 1 2.09 8.98 -17.44
CA ALA A 1 2.38 9.05 -15.99
C ALA A 1 2.55 10.50 -15.52
N ASP A 2 2.47 10.75 -14.21
CA ASP A 2 2.55 12.08 -13.58
C ASP A 2 3.32 12.03 -12.24
N PRO A 3 4.23 12.99 -11.95
CA PRO A 3 5.01 13.03 -10.70
C PRO A 3 4.14 12.95 -9.44
N GLU A 4 3.16 13.84 -9.30
CA GLU A 4 2.26 13.87 -8.14
C GLU A 4 1.43 12.58 -8.02
N LYS A 5 0.91 12.00 -9.12
CA LYS A 5 0.24 10.69 -9.06
C LYS A 5 1.16 9.62 -8.46
N ARG A 6 2.47 9.63 -8.77
CA ARG A 6 3.44 8.72 -8.15
C ARG A 6 3.53 8.98 -6.64
N LYS A 7 3.62 10.25 -6.19
CA LYS A 7 3.61 10.63 -4.75
C LYS A 7 2.36 10.08 -4.03
N LEU A 8 1.19 10.25 -4.64
CA LEU A 8 -0.10 9.74 -4.17
C LEU A 8 -0.08 8.20 -4.05
N ILE A 9 0.38 7.50 -5.09
CA ILE A 9 0.56 6.04 -5.13
C ILE A 9 1.50 5.59 -4.00
N GLN A 10 2.68 6.21 -3.85
CA GLN A 10 3.66 5.96 -2.77
C GLN A 10 2.98 6.00 -1.39
N GLN A 11 2.24 7.08 -1.12
CA GLN A 11 1.46 7.24 0.11
C GLN A 11 0.50 6.07 0.31
N GLN A 12 -0.34 5.75 -0.69
CA GLN A 12 -1.29 4.63 -0.62
C GLN A 12 -0.60 3.27 -0.40
N LEU A 13 0.53 3.01 -1.05
CA LEU A 13 1.35 1.80 -0.91
C LEU A 13 1.73 1.64 0.58
N VAL A 14 2.34 2.67 1.17
CA VAL A 14 2.70 2.73 2.59
C VAL A 14 1.49 2.58 3.52
N LEU A 15 0.43 3.38 3.36
CA LEU A 15 -0.77 3.28 4.22
C LEU A 15 -1.38 1.88 4.18
N LEU A 16 -1.47 1.24 3.01
CA LEU A 16 -1.99 -0.12 2.85
C LEU A 16 -1.16 -1.15 3.62
N LEU A 17 0.17 -1.09 3.47
CA LEU A 17 1.12 -1.95 4.20
C LEU A 17 0.96 -1.75 5.71
N HIS A 18 0.98 -0.48 6.14
CA HIS A 18 0.77 -0.06 7.53
C HIS A 18 -0.55 -0.64 8.07
N ALA A 19 -1.69 -0.48 7.40
CA ALA A 19 -3.01 -0.98 7.83
C ALA A 19 -2.98 -2.41 8.38
N HIS A 20 -2.30 -3.33 7.68
CA HIS A 20 -2.12 -4.73 8.11
C HIS A 20 -1.15 -4.84 9.29
N LYS A 21 0.03 -4.21 9.21
CA LYS A 21 1.04 -4.16 10.29
C LYS A 21 0.41 -3.66 11.60
N CYS A 22 -0.40 -2.60 11.53
CA CYS A 22 -1.16 -1.96 12.60
C CYS A 22 -2.11 -2.96 13.28
N GLN A 23 -2.89 -3.74 12.51
CA GLN A 23 -3.74 -4.82 13.05
C GLN A 23 -2.91 -5.83 13.86
N ARG A 24 -1.74 -6.24 13.36
CA ARG A 24 -0.80 -7.14 14.08
C ARG A 24 -0.31 -6.49 15.38
N ARG A 25 0.18 -5.24 15.30
CA ARG A 25 0.64 -4.43 16.45
C ARG A 25 -0.41 -4.36 17.56
N GLU A 26 -1.63 -3.96 17.22
CA GLU A 26 -2.79 -3.84 18.11
C GLU A 26 -3.02 -5.12 18.93
N GLN A 27 -3.05 -6.28 18.25
CA GLN A 27 -3.22 -7.61 18.86
C GLN A 27 -2.05 -7.96 19.79
N ALA A 28 -0.80 -7.73 19.35
CA ALA A 28 0.42 -7.98 20.12
C ALA A 28 0.48 -7.11 21.40
N ASN A 29 0.40 -5.79 21.28
CA ASN A 29 0.39 -4.81 22.36
C ASN A 29 -0.37 -3.53 21.94
N GLY A 30 -1.54 -3.30 22.54
CA GLY A 30 -2.41 -2.14 22.27
C GLY A 30 -3.59 -2.05 23.25
N GLU A 31 -4.42 -1.01 23.10
CA GLU A 31 -5.59 -0.74 23.93
C GLU A 31 -6.68 -0.01 23.11
N VAL A 32 -6.51 1.31 22.88
CA VAL A 32 -7.41 2.14 22.08
C VAL A 32 -6.99 2.06 20.61
N ARG A 33 -5.79 2.59 20.30
CA ARG A 33 -5.13 2.57 18.98
C ARG A 33 -3.62 2.48 19.14
N ALA A 34 -3.02 1.39 18.69
CA ALA A 34 -1.56 1.20 18.61
C ALA A 34 -0.95 2.01 17.44
N CYS A 35 -1.82 2.60 16.60
CA CYS A 35 -1.58 3.39 15.41
C CYS A 35 -0.89 4.75 15.65
N SER A 36 -0.48 5.37 14.55
CA SER A 36 0.13 6.69 14.42
C SER A 36 -0.41 7.54 13.24
N LEU A 37 -1.16 6.96 12.29
CA LEU A 37 -1.60 7.62 11.04
C LEU A 37 -3.13 7.89 10.99
N PRO A 38 -3.60 9.13 10.70
CA PRO A 38 -5.03 9.47 10.64
C PRO A 38 -5.90 8.53 9.77
N HIS A 39 -5.52 8.34 8.50
CA HIS A 39 -6.23 7.53 7.49
C HIS A 39 -6.03 6.01 7.56
N CYS A 40 -5.26 5.49 8.52
CA CYS A 40 -5.07 4.06 8.72
C CYS A 40 -6.42 3.30 8.74
N ARG A 41 -7.41 3.83 9.48
CA ARG A 41 -8.81 3.36 9.55
C ARG A 41 -9.42 3.15 8.16
N THR A 42 -9.27 4.12 7.27
CA THR A 42 -9.74 4.06 5.88
C THR A 42 -9.13 2.85 5.19
N MET A 43 -7.80 2.72 5.22
CA MET A 43 -7.08 1.58 4.66
C MET A 43 -7.48 0.24 5.30
N LYS A 44 -7.69 0.16 6.63
CA LYS A 44 -8.17 -1.06 7.33
C LYS A 44 -9.55 -1.49 6.81
N ASN A 45 -10.49 -0.55 6.71
CA ASN A 45 -11.83 -0.82 6.13
C ASN A 45 -11.69 -1.36 4.69
N VAL A 46 -10.86 -0.71 3.88
CA VAL A 46 -10.52 -1.10 2.50
C VAL A 46 -9.91 -2.52 2.46
N LEU A 47 -8.92 -2.82 3.31
CA LEU A 47 -8.24 -4.11 3.48
C LEU A 47 -9.23 -5.25 3.72
N ASN A 48 -10.15 -5.06 4.66
CA ASN A 48 -11.22 -6.00 4.99
C ASN A 48 -12.13 -6.28 3.77
N HIS A 49 -12.50 -5.23 3.03
CA HIS A 49 -13.32 -5.34 1.83
C HIS A 49 -12.56 -6.08 0.70
N MET A 50 -11.33 -5.64 0.37
CA MET A 50 -10.41 -6.19 -0.65
C MET A 50 -10.37 -7.73 -0.70
N THR A 51 -10.14 -8.39 0.44
CA THR A 51 -10.04 -9.86 0.53
C THR A 51 -11.30 -10.57 0.05
N HIS A 52 -12.47 -10.11 0.51
CA HIS A 52 -13.79 -10.65 0.17
C HIS A 52 -14.24 -10.31 -1.27
N CYS A 53 -14.02 -9.07 -1.71
CA CYS A 53 -14.39 -8.54 -3.02
C CYS A 53 -13.72 -9.30 -4.19
N GLN A 54 -14.54 -9.86 -5.08
CA GLN A 54 -14.13 -10.62 -6.28
C GLN A 54 -14.22 -9.81 -7.59
N ALA A 55 -14.85 -8.62 -7.56
CA ALA A 55 -15.03 -7.74 -8.71
C ALA A 55 -13.71 -7.21 -9.31
N GLY A 56 -12.71 -6.90 -8.46
CA GLY A 56 -11.39 -6.42 -8.87
C GLY A 56 -11.45 -5.09 -9.63
N LYS A 57 -11.22 -5.13 -10.95
CA LYS A 57 -11.28 -3.97 -11.86
C LYS A 57 -12.65 -3.30 -11.83
N ALA A 58 -13.72 -4.10 -11.78
CA ALA A 58 -15.12 -3.68 -11.83
C ALA A 58 -15.65 -2.98 -10.56
N CYS A 59 -14.99 -3.12 -9.39
CA CYS A 59 -15.44 -2.51 -8.14
C CYS A 59 -15.35 -0.96 -8.25
N GLN A 60 -16.47 -0.29 -7.94
CA GLN A 60 -16.63 1.17 -8.02
C GLN A 60 -15.72 1.95 -7.04
N VAL A 61 -15.41 1.36 -5.88
CA VAL A 61 -14.56 1.97 -4.84
C VAL A 61 -13.13 2.18 -5.35
N ALA A 62 -12.69 3.44 -5.40
CA ALA A 62 -11.36 3.88 -5.86
C ALA A 62 -10.20 3.06 -5.25
N HIS A 63 -10.13 3.05 -3.92
CA HIS A 63 -9.11 2.33 -3.12
C HIS A 63 -9.11 0.81 -3.37
N CYS A 64 -10.28 0.17 -3.43
CA CYS A 64 -10.45 -1.26 -3.70
C CYS A 64 -9.83 -1.67 -5.06
N ALA A 65 -10.11 -0.90 -6.12
CA ALA A 65 -9.52 -1.08 -7.43
C ALA A 65 -8.01 -0.87 -7.37
N SER A 66 -7.56 0.30 -6.89
CA SER A 66 -6.16 0.75 -6.78
C SER A 66 -5.23 -0.20 -6.01
N SER A 67 -5.60 -0.57 -4.78
CA SER A 67 -4.87 -1.45 -3.85
C SER A 67 -4.30 -2.71 -4.48
N ARG A 68 -5.08 -3.40 -5.31
CA ARG A 68 -4.67 -4.61 -6.01
C ARG A 68 -3.40 -4.38 -6.86
N GLN A 69 -3.26 -3.24 -7.55
CA GLN A 69 -2.04 -2.88 -8.31
C GLN A 69 -0.85 -2.61 -7.38
N ILE A 70 -0.97 -1.76 -6.36
CA ILE A 70 0.16 -1.42 -5.46
C ILE A 70 0.82 -2.68 -4.87
N ILE A 71 0.01 -3.63 -4.40
CA ILE A 71 0.52 -4.91 -3.87
C ILE A 71 1.08 -5.80 -4.99
N SER A 72 0.44 -5.82 -6.17
CA SER A 72 0.96 -6.53 -7.35
C SER A 72 2.39 -6.05 -7.66
N HIS A 73 2.58 -4.73 -7.79
CA HIS A 73 3.88 -4.11 -8.06
C HIS A 73 4.92 -4.55 -7.04
N TRP A 74 4.77 -4.19 -5.75
CA TRP A 74 5.77 -4.49 -4.73
C TRP A 74 6.24 -5.96 -4.70
N LYS A 75 5.29 -6.92 -4.71
CA LYS A 75 5.65 -8.35 -4.68
C LYS A 75 6.37 -8.83 -5.95
N ASN A 76 5.93 -8.38 -7.14
CA ASN A 76 6.54 -8.74 -8.42
C ASN A 76 7.91 -8.07 -8.67
N CYS A 77 8.06 -6.80 -8.30
CA CYS A 77 9.26 -5.98 -8.51
C CYS A 77 10.53 -6.57 -7.88
N THR A 78 11.59 -6.64 -8.69
CA THR A 78 12.93 -7.15 -8.37
C THR A 78 14.04 -6.14 -8.71
N ARG A 79 13.66 -4.89 -9.01
CA ARG A 79 14.56 -3.77 -9.31
C ARG A 79 15.44 -3.40 -8.10
N HIS A 80 16.71 -3.11 -8.36
CA HIS A 80 17.72 -2.77 -7.34
C HIS A 80 17.56 -1.39 -6.69
N ASP A 81 16.88 -0.43 -7.34
CA ASP A 81 16.71 0.94 -6.86
C ASP A 81 15.31 1.57 -7.14
N CYS A 82 14.23 0.78 -7.10
CA CYS A 82 12.86 1.29 -7.26
C CYS A 82 12.57 2.26 -6.07
N PRO A 83 11.95 3.44 -6.28
CA PRO A 83 11.73 4.44 -5.23
C PRO A 83 10.88 4.02 -4.02
N VAL A 84 10.22 2.86 -4.04
CA VAL A 84 9.39 2.35 -2.93
C VAL A 84 9.83 0.95 -2.54
N CYS A 85 9.91 0.04 -3.51
CA CYS A 85 10.30 -1.34 -3.35
C CYS A 85 11.65 -1.49 -2.64
N LEU A 86 12.68 -0.72 -3.05
CA LEU A 86 13.99 -0.74 -2.40
C LEU A 86 13.94 -0.36 -0.92
N PRO A 87 13.52 0.85 -0.49
CA PRO A 87 13.45 1.20 0.93
C PRO A 87 12.64 0.18 1.75
N LEU A 88 11.51 -0.31 1.24
CA LEU A 88 10.73 -1.37 1.87
C LEU A 88 11.52 -2.68 2.03
N LYS A 89 12.04 -3.28 0.93
CA LYS A 89 12.81 -4.54 0.98
C LYS A 89 14.06 -4.44 1.87
N ASN A 90 14.72 -3.28 1.89
CA ASN A 90 15.88 -2.99 2.74
C ASN A 90 15.48 -2.95 4.23
N ALA A 91 14.43 -2.19 4.57
CA ALA A 91 13.90 -2.07 5.94
C ALA A 91 13.38 -3.42 6.48
N SER A 92 12.62 -4.15 5.67
CA SER A 92 12.00 -5.45 6.00
C SER A 92 13.05 -6.48 6.45
N ASP A 93 12.94 -7.00 7.67
CA ASP A 93 13.86 -8.01 8.21
C ASP A 93 13.63 -9.38 7.55
N LYS A 94 14.40 -9.66 6.49
CA LYS A 94 14.36 -10.88 5.65
C LYS A 94 15.78 -11.33 5.29
N ARG A 95 15.94 -12.63 4.99
CA ARG A 95 17.22 -13.26 4.59
C ARG A 95 17.76 -12.71 3.27
N SER B 1 10.35 -4.73 11.91
CA SER B 1 10.91 -3.45 11.46
C SER B 1 9.86 -2.34 11.43
N ASP B 2 10.29 -1.08 11.43
CA ASP B 2 9.44 0.13 11.37
C ASP B 2 10.20 1.26 10.64
N LEU B 3 9.79 1.57 9.40
CA LEU B 3 10.38 2.59 8.52
C LEU B 3 9.32 3.09 7.52
N ALA B 4 8.78 2.16 6.71
CA ALA B 4 7.74 2.34 5.69
C ALA B 4 7.82 3.71 4.95
N CYS B 5 8.95 3.94 4.28
CA CYS B 5 9.29 5.14 3.49
C CYS B 5 8.96 6.48 4.18
N ARG B 6 9.08 6.53 5.52
CA ARG B 6 8.77 7.63 6.46
C ARG B 6 8.22 8.92 5.83
N LEU B 7 6.91 8.91 5.55
CA LEU B 7 6.17 10.00 4.93
C LEU B 7 5.90 11.15 5.92
N LEU B 8 5.93 12.39 5.44
CA LEU B 8 5.64 13.63 6.20
C LEU B 8 4.64 14.49 5.42
N GLY B 9 3.55 14.92 6.07
CA GLY B 9 2.44 15.66 5.44
C GLY B 9 1.71 14.79 4.41
N GLN B 10 1.65 13.48 4.70
CA GLN B 10 1.14 12.33 3.94
C GLN B 10 -0.15 12.60 3.16
N SER B 11 0.00 13.18 1.96
CA SER B 11 -1.11 13.65 1.10
C SER B 11 -2.01 14.70 1.77
N MET B 12 -1.68 15.17 2.98
CA MET B 12 -2.36 16.25 3.71
C MET B 12 -2.12 17.58 2.98
N ASP B 13 -0.91 17.71 2.41
CA ASP B 13 -0.45 18.82 1.58
C ASP B 13 -1.38 18.99 0.34
N GLU B 14 -1.80 17.89 -0.26
CA GLU B 14 -2.74 17.83 -1.39
C GLU B 14 -4.19 18.09 -0.91
N SER B 15 -4.69 17.22 -0.03
CA SER B 15 -6.06 17.27 0.54
C SER B 15 -6.20 16.37 1.78
N GLY B 16 -5.86 15.10 1.64
CA GLY B 16 -5.94 14.04 2.66
C GLY B 16 -5.72 12.66 2.04
N LEU B 17 -6.58 12.27 1.10
CA LEU B 17 -6.51 11.03 0.32
C LEU B 17 -6.98 11.26 -1.14
N PRO B 18 -6.31 10.63 -2.14
CA PRO B 18 -6.68 10.76 -3.55
C PRO B 18 -7.82 9.82 -3.97
N GLN B 19 -8.21 9.93 -5.24
CA GLN B 19 -9.16 9.04 -5.92
C GLN B 19 -8.45 8.42 -7.13
N LEU B 20 -7.44 7.59 -6.82
CA LEU B 20 -6.68 6.81 -7.80
C LEU B 20 -7.59 5.74 -8.42
N THR B 21 -7.14 5.15 -9.52
CA THR B 21 -7.86 4.10 -10.25
C THR B 21 -6.88 3.01 -10.69
N SER B 22 -7.42 1.86 -11.11
CA SER B 22 -6.63 0.75 -11.68
C SER B 22 -5.73 1.26 -12.81
N TYR B 23 -6.32 2.00 -13.76
CA TYR B 23 -5.65 2.67 -14.87
C TYR B 23 -4.47 3.54 -14.39
N ASP B 24 -4.71 4.50 -13.49
CA ASP B 24 -3.66 5.39 -12.94
C ASP B 24 -2.49 4.59 -12.37
N CYS B 25 -2.76 3.63 -11.47
CA CYS B 25 -1.75 2.78 -10.84
C CYS B 25 -0.93 1.98 -11.87
N GLU B 26 -1.59 1.28 -12.81
CA GLU B 26 -0.93 0.52 -13.89
C GLU B 26 0.00 1.41 -14.73
N VAL B 27 -0.50 2.56 -15.17
CA VAL B 27 0.21 3.58 -15.97
C VAL B 27 1.45 4.13 -15.27
N ASN B 28 1.29 4.60 -14.03
CA ASN B 28 2.35 5.24 -13.25
C ASN B 28 3.42 4.28 -12.72
N ALA B 29 3.05 3.05 -12.31
CA ALA B 29 3.98 2.06 -11.78
C ALA B 29 3.75 0.66 -12.40
N PRO B 30 4.17 0.42 -13.66
CA PRO B 30 4.03 -0.87 -14.36
C PRO B 30 4.58 -2.06 -13.55
N ILE B 31 3.76 -3.09 -13.36
CA ILE B 31 4.07 -4.30 -12.59
C ILE B 31 5.09 -5.18 -13.36
N GLN B 32 6.16 -5.58 -12.68
CA GLN B 32 7.22 -6.44 -13.22
C GLN B 32 6.71 -7.88 -13.52
N GLY B 33 7.39 -8.62 -14.39
CA GLY B 33 7.03 -10.00 -14.74
C GLY B 33 5.72 -10.08 -15.56
N SER B 34 4.84 -11.02 -15.20
CA SER B 34 3.57 -11.28 -15.91
C SER B 34 2.37 -11.45 -14.95
N ARG B 35 2.02 -10.36 -14.25
CA ARG B 35 0.85 -10.22 -13.34
C ARG B 35 0.26 -8.81 -13.47
N ASN B 36 -0.98 -8.63 -13.01
CA ASN B 36 -1.71 -7.37 -13.10
C ASN B 36 -2.55 -7.06 -11.84
N LEU B 37 -3.30 -8.06 -11.34
CA LEU B 37 -4.05 -7.99 -10.09
C LEU B 37 -3.62 -9.10 -9.12
N LEU B 38 -3.44 -8.71 -7.86
CA LEU B 38 -3.09 -9.48 -6.68
C LEU B 38 -4.24 -9.24 -5.67
N GLN B 39 -5.00 -10.28 -5.33
CA GLN B 39 -6.20 -10.16 -4.48
C GLN B 39 -6.47 -11.40 -3.60
N GLY B 40 -7.37 -11.26 -2.62
CA GLY B 40 -7.74 -12.30 -1.66
C GLY B 40 -6.63 -12.61 -0.65
N GLU B 41 -6.45 -13.88 -0.28
CA GLU B 41 -5.43 -14.31 0.69
C GLU B 41 -4.01 -13.84 0.33
N GLU B 42 -3.70 -13.80 -0.97
CA GLU B 42 -2.43 -13.31 -1.53
C GLU B 42 -2.06 -11.92 -0.99
N LEU B 43 -3.05 -11.03 -0.83
CA LEU B 43 -2.87 -9.67 -0.29
C LEU B 43 -2.19 -9.77 1.08
N LEU B 44 -2.86 -10.39 2.04
CA LEU B 44 -2.41 -10.53 3.42
C LEU B 44 -1.01 -11.15 3.49
N ARG B 45 -0.74 -12.20 2.69
CA ARG B 45 0.59 -12.82 2.57
C ARG B 45 1.65 -11.79 2.15
N ALA B 46 1.38 -11.01 1.10
CA ALA B 46 2.23 -9.93 0.61
C ALA B 46 2.43 -8.82 1.66
N LEU B 47 1.37 -8.30 2.30
CA LEU B 47 1.44 -7.28 3.35
C LEU B 47 2.29 -7.75 4.54
N ASP B 48 2.13 -9.00 4.97
CA ASP B 48 2.85 -9.61 6.09
C ASP B 48 4.37 -9.74 5.87
N GLN B 49 4.84 -9.84 4.62
CA GLN B 49 6.26 -10.00 4.28
C GLN B 49 7.17 -8.83 4.74
N VAL B 50 6.59 -7.69 5.14
CA VAL B 50 7.31 -6.52 5.69
C VAL B 50 7.99 -6.91 7.01
N ASN B 51 7.18 -7.34 7.99
CA ASN B 51 7.52 -7.72 9.37
C ASN B 51 8.60 -6.83 10.03
#